data_5AYY
#
_entry.id   5AYY
#
_cell.length_a   174.245
_cell.length_b   174.245
_cell.length_c   211.684
_cell.angle_alpha   90.00
_cell.angle_beta   90.00
_cell.angle_gamma   120.00
#
_symmetry.space_group_name_H-M   'P 32 2 1'
#
loop_
_entity.id
_entity.type
_entity.pdbx_description
1 polymer 'Nicotinate-nucleotide pyrophosphorylase [carboxylating]'
2 non-polymer 'QUINOLINIC ACID'
3 water water
#
_entity_poly.entity_id   1
_entity_poly.type   'polypeptide(L)'
_entity_poly.pdbx_seq_one_letter_code
;MDAEGLALLLPPVTLAALVDSWLREDCPGLNYAALVSGAGPSQAALWAKSPGVLAGQPFFDAIFTQLNCQVSWFLPEGSK
LVPVARVAEVRGPAHCLLLGERVALNTLARCSGIASAAAAAVEAARGAGWTGHVAGTRKTTPGFRLVEKYGLLVGGAASH
RYDLGGLVMVKDNHVVAAGGVEKAVRAARQAADFALKVEVECSSLQEAVQAAEAGADLVLLDNFKPEELHPTATVLKAQF
PSVAVEASGGITLDNLPQFCGPHIDVISMGMLTQAAPALDFSLKLFAKEVAPVPKIHLEHHHHHH
;
_entity_poly.pdbx_strand_id   A,B,C,D,E,F,G,H,I
#
loop_
_chem_comp.id
_chem_comp.type
_chem_comp.name
_chem_comp.formula
NTM non-polymer 'QUINOLINIC ACID' 'C7 H5 N O4'
#
# COMPACT_ATOMS: atom_id res chain seq x y z
N MET A 1 23.21 -61.66 -26.48
CA MET A 1 22.09 -60.79 -26.01
C MET A 1 20.81 -61.21 -26.73
N ASP A 2 19.67 -60.82 -26.18
CA ASP A 2 18.39 -60.88 -26.89
C ASP A 2 17.91 -59.44 -27.09
N ALA A 3 18.08 -58.92 -28.31
CA ALA A 3 17.96 -57.47 -28.58
C ALA A 3 16.56 -56.89 -28.35
N GLU A 4 15.52 -57.70 -28.52
CA GLU A 4 14.11 -57.26 -28.32
C GLU A 4 13.79 -56.99 -26.83
N GLY A 5 14.34 -57.83 -25.93
CA GLY A 5 14.21 -57.66 -24.47
C GLY A 5 15.06 -56.58 -23.81
N LEU A 6 15.81 -55.81 -24.61
CA LEU A 6 16.55 -54.62 -24.14
C LEU A 6 15.73 -53.39 -23.80
N ALA A 7 14.52 -53.26 -24.34
CA ALA A 7 13.65 -52.11 -24.01
C ALA A 7 13.33 -52.04 -22.52
N LEU A 8 13.33 -53.20 -21.86
CA LEU A 8 13.05 -53.30 -20.44
C LEU A 8 14.02 -52.50 -19.60
N LEU A 9 15.22 -52.29 -20.12
CA LEU A 9 16.19 -51.43 -19.44
C LEU A 9 15.71 -49.98 -19.31
N LEU A 10 14.83 -49.50 -20.19
CA LEU A 10 14.49 -48.09 -20.25
C LEU A 10 13.39 -47.69 -19.27
N PRO A 11 13.74 -46.95 -18.18
CA PRO A 11 12.69 -46.58 -17.20
C PRO A 11 11.68 -45.63 -17.84
N PRO A 12 10.37 -45.83 -17.59
CA PRO A 12 9.40 -45.10 -18.44
C PRO A 12 9.26 -43.59 -18.12
N VAL A 13 9.68 -43.17 -16.91
CA VAL A 13 9.63 -41.75 -16.50
C VAL A 13 10.69 -40.94 -17.21
N THR A 14 11.93 -41.42 -17.12
CA THR A 14 13.02 -40.71 -17.80
C THR A 14 12.78 -40.69 -19.29
N LEU A 15 12.17 -41.75 -19.82
CA LEU A 15 11.87 -41.83 -21.25
C LEU A 15 10.93 -40.70 -21.63
N ALA A 16 9.77 -40.65 -20.99
CA ALA A 16 8.74 -39.64 -21.35
C ALA A 16 9.13 -38.18 -21.08
N ALA A 17 9.99 -37.95 -20.09
CA ALA A 17 10.65 -36.64 -19.89
C ALA A 17 11.46 -36.28 -21.12
N LEU A 18 12.36 -37.19 -21.50
CA LEU A 18 13.28 -37.01 -22.63
C LEU A 18 12.52 -36.68 -23.93
N VAL A 19 11.55 -37.50 -24.23
CA VAL A 19 10.68 -37.33 -25.39
C VAL A 19 9.99 -35.95 -25.40
N ASP A 20 9.57 -35.46 -24.23
CA ASP A 20 8.89 -34.15 -24.15
C ASP A 20 9.82 -33.02 -24.53
N SER A 21 11.06 -33.12 -24.05
CA SER A 21 12.04 -32.11 -24.34
C SER A 21 12.43 -32.09 -25.81
N TRP A 22 12.47 -33.25 -26.43
CA TRP A 22 12.72 -33.28 -27.86
C TRP A 22 11.60 -32.58 -28.59
N LEU A 23 10.37 -32.89 -28.21
CA LEU A 23 9.22 -32.26 -28.88
C LEU A 23 9.13 -30.74 -28.63
N ARG A 24 9.40 -30.33 -27.40
CA ARG A 24 9.38 -28.90 -27.07
C ARG A 24 10.46 -28.13 -27.87
N GLU A 25 11.63 -28.72 -28.10
CA GLU A 25 12.77 -28.08 -28.82
C GLU A 25 12.42 -27.74 -30.24
N ASP A 26 11.64 -28.65 -30.83
CA ASP A 26 11.29 -28.62 -32.24
C ASP A 26 10.06 -27.80 -32.49
N CYS A 27 9.20 -27.57 -31.48
CA CYS A 27 8.02 -26.73 -31.66
C CYS A 27 7.58 -26.12 -30.34
N PRO A 28 8.28 -25.04 -29.90
CA PRO A 28 7.99 -24.49 -28.59
C PRO A 28 6.71 -23.68 -28.55
N GLY A 29 6.31 -23.09 -29.67
CA GLY A 29 5.11 -22.24 -29.73
C GLY A 29 3.95 -22.90 -30.46
N LEU A 30 3.60 -22.30 -31.59
CA LEU A 30 2.43 -22.67 -32.37
C LEU A 30 2.90 -23.41 -33.57
N ASN A 31 2.17 -24.46 -33.96
CA ASN A 31 2.51 -25.29 -35.13
C ASN A 31 1.66 -24.93 -36.34
N TYR A 32 2.10 -23.88 -37.03
CA TYR A 32 1.47 -23.36 -38.25
C TYR A 32 1.24 -24.47 -39.31
N ALA A 33 2.19 -25.39 -39.42
CA ALA A 33 2.06 -26.48 -40.37
C ALA A 33 0.90 -27.46 -40.13
N ALA A 34 0.27 -27.42 -38.95
CA ALA A 34 -0.93 -28.25 -38.68
C ALA A 34 -2.10 -27.82 -39.55
N LEU A 35 -2.18 -26.52 -39.80
CA LEU A 35 -3.18 -25.99 -40.67
C LEU A 35 -3.00 -26.46 -42.10
N VAL A 36 -1.79 -26.85 -42.50
CA VAL A 36 -1.61 -27.27 -43.87
C VAL A 36 -2.12 -28.68 -44.10
N SER A 37 -1.96 -29.56 -43.12
CA SER A 37 -2.37 -30.97 -43.25
C SER A 37 -3.74 -31.28 -42.67
N GLY A 38 -4.17 -30.53 -41.67
CA GLY A 38 -5.44 -30.83 -41.01
C GLY A 38 -5.23 -31.99 -40.09
N ALA A 39 -6.31 -32.41 -39.42
CA ALA A 39 -6.29 -33.52 -38.42
C ALA A 39 -6.81 -34.91 -38.90
N GLY A 40 -7.02 -35.05 -40.21
CA GLY A 40 -7.62 -36.24 -40.79
C GLY A 40 -6.87 -37.48 -40.38
N PRO A 41 -7.59 -38.61 -40.08
CA PRO A 41 -6.87 -39.89 -39.84
C PRO A 41 -5.93 -40.24 -41.01
N SER A 42 -4.67 -40.53 -40.71
CA SER A 42 -3.72 -40.94 -41.76
C SER A 42 -2.80 -42.08 -41.35
N GLN A 43 -2.00 -42.53 -42.30
CA GLN A 43 -1.04 -43.58 -42.05
C GLN A 43 0.24 -43.20 -42.77
N ALA A 44 1.37 -43.65 -42.24
CA ALA A 44 2.63 -43.37 -42.86
C ALA A 44 3.50 -44.61 -42.82
N ALA A 45 4.23 -44.84 -43.91
CA ALA A 45 5.18 -45.94 -43.97
C ALA A 45 6.57 -45.46 -43.58
N LEU A 46 7.25 -46.16 -42.66
CA LEU A 46 8.66 -45.92 -42.34
C LEU A 46 9.59 -46.71 -43.28
N TRP A 47 10.38 -45.99 -44.08
CA TRP A 47 11.27 -46.64 -45.06
C TRP A 47 12.69 -46.62 -44.53
N ALA A 48 13.38 -47.76 -44.57
CA ALA A 48 14.82 -47.82 -44.26
C ALA A 48 15.63 -47.80 -45.54
N LYS A 49 16.34 -46.69 -45.76
CA LYS A 49 17.08 -46.50 -47.00
C LYS A 49 18.55 -46.86 -46.88
N SER A 50 19.04 -47.19 -45.68
CA SER A 50 20.45 -47.55 -45.50
C SER A 50 20.60 -48.94 -44.94
N PRO A 51 21.76 -49.59 -45.21
CA PRO A 51 22.04 -50.88 -44.55
C PRO A 51 22.47 -50.66 -43.12
N GLY A 52 22.20 -51.63 -42.26
CA GLY A 52 22.70 -51.56 -40.91
C GLY A 52 21.92 -52.43 -39.97
N VAL A 53 21.78 -51.97 -38.73
CA VAL A 53 20.97 -52.61 -37.71
C VAL A 53 19.90 -51.62 -37.25
N LEU A 54 18.69 -52.13 -37.04
CA LEU A 54 17.53 -51.30 -36.67
C LEU A 54 17.57 -51.10 -35.20
N ALA A 55 17.60 -49.85 -34.75
CA ALA A 55 17.56 -49.56 -33.32
C ALA A 55 16.89 -48.25 -32.95
N GLY A 56 16.21 -48.29 -31.81
CA GLY A 56 15.48 -47.14 -31.25
C GLY A 56 13.95 -47.18 -31.26
N GLN A 57 13.37 -48.36 -31.44
CA GLN A 57 11.92 -48.52 -31.39
C GLN A 57 11.26 -47.94 -30.12
N PRO A 58 11.87 -48.13 -28.95
CA PRO A 58 11.18 -47.59 -27.80
C PRO A 58 11.05 -46.07 -27.82
N PHE A 59 12.05 -45.39 -28.35
CA PHE A 59 12.08 -43.94 -28.35
C PHE A 59 11.11 -43.45 -29.38
N PHE A 60 11.17 -44.09 -30.54
CA PHE A 60 10.24 -43.86 -31.62
C PHE A 60 8.80 -44.01 -31.15
N ASP A 61 8.51 -45.14 -30.54
CA ASP A 61 7.16 -45.42 -30.07
C ASP A 61 6.63 -44.38 -29.10
N ALA A 62 7.46 -44.05 -28.11
CA ALA A 62 7.21 -43.06 -27.06
C ALA A 62 6.90 -41.67 -27.60
N ILE A 63 7.74 -41.22 -28.54
CA ILE A 63 7.54 -39.97 -29.30
C ILE A 63 6.15 -39.88 -29.87
N PHE A 64 5.79 -40.89 -30.66
CA PHE A 64 4.47 -40.90 -31.29
C PHE A 64 3.34 -41.07 -30.32
N THR A 65 3.54 -41.91 -29.30
CA THR A 65 2.53 -42.14 -28.29
C THR A 65 2.15 -40.80 -27.71
N GLN A 66 3.17 -40.04 -27.33
CA GLN A 66 2.94 -38.68 -26.86
C GLN A 66 2.06 -37.83 -27.78
N LEU A 67 2.11 -38.05 -29.09
CA LEU A 67 1.24 -37.35 -30.07
C LEU A 67 -0.04 -38.12 -30.57
N ASN A 68 -0.47 -39.11 -29.78
CA ASN A 68 -1.66 -39.95 -30.04
C ASN A 68 -1.61 -40.67 -31.35
N CYS A 69 -0.49 -41.35 -31.56
CA CYS A 69 -0.17 -42.02 -32.81
C CYS A 69 0.36 -43.40 -32.47
N GLN A 70 -0.05 -44.41 -33.26
CA GLN A 70 0.30 -45.81 -33.02
C GLN A 70 1.29 -46.28 -34.06
N VAL A 71 2.15 -47.21 -33.66
CA VAL A 71 3.18 -47.73 -34.53
C VAL A 71 3.11 -49.25 -34.58
N SER A 72 3.20 -49.81 -35.79
CA SER A 72 3.24 -51.27 -36.00
C SER A 72 4.55 -51.66 -36.68
N TRP A 73 5.40 -52.41 -35.96
CA TRP A 73 6.73 -52.73 -36.49
C TRP A 73 6.66 -54.04 -37.25
N PHE A 74 7.21 -54.06 -38.48
CA PHE A 74 7.35 -55.30 -39.27
C PHE A 74 8.74 -55.94 -39.17
N LEU A 75 9.51 -55.52 -38.17
CA LEU A 75 10.88 -55.96 -37.98
C LEU A 75 11.25 -55.85 -36.50
N PRO A 76 11.84 -56.91 -35.94
CA PRO A 76 12.13 -56.77 -34.51
C PRO A 76 13.29 -55.82 -34.27
N GLU A 77 13.32 -55.25 -33.08
CA GLU A 77 14.43 -54.42 -32.69
C GLU A 77 15.70 -55.18 -33.00
N GLY A 78 16.56 -54.56 -33.77
CA GLY A 78 17.91 -55.00 -33.87
C GLY A 78 18.10 -55.89 -35.03
N SER A 79 17.08 -56.05 -35.86
CA SER A 79 17.25 -56.85 -37.08
C SER A 79 18.10 -56.13 -38.14
N LYS A 80 18.58 -56.90 -39.12
CA LYS A 80 19.43 -56.35 -40.20
C LYS A 80 18.52 -55.60 -41.14
N LEU A 81 18.91 -54.37 -41.48
CA LEU A 81 18.18 -53.59 -42.45
C LEU A 81 18.78 -53.86 -43.82
N VAL A 82 17.95 -54.34 -44.76
CA VAL A 82 18.36 -54.42 -46.17
C VAL A 82 17.57 -53.38 -47.00
N PRO A 83 18.27 -52.35 -47.54
CA PRO A 83 17.66 -51.10 -48.05
C PRO A 83 16.51 -51.15 -49.05
N VAL A 84 15.92 -49.97 -49.18
CA VAL A 84 14.47 -49.77 -49.33
C VAL A 84 13.47 -50.72 -48.63
N ALA A 85 13.77 -51.04 -47.37
CA ALA A 85 12.85 -51.82 -46.56
C ALA A 85 11.71 -50.92 -46.11
N ARG A 86 10.53 -51.53 -45.94
CA ARG A 86 9.39 -50.91 -45.26
C ARG A 86 9.33 -51.50 -43.86
N VAL A 87 10.00 -50.86 -42.90
CA VAL A 87 10.17 -51.47 -41.58
C VAL A 87 8.98 -51.31 -40.64
N ALA A 88 8.10 -50.34 -40.88
CA ALA A 88 6.93 -50.14 -39.99
C ALA A 88 5.86 -49.21 -40.55
N GLU A 89 4.79 -49.03 -39.79
CA GLU A 89 3.66 -48.18 -40.15
C GLU A 89 3.14 -47.42 -38.93
N VAL A 90 2.84 -46.13 -39.13
CA VAL A 90 2.36 -45.22 -38.08
C VAL A 90 0.99 -44.62 -38.43
N ARG A 91 0.01 -44.88 -37.57
CA ARG A 91 -1.31 -44.36 -37.75
C ARG A 91 -1.50 -43.22 -36.77
N GLY A 92 -2.12 -42.14 -37.23
CA GLY A 92 -2.65 -41.12 -36.35
C GLY A 92 -3.17 -39.90 -37.09
N PRO A 93 -3.61 -38.87 -36.34
CA PRO A 93 -4.09 -37.64 -37.01
C PRO A 93 -2.98 -37.08 -37.87
N ALA A 94 -3.34 -36.45 -38.98
CA ALA A 94 -2.33 -36.09 -39.99
C ALA A 94 -1.31 -35.07 -39.43
N HIS A 95 -1.85 -34.04 -38.76
CA HIS A 95 -1.01 -33.03 -38.15
C HIS A 95 -0.08 -33.59 -37.05
N CYS A 96 -0.57 -34.61 -36.35
CA CYS A 96 0.21 -35.28 -35.32
C CYS A 96 1.37 -36.12 -35.83
N LEU A 97 1.19 -36.83 -36.95
CA LEU A 97 2.26 -37.59 -37.58
C LEU A 97 3.35 -36.66 -38.04
N LEU A 98 2.96 -35.57 -38.68
CA LEU A 98 3.94 -34.64 -39.27
C LEU A 98 4.72 -33.82 -38.24
N LEU A 99 4.11 -33.55 -37.10
CA LEU A 99 4.81 -32.93 -35.98
C LEU A 99 5.84 -33.85 -35.36
N GLY A 100 5.53 -35.15 -35.28
CA GLY A 100 6.43 -36.15 -34.70
C GLY A 100 7.56 -36.55 -35.62
N GLU A 101 7.31 -36.49 -36.92
CA GLU A 101 8.16 -37.06 -38.00
C GLU A 101 9.67 -36.92 -37.84
N ARG A 102 10.17 -35.69 -37.89
CA ARG A 102 11.61 -35.41 -37.91
C ARG A 102 12.30 -35.79 -36.61
N VAL A 103 11.69 -35.40 -35.51
CA VAL A 103 12.23 -35.75 -34.21
C VAL A 103 12.46 -37.25 -34.09
N ALA A 104 11.50 -38.04 -34.57
CA ALA A 104 11.52 -39.50 -34.41
C ALA A 104 12.47 -40.13 -35.37
N LEU A 105 12.43 -39.67 -36.60
CA LEU A 105 13.44 -40.02 -37.61
C LEU A 105 14.88 -39.74 -37.10
N ASN A 106 15.08 -38.57 -36.53
CA ASN A 106 16.37 -38.21 -36.02
C ASN A 106 16.80 -39.15 -34.94
N THR A 107 15.93 -39.42 -34.00
CA THR A 107 16.21 -40.41 -32.97
C THR A 107 16.54 -41.79 -33.55
N LEU A 108 15.68 -42.32 -34.39
CA LEU A 108 15.91 -43.64 -34.98
C LEU A 108 17.22 -43.69 -35.79
N ALA A 109 17.50 -42.65 -36.55
CA ALA A 109 18.73 -42.62 -37.37
C ALA A 109 20.03 -42.77 -36.54
N ARG A 110 20.16 -41.98 -35.47
CA ARG A 110 21.40 -41.95 -34.66
C ARG A 110 21.47 -43.18 -33.76
N CYS A 111 20.32 -43.68 -33.30
CA CYS A 111 20.31 -44.91 -32.51
C CYS A 111 20.70 -46.11 -33.40
N SER A 112 20.11 -46.14 -34.60
CA SER A 112 20.44 -47.17 -35.63
C SER A 112 21.87 -47.08 -36.20
N GLY A 113 22.36 -45.86 -36.41
CA GLY A 113 23.75 -45.62 -36.80
C GLY A 113 24.74 -46.26 -35.84
N ILE A 114 24.52 -46.01 -34.55
CA ILE A 114 25.40 -46.54 -33.49
C ILE A 114 25.30 -48.08 -33.38
N ALA A 115 24.07 -48.58 -33.32
CA ALA A 115 23.87 -50.02 -33.32
C ALA A 115 24.60 -50.62 -34.50
N SER A 116 24.51 -49.99 -35.66
CA SER A 116 25.20 -50.49 -36.86
C SER A 116 26.71 -50.51 -36.67
N ALA A 117 27.28 -49.36 -36.30
CA ALA A 117 28.72 -49.27 -36.02
C ALA A 117 29.20 -50.37 -35.07
N ALA A 118 28.42 -50.60 -34.01
CA ALA A 118 28.73 -51.61 -33.00
C ALA A 118 28.63 -53.03 -33.53
N ALA A 119 27.64 -53.29 -34.37
CA ALA A 119 27.45 -54.62 -34.94
C ALA A 119 28.65 -54.96 -35.83
N ALA A 120 28.97 -54.03 -36.74
CA ALA A 120 30.21 -54.07 -37.53
C ALA A 120 31.41 -54.53 -36.71
N ALA A 121 31.64 -53.82 -35.60
CA ALA A 121 32.75 -54.06 -34.70
C ALA A 121 32.68 -55.41 -33.99
N VAL A 122 31.53 -55.71 -33.40
CA VAL A 122 31.33 -57.00 -32.72
C VAL A 122 31.55 -58.15 -33.68
N GLU A 123 31.14 -57.94 -34.92
CA GLU A 123 31.29 -58.92 -35.97
C GLU A 123 32.75 -59.19 -36.29
N ALA A 124 33.51 -58.15 -36.52
CA ALA A 124 34.92 -58.34 -36.84
C ALA A 124 35.62 -59.10 -35.71
N ALA A 125 35.29 -58.75 -34.47
CA ALA A 125 35.83 -59.38 -33.25
C ALA A 125 35.49 -60.85 -33.10
N ARG A 126 34.22 -61.18 -33.30
CA ARG A 126 33.77 -62.58 -33.35
C ARG A 126 34.50 -63.30 -34.52
N GLY A 127 34.61 -62.62 -35.66
CA GLY A 127 35.41 -63.08 -36.79
C GLY A 127 36.87 -63.32 -36.46
N ALA A 128 37.47 -62.47 -35.63
CA ALA A 128 38.83 -62.70 -35.12
C ALA A 128 38.88 -63.71 -33.95
N GLY A 129 37.84 -64.52 -33.85
CA GLY A 129 37.76 -65.52 -32.81
C GLY A 129 37.78 -64.98 -31.39
N TRP A 130 37.38 -63.73 -31.17
CA TRP A 130 37.48 -63.11 -29.86
C TRP A 130 36.17 -63.18 -29.04
N THR A 131 36.30 -63.68 -27.80
CA THR A 131 35.17 -63.90 -26.90
C THR A 131 34.93 -62.80 -25.84
N GLY A 132 35.67 -61.68 -25.92
CA GLY A 132 35.59 -60.59 -24.94
C GLY A 132 34.46 -59.61 -25.26
N HIS A 133 34.55 -58.41 -24.67
CA HIS A 133 33.54 -57.37 -24.78
C HIS A 133 34.01 -56.17 -25.61
N VAL A 134 33.21 -55.79 -26.61
CA VAL A 134 33.48 -54.60 -27.39
C VAL A 134 32.67 -53.53 -26.70
N ALA A 135 33.29 -52.45 -26.31
CA ALA A 135 32.62 -51.48 -25.48
C ALA A 135 32.61 -50.08 -26.03
N GLY A 136 31.79 -49.27 -25.37
CA GLY A 136 31.68 -47.89 -25.66
C GLY A 136 32.53 -47.12 -24.69
N THR A 137 32.25 -45.82 -24.71
CA THR A 137 33.00 -44.83 -23.97
C THR A 137 31.99 -43.86 -23.39
N ARG A 138 32.45 -42.76 -22.84
CA ARG A 138 31.54 -41.69 -22.47
C ARG A 138 31.57 -40.59 -23.51
N LYS A 139 32.09 -40.84 -24.69
CA LYS A 139 32.06 -39.83 -25.75
C LYS A 139 30.71 -39.92 -26.49
N THR A 140 29.67 -39.53 -25.74
CA THR A 140 28.31 -39.52 -26.19
C THR A 140 27.87 -38.05 -26.33
N THR A 141 26.98 -37.78 -27.30
CA THR A 141 26.37 -36.45 -27.42
C THR A 141 25.70 -36.03 -26.10
N PRO A 142 25.98 -34.82 -25.60
CA PRO A 142 25.28 -34.43 -24.39
C PRO A 142 23.75 -34.43 -24.47
N GLY A 143 23.16 -34.93 -23.38
CA GLY A 143 21.71 -35.01 -23.22
C GLY A 143 21.07 -36.11 -24.02
N PHE A 144 21.87 -36.93 -24.70
CA PHE A 144 21.39 -37.99 -25.58
C PHE A 144 22.02 -39.30 -25.23
N ARG A 145 22.63 -39.38 -24.07
CA ARG A 145 23.35 -40.58 -23.70
C ARG A 145 22.45 -41.84 -23.68
N LEU A 146 21.20 -41.71 -23.26
CA LEU A 146 20.36 -42.89 -23.13
C LEU A 146 20.20 -43.57 -24.46
N VAL A 147 19.86 -42.78 -25.48
CA VAL A 147 19.67 -43.27 -26.84
C VAL A 147 20.95 -43.90 -27.41
N GLU A 148 22.08 -43.28 -27.15
CA GLU A 148 23.33 -43.72 -27.73
C GLU A 148 23.82 -44.98 -27.01
N LYS A 149 23.86 -44.98 -25.67
CA LYS A 149 24.25 -46.19 -24.90
C LYS A 149 23.29 -47.35 -25.16
N TYR A 150 22.00 -47.06 -25.35
CA TYR A 150 21.05 -48.11 -25.68
C TYR A 150 21.33 -48.66 -27.06
N GLY A 151 21.59 -47.79 -28.02
CA GLY A 151 21.96 -48.26 -29.36
C GLY A 151 23.19 -49.19 -29.37
N LEU A 152 24.19 -48.85 -28.57
CA LEU A 152 25.36 -49.70 -28.46
C LEU A 152 25.00 -51.12 -28.05
N LEU A 153 24.07 -51.25 -27.10
CA LEU A 153 23.68 -52.55 -26.61
C LEU A 153 23.01 -53.35 -27.72
N VAL A 154 22.04 -52.74 -28.40
CA VAL A 154 21.28 -53.38 -29.48
C VAL A 154 22.18 -53.91 -30.59
N GLY A 155 23.22 -53.16 -30.95
CA GLY A 155 24.25 -53.62 -31.91
C GLY A 155 25.21 -54.70 -31.41
N GLY A 156 25.20 -54.95 -30.11
CA GLY A 156 25.88 -56.10 -29.48
C GLY A 156 27.09 -55.76 -28.64
N ALA A 157 27.37 -54.48 -28.49
CA ALA A 157 28.43 -53.99 -27.67
C ALA A 157 27.95 -53.88 -26.25
N ALA A 158 28.87 -53.52 -25.38
CA ALA A 158 28.59 -53.24 -24.00
C ALA A 158 28.45 -51.72 -23.89
N SER A 159 27.57 -51.26 -23.01
CA SER A 159 27.47 -49.84 -22.70
C SER A 159 28.78 -49.28 -22.10
N HIS A 160 29.47 -50.12 -21.32
CA HIS A 160 30.51 -49.70 -20.38
C HIS A 160 29.66 -49.12 -19.25
N ARG A 161 30.29 -48.64 -18.17
CA ARG A 161 29.59 -47.74 -17.25
C ARG A 161 28.98 -46.56 -18.03
N TYR A 162 27.84 -46.17 -17.52
CA TYR A 162 26.96 -45.23 -18.16
C TYR A 162 27.38 -43.80 -17.77
N ASP A 163 27.60 -43.61 -16.48
CA ASP A 163 27.87 -42.30 -15.90
C ASP A 163 29.03 -42.37 -14.91
N LEU A 164 29.28 -41.26 -14.26
CA LEU A 164 30.40 -41.08 -13.36
C LEU A 164 30.23 -41.76 -12.03
N GLY A 165 29.08 -42.40 -11.79
CA GLY A 165 28.82 -43.12 -10.56
C GLY A 165 28.50 -44.58 -10.78
N GLY A 166 29.01 -45.11 -11.88
CA GLY A 166 29.16 -46.55 -12.01
C GLY A 166 30.55 -46.80 -11.43
N LEU A 167 31.34 -47.53 -12.17
CA LEU A 167 32.69 -47.84 -11.84
C LEU A 167 33.46 -46.57 -11.64
N VAL A 168 34.53 -46.61 -10.86
CA VAL A 168 35.39 -45.43 -10.56
C VAL A 168 36.61 -45.49 -11.46
N MET A 169 36.82 -44.49 -12.29
CA MET A 169 37.92 -44.55 -13.26
C MET A 169 39.00 -43.55 -12.93
N VAL A 170 40.19 -44.10 -12.70
CA VAL A 170 41.42 -43.32 -12.53
C VAL A 170 42.10 -43.15 -13.87
N LYS A 171 42.29 -41.91 -14.30
CA LYS A 171 42.88 -41.54 -15.58
C LYS A 171 44.17 -40.78 -15.34
N ASP A 172 44.99 -40.65 -16.38
CA ASP A 172 46.19 -39.78 -16.36
C ASP A 172 46.01 -38.56 -15.41
N ASN A 173 44.93 -37.80 -15.61
CA ASN A 173 44.63 -36.59 -14.82
C ASN A 173 44.47 -36.83 -13.30
N HIS A 174 43.78 -37.90 -12.92
CA HIS A 174 43.54 -38.23 -11.51
C HIS A 174 44.87 -38.57 -10.86
N VAL A 175 45.74 -39.22 -11.61
CA VAL A 175 47.09 -39.58 -11.16
C VAL A 175 47.92 -38.34 -10.90
N VAL A 176 48.01 -37.47 -11.92
CA VAL A 176 48.68 -36.16 -11.75
C VAL A 176 48.18 -35.40 -10.52
N ALA A 177 46.86 -35.35 -10.35
CA ALA A 177 46.24 -34.57 -9.26
C ALA A 177 46.50 -35.19 -7.91
N ALA A 178 46.60 -36.52 -7.87
CA ALA A 178 46.91 -37.21 -6.63
C ALA A 178 48.40 -37.19 -6.27
N GLY A 179 49.25 -36.83 -7.22
CA GLY A 179 50.70 -36.92 -7.06
C GLY A 179 51.26 -38.33 -7.11
N GLY A 180 50.67 -39.19 -7.93
CA GLY A 180 51.17 -40.55 -8.14
C GLY A 180 50.08 -41.59 -8.33
N VAL A 181 50.40 -42.67 -9.04
CA VAL A 181 49.49 -43.81 -9.23
C VAL A 181 49.10 -44.55 -7.92
N GLU A 182 50.07 -44.88 -7.07
CA GLU A 182 49.82 -45.59 -5.79
C GLU A 182 48.72 -44.88 -4.96
N LYS A 183 48.94 -43.60 -4.74
CA LYS A 183 48.08 -42.70 -3.97
C LYS A 183 46.68 -42.61 -4.60
N ALA A 184 46.63 -42.40 -5.93
CA ALA A 184 45.36 -42.26 -6.67
C ALA A 184 44.51 -43.52 -6.59
N VAL A 185 45.14 -44.69 -6.73
CA VAL A 185 44.41 -45.94 -6.69
C VAL A 185 43.95 -46.29 -5.28
N ARG A 186 44.78 -46.02 -4.27
CA ARG A 186 44.39 -46.27 -2.88
C ARG A 186 43.10 -45.49 -2.60
N ALA A 187 43.10 -44.23 -3.06
CA ALA A 187 41.97 -43.31 -2.85
C ALA A 187 40.69 -43.77 -3.58
N ALA A 188 40.86 -44.23 -4.81
CA ALA A 188 39.79 -44.80 -5.61
C ALA A 188 39.29 -46.07 -4.97
N ARG A 189 40.20 -46.93 -4.50
CA ARG A 189 39.85 -48.18 -3.76
C ARG A 189 38.99 -47.85 -2.52
N GLN A 190 39.45 -46.88 -1.72
CA GLN A 190 38.74 -46.46 -0.50
C GLN A 190 37.34 -45.86 -0.78
N ALA A 191 37.23 -45.16 -1.91
CA ALA A 191 35.97 -44.58 -2.38
C ALA A 191 34.98 -45.58 -2.93
N ALA A 192 35.46 -46.70 -3.46
CA ALA A 192 34.62 -47.67 -4.20
C ALA A 192 34.20 -48.80 -3.26
N ASP A 193 33.60 -48.42 -2.15
CA ASP A 193 33.70 -49.19 -0.92
C ASP A 193 33.83 -50.69 -1.22
N PHE A 194 32.72 -51.29 -1.62
CA PHE A 194 32.67 -52.64 -2.20
C PHE A 194 31.71 -52.69 -3.35
N ALA A 195 30.87 -51.66 -3.50
CA ALA A 195 29.83 -51.62 -4.49
C ALA A 195 30.42 -51.41 -5.87
N LEU A 196 31.55 -50.72 -5.94
CA LEU A 196 32.10 -50.38 -7.24
C LEU A 196 33.47 -51.00 -7.58
N LYS A 197 33.76 -51.03 -8.87
CA LYS A 197 35.05 -51.48 -9.38
C LYS A 197 35.95 -50.27 -9.60
N VAL A 198 37.25 -50.47 -9.45
CA VAL A 198 38.22 -49.48 -9.83
C VAL A 198 38.90 -49.94 -11.12
N GLU A 199 39.00 -49.02 -12.07
CA GLU A 199 39.74 -49.25 -13.32
C GLU A 199 40.76 -48.12 -13.40
N VAL A 200 41.96 -48.43 -13.94
CA VAL A 200 43.08 -47.48 -14.06
C VAL A 200 43.63 -47.35 -15.51
N GLU A 201 43.73 -46.13 -16.05
CA GLU A 201 44.45 -45.87 -17.31
C GLU A 201 45.92 -46.04 -17.01
N CYS A 202 46.61 -46.78 -17.90
CA CYS A 202 48.05 -47.09 -17.78
C CYS A 202 48.72 -46.97 -19.14
N SER A 203 49.82 -46.23 -19.22
CA SER A 203 50.57 -46.08 -20.48
C SER A 203 51.86 -46.90 -20.50
N SER A 204 52.00 -47.84 -19.58
CA SER A 204 53.17 -48.73 -19.56
C SER A 204 52.90 -49.98 -18.71
N LEU A 205 53.69 -51.01 -18.94
CA LEU A 205 53.59 -52.23 -18.15
C LEU A 205 53.85 -51.95 -16.66
N GLN A 206 54.80 -51.07 -16.36
CA GLN A 206 55.17 -50.85 -14.97
C GLN A 206 53.96 -50.27 -14.24
N GLU A 207 53.42 -49.20 -14.80
CA GLU A 207 52.26 -48.52 -14.26
C GLU A 207 51.07 -49.47 -14.06
N ALA A 208 50.85 -50.34 -15.05
CA ALA A 208 49.76 -51.33 -14.97
C ALA A 208 49.88 -52.20 -13.74
N VAL A 209 51.11 -52.62 -13.47
CA VAL A 209 51.43 -53.49 -12.33
C VAL A 209 51.27 -52.75 -11.00
N GLN A 210 51.69 -51.49 -10.94
CA GLN A 210 51.52 -50.64 -9.72
C GLN A 210 50.06 -50.55 -9.32
N ALA A 211 49.24 -50.30 -10.35
CA ALA A 211 47.78 -50.32 -10.26
C ALA A 211 47.25 -51.70 -9.81
N ALA A 212 47.69 -52.74 -10.49
CA ALA A 212 47.25 -54.09 -10.14
C ALA A 212 47.58 -54.43 -8.69
N GLU A 213 48.85 -54.19 -8.30
CA GLU A 213 49.30 -54.30 -6.91
C GLU A 213 48.42 -53.51 -5.94
N ALA A 214 48.11 -52.25 -6.27
CA ALA A 214 47.26 -51.43 -5.39
C ALA A 214 45.76 -51.77 -5.38
N GLY A 215 45.37 -52.88 -6.02
CA GLY A 215 44.02 -53.44 -5.91
C GLY A 215 43.02 -53.11 -7.03
N ALA A 216 43.53 -52.73 -8.20
CA ALA A 216 42.64 -52.34 -9.30
C ALA A 216 41.94 -53.56 -9.82
N ASP A 217 40.63 -53.45 -10.03
CA ASP A 217 39.85 -54.51 -10.67
C ASP A 217 40.20 -54.67 -12.16
N LEU A 218 40.25 -53.55 -12.90
CA LEU A 218 40.59 -53.53 -14.34
C LEU A 218 41.74 -52.58 -14.61
N VAL A 219 42.47 -52.85 -15.68
CA VAL A 219 43.59 -52.01 -16.09
C VAL A 219 43.39 -51.68 -17.55
N LEU A 220 43.32 -50.40 -17.87
CA LEU A 220 43.09 -49.96 -19.24
C LEU A 220 44.40 -49.53 -19.88
N LEU A 221 44.85 -50.30 -20.88
CA LEU A 221 46.09 -50.00 -21.56
C LEU A 221 45.82 -49.02 -22.70
N ASP A 222 46.11 -47.75 -22.42
CA ASP A 222 45.78 -46.68 -23.30
C ASP A 222 46.87 -46.53 -24.33
N ASN A 223 46.47 -46.65 -25.59
CA ASN A 223 47.30 -46.21 -26.75
C ASN A 223 48.51 -47.04 -27.07
N PHE A 224 48.46 -48.31 -26.72
CA PHE A 224 49.54 -49.23 -27.05
C PHE A 224 49.37 -49.63 -28.48
N LYS A 225 50.49 -49.84 -29.16
CA LYS A 225 50.54 -50.54 -30.43
C LYS A 225 50.28 -52.02 -30.14
N PRO A 226 49.57 -52.72 -31.03
CA PRO A 226 49.38 -54.15 -30.82
C PRO A 226 50.61 -54.94 -30.40
N GLU A 227 51.76 -54.67 -31.02
CA GLU A 227 53.04 -55.37 -30.68
C GLU A 227 53.47 -55.28 -29.22
N GLU A 228 53.19 -54.13 -28.57
CA GLU A 228 53.47 -53.90 -27.12
C GLU A 228 52.31 -54.47 -26.31
N LEU A 229 51.09 -54.17 -26.73
CA LEU A 229 49.85 -54.50 -25.98
C LEU A 229 49.82 -55.93 -25.49
N HIS A 230 49.83 -56.85 -26.42
CA HIS A 230 49.66 -58.24 -26.06
C HIS A 230 50.75 -58.80 -25.11
N PRO A 231 52.04 -58.50 -25.37
CA PRO A 231 53.04 -59.03 -24.41
C PRO A 231 52.92 -58.42 -23.01
N THR A 232 52.56 -57.14 -22.94
CA THR A 232 52.20 -56.46 -21.67
C THR A 232 51.06 -57.18 -20.97
N ALA A 233 49.99 -57.40 -21.71
CA ALA A 233 48.82 -58.07 -21.18
C ALA A 233 49.10 -59.50 -20.76
N THR A 234 49.98 -60.19 -21.48
CA THR A 234 50.28 -61.60 -21.18
C THR A 234 50.97 -61.69 -19.82
N VAL A 235 51.78 -60.67 -19.50
CA VAL A 235 52.46 -60.54 -18.21
C VAL A 235 51.49 -60.23 -17.07
N LEU A 236 50.65 -59.22 -17.24
CA LEU A 236 49.65 -58.89 -16.22
C LEU A 236 48.88 -60.16 -15.84
N LYS A 237 48.28 -60.80 -16.83
CA LYS A 237 47.42 -61.95 -16.59
C LYS A 237 48.15 -63.12 -15.90
N ALA A 238 49.45 -63.22 -16.12
CA ALA A 238 50.32 -64.22 -15.46
C ALA A 238 50.50 -63.90 -14.01
N GLN A 239 50.88 -62.66 -13.74
CA GLN A 239 51.21 -62.23 -12.40
C GLN A 239 49.98 -61.83 -11.53
N PHE A 240 48.88 -61.42 -12.16
CA PHE A 240 47.61 -61.05 -11.47
C PHE A 240 46.43 -61.67 -12.21
N PRO A 241 46.12 -62.95 -11.93
CA PRO A 241 45.17 -63.67 -12.82
C PRO A 241 43.78 -63.06 -12.89
N SER A 242 43.29 -62.57 -11.77
CA SER A 242 41.92 -62.09 -11.71
C SER A 242 41.79 -60.56 -11.95
N VAL A 243 42.84 -59.89 -12.43
CA VAL A 243 42.70 -58.54 -12.99
C VAL A 243 42.25 -58.58 -14.46
N ALA A 244 41.27 -57.75 -14.82
CA ALA A 244 40.78 -57.65 -16.20
C ALA A 244 41.59 -56.62 -16.97
N VAL A 245 41.63 -56.78 -18.31
CA VAL A 245 42.45 -55.95 -19.17
C VAL A 245 41.58 -55.37 -20.25
N GLU A 246 41.54 -54.04 -20.31
CA GLU A 246 40.84 -53.30 -21.36
C GLU A 246 41.88 -52.60 -22.21
N ALA A 247 41.76 -52.72 -23.52
CA ALA A 247 42.55 -51.94 -24.45
C ALA A 247 41.66 -50.85 -24.94
N SER A 248 42.24 -49.70 -25.27
CA SER A 248 41.53 -48.52 -25.72
C SER A 248 42.49 -47.51 -26.31
N GLY A 249 42.06 -46.84 -27.37
CA GLY A 249 42.80 -45.70 -27.93
C GLY A 249 43.22 -46.00 -29.35
N GLY A 250 42.61 -45.31 -30.32
CA GLY A 250 42.95 -45.48 -31.72
C GLY A 250 42.48 -46.75 -32.38
N ILE A 251 41.56 -47.48 -31.75
CA ILE A 251 41.08 -48.76 -32.24
C ILE A 251 39.94 -48.54 -33.22
N THR A 252 40.28 -48.61 -34.50
CA THR A 252 39.32 -48.50 -35.59
C THR A 252 38.78 -49.86 -35.96
N LEU A 253 37.74 -49.88 -36.76
CA LEU A 253 37.04 -51.11 -37.16
C LEU A 253 38.00 -51.89 -38.02
N ASP A 254 38.72 -51.13 -38.83
CA ASP A 254 39.71 -51.69 -39.70
C ASP A 254 40.80 -52.46 -38.93
N ASN A 255 41.45 -51.83 -37.94
CA ASN A 255 42.53 -52.48 -37.15
C ASN A 255 42.12 -53.32 -35.93
N LEU A 256 40.83 -53.33 -35.60
CA LEU A 256 40.33 -54.02 -34.39
C LEU A 256 40.83 -55.45 -34.18
N PRO A 257 40.95 -56.25 -35.28
CA PRO A 257 41.40 -57.63 -35.13
C PRO A 257 42.78 -57.74 -34.56
N GLN A 258 43.58 -56.71 -34.72
CA GLN A 258 44.90 -56.70 -34.13
C GLN A 258 44.90 -56.57 -32.61
N PHE A 259 43.75 -56.17 -32.07
CA PHE A 259 43.59 -55.95 -30.65
C PHE A 259 42.88 -57.10 -30.00
N CYS A 260 42.50 -58.10 -30.80
CA CYS A 260 41.75 -59.27 -30.34
C CYS A 260 42.67 -60.43 -30.12
N GLY A 261 43.26 -60.43 -28.94
CA GLY A 261 44.10 -61.52 -28.49
C GLY A 261 43.53 -62.05 -27.22
N PRO A 262 44.13 -63.13 -26.70
CA PRO A 262 43.51 -63.93 -25.64
C PRO A 262 43.64 -63.36 -24.25
N HIS A 263 44.51 -62.38 -24.08
CA HIS A 263 44.69 -61.76 -22.77
C HIS A 263 44.14 -60.35 -22.70
N ILE A 264 43.35 -59.96 -23.72
CA ILE A 264 42.48 -58.78 -23.70
C ILE A 264 40.99 -59.17 -23.39
N ASP A 265 40.38 -58.52 -22.39
CA ASP A 265 38.98 -58.73 -21.99
C ASP A 265 37.97 -57.73 -22.56
N VAL A 266 38.35 -56.46 -22.60
CA VAL A 266 37.50 -55.37 -23.07
C VAL A 266 38.22 -54.58 -24.19
N ILE A 267 37.48 -54.10 -25.17
CA ILE A 267 38.03 -53.19 -26.18
C ILE A 267 37.05 -52.05 -26.30
N SER A 268 37.48 -50.83 -26.00
CA SER A 268 36.59 -49.66 -26.09
C SER A 268 36.93 -48.82 -27.30
N MET A 269 35.91 -48.29 -27.97
CA MET A 269 36.10 -47.56 -29.20
C MET A 269 35.29 -46.28 -29.15
N GLY A 270 36.00 -45.15 -29.07
CA GLY A 270 35.39 -43.83 -29.14
C GLY A 270 34.56 -43.70 -30.40
N MET A 271 35.07 -44.31 -31.49
CA MET A 271 34.47 -44.16 -32.81
C MET A 271 32.99 -44.60 -32.86
N LEU A 272 32.61 -45.58 -32.04
CA LEU A 272 31.28 -46.19 -32.10
C LEU A 272 30.16 -45.20 -31.94
N THR A 273 30.44 -44.16 -31.15
CA THR A 273 29.54 -43.04 -30.95
C THR A 273 29.96 -41.71 -31.56
N GLN A 274 31.26 -41.50 -31.77
CA GLN A 274 31.77 -40.19 -32.22
C GLN A 274 31.81 -40.01 -33.72
N ALA A 275 31.75 -41.13 -34.43
CA ALA A 275 32.02 -41.16 -35.84
C ALA A 275 31.28 -42.33 -36.47
N ALA A 276 30.01 -42.47 -36.13
CA ALA A 276 29.17 -43.52 -36.66
C ALA A 276 28.08 -42.76 -37.37
N PRO A 277 28.01 -42.85 -38.71
CA PRO A 277 26.96 -42.06 -39.35
C PRO A 277 25.60 -42.64 -39.07
N ALA A 278 24.62 -41.73 -39.01
CA ALA A 278 23.20 -42.06 -38.82
C ALA A 278 22.71 -42.75 -40.08
N LEU A 279 21.69 -43.57 -39.98
CA LEU A 279 21.16 -44.25 -41.16
C LEU A 279 20.11 -43.38 -41.76
N ASP A 280 19.78 -43.66 -43.01
CA ASP A 280 18.73 -42.95 -43.74
C ASP A 280 17.34 -43.62 -43.62
N PHE A 281 16.40 -42.84 -43.09
CA PHE A 281 15.01 -43.20 -42.94
C PHE A 281 14.08 -42.04 -43.39
N SER A 282 12.97 -42.40 -44.04
CA SER A 282 11.88 -41.46 -44.27
C SER A 282 10.58 -42.04 -43.77
N LEU A 283 9.60 -41.18 -43.72
CA LEU A 283 8.29 -41.54 -43.27
C LEU A 283 7.41 -40.85 -44.28
N LYS A 284 6.63 -41.63 -45.02
CA LYS A 284 5.83 -41.15 -46.14
C LYS A 284 4.38 -41.45 -45.87
N LEU A 285 3.51 -40.42 -45.90
CA LEU A 285 2.04 -40.64 -45.87
C LEU A 285 1.55 -41.39 -47.12
N PHE A 286 0.84 -42.50 -46.96
CA PHE A 286 0.24 -43.24 -48.10
C PHE A 286 -1.28 -43.18 -48.02
N ALA A 287 -1.93 -43.65 -49.10
CA ALA A 287 -3.40 -43.64 -49.28
C ALA A 287 -4.26 -44.80 -48.63
N LYS A 288 -5.48 -44.45 -48.21
CA LYS A 288 -6.53 -45.36 -47.71
C LYS A 288 -7.81 -44.48 -47.65
N GLU A 289 -9.01 -45.07 -47.70
CA GLU A 289 -10.26 -44.29 -47.87
C GLU A 289 -10.50 -43.24 -46.77
N MET B 1 -19.91 28.58 19.19
CA MET B 1 -20.99 29.51 18.72
C MET B 1 -22.39 28.96 19.15
N ASP B 2 -22.70 29.11 20.44
CA ASP B 2 -24.02 28.74 21.00
C ASP B 2 -25.02 29.86 20.67
N ALA B 3 -25.92 29.58 19.74
CA ALA B 3 -26.84 30.59 19.19
C ALA B 3 -27.94 31.07 20.17
N GLU B 4 -28.41 30.20 21.07
CA GLU B 4 -29.49 30.56 22.03
C GLU B 4 -29.12 31.67 23.04
N GLY B 5 -27.89 31.61 23.55
CA GLY B 5 -27.36 32.60 24.48
C GLY B 5 -27.11 33.97 23.88
N LEU B 6 -26.98 34.05 22.56
CA LEU B 6 -26.86 35.34 21.83
C LEU B 6 -27.93 36.39 22.16
N ALA B 7 -29.14 35.93 22.43
CA ALA B 7 -30.19 36.75 23.03
C ALA B 7 -29.67 37.73 24.08
N LEU B 8 -28.74 37.29 24.92
CA LEU B 8 -28.22 38.11 26.04
C LEU B 8 -27.53 39.44 25.64
N LEU B 9 -27.08 39.58 24.39
CA LEU B 9 -26.46 40.83 23.94
C LEU B 9 -27.43 42.04 23.78
N LEU B 10 -28.72 41.79 23.74
CA LEU B 10 -29.73 42.80 23.44
C LEU B 10 -30.29 43.48 24.72
N PRO B 11 -29.83 44.73 25.01
CA PRO B 11 -30.23 45.38 26.27
C PRO B 11 -31.71 45.75 26.28
N PRO B 12 -32.47 45.38 27.33
CA PRO B 12 -33.95 45.48 27.21
C PRO B 12 -34.53 46.90 26.92
N VAL B 13 -33.71 47.95 27.14
CA VAL B 13 -34.12 49.34 26.90
C VAL B 13 -34.11 49.68 25.42
N THR B 14 -32.97 49.57 24.77
CA THR B 14 -32.91 49.86 23.32
C THR B 14 -33.81 48.92 22.52
N LEU B 15 -33.98 47.69 23.00
CA LEU B 15 -34.85 46.70 22.37
C LEU B 15 -36.33 47.14 22.34
N ALA B 16 -36.92 47.39 23.51
CA ALA B 16 -38.32 47.77 23.58
C ALA B 16 -38.64 49.13 22.94
N ALA B 17 -37.67 50.05 22.93
CA ALA B 17 -37.79 51.37 22.26
C ALA B 17 -37.91 51.24 20.74
N LEU B 18 -37.04 50.38 20.22
CA LEU B 18 -37.00 50.01 18.79
C LEU B 18 -38.32 49.38 18.38
N VAL B 19 -38.77 48.43 19.20
CA VAL B 19 -40.04 47.77 19.03
C VAL B 19 -41.24 48.74 19.04
N ASP B 20 -41.19 49.74 19.90
CA ASP B 20 -42.29 50.70 19.94
C ASP B 20 -42.31 51.48 18.59
N SER B 21 -41.18 52.00 18.14
CA SER B 21 -41.17 52.77 16.88
C SER B 21 -41.73 51.96 15.70
N TRP B 22 -41.52 50.65 15.71
CA TRP B 22 -41.98 49.76 14.63
C TRP B 22 -43.48 49.55 14.58
N LEU B 23 -44.08 49.34 15.75
CA LEU B 23 -45.53 49.30 15.91
C LEU B 23 -46.21 50.65 15.59
N ARG B 24 -45.54 51.74 15.94
CA ARG B 24 -46.04 53.10 15.67
C ARG B 24 -45.97 53.46 14.17
N GLU B 25 -44.93 52.97 13.50
CA GLU B 25 -44.84 53.03 12.05
C GLU B 25 -46.07 52.39 11.41
N ASP B 26 -46.43 51.19 11.85
CA ASP B 26 -47.50 50.40 11.26
C ASP B 26 -48.94 50.79 11.66
N CYS B 27 -49.10 51.54 12.75
CA CYS B 27 -50.44 51.90 13.21
C CYS B 27 -50.36 53.14 14.07
N PRO B 28 -50.04 54.29 13.42
CA PRO B 28 -49.84 55.52 14.18
C PRO B 28 -51.14 56.06 14.77
N GLY B 29 -52.28 55.73 14.17
CA GLY B 29 -53.55 56.27 14.57
C GLY B 29 -54.43 55.28 15.28
N LEU B 30 -55.54 54.93 14.61
CA LEU B 30 -56.58 54.07 15.13
C LEU B 30 -56.49 52.78 14.33
N ASN B 31 -56.45 51.65 15.03
CA ASN B 31 -56.57 50.33 14.41
C ASN B 31 -58.06 50.01 14.16
N TYR B 32 -58.52 50.23 12.93
CA TYR B 32 -59.93 50.00 12.58
C TYR B 32 -60.25 48.52 12.59
N ALA B 33 -59.34 47.75 11.98
CA ALA B 33 -59.39 46.27 11.92
C ALA B 33 -59.53 45.50 13.27
N ALA B 34 -59.25 46.16 14.39
CA ALA B 34 -59.56 45.61 15.70
C ALA B 34 -61.04 45.28 15.90
N LEU B 35 -61.94 46.07 15.31
CA LEU B 35 -63.39 45.80 15.45
C LEU B 35 -63.86 44.51 14.74
N VAL B 36 -63.16 44.16 13.67
CA VAL B 36 -63.42 42.95 12.90
C VAL B 36 -63.13 41.69 13.75
N SER B 37 -61.88 41.59 14.22
CA SER B 37 -61.39 40.44 14.98
C SER B 37 -61.99 40.32 16.38
N GLY B 38 -62.36 41.42 17.01
CA GLY B 38 -62.79 41.41 18.41
C GLY B 38 -61.54 41.31 19.25
N ALA B 39 -61.71 40.99 20.53
CA ALA B 39 -60.56 40.85 21.44
C ALA B 39 -60.62 39.61 22.33
N GLY B 40 -61.30 38.57 21.86
CA GLY B 40 -61.37 37.31 22.61
C GLY B 40 -59.99 36.65 22.66
N PRO B 41 -59.65 36.01 23.80
CA PRO B 41 -58.37 35.29 23.87
C PRO B 41 -58.21 34.33 22.69
N SER B 42 -57.00 34.21 22.15
CA SER B 42 -56.77 33.42 20.93
C SER B 42 -55.38 32.81 20.94
N GLN B 43 -55.15 31.92 19.99
CA GLN B 43 -53.91 31.17 19.85
C GLN B 43 -53.57 31.39 18.40
N ALA B 44 -52.31 31.21 18.03
CA ALA B 44 -51.92 31.33 16.62
C ALA B 44 -50.53 30.75 16.33
N ALA B 45 -50.51 29.76 15.44
CA ALA B 45 -49.27 29.06 15.12
C ALA B 45 -48.45 29.85 14.11
N LEU B 46 -47.16 30.01 14.40
CA LEU B 46 -46.20 30.47 13.41
C LEU B 46 -45.79 29.28 12.56
N TRP B 47 -45.80 29.44 11.23
CA TRP B 47 -45.34 28.40 10.29
C TRP B 47 -44.13 28.89 9.50
N ALA B 48 -43.21 27.99 9.16
CA ALA B 48 -42.00 28.34 8.38
C ALA B 48 -41.99 27.70 6.99
N LYS B 49 -42.36 28.48 5.96
CA LYS B 49 -42.50 27.98 4.58
C LYS B 49 -41.28 28.26 3.68
N SER B 50 -40.10 28.43 4.27
CA SER B 50 -38.88 28.60 3.47
C SER B 50 -37.75 27.84 4.19
N PRO B 51 -36.67 27.50 3.46
CA PRO B 51 -35.60 26.72 4.10
C PRO B 51 -34.41 27.57 4.55
N GLY B 52 -33.79 27.17 5.66
CA GLY B 52 -32.60 27.84 6.22
C GLY B 52 -32.57 27.86 7.75
N VAL B 53 -31.97 28.94 8.30
CA VAL B 53 -31.77 29.15 9.76
C VAL B 53 -32.84 30.05 10.38
N LEU B 54 -33.37 29.62 11.54
CA LEU B 54 -34.26 30.47 12.35
C LEU B 54 -33.43 31.49 13.14
N ALA B 55 -33.77 32.78 12.99
CA ALA B 55 -33.15 33.91 13.74
C ALA B 55 -34.12 35.07 13.99
N GLY B 56 -34.00 35.69 15.17
CA GLY B 56 -34.83 36.84 15.58
C GLY B 56 -35.90 36.56 16.64
N GLN B 57 -35.82 35.41 17.31
CA GLN B 57 -36.74 35.10 18.42
C GLN B 57 -36.95 36.28 19.38
N PRO B 58 -35.85 36.85 19.96
CA PRO B 58 -36.02 37.87 21.01
C PRO B 58 -36.79 39.14 20.60
N PHE B 59 -36.60 39.56 19.33
CA PHE B 59 -37.37 40.68 18.74
C PHE B 59 -38.87 40.33 18.60
N PHE B 60 -39.17 39.28 17.82
CA PHE B 60 -40.51 38.67 17.77
C PHE B 60 -41.22 38.63 19.16
N ASP B 61 -40.51 38.11 20.17
CA ASP B 61 -41.03 38.00 21.54
C ASP B 61 -41.40 39.36 22.08
N ALA B 62 -40.47 40.31 21.89
CA ALA B 62 -40.60 41.67 22.44
C ALA B 62 -41.83 42.39 21.90
N ILE B 63 -41.96 42.34 20.56
CA ILE B 63 -43.11 42.92 19.84
C ILE B 63 -44.39 42.45 20.50
N PHE B 64 -44.64 41.14 20.44
CA PHE B 64 -45.84 40.57 21.06
C PHE B 64 -45.97 40.83 22.56
N THR B 65 -44.83 40.92 23.25
CA THR B 65 -44.85 41.25 24.69
C THR B 65 -45.49 42.63 24.91
N GLN B 66 -45.13 43.58 24.05
CA GLN B 66 -45.64 44.93 24.19
C GLN B 66 -47.16 45.00 24.00
N LEU B 67 -47.74 44.05 23.28
CA LEU B 67 -49.21 43.97 23.03
C LEU B 67 -49.97 42.92 23.89
N ASN B 68 -49.41 42.56 25.04
CA ASN B 68 -49.95 41.52 25.95
C ASN B 68 -50.09 40.15 25.34
N CYS B 69 -49.16 39.81 24.46
CA CYS B 69 -49.09 38.48 23.86
C CYS B 69 -47.82 37.73 24.27
N GLN B 70 -47.93 36.40 24.39
CA GLN B 70 -46.84 35.50 24.85
C GLN B 70 -46.56 34.50 23.75
N VAL B 71 -45.33 33.99 23.72
CA VAL B 71 -44.88 33.06 22.67
C VAL B 71 -44.26 31.81 23.30
N SER B 72 -44.61 30.63 22.77
CA SER B 72 -43.94 29.37 23.10
C SER B 72 -43.18 28.92 21.89
N TRP B 73 -41.88 28.68 22.08
CA TRP B 73 -40.97 28.36 20.98
C TRP B 73 -40.71 26.86 20.84
N PHE B 74 -41.15 26.29 19.72
CA PHE B 74 -41.00 24.86 19.46
C PHE B 74 -39.69 24.46 18.75
N LEU B 75 -38.90 25.43 18.29
CA LEU B 75 -37.51 25.19 17.86
C LEU B 75 -36.59 26.16 18.59
N PRO B 76 -35.33 25.76 18.81
CA PRO B 76 -34.39 26.72 19.39
C PRO B 76 -33.89 27.75 18.36
N GLU B 77 -33.50 28.91 18.89
CA GLU B 77 -32.94 29.98 18.10
C GLU B 77 -31.70 29.43 17.43
N GLY B 78 -31.51 29.76 16.16
CA GLY B 78 -30.36 29.29 15.39
C GLY B 78 -30.48 27.88 14.81
N SER B 79 -31.64 27.23 15.00
CA SER B 79 -31.90 25.86 14.47
C SER B 79 -32.10 25.88 12.95
N LYS B 80 -32.26 24.69 12.37
CA LYS B 80 -32.58 24.53 10.93
C LYS B 80 -34.09 24.43 10.69
N LEU B 81 -34.49 24.83 9.48
CA LEU B 81 -35.90 24.87 9.07
C LEU B 81 -36.17 24.02 7.83
N VAL B 82 -36.63 22.78 8.06
CA VAL B 82 -37.24 21.96 6.98
C VAL B 82 -38.63 22.59 6.76
N PRO B 83 -38.97 23.02 5.52
CA PRO B 83 -40.25 23.68 5.22
C PRO B 83 -41.53 22.90 5.59
N VAL B 84 -42.68 23.56 5.47
CA VAL B 84 -43.97 23.12 6.02
C VAL B 84 -43.96 22.89 7.57
N ALA B 85 -43.09 23.59 8.31
CA ALA B 85 -42.81 23.31 9.77
C ALA B 85 -43.31 24.35 10.81
N ARG B 86 -43.96 23.86 11.87
CA ARG B 86 -44.63 24.68 12.92
C ARG B 86 -43.67 25.11 14.04
N VAL B 87 -43.02 26.28 13.88
CA VAL B 87 -41.97 26.74 14.82
C VAL B 87 -42.42 27.39 16.14
N ALA B 88 -43.69 27.79 16.27
CA ALA B 88 -44.15 28.44 17.51
C ALA B 88 -45.67 28.59 17.60
N GLU B 89 -46.12 29.02 18.77
CA GLU B 89 -47.52 29.34 19.01
C GLU B 89 -47.60 30.60 19.90
N VAL B 90 -48.34 31.61 19.41
CA VAL B 90 -48.53 32.89 20.09
C VAL B 90 -49.94 32.96 20.69
N ARG B 91 -50.06 33.31 21.97
CA ARG B 91 -51.35 33.54 22.63
C ARG B 91 -51.54 35.02 22.89
N GLY B 92 -52.79 35.44 23.01
CA GLY B 92 -53.16 36.82 23.42
C GLY B 92 -54.59 37.17 22.99
N PRO B 93 -55.06 38.40 23.30
CA PRO B 93 -56.27 38.90 22.68
C PRO B 93 -56.10 39.01 21.15
N ALA B 94 -57.19 38.79 20.40
CA ALA B 94 -57.17 38.60 18.92
C ALA B 94 -56.65 39.79 18.10
N HIS B 95 -57.20 40.96 18.44
CA HIS B 95 -56.81 42.24 17.84
C HIS B 95 -55.33 42.58 18.00
N CYS B 96 -54.80 42.36 19.20
CA CYS B 96 -53.37 42.52 19.48
C CYS B 96 -52.55 41.55 18.62
N LEU B 97 -53.01 40.31 18.54
CA LEU B 97 -52.35 39.25 17.77
C LEU B 97 -52.21 39.59 16.28
N LEU B 98 -53.25 40.21 15.72
CA LEU B 98 -53.21 40.61 14.29
C LEU B 98 -52.56 41.96 14.09
N LEU B 99 -52.68 42.85 15.10
CA LEU B 99 -51.94 44.11 15.13
C LEU B 99 -50.43 43.90 15.12
N GLY B 100 -49.97 42.92 15.90
CA GLY B 100 -48.57 42.49 15.89
C GLY B 100 -48.13 41.79 14.61
N GLU B 101 -48.97 40.88 14.12
CA GLU B 101 -48.65 39.90 13.06
C GLU B 101 -47.60 40.40 12.05
N ARG B 102 -47.96 41.42 11.26
CA ARG B 102 -47.14 41.83 10.13
C ARG B 102 -45.75 42.28 10.56
N VAL B 103 -45.67 42.99 11.67
CA VAL B 103 -44.40 43.57 12.10
C VAL B 103 -43.50 42.46 12.64
N ALA B 104 -44.09 41.54 13.41
CA ALA B 104 -43.34 40.41 14.00
C ALA B 104 -42.78 39.44 12.94
N LEU B 105 -43.50 39.23 11.84
CA LEU B 105 -43.01 38.42 10.71
C LEU B 105 -41.97 39.15 9.88
N ASN B 106 -42.18 40.44 9.62
CA ASN B 106 -41.17 41.20 8.82
C ASN B 106 -39.81 41.27 9.49
N THR B 107 -39.83 41.21 10.83
CA THR B 107 -38.62 41.20 11.66
C THR B 107 -37.97 39.84 11.60
N LEU B 108 -38.77 38.81 11.90
CA LEU B 108 -38.30 37.41 11.88
C LEU B 108 -37.82 37.01 10.49
N ALA B 109 -38.54 37.42 9.45
CA ALA B 109 -38.18 37.14 8.06
C ALA B 109 -36.83 37.71 7.64
N ARG B 110 -36.47 38.92 8.08
CA ARG B 110 -35.19 39.53 7.65
C ARG B 110 -33.99 39.14 8.53
N CYS B 111 -34.26 38.81 9.79
CA CYS B 111 -33.25 38.29 10.71
C CYS B 111 -32.88 36.87 10.28
N SER B 112 -33.90 36.04 10.04
CA SER B 112 -33.71 34.68 9.50
C SER B 112 -33.05 34.67 8.11
N GLY B 113 -33.60 35.46 7.20
CA GLY B 113 -33.01 35.66 5.89
C GLY B 113 -31.52 35.94 5.95
N ILE B 114 -31.07 36.72 6.92
CA ILE B 114 -29.62 37.04 7.10
C ILE B 114 -28.86 35.88 7.78
N ALA B 115 -29.50 35.21 8.72
CA ALA B 115 -28.89 34.04 9.37
C ALA B 115 -28.57 32.96 8.33
N SER B 116 -29.61 32.46 7.68
CA SER B 116 -29.49 31.48 6.60
C SER B 116 -28.39 31.85 5.61
N ALA B 117 -28.36 33.12 5.23
CA ALA B 117 -27.35 33.63 4.33
C ALA B 117 -25.96 33.52 4.91
N ALA B 118 -25.83 33.75 6.21
CA ALA B 118 -24.56 33.68 6.94
C ALA B 118 -24.13 32.23 7.15
N ALA B 119 -25.05 31.41 7.64
CA ALA B 119 -24.82 29.97 7.81
C ALA B 119 -24.36 29.25 6.53
N ALA B 120 -25.02 29.56 5.41
CA ALA B 120 -24.60 29.09 4.08
C ALA B 120 -23.25 29.67 3.63
N ALA B 121 -22.86 30.84 4.15
CA ALA B 121 -21.53 31.39 3.89
C ALA B 121 -20.42 30.77 4.77
N VAL B 122 -20.73 30.46 6.03
CA VAL B 122 -19.73 29.83 6.93
C VAL B 122 -19.56 28.34 6.60
N GLU B 123 -20.68 27.66 6.37
CA GLU B 123 -20.69 26.27 5.89
C GLU B 123 -19.81 26.08 4.65
N ALA B 124 -19.89 27.02 3.71
CA ALA B 124 -19.08 27.01 2.50
C ALA B 124 -17.60 27.27 2.77
N ALA B 125 -17.29 28.18 3.70
CA ALA B 125 -15.91 28.44 4.09
C ALA B 125 -15.27 27.23 4.79
N ARG B 126 -16.05 26.57 5.66
CA ARG B 126 -15.66 25.33 6.35
C ARG B 126 -15.43 24.16 5.36
N GLY B 127 -16.25 24.09 4.30
CA GLY B 127 -16.05 23.14 3.20
C GLY B 127 -14.72 23.27 2.45
N ALA B 128 -14.17 24.49 2.38
CA ALA B 128 -12.80 24.73 1.81
C ALA B 128 -11.69 24.70 2.88
N GLY B 129 -11.92 23.93 3.96
CA GLY B 129 -10.95 23.73 5.02
C GLY B 129 -10.44 24.99 5.69
N TRP B 130 -11.28 26.03 5.75
CA TRP B 130 -10.86 27.34 6.25
C TRP B 130 -11.23 27.55 7.74
N THR B 131 -10.28 28.15 8.46
CA THR B 131 -10.31 28.31 9.92
C THR B 131 -10.77 29.69 10.42
N GLY B 132 -10.48 30.75 9.65
CA GLY B 132 -10.84 32.14 9.99
C GLY B 132 -12.34 32.51 10.01
N HIS B 133 -12.64 33.80 9.86
CA HIS B 133 -14.00 34.32 10.10
C HIS B 133 -14.70 35.01 8.91
N VAL B 134 -15.87 34.49 8.55
CA VAL B 134 -16.80 35.16 7.65
C VAL B 134 -17.47 36.31 8.43
N ALA B 135 -17.33 37.53 7.92
CA ALA B 135 -17.82 38.74 8.62
C ALA B 135 -18.92 39.53 7.90
N GLY B 136 -19.63 40.33 8.68
CA GLY B 136 -20.58 41.29 8.14
C GLY B 136 -19.90 42.60 7.76
N THR B 137 -20.66 43.69 7.90
CA THR B 137 -20.29 45.02 7.40
C THR B 137 -21.19 46.09 8.02
N ARG B 138 -20.93 47.35 7.69
CA ARG B 138 -21.90 48.45 7.95
C ARG B 138 -22.89 48.70 6.76
N LYS B 139 -23.10 47.69 5.90
CA LYS B 139 -24.08 47.72 4.82
C LYS B 139 -25.35 47.11 5.37
N THR B 140 -25.87 47.80 6.40
CA THR B 140 -27.10 47.46 7.13
C THR B 140 -28.22 48.51 6.94
N THR B 141 -29.45 48.01 6.74
CA THR B 141 -30.62 48.86 6.58
C THR B 141 -30.67 49.86 7.74
N PRO B 142 -30.68 51.18 7.44
CA PRO B 142 -30.83 52.19 8.49
C PRO B 142 -32.00 51.97 9.47
N GLY B 143 -31.66 51.94 10.74
CA GLY B 143 -32.67 51.77 11.81
C GLY B 143 -32.98 50.34 12.22
N PHE B 144 -32.38 49.41 11.50
CA PHE B 144 -32.57 47.99 11.71
C PHE B 144 -31.24 47.27 12.05
N ARG B 145 -30.14 48.02 12.16
CA ARG B 145 -28.83 47.40 12.33
C ARG B 145 -28.72 46.40 13.50
N LEU B 146 -29.44 46.63 14.60
CA LEU B 146 -29.40 45.68 15.70
C LEU B 146 -29.85 44.31 15.20
N VAL B 147 -30.99 44.27 14.53
CA VAL B 147 -31.56 42.98 14.10
C VAL B 147 -30.71 42.35 13.00
N GLU B 148 -30.10 43.18 12.18
CA GLU B 148 -29.27 42.67 11.12
C GLU B 148 -27.93 42.14 11.64
N LYS B 149 -27.30 42.83 12.59
CA LYS B 149 -26.04 42.31 13.15
C LYS B 149 -26.30 41.05 13.99
N TYR B 150 -27.33 41.08 14.82
CA TYR B 150 -27.69 39.87 15.57
C TYR B 150 -28.03 38.68 14.64
N GLY B 151 -28.63 38.97 13.49
CA GLY B 151 -28.87 37.95 12.45
C GLY B 151 -27.59 37.28 11.98
N LEU B 152 -26.58 38.08 11.59
CA LEU B 152 -25.25 37.57 11.24
C LEU B 152 -24.69 36.63 12.30
N LEU B 153 -24.82 37.00 13.57
CA LEU B 153 -24.30 36.19 14.69
C LEU B 153 -25.02 34.85 14.83
N VAL B 154 -26.34 34.85 14.69
CA VAL B 154 -27.12 33.63 14.85
C VAL B 154 -26.77 32.59 13.75
N GLY B 155 -26.32 33.05 12.59
CA GLY B 155 -25.83 32.16 11.54
C GLY B 155 -24.39 31.69 11.70
N GLY B 156 -23.75 32.13 12.78
CA GLY B 156 -22.38 31.76 13.11
C GLY B 156 -21.35 32.57 12.35
N ALA B 157 -21.78 33.70 11.79
CA ALA B 157 -20.88 34.68 11.24
C ALA B 157 -20.55 35.74 12.28
N ALA B 158 -19.56 36.56 11.94
CA ALA B 158 -19.02 37.57 12.82
C ALA B 158 -19.56 38.89 12.36
N SER B 159 -20.22 39.61 13.27
CA SER B 159 -20.60 40.99 13.01
C SER B 159 -19.27 41.68 13.00
N HIS B 160 -18.99 42.47 11.98
CA HIS B 160 -17.77 43.28 11.97
C HIS B 160 -17.99 44.29 13.09
N ARG B 161 -17.18 45.33 13.22
CA ARG B 161 -17.55 46.45 14.11
C ARG B 161 -19.02 46.82 13.90
N TYR B 162 -19.71 47.03 15.01
CA TYR B 162 -21.01 47.72 15.04
C TYR B 162 -20.81 49.21 15.38
N ASP B 163 -21.37 50.09 14.58
CA ASP B 163 -21.62 51.51 14.99
C ASP B 163 -20.36 52.39 15.09
N LEU B 164 -19.23 52.11 14.44
CA LEU B 164 -18.25 53.23 14.22
C LEU B 164 -17.67 53.88 15.52
N GLY B 165 -17.92 53.30 16.69
CA GLY B 165 -17.37 53.84 17.95
C GLY B 165 -16.71 52.62 18.56
N GLY B 166 -15.76 52.10 17.80
CA GLY B 166 -15.64 50.65 17.62
C GLY B 166 -14.87 50.22 16.39
N LEU B 167 -13.52 50.24 16.42
CA LEU B 167 -12.62 50.30 15.26
C LEU B 167 -12.09 51.34 14.26
N VAL B 168 -11.83 52.57 14.69
CA VAL B 168 -11.13 53.60 13.85
C VAL B 168 -10.68 52.89 12.56
N MET B 169 -11.54 52.94 11.55
CA MET B 169 -11.33 52.24 10.28
C MET B 169 -10.95 53.33 9.29
N VAL B 170 -9.74 53.23 8.76
CA VAL B 170 -9.18 54.17 7.80
C VAL B 170 -9.48 53.59 6.40
N LYS B 171 -10.48 54.15 5.74
CA LYS B 171 -10.83 53.75 4.36
C LYS B 171 -10.08 54.62 3.34
N ASP B 172 -10.00 54.16 2.10
CA ASP B 172 -9.28 54.86 1.02
C ASP B 172 -9.61 56.37 0.91
N ASN B 173 -10.84 56.72 1.29
CA ASN B 173 -11.31 58.11 1.43
C ASN B 173 -10.59 58.88 2.53
N HIS B 174 -10.50 58.22 3.69
CA HIS B 174 -9.77 58.75 4.83
C HIS B 174 -8.31 59.08 4.42
N VAL B 175 -7.72 58.20 3.58
CA VAL B 175 -6.31 58.34 3.09
C VAL B 175 -6.12 59.63 2.25
N VAL B 176 -6.98 59.79 1.25
CA VAL B 176 -6.99 61.00 0.41
C VAL B 176 -7.17 62.25 1.28
N ALA B 177 -8.17 62.18 2.16
CA ALA B 177 -8.45 63.24 3.13
C ALA B 177 -7.24 63.66 3.98
N ALA B 178 -6.46 62.69 4.45
CA ALA B 178 -5.26 62.98 5.26
C ALA B 178 -4.12 63.45 4.37
N GLY B 179 -3.93 62.74 3.25
CA GLY B 179 -2.89 63.08 2.27
C GLY B 179 -1.68 62.20 2.44
N GLY B 180 -1.90 60.89 2.26
CA GLY B 180 -0.85 59.88 2.40
C GLY B 180 -1.21 58.91 3.50
N VAL B 181 -1.07 57.62 3.22
CA VAL B 181 -1.33 56.55 4.19
C VAL B 181 -0.56 56.72 5.52
N GLU B 182 0.68 57.22 5.47
CA GLU B 182 1.52 57.35 6.67
C GLU B 182 0.93 58.37 7.62
N LYS B 183 0.61 59.55 7.09
CA LYS B 183 -0.02 60.63 7.86
C LYS B 183 -1.38 60.19 8.43
N ALA B 184 -2.10 59.38 7.66
CA ALA B 184 -3.44 58.87 8.02
C ALA B 184 -3.40 57.95 9.23
N VAL B 185 -2.63 56.87 9.13
CA VAL B 185 -2.58 55.84 10.16
C VAL B 185 -1.90 56.37 11.44
N ARG B 186 -1.01 57.36 11.30
CA ARG B 186 -0.46 58.09 12.46
C ARG B 186 -1.57 58.59 13.38
N ALA B 187 -2.40 59.48 12.84
CA ALA B 187 -3.53 60.05 13.55
C ALA B 187 -4.66 59.04 13.87
N ALA B 188 -4.74 57.93 13.16
CA ALA B 188 -5.70 56.85 13.49
C ALA B 188 -5.28 56.11 14.75
N ARG B 189 -4.01 55.70 14.81
CA ARG B 189 -3.41 55.14 16.03
C ARG B 189 -3.50 56.09 17.23
N GLN B 190 -3.34 57.39 16.96
CA GLN B 190 -3.37 58.38 18.02
C GLN B 190 -4.77 58.47 18.60
N ALA B 191 -5.77 58.43 17.73
CA ALA B 191 -7.19 58.47 18.13
C ALA B 191 -7.63 57.26 18.93
N ALA B 192 -6.96 56.12 18.75
CA ALA B 192 -7.32 54.84 19.37
C ALA B 192 -6.26 54.34 20.32
N ASP B 193 -5.66 55.26 21.07
CA ASP B 193 -4.34 55.07 21.68
C ASP B 193 -4.08 53.79 22.50
N PHE B 194 -5.13 53.17 23.02
CA PHE B 194 -4.99 51.80 23.54
C PHE B 194 -6.23 50.89 23.51
N ALA B 195 -7.44 51.46 23.44
CA ALA B 195 -8.71 50.72 23.61
C ALA B 195 -9.36 50.13 22.33
N LEU B 196 -8.84 50.54 21.18
CA LEU B 196 -9.46 50.27 19.89
C LEU B 196 -8.43 49.79 18.90
N LYS B 197 -8.79 48.77 18.13
CA LYS B 197 -7.94 48.32 17.05
C LYS B 197 -8.05 49.33 15.89
N VAL B 198 -6.98 49.46 15.09
CA VAL B 198 -7.02 50.18 13.79
C VAL B 198 -7.06 49.18 12.63
N GLU B 199 -7.88 49.48 11.61
CA GLU B 199 -7.93 48.69 10.35
C GLU B 199 -7.80 49.65 9.18
N VAL B 200 -7.12 49.21 8.12
CA VAL B 200 -6.85 50.07 6.93
C VAL B 200 -7.24 49.33 5.64
N GLU B 201 -8.13 49.95 4.85
CA GLU B 201 -8.48 49.45 3.51
C GLU B 201 -7.32 49.76 2.60
N CYS B 202 -6.79 48.72 1.96
CA CYS B 202 -5.64 48.85 1.06
C CYS B 202 -5.92 48.23 -0.32
N SER B 203 -5.53 48.96 -1.37
CA SER B 203 -5.70 48.56 -2.78
C SER B 203 -4.47 47.88 -3.39
N SER B 204 -3.28 48.13 -2.83
CA SER B 204 -2.03 47.53 -3.29
C SER B 204 -1.27 46.80 -2.17
N LEU B 205 -0.39 45.90 -2.55
CA LEU B 205 0.59 45.29 -1.64
C LEU B 205 1.46 46.34 -0.96
N GLN B 206 1.79 47.43 -1.66
CA GLN B 206 2.66 48.48 -1.12
C GLN B 206 2.01 49.33 -0.04
N GLU B 207 0.72 49.60 -0.17
CA GLU B 207 -0.04 50.28 0.89
C GLU B 207 -0.07 49.48 2.21
N ALA B 208 -0.31 48.17 2.09
CA ALA B 208 -0.39 47.26 3.25
C ALA B 208 0.89 47.18 4.08
N VAL B 209 2.04 47.26 3.42
CA VAL B 209 3.33 47.26 4.11
C VAL B 209 3.67 48.61 4.76
N GLN B 210 3.25 49.73 4.14
CA GLN B 210 3.29 51.04 4.82
C GLN B 210 2.40 51.09 6.05
N ALA B 211 1.22 50.50 5.89
CA ALA B 211 0.17 50.49 6.89
C ALA B 211 0.68 49.84 8.16
N ALA B 212 1.13 48.59 8.04
CA ALA B 212 1.64 47.81 9.16
C ALA B 212 2.83 48.50 9.87
N GLU B 213 3.71 49.17 9.11
CA GLU B 213 4.81 49.96 9.70
C GLU B 213 4.32 51.05 10.68
N ALA B 214 3.33 51.84 10.27
CA ALA B 214 2.73 52.87 11.14
C ALA B 214 1.82 52.32 12.29
N GLY B 215 1.64 50.99 12.35
CA GLY B 215 1.09 50.31 13.50
C GLY B 215 -0.31 49.74 13.35
N ALA B 216 -0.74 49.47 12.13
CA ALA B 216 -2.12 49.06 11.88
C ALA B 216 -2.43 47.69 12.45
N ASP B 217 -3.39 47.61 13.34
CA ASP B 217 -3.74 46.33 13.95
C ASP B 217 -4.37 45.35 12.93
N LEU B 218 -5.07 45.89 11.92
CA LEU B 218 -5.61 45.09 10.78
C LEU B 218 -5.43 45.73 9.40
N VAL B 219 -5.40 44.86 8.39
CA VAL B 219 -5.28 45.25 6.99
C VAL B 219 -6.40 44.60 6.16
N LEU B 220 -7.19 45.47 5.51
CA LEU B 220 -8.30 45.08 4.67
C LEU B 220 -7.88 45.22 3.21
N LEU B 221 -7.87 44.10 2.49
CA LEU B 221 -7.47 44.07 1.08
C LEU B 221 -8.71 44.24 0.22
N ASP B 222 -8.72 45.34 -0.51
CA ASP B 222 -9.92 45.91 -1.12
C ASP B 222 -9.95 45.67 -2.63
N ASN B 223 -10.91 44.87 -3.07
CA ASN B 223 -11.01 44.43 -4.49
C ASN B 223 -9.71 43.80 -4.98
N PHE B 224 -9.43 42.60 -4.50
CA PHE B 224 -8.28 41.80 -4.95
C PHE B 224 -8.80 40.55 -5.68
N LYS B 225 -8.15 40.25 -6.79
CA LYS B 225 -8.36 39.02 -7.51
C LYS B 225 -7.78 37.88 -6.65
N PRO B 226 -8.46 36.72 -6.56
CA PRO B 226 -7.89 35.53 -5.83
C PRO B 226 -6.45 35.13 -6.21
N GLU B 227 -6.10 35.29 -7.49
CA GLU B 227 -4.70 35.18 -7.95
C GLU B 227 -3.82 36.29 -7.33
N GLU B 228 -4.30 37.54 -7.30
CA GLU B 228 -3.55 38.66 -6.65
C GLU B 228 -3.51 38.62 -5.10
N LEU B 229 -4.44 37.89 -4.49
CA LEU B 229 -4.69 37.96 -3.03
C LEU B 229 -3.71 37.16 -2.18
N HIS B 230 -3.73 35.83 -2.36
CA HIS B 230 -2.95 34.92 -1.50
C HIS B 230 -1.43 34.93 -1.69
N PRO B 231 -0.90 35.57 -2.76
CA PRO B 231 0.52 36.01 -2.76
C PRO B 231 0.80 37.38 -2.10
N THR B 232 -0.15 38.31 -2.15
CA THR B 232 -0.02 39.59 -1.41
C THR B 232 -0.18 39.39 0.12
N ALA B 233 -1.10 38.51 0.52
CA ALA B 233 -1.29 38.11 1.92
C ALA B 233 -0.06 37.43 2.55
N THR B 234 0.58 36.54 1.79
CA THR B 234 1.74 35.77 2.24
C THR B 234 2.94 36.67 2.52
N VAL B 235 3.11 37.71 1.71
CA VAL B 235 4.16 38.72 1.95
C VAL B 235 3.95 39.47 3.29
N LEU B 236 2.69 39.80 3.61
CA LEU B 236 2.38 40.54 4.85
C LEU B 236 2.56 39.66 6.08
N LYS B 237 2.02 38.44 6.05
CA LYS B 237 2.17 37.52 7.18
C LYS B 237 3.64 37.16 7.44
N ALA B 238 4.42 37.04 6.38
CA ALA B 238 5.85 36.78 6.48
C ALA B 238 6.57 37.93 7.20
N GLN B 239 6.41 39.14 6.65
CA GLN B 239 7.11 40.32 7.18
C GLN B 239 6.58 40.81 8.57
N PHE B 240 5.25 40.94 8.72
CA PHE B 240 4.61 41.27 10.02
C PHE B 240 3.63 40.14 10.43
N PRO B 241 4.11 39.09 11.13
CA PRO B 241 3.17 37.99 11.51
C PRO B 241 2.04 38.36 12.49
N SER B 242 2.18 39.49 13.17
CA SER B 242 1.27 39.88 14.24
C SER B 242 0.13 40.82 13.79
N VAL B 243 0.12 41.22 12.52
CA VAL B 243 -1.03 41.96 11.93
C VAL B 243 -2.02 41.02 11.21
N ALA B 244 -3.32 41.29 11.40
CA ALA B 244 -4.38 40.44 10.83
C ALA B 244 -4.81 40.96 9.46
N VAL B 245 -5.30 40.06 8.63
CA VAL B 245 -5.68 40.38 7.27
C VAL B 245 -7.14 39.99 7.04
N GLU B 246 -7.89 40.95 6.49
CA GLU B 246 -9.30 40.79 6.10
C GLU B 246 -9.48 40.97 4.59
N ALA B 247 -10.42 40.21 4.04
CA ALA B 247 -10.66 40.16 2.61
C ALA B 247 -12.01 40.77 2.31
N SER B 248 -12.03 41.79 1.45
CA SER B 248 -13.29 42.49 1.08
C SER B 248 -13.35 43.06 -0.36
N GLY B 249 -14.53 42.86 -0.98
CA GLY B 249 -14.82 43.33 -2.33
C GLY B 249 -15.36 42.17 -3.14
N GLY B 250 -16.60 42.30 -3.63
CA GLY B 250 -17.18 41.35 -4.59
C GLY B 250 -17.47 39.90 -4.16
N ILE B 251 -17.29 39.60 -2.89
CA ILE B 251 -17.25 38.20 -2.45
C ILE B 251 -18.67 37.60 -2.28
N THR B 252 -19.09 36.78 -3.25
CA THR B 252 -20.41 36.12 -3.21
C THR B 252 -20.29 34.72 -2.61
N LEU B 253 -21.42 34.07 -2.36
CA LEU B 253 -21.46 32.67 -1.89
C LEU B 253 -20.80 31.72 -2.87
N ASP B 254 -21.05 31.94 -4.16
CA ASP B 254 -20.59 31.03 -5.21
C ASP B 254 -19.09 31.08 -5.54
N ASN B 255 -18.47 32.25 -5.34
CA ASN B 255 -17.01 32.44 -5.47
C ASN B 255 -16.28 32.63 -4.11
N LEU B 256 -16.90 32.18 -3.01
CA LEU B 256 -16.32 32.36 -1.67
C LEU B 256 -15.08 31.47 -1.54
N PRO B 257 -15.22 30.12 -1.66
CA PRO B 257 -14.03 29.30 -1.45
C PRO B 257 -12.75 29.79 -2.12
N GLN B 258 -12.86 30.53 -3.23
CA GLN B 258 -11.70 31.19 -3.88
C GLN B 258 -11.02 32.31 -3.10
N PHE B 259 -11.69 32.87 -2.10
CA PHE B 259 -11.09 33.88 -1.22
C PHE B 259 -10.54 33.31 0.10
N CYS B 260 -11.04 32.15 0.54
CA CYS B 260 -10.47 31.39 1.65
C CYS B 260 -9.02 31.03 1.31
N GLY B 261 -8.13 31.13 2.30
CA GLY B 261 -6.72 30.80 2.10
C GLY B 261 -5.98 30.38 3.35
N PRO B 262 -4.65 30.45 3.31
CA PRO B 262 -3.89 30.26 4.53
C PRO B 262 -3.77 31.51 5.38
N HIS B 263 -3.69 32.68 4.73
CA HIS B 263 -3.25 33.92 5.38
C HIS B 263 -4.31 35.01 5.32
N ILE B 264 -5.57 34.60 5.20
CA ILE B 264 -6.71 35.48 5.29
C ILE B 264 -7.43 35.13 6.58
N ASP B 265 -7.49 36.08 7.51
CA ASP B 265 -8.07 35.86 8.85
C ASP B 265 -9.59 36.06 8.85
N VAL B 266 -10.01 37.18 8.27
CA VAL B 266 -11.43 37.56 8.13
C VAL B 266 -11.81 37.77 6.66
N ILE B 267 -13.06 37.49 6.31
CA ILE B 267 -13.57 37.79 4.98
C ILE B 267 -14.90 38.51 5.22
N SER B 268 -15.04 39.74 4.69
CA SER B 268 -16.30 40.53 4.85
C SER B 268 -17.11 40.62 3.54
N MET B 269 -18.39 40.29 3.64
CA MET B 269 -19.31 40.16 2.50
C MET B 269 -20.48 41.16 2.64
N GLY B 270 -20.54 42.11 1.69
CA GLY B 270 -21.70 43.00 1.55
C GLY B 270 -23.01 42.23 1.43
N MET B 271 -23.01 41.21 0.58
CA MET B 271 -24.25 40.49 0.20
C MET B 271 -25.02 39.78 1.32
N LEU B 272 -24.45 39.71 2.52
CA LEU B 272 -25.11 39.03 3.65
C LEU B 272 -26.28 39.82 4.23
N THR B 273 -26.12 41.14 4.21
CA THR B 273 -27.14 42.08 4.66
C THR B 273 -27.90 42.76 3.50
N GLN B 274 -27.17 43.14 2.44
CA GLN B 274 -27.69 43.87 1.26
C GLN B 274 -28.42 43.04 0.20
N ALA B 275 -28.29 41.72 0.25
CA ALA B 275 -28.87 40.85 -0.79
C ALA B 275 -29.12 39.45 -0.24
N ALA B 276 -29.81 39.40 0.90
CA ALA B 276 -30.20 38.14 1.53
C ALA B 276 -31.69 38.15 1.48
N PRO B 277 -32.27 37.34 0.60
CA PRO B 277 -33.73 37.27 0.61
C PRO B 277 -34.29 36.84 1.97
N ALA B 278 -35.30 37.58 2.42
CA ALA B 278 -36.02 37.26 3.63
C ALA B 278 -36.66 35.89 3.48
N LEU B 279 -36.94 35.23 4.58
CA LEU B 279 -37.65 33.93 4.56
C LEU B 279 -39.14 34.20 4.57
N ASP B 280 -39.89 33.13 4.34
CA ASP B 280 -41.34 33.12 4.26
C ASP B 280 -41.81 32.48 5.58
N PHE B 281 -42.55 33.27 6.36
CA PHE B 281 -43.24 32.82 7.57
C PHE B 281 -44.71 33.27 7.51
N SER B 282 -45.61 32.49 8.07
CA SER B 282 -47.01 32.91 8.16
C SER B 282 -47.57 32.59 9.55
N LEU B 283 -48.63 33.29 9.92
CA LEU B 283 -49.22 33.17 11.25
C LEU B 283 -50.74 33.00 11.14
N LYS B 284 -51.21 31.81 11.48
CA LYS B 284 -52.62 31.41 11.31
C LYS B 284 -53.26 31.15 12.64
N LEU B 285 -54.23 31.97 13.03
CA LEU B 285 -54.96 31.70 14.27
C LEU B 285 -56.06 30.68 14.03
N PHE B 286 -56.10 29.67 14.91
CA PHE B 286 -57.19 28.67 14.92
C PHE B 286 -58.35 29.08 15.87
N ALA B 287 -58.04 29.87 16.89
CA ALA B 287 -58.91 30.04 18.07
C ALA B 287 -60.23 30.50 17.43
N LYS B 288 -61.30 29.76 17.71
CA LYS B 288 -62.68 30.23 17.49
C LYS B 288 -63.31 29.59 18.76
N GLU B 289 -64.25 30.30 19.40
CA GLU B 289 -64.89 29.83 20.65
C GLU B 289 -66.41 29.82 20.54
N MET C 1 0.00 0.21 4.98
CA MET C 1 1.01 -0.53 4.18
C MET C 1 2.08 0.44 3.68
N ASP C 2 3.33 0.21 4.09
CA ASP C 2 4.46 0.85 3.46
C ASP C 2 4.84 -0.03 2.26
N ALA C 3 4.52 0.45 1.05
CA ALA C 3 4.62 -0.31 -0.20
C ALA C 3 6.04 -0.78 -0.62
N GLU C 4 7.06 -0.07 -0.14
CA GLU C 4 8.46 -0.47 -0.41
C GLU C 4 8.93 -1.72 0.35
N GLY C 5 8.35 -1.95 1.53
CA GLY C 5 8.63 -3.17 2.29
C GLY C 5 7.88 -4.39 1.77
N LEU C 6 6.98 -4.21 0.82
CA LEU C 6 6.21 -5.32 0.25
C LEU C 6 7.09 -6.33 -0.50
N ALA C 7 8.10 -5.85 -1.21
CA ALA C 7 9.09 -6.73 -1.88
C ALA C 7 9.66 -7.87 -1.03
N LEU C 8 9.67 -7.71 0.30
CA LEU C 8 10.13 -8.77 1.22
C LEU C 8 9.23 -10.02 1.19
N LEU C 9 7.96 -9.83 0.80
CA LEU C 9 7.05 -10.94 0.57
C LEU C 9 7.43 -11.89 -0.57
N LEU C 10 8.32 -11.48 -1.45
CA LEU C 10 8.70 -12.32 -2.58
C LEU C 10 9.86 -13.31 -2.29
N PRO C 11 9.53 -14.59 -2.06
CA PRO C 11 10.65 -15.51 -1.85
C PRO C 11 11.55 -15.55 -3.10
N PRO C 12 12.89 -15.41 -2.95
CA PRO C 12 13.74 -15.22 -4.17
C PRO C 12 13.87 -16.44 -5.11
N VAL C 13 13.49 -17.63 -4.66
CA VAL C 13 13.53 -18.83 -5.50
C VAL C 13 12.39 -18.85 -6.52
N THR C 14 11.14 -18.79 -6.04
CA THR C 14 10.00 -18.89 -6.99
C THR C 14 10.03 -17.73 -7.97
N LEU C 15 10.47 -16.56 -7.49
CA LEU C 15 10.71 -15.39 -8.34
C LEU C 15 11.67 -15.68 -9.51
N ALA C 16 12.88 -16.15 -9.19
CA ALA C 16 13.92 -16.39 -10.20
C ALA C 16 13.50 -17.43 -11.24
N ALA C 17 12.84 -18.50 -10.78
CA ALA C 17 12.22 -19.51 -11.67
C ALA C 17 11.12 -18.96 -12.62
N LEU C 18 10.38 -17.99 -12.15
CA LEU C 18 9.26 -17.42 -12.86
C LEU C 18 9.81 -16.54 -13.98
N VAL C 19 10.77 -15.71 -13.60
CA VAL C 19 11.61 -14.95 -14.53
C VAL C 19 12.24 -15.79 -15.66
N ASP C 20 12.86 -16.91 -15.33
CA ASP C 20 13.39 -17.83 -16.31
C ASP C 20 12.31 -18.26 -17.31
N SER C 21 11.15 -18.68 -16.81
CA SER C 21 10.10 -19.20 -17.70
C SER C 21 9.56 -18.13 -18.65
N TRP C 22 9.60 -16.85 -18.23
CA TRP C 22 9.14 -15.73 -19.05
C TRP C 22 10.08 -15.37 -20.23
N LEU C 23 11.38 -15.39 -19.91
CA LEU C 23 12.47 -15.19 -20.87
C LEU C 23 12.56 -16.34 -21.88
N ARG C 24 12.23 -17.56 -21.42
CA ARG C 24 12.23 -18.75 -22.28
C ARG C 24 11.03 -18.75 -23.20
N GLU C 25 9.90 -18.28 -22.68
CA GLU C 25 8.72 -18.05 -23.47
C GLU C 25 9.09 -17.12 -24.60
N ASP C 26 9.73 -15.98 -24.31
CA ASP C 26 10.00 -14.97 -25.34
C ASP C 26 11.20 -15.26 -26.22
N CYS C 27 12.03 -16.23 -25.88
CA CYS C 27 13.20 -16.52 -26.70
C CYS C 27 13.71 -17.94 -26.43
N PRO C 28 12.97 -18.92 -26.94
CA PRO C 28 13.27 -20.33 -26.71
C PRO C 28 14.55 -20.82 -27.40
N GLY C 29 14.93 -20.19 -28.52
CA GLY C 29 16.08 -20.58 -29.31
C GLY C 29 17.13 -19.49 -29.35
N LEU C 30 17.64 -19.21 -30.54
CA LEU C 30 18.66 -18.18 -30.81
C LEU C 30 18.07 -16.78 -30.92
N ASN C 31 18.74 -15.81 -30.30
CA ASN C 31 18.38 -14.40 -30.38
C ASN C 31 19.03 -13.69 -31.59
N TYR C 32 18.36 -13.68 -32.73
CA TYR C 32 18.94 -13.12 -33.96
C TYR C 32 19.20 -11.60 -33.91
N ALA C 33 18.38 -10.87 -33.16
CA ALA C 33 18.53 -9.43 -32.96
C ALA C 33 19.66 -9.02 -32.01
N ALA C 34 20.33 -9.99 -31.41
CA ALA C 34 21.58 -9.73 -30.73
C ALA C 34 22.54 -9.09 -31.69
N LEU C 35 22.63 -9.66 -32.90
CA LEU C 35 23.60 -9.22 -33.91
C LEU C 35 23.36 -7.82 -34.41
N VAL C 36 22.10 -7.38 -34.37
CA VAL C 36 21.76 -6.04 -34.81
C VAL C 36 22.31 -4.95 -33.85
N SER C 37 22.19 -5.17 -32.55
CA SER C 37 22.70 -4.23 -31.57
C SER C 37 24.16 -4.43 -31.18
N GLY C 38 24.69 -5.64 -31.29
CA GLY C 38 25.98 -5.97 -30.65
C GLY C 38 25.86 -5.86 -29.15
N ALA C 39 26.98 -5.98 -28.45
CA ALA C 39 26.99 -6.01 -26.97
C ALA C 39 27.69 -4.82 -26.29
N GLY C 40 27.55 -3.63 -26.89
CA GLY C 40 28.17 -2.43 -26.32
C GLY C 40 27.55 -2.03 -24.98
N PRO C 41 28.38 -1.62 -24.01
CA PRO C 41 27.87 -1.01 -22.79
C PRO C 41 26.90 0.09 -23.11
N SER C 42 25.77 0.10 -22.41
CA SER C 42 24.57 0.84 -22.82
C SER C 42 23.74 1.18 -21.60
N GLN C 43 22.76 2.07 -21.82
CA GLN C 43 21.90 2.56 -20.76
C GLN C 43 20.61 2.98 -21.40
N ALA C 44 19.48 2.51 -20.88
CA ALA C 44 18.18 3.03 -21.33
C ALA C 44 17.42 3.65 -20.18
N ALA C 45 16.47 4.53 -20.52
CA ALA C 45 15.62 5.20 -19.53
C ALA C 45 14.21 4.71 -19.64
N LEU C 46 13.67 4.25 -18.52
CA LEU C 46 12.30 3.84 -18.41
C LEU C 46 11.41 5.07 -18.25
N TRP C 47 10.50 5.29 -19.20
CA TRP C 47 9.53 6.39 -19.14
C TRP C 47 8.15 5.82 -18.84
N ALA C 48 7.48 6.42 -17.84
CA ALA C 48 6.08 6.13 -17.52
C ALA C 48 5.21 7.08 -18.30
N LYS C 49 4.43 6.53 -19.22
CA LYS C 49 3.57 7.35 -20.08
C LYS C 49 2.11 7.31 -19.67
N SER C 50 1.78 6.74 -18.51
CA SER C 50 0.37 6.64 -18.07
C SER C 50 0.22 7.10 -16.65
N PRO C 51 -0.98 7.58 -16.31
CA PRO C 51 -1.30 7.86 -14.93
C PRO C 51 -1.67 6.58 -14.13
N GLY C 52 -1.26 6.56 -12.86
CA GLY C 52 -1.58 5.50 -11.91
C GLY C 52 -0.48 5.27 -10.86
N VAL C 53 -0.35 4.03 -10.43
CA VAL C 53 0.56 3.69 -9.36
C VAL C 53 1.63 2.76 -9.93
N LEU C 54 2.87 3.05 -9.57
CA LEU C 54 4.02 2.27 -9.99
C LEU C 54 4.10 1.03 -9.12
N ALA C 55 4.07 -0.14 -9.75
CA ALA C 55 4.18 -1.43 -9.07
C ALA C 55 4.90 -2.44 -9.97
N GLY C 56 5.75 -3.27 -9.37
CA GLY C 56 6.50 -4.26 -10.13
C GLY C 56 8.02 -4.13 -10.13
N GLN C 57 8.58 -3.15 -9.42
CA GLN C 57 10.04 -3.00 -9.33
C GLN C 57 10.82 -4.32 -9.08
N PRO C 58 10.31 -5.18 -8.18
CA PRO C 58 11.01 -6.44 -7.90
C PRO C 58 11.13 -7.37 -9.07
N PHE C 59 10.05 -7.43 -9.86
CA PHE C 59 10.02 -8.30 -11.00
C PHE C 59 10.88 -7.69 -12.10
N PHE C 60 10.57 -6.47 -12.54
CA PHE C 60 11.46 -5.69 -13.44
C PHE C 60 12.97 -5.89 -13.12
N ASP C 61 13.34 -5.55 -11.89
CA ASP C 61 14.72 -5.76 -11.39
C ASP C 61 15.30 -7.12 -11.65
N ALA C 62 14.50 -8.14 -11.35
CA ALA C 62 14.97 -9.53 -11.30
C ALA C 62 15.12 -10.13 -12.69
N ILE C 63 14.38 -9.58 -13.67
CA ILE C 63 14.47 -9.97 -15.08
C ILE C 63 15.80 -9.46 -15.62
N PHE C 64 16.08 -8.21 -15.34
CA PHE C 64 17.34 -7.62 -15.78
C PHE C 64 18.54 -8.21 -15.06
N THR C 65 18.37 -8.53 -13.79
CA THR C 65 19.44 -9.17 -13.02
C THR C 65 19.90 -10.44 -13.76
N GLN C 66 18.94 -11.23 -14.27
CA GLN C 66 19.23 -12.49 -14.93
C GLN C 66 20.02 -12.31 -16.24
N LEU C 67 19.96 -11.08 -16.78
CA LEU C 67 20.65 -10.70 -18.03
C LEU C 67 21.76 -9.67 -17.79
N ASN C 68 22.48 -9.81 -16.69
CA ASN C 68 23.50 -8.85 -16.26
C ASN C 68 23.22 -7.42 -16.63
N CYS C 69 22.04 -6.96 -16.24
CA CYS C 69 21.71 -5.56 -16.27
C CYS C 69 21.45 -5.11 -14.84
N GLN C 70 21.54 -3.79 -14.62
CA GLN C 70 21.34 -3.17 -13.29
C GLN C 70 20.34 -2.03 -13.46
N VAL C 71 19.46 -1.86 -12.50
CA VAL C 71 18.39 -0.87 -12.61
C VAL C 71 18.66 0.14 -11.50
N SER C 72 18.43 1.42 -11.79
CA SER C 72 18.42 2.46 -10.77
C SER C 72 17.10 3.14 -10.85
N TRP C 73 16.38 3.13 -9.72
CA TRP C 73 15.03 3.69 -9.69
C TRP C 73 15.10 5.12 -9.13
N PHE C 74 14.24 5.97 -9.69
CA PHE C 74 14.07 7.37 -9.32
C PHE C 74 12.75 7.64 -8.63
N LEU C 75 11.84 6.66 -8.61
CA LEU C 75 10.61 6.70 -7.82
C LEU C 75 10.57 5.51 -6.91
N PRO C 76 9.92 5.64 -5.74
CA PRO C 76 9.80 4.48 -4.87
C PRO C 76 8.67 3.55 -5.33
N GLU C 77 8.77 2.28 -4.96
CA GLU C 77 7.72 1.34 -5.31
C GLU C 77 6.40 1.85 -4.72
N GLY C 78 5.34 1.83 -5.51
CA GLY C 78 4.03 2.30 -5.05
C GLY C 78 3.72 3.79 -5.22
N SER C 79 4.68 4.58 -5.73
CA SER C 79 4.45 6.03 -5.88
C SER C 79 3.53 6.39 -7.06
N LYS C 80 2.94 7.60 -6.98
CA LYS C 80 2.00 8.11 -7.99
C LYS C 80 2.77 8.48 -9.25
N LEU C 81 2.22 8.12 -10.41
CA LEU C 81 2.84 8.30 -11.73
C LEU C 81 2.16 9.39 -12.46
N VAL C 82 2.85 10.51 -12.71
CA VAL C 82 2.28 11.64 -13.46
C VAL C 82 2.92 11.61 -14.88
N PRO C 83 2.10 11.47 -15.95
CA PRO C 83 2.69 11.10 -17.22
C PRO C 83 3.84 11.94 -17.78
N VAL C 84 4.48 11.32 -18.78
CA VAL C 84 5.86 11.56 -19.27
C VAL C 84 6.92 11.79 -18.18
N ALA C 85 7.01 10.82 -17.27
CA ALA C 85 7.99 10.79 -16.16
C ALA C 85 9.10 9.80 -16.47
N ARG C 86 10.32 10.16 -16.09
CA ARG C 86 11.46 9.27 -16.15
C ARG C 86 11.59 8.57 -14.78
N VAL C 87 11.25 7.28 -14.73
CA VAL C 87 11.20 6.55 -13.44
C VAL C 87 12.46 5.76 -13.12
N ALA C 88 13.18 5.32 -14.14
CA ALA C 88 14.41 4.62 -13.92
C ALA C 88 15.41 4.68 -15.11
N GLU C 89 16.57 4.12 -14.85
CA GLU C 89 17.61 3.97 -15.81
C GLU C 89 18.09 2.51 -15.66
N VAL C 90 18.07 1.77 -16.77
CA VAL C 90 18.58 0.41 -16.80
C VAL C 90 19.90 0.49 -17.53
N ARG C 91 20.96 -0.09 -16.97
CA ARG C 91 22.31 -0.15 -17.59
C ARG C 91 22.77 -1.60 -17.84
N GLY C 92 23.29 -1.88 -19.03
CA GLY C 92 24.02 -3.16 -19.33
C GLY C 92 24.36 -3.34 -20.82
N PRO C 93 24.91 -4.52 -21.19
CA PRO C 93 25.16 -4.84 -22.61
C PRO C 93 23.90 -4.62 -23.46
N ALA C 94 24.04 -4.02 -24.64
CA ALA C 94 22.91 -3.63 -25.48
C ALA C 94 21.96 -4.78 -25.76
N HIS C 95 22.54 -5.89 -26.21
CA HIS C 95 21.75 -7.07 -26.57
C HIS C 95 20.93 -7.65 -25.43
N CYS C 96 21.56 -7.72 -24.26
CA CYS C 96 20.92 -8.13 -23.03
C CYS C 96 19.77 -7.17 -22.67
N LEU C 97 20.08 -5.85 -22.60
CA LEU C 97 19.07 -4.82 -22.35
C LEU C 97 17.85 -4.95 -23.26
N LEU C 98 18.12 -5.16 -24.54
CA LEU C 98 17.08 -5.27 -25.54
C LEU C 98 16.30 -6.58 -25.46
N LEU C 99 16.95 -7.66 -25.03
CA LEU C 99 16.26 -8.93 -24.79
C LEU C 99 15.25 -8.84 -23.64
N GLY C 100 15.70 -8.34 -22.50
CA GLY C 100 14.81 -8.16 -21.36
C GLY C 100 13.68 -7.17 -21.56
N GLU C 101 13.83 -6.21 -22.47
CA GLU C 101 12.95 -5.03 -22.57
C GLU C 101 11.44 -5.37 -22.56
N ARG C 102 10.93 -6.07 -23.57
CA ARG C 102 9.47 -6.32 -23.68
C ARG C 102 8.88 -7.09 -22.51
N VAL C 103 9.58 -8.11 -22.06
CA VAL C 103 9.16 -8.90 -20.91
C VAL C 103 9.12 -8.04 -19.64
N ALA C 104 10.19 -7.32 -19.35
CA ALA C 104 10.23 -6.41 -18.18
C ALA C 104 9.14 -5.36 -18.25
N LEU C 105 8.97 -4.74 -19.40
CA LEU C 105 7.89 -3.77 -19.59
C LEU C 105 6.48 -4.39 -19.45
N ASN C 106 6.30 -5.60 -19.94
CA ASN C 106 5.00 -6.25 -19.88
C ASN C 106 4.63 -6.59 -18.47
N THR C 107 5.63 -7.00 -17.69
CA THR C 107 5.47 -7.23 -16.26
C THR C 107 5.12 -5.97 -15.51
N LEU C 108 5.92 -4.93 -15.66
CA LEU C 108 5.61 -3.66 -15.00
C LEU C 108 4.28 -3.06 -15.45
N ALA C 109 3.89 -3.31 -16.69
CA ALA C 109 2.63 -2.79 -17.20
C ALA C 109 1.40 -3.36 -16.45
N ARG C 110 1.25 -4.70 -16.31
CA ARG C 110 0.04 -5.27 -15.60
C ARG C 110 0.11 -4.97 -14.08
N CYS C 111 1.28 -5.16 -13.50
CA CYS C 111 1.42 -5.02 -12.07
C CYS C 111 1.00 -3.60 -11.67
N SER C 112 1.45 -2.62 -12.45
CA SER C 112 1.08 -1.22 -12.24
C SER C 112 -0.39 -0.98 -12.61
N GLY C 113 -0.79 -1.53 -13.75
CA GLY C 113 -2.18 -1.47 -14.19
C GLY C 113 -3.16 -1.93 -13.12
N ILE C 114 -2.81 -3.00 -12.43
CA ILE C 114 -3.63 -3.57 -11.34
C ILE C 114 -3.60 -2.68 -10.09
N ALA C 115 -2.41 -2.35 -9.61
CA ALA C 115 -2.24 -1.40 -8.51
C ALA C 115 -3.04 -0.09 -8.70
N SER C 116 -2.97 0.46 -9.90
CA SER C 116 -3.69 1.68 -10.25
C SER C 116 -5.18 1.52 -9.94
N ALA C 117 -5.80 0.45 -10.45
CA ALA C 117 -7.22 0.14 -10.16
C ALA C 117 -7.51 -0.08 -8.66
N ALA C 118 -6.64 -0.81 -7.97
CA ALA C 118 -6.75 -1.01 -6.50
C ALA C 118 -6.74 0.30 -5.77
N ALA C 119 -5.71 1.11 -6.00
CA ALA C 119 -5.64 2.47 -5.43
C ALA C 119 -6.91 3.29 -5.65
N ALA C 120 -7.45 3.24 -6.86
CA ALA C 120 -8.68 3.94 -7.21
C ALA C 120 -9.89 3.40 -6.44
N ALA C 121 -9.98 2.08 -6.31
CA ALA C 121 -11.05 1.45 -5.51
C ALA C 121 -10.95 1.79 -4.02
N VAL C 122 -9.73 1.78 -3.47
CA VAL C 122 -9.46 2.16 -2.10
C VAL C 122 -9.81 3.63 -1.86
N GLU C 123 -9.38 4.49 -2.77
CA GLU C 123 -9.71 5.90 -2.72
C GLU C 123 -11.22 6.17 -2.71
N ALA C 124 -12.01 5.48 -3.53
CA ALA C 124 -13.47 5.66 -3.51
C ALA C 124 -14.11 5.19 -2.21
N ALA C 125 -13.50 4.21 -1.55
CA ALA C 125 -14.00 3.66 -0.28
C ALA C 125 -13.63 4.54 0.90
N ARG C 126 -12.38 4.96 0.98
CA ARG C 126 -11.99 5.99 1.97
C ARG C 126 -12.91 7.23 1.78
N GLY C 127 -13.01 7.69 0.54
CA GLY C 127 -13.92 8.77 0.12
C GLY C 127 -15.38 8.67 0.55
N ALA C 128 -15.92 7.46 0.67
CA ALA C 128 -17.25 7.23 1.29
C ALA C 128 -17.17 6.82 2.78
N GLY C 129 -16.16 7.36 3.48
CA GLY C 129 -15.89 7.08 4.90
C GLY C 129 -15.90 5.62 5.35
N TRP C 130 -15.54 4.70 4.46
CA TRP C 130 -15.48 3.29 4.78
C TRP C 130 -14.11 2.96 5.42
N THR C 131 -14.14 2.31 6.58
CA THR C 131 -12.93 1.82 7.24
C THR C 131 -12.61 0.33 6.92
N GLY C 132 -13.34 -0.28 5.99
CA GLY C 132 -13.11 -1.69 5.65
C GLY C 132 -11.93 -1.94 4.74
N HIS C 133 -11.89 -3.14 4.14
CA HIS C 133 -10.81 -3.56 3.23
C HIS C 133 -11.28 -3.89 1.82
N VAL C 134 -10.62 -3.28 0.86
CA VAL C 134 -10.90 -3.59 -0.54
C VAL C 134 -10.03 -4.80 -0.83
N ALA C 135 -10.53 -5.75 -1.62
CA ALA C 135 -9.84 -7.04 -1.80
C ALA C 135 -9.87 -7.56 -3.20
N GLY C 136 -8.84 -8.31 -3.52
CA GLY C 136 -8.82 -9.08 -4.76
C GLY C 136 -9.61 -10.37 -4.67
N THR C 137 -9.34 -11.26 -5.63
CA THR C 137 -10.04 -12.52 -5.77
C THR C 137 -9.03 -13.52 -6.33
N ARG C 138 -9.47 -14.74 -6.60
CA ARG C 138 -8.65 -15.68 -7.35
C ARG C 138 -8.91 -15.57 -8.86
N LYS C 139 -9.59 -14.52 -9.29
CA LYS C 139 -9.76 -14.26 -10.71
C LYS C 139 -8.49 -13.60 -11.28
N THR C 140 -7.46 -14.43 -11.42
CA THR C 140 -6.13 -13.97 -11.82
C THR C 140 -5.72 -14.74 -13.08
N THR C 141 -4.78 -14.17 -13.84
CA THR C 141 -4.22 -14.83 -15.00
C THR C 141 -3.47 -16.03 -14.49
N PRO C 142 -3.70 -17.18 -15.11
CA PRO C 142 -2.91 -18.37 -14.84
C PRO C 142 -1.40 -18.15 -14.98
N GLY C 143 -0.66 -18.63 -14.01
CA GLY C 143 0.79 -18.44 -14.04
C GLY C 143 1.34 -17.09 -13.65
N PHE C 144 0.48 -16.09 -13.50
CA PHE C 144 0.90 -14.74 -13.19
C PHE C 144 0.46 -14.27 -11.81
N ARG C 145 -0.19 -15.16 -11.05
CA ARG C 145 -0.80 -14.77 -9.78
C ARG C 145 0.10 -14.00 -8.82
N LEU C 146 1.37 -14.35 -8.75
CA LEU C 146 2.30 -13.69 -7.84
C LEU C 146 2.42 -12.21 -8.14
N VAL C 147 2.42 -11.86 -9.41
CA VAL C 147 2.57 -10.49 -9.81
C VAL C 147 1.28 -9.74 -9.52
N GLU C 148 0.15 -10.35 -9.83
CA GLU C 148 -1.16 -9.72 -9.67
C GLU C 148 -1.54 -9.51 -8.22
N LYS C 149 -1.22 -10.50 -7.38
CA LYS C 149 -1.56 -10.40 -5.97
C LYS C 149 -0.67 -9.36 -5.30
N TYR C 150 0.62 -9.36 -5.63
CA TYR C 150 1.53 -8.26 -5.23
C TYR C 150 1.04 -6.89 -5.72
N GLY C 151 0.55 -6.83 -6.96
CA GLY C 151 0.00 -5.61 -7.53
C GLY C 151 -1.11 -5.00 -6.70
N LEU C 152 -2.02 -5.84 -6.22
CA LEU C 152 -3.15 -5.39 -5.43
C LEU C 152 -2.63 -4.77 -4.13
N LEU C 153 -1.72 -5.47 -3.47
CA LEU C 153 -1.11 -5.00 -2.22
C LEU C 153 -0.46 -3.62 -2.36
N VAL C 154 0.33 -3.44 -3.42
CA VAL C 154 1.05 -2.19 -3.71
C VAL C 154 0.08 -1.01 -3.96
N GLY C 155 -1.10 -1.30 -4.47
CA GLY C 155 -2.15 -0.28 -4.67
C GLY C 155 -3.03 -0.07 -3.46
N GLY C 156 -2.80 -0.87 -2.43
CA GLY C 156 -3.43 -0.70 -1.12
C GLY C 156 -4.64 -1.58 -0.89
N ALA C 157 -4.87 -2.56 -1.76
CA ALA C 157 -5.90 -3.58 -1.57
C ALA C 157 -5.35 -4.73 -0.78
N ALA C 158 -6.25 -5.59 -0.32
CA ALA C 158 -5.90 -6.83 0.34
C ALA C 158 -5.88 -7.88 -0.76
N SER C 159 -4.99 -8.86 -0.64
CA SER C 159 -4.88 -9.87 -1.67
C SER C 159 -5.96 -10.98 -1.59
N HIS C 160 -6.73 -10.99 -0.49
CA HIS C 160 -7.61 -12.11 -0.13
C HIS C 160 -6.67 -13.29 -0.04
N ARG C 161 -7.19 -14.52 -0.04
CA ARG C 161 -6.35 -15.71 0.02
C ARG C 161 -5.60 -15.77 -1.30
N TYR C 162 -4.32 -16.11 -1.22
CA TYR C 162 -3.49 -16.30 -2.38
C TYR C 162 -3.87 -17.58 -3.15
N ASP C 163 -4.24 -18.57 -2.36
CA ASP C 163 -3.69 -19.87 -2.52
C ASP C 163 -4.71 -20.90 -2.86
N LEU C 164 -5.78 -21.05 -2.07
CA LEU C 164 -6.68 -22.27 -2.08
C LEU C 164 -6.19 -23.37 -1.11
N GLY C 165 -5.05 -23.19 -0.46
CA GLY C 165 -4.67 -23.99 0.70
C GLY C 165 -4.51 -23.08 1.90
N GLY C 166 -4.58 -21.78 1.61
CA GLY C 166 -5.02 -20.73 2.51
C GLY C 166 -6.38 -20.91 3.12
N LEU C 167 -7.10 -19.83 3.26
CA LEU C 167 -8.50 -19.89 3.73
C LEU C 167 -9.37 -20.95 3.01
N VAL C 168 -10.26 -21.64 3.77
CA VAL C 168 -11.21 -22.64 3.19
C VAL C 168 -12.49 -21.97 2.82
N MET C 169 -12.82 -21.99 1.54
CA MET C 169 -13.93 -21.21 1.02
C MET C 169 -15.01 -22.12 0.49
N VAL C 170 -16.16 -22.11 1.16
CA VAL C 170 -17.36 -22.84 0.76
C VAL C 170 -18.22 -21.95 -0.14
N LYS C 171 -18.46 -22.42 -1.35
CA LYS C 171 -19.12 -21.65 -2.39
C LYS C 171 -20.46 -22.30 -2.76
N ASP C 172 -21.23 -21.60 -3.58
CA ASP C 172 -22.51 -22.08 -4.08
C ASP C 172 -22.47 -23.56 -4.48
N ASN C 173 -21.40 -23.99 -5.18
CA ASN C 173 -21.26 -25.37 -5.68
C ASN C 173 -20.92 -26.37 -4.58
N HIS C 174 -20.07 -25.96 -3.66
CA HIS C 174 -19.76 -26.78 -2.50
C HIS C 174 -21.04 -27.09 -1.75
N VAL C 175 -21.80 -26.04 -1.42
CA VAL C 175 -23.10 -26.19 -0.73
C VAL C 175 -24.00 -27.19 -1.43
N VAL C 176 -24.10 -27.07 -2.75
CA VAL C 176 -24.85 -28.03 -3.56
C VAL C 176 -24.26 -29.44 -3.34
N ALA C 177 -23.01 -29.62 -3.77
CA ALA C 177 -22.31 -30.93 -3.70
C ALA C 177 -22.45 -31.61 -2.35
N ALA C 178 -22.28 -30.83 -1.29
CA ALA C 178 -22.36 -31.30 0.10
C ALA C 178 -23.73 -31.87 0.35
N GLY C 179 -24.76 -31.09 0.02
CA GLY C 179 -26.15 -31.43 0.22
C GLY C 179 -26.89 -30.54 1.20
N GLY C 180 -26.52 -29.26 1.29
CA GLY C 180 -27.10 -28.30 2.25
C GLY C 180 -26.01 -27.42 2.81
N VAL C 181 -26.33 -26.18 3.14
CA VAL C 181 -25.35 -25.27 3.78
C VAL C 181 -24.87 -25.76 5.15
N GLU C 182 -25.76 -26.38 5.92
CA GLU C 182 -25.43 -26.79 7.28
C GLU C 182 -24.40 -27.91 7.23
N LYS C 183 -24.70 -28.92 6.43
CA LYS C 183 -23.87 -30.11 6.28
C LYS C 183 -22.47 -29.77 5.70
N ALA C 184 -22.42 -28.79 4.79
CA ALA C 184 -21.18 -28.31 4.15
C ALA C 184 -20.23 -27.57 5.09
N VAL C 185 -20.74 -26.61 5.87
CA VAL C 185 -19.92 -25.84 6.81
C VAL C 185 -19.38 -26.68 7.98
N ARG C 186 -20.16 -27.66 8.43
CA ARG C 186 -19.67 -28.69 9.36
C ARG C 186 -18.39 -29.34 8.82
N ALA C 187 -18.45 -29.79 7.57
CA ALA C 187 -17.34 -30.45 6.90
C ALA C 187 -16.14 -29.51 6.63
N ALA C 188 -16.44 -28.25 6.30
CA ALA C 188 -15.40 -27.22 6.15
C ALA C 188 -14.68 -27.01 7.45
N ARG C 189 -15.40 -26.71 8.52
CA ARG C 189 -14.74 -26.43 9.79
C ARG C 189 -13.85 -27.56 10.25
N GLN C 190 -14.30 -28.79 10.01
CA GLN C 190 -13.53 -29.99 10.40
C GLN C 190 -12.21 -30.10 9.67
N ALA C 191 -12.22 -29.76 8.40
CA ALA C 191 -11.04 -29.75 7.56
C ALA C 191 -10.10 -28.61 7.95
N ALA C 192 -10.69 -27.46 8.26
CA ALA C 192 -9.97 -26.23 8.60
C ALA C 192 -9.29 -26.38 9.94
N ASP C 193 -10.03 -26.92 10.88
CA ASP C 193 -9.55 -27.11 12.22
C ASP C 193 -9.24 -25.74 12.91
N PHE C 194 -8.18 -25.67 13.71
CA PHE C 194 -7.72 -24.48 14.38
C PHE C 194 -6.92 -23.61 13.41
N ALA C 195 -6.28 -24.20 12.40
CA ALA C 195 -5.30 -23.47 11.57
C ALA C 195 -5.85 -22.49 10.52
N LEU C 196 -7.06 -22.76 10.03
CA LEU C 196 -7.64 -22.00 8.90
C LEU C 196 -9.01 -21.43 9.20
N LYS C 197 -9.29 -20.32 8.54
CA LYS C 197 -10.61 -19.71 8.55
C LYS C 197 -11.53 -20.35 7.49
N VAL C 198 -12.82 -20.42 7.80
CA VAL C 198 -13.79 -20.92 6.89
C VAL C 198 -14.61 -19.72 6.50
N GLU C 199 -14.74 -19.49 5.21
CA GLU C 199 -15.59 -18.44 4.68
C GLU C 199 -16.68 -19.13 3.91
N VAL C 200 -17.90 -18.57 3.93
CA VAL C 200 -19.04 -19.15 3.20
C VAL C 200 -19.79 -18.12 2.34
N GLU C 201 -20.02 -18.49 1.07
CA GLU C 201 -20.84 -17.71 0.13
C GLU C 201 -22.27 -18.01 0.46
N CYS C 202 -23.11 -16.96 0.45
CA CYS C 202 -24.55 -17.07 0.83
C CYS C 202 -25.42 -16.16 0.00
N SER C 203 -26.46 -16.70 -0.64
CA SER C 203 -27.35 -15.90 -1.52
C SER C 203 -28.52 -15.19 -0.81
N SER C 204 -28.76 -15.54 0.46
CA SER C 204 -29.80 -14.93 1.28
C SER C 204 -29.37 -14.73 2.73
N LEU C 205 -30.16 -13.98 3.47
CA LEU C 205 -29.94 -13.80 4.90
C LEU C 205 -30.12 -15.12 5.65
N GLN C 206 -31.05 -15.94 5.21
CA GLN C 206 -31.31 -17.19 5.91
C GLN C 206 -30.08 -18.09 5.85
N GLU C 207 -29.49 -18.17 4.66
CA GLU C 207 -28.33 -19.01 4.39
C GLU C 207 -27.11 -18.53 5.17
N ALA C 208 -27.05 -17.22 5.37
CA ALA C 208 -26.01 -16.59 6.17
C ALA C 208 -26.11 -16.91 7.66
N VAL C 209 -27.34 -16.97 8.17
CA VAL C 209 -27.53 -17.27 9.57
C VAL C 209 -27.15 -18.74 9.78
N GLN C 210 -27.71 -19.63 8.95
CA GLN C 210 -27.38 -21.08 9.02
C GLN C 210 -25.87 -21.29 9.11
N ALA C 211 -25.17 -20.49 8.29
CA ALA C 211 -23.73 -20.49 8.15
C ALA C 211 -23.02 -19.98 9.39
N ALA C 212 -23.36 -18.76 9.80
CA ALA C 212 -22.80 -18.23 11.04
C ALA C 212 -22.97 -19.28 12.18
N GLU C 213 -24.18 -19.82 12.31
CA GLU C 213 -24.50 -20.85 13.31
C GLU C 213 -23.63 -22.12 13.21
N ALA C 214 -23.29 -22.58 12.01
CA ALA C 214 -22.39 -23.75 11.83
C ALA C 214 -20.89 -23.45 12.11
N GLY C 215 -20.60 -22.18 12.42
CA GLY C 215 -19.28 -21.74 12.89
C GLY C 215 -18.43 -21.08 11.81
N ALA C 216 -19.03 -20.26 10.96
CA ALA C 216 -18.30 -19.58 9.89
C ALA C 216 -17.56 -18.38 10.45
N ASP C 217 -16.36 -18.13 9.94
CA ASP C 217 -15.57 -16.96 10.29
C ASP C 217 -15.96 -15.78 9.44
N LEU C 218 -16.26 -16.05 8.17
CA LEU C 218 -16.65 -15.02 7.22
C LEU C 218 -17.85 -15.43 6.41
N VAL C 219 -18.80 -14.51 6.31
CA VAL C 219 -19.96 -14.72 5.48
C VAL C 219 -19.76 -13.81 4.30
N LEU C 220 -19.86 -14.39 3.09
CA LEU C 220 -19.75 -13.65 1.83
C LEU C 220 -21.14 -13.57 1.21
N LEU C 221 -21.59 -12.33 1.02
CA LEU C 221 -22.92 -12.01 0.52
C LEU C 221 -22.88 -11.74 -0.99
N ASP C 222 -23.19 -12.81 -1.71
CA ASP C 222 -22.97 -12.91 -3.12
C ASP C 222 -24.09 -12.32 -3.98
N ASN C 223 -23.76 -11.24 -4.70
CA ASN C 223 -24.62 -10.56 -5.69
C ASN C 223 -25.85 -9.89 -5.12
N PHE C 224 -25.77 -9.43 -3.88
CA PHE C 224 -26.90 -8.72 -3.30
C PHE C 224 -26.93 -7.35 -3.94
N LYS C 225 -28.14 -6.80 -4.11
CA LYS C 225 -28.28 -5.39 -4.38
C LYS C 225 -27.85 -4.63 -3.10
N PRO C 226 -27.36 -3.38 -3.23
CA PRO C 226 -27.01 -2.60 -2.04
C PRO C 226 -28.16 -2.38 -1.04
N GLU C 227 -29.35 -2.07 -1.55
CA GLU C 227 -30.57 -1.97 -0.71
C GLU C 227 -30.88 -3.23 0.16
N GLU C 228 -30.54 -4.42 -0.32
CA GLU C 228 -30.73 -5.73 0.41
C GLU C 228 -29.52 -6.15 1.25
N LEU C 229 -28.32 -5.84 0.75
CA LEU C 229 -27.07 -6.10 1.44
C LEU C 229 -27.05 -5.54 2.87
N HIS C 230 -27.27 -4.24 2.99
CA HIS C 230 -27.04 -3.55 4.27
C HIS C 230 -27.99 -3.94 5.41
N PRO C 231 -29.31 -4.02 5.13
CA PRO C 231 -30.19 -4.67 6.12
C PRO C 231 -29.68 -6.03 6.61
N THR C 232 -29.37 -6.93 5.67
CA THR C 232 -28.84 -8.28 5.94
C THR C 232 -27.53 -8.26 6.71
N ALA C 233 -26.63 -7.38 6.32
CA ALA C 233 -25.41 -7.19 7.05
C ALA C 233 -25.71 -6.82 8.49
N THR C 234 -26.49 -5.75 8.68
CA THR C 234 -26.86 -5.23 10.03
C THR C 234 -27.42 -6.30 10.97
N VAL C 235 -28.22 -7.21 10.41
CA VAL C 235 -28.79 -8.37 11.12
C VAL C 235 -27.71 -9.35 11.61
N LEU C 236 -26.91 -9.89 10.69
CA LEU C 236 -25.76 -10.76 11.03
C LEU C 236 -24.88 -10.15 12.11
N LYS C 237 -24.58 -8.85 11.98
CA LYS C 237 -23.67 -8.16 12.90
C LYS C 237 -24.24 -7.95 14.32
N ALA C 238 -25.57 -7.82 14.41
CA ALA C 238 -26.27 -7.68 15.68
C ALA C 238 -26.33 -9.05 16.38
N GLN C 239 -26.63 -10.08 15.59
CA GLN C 239 -26.79 -11.46 16.07
C GLN C 239 -25.51 -12.34 16.18
N PHE C 240 -24.48 -12.10 15.38
CA PHE C 240 -23.18 -12.79 15.47
C PHE C 240 -22.06 -11.75 15.38
N PRO C 241 -21.84 -10.98 16.45
CA PRO C 241 -20.86 -9.87 16.37
C PRO C 241 -19.42 -10.25 15.93
N SER C 242 -18.99 -11.49 16.17
CA SER C 242 -17.60 -11.92 15.88
C SER C 242 -17.36 -12.49 14.46
N VAL C 243 -18.42 -12.57 13.65
CA VAL C 243 -18.32 -13.02 12.26
C VAL C 243 -18.09 -11.81 11.32
N ALA C 244 -17.14 -11.95 10.39
CA ALA C 244 -16.82 -10.89 9.40
C ALA C 244 -17.71 -11.01 8.17
N VAL C 245 -18.17 -9.88 7.64
CA VAL C 245 -18.99 -9.89 6.43
C VAL C 245 -18.23 -9.40 5.19
N GLU C 246 -18.37 -10.17 4.10
CA GLU C 246 -17.83 -9.82 2.78
C GLU C 246 -18.94 -9.60 1.75
N ALA C 247 -18.90 -8.48 1.05
CA ALA C 247 -19.76 -8.28 -0.10
C ALA C 247 -18.95 -8.55 -1.36
N SER C 248 -19.60 -9.15 -2.35
CA SER C 248 -18.90 -9.50 -3.60
C SER C 248 -19.87 -9.79 -4.75
N GLY C 249 -19.47 -9.33 -5.94
CA GLY C 249 -20.18 -9.68 -7.18
C GLY C 249 -20.86 -8.47 -7.76
N GLY C 250 -20.53 -8.16 -9.01
CA GLY C 250 -21.08 -7.02 -9.71
C GLY C 250 -20.48 -5.69 -9.31
N ILE C 251 -19.48 -5.71 -8.44
CA ILE C 251 -18.94 -4.46 -7.87
C ILE C 251 -17.93 -3.77 -8.81
N THR C 252 -18.05 -2.47 -8.94
CA THR C 252 -17.26 -1.68 -9.89
C THR C 252 -16.70 -0.49 -9.16
N LEU C 253 -15.83 0.26 -9.83
CA LEU C 253 -15.28 1.52 -9.29
C LEU C 253 -16.38 2.54 -9.06
N ASP C 254 -17.27 2.62 -10.06
CA ASP C 254 -18.36 3.58 -10.05
C ASP C 254 -19.36 3.30 -8.93
N ASN C 255 -19.80 2.04 -8.79
CA ASN C 255 -20.80 1.65 -7.75
C ASN C 255 -20.28 1.21 -6.35
N LEU C 256 -18.97 1.14 -6.20
CA LEU C 256 -18.38 0.68 -4.93
C LEU C 256 -18.89 1.44 -3.70
N PRO C 257 -19.05 2.80 -3.81
CA PRO C 257 -19.56 3.55 -2.66
C PRO C 257 -20.90 3.06 -2.12
N GLN C 258 -21.83 2.66 -3.00
CA GLN C 258 -23.13 2.11 -2.56
C GLN C 258 -23.00 0.79 -1.76
N PHE C 259 -21.92 0.04 -1.99
CA PHE C 259 -21.62 -1.19 -1.27
C PHE C 259 -20.90 -1.00 0.06
N CYS C 260 -20.20 0.12 0.24
CA CYS C 260 -19.60 0.48 1.53
C CYS C 260 -20.74 0.67 2.55
N GLY C 261 -20.58 0.11 3.74
CA GLY C 261 -21.51 0.31 4.85
C GLY C 261 -20.73 0.22 6.12
N PRO C 262 -21.39 0.41 7.28
CA PRO C 262 -20.67 0.22 8.57
C PRO C 262 -20.58 -1.26 9.02
N HIS C 263 -21.30 -2.15 8.34
CA HIS C 263 -21.31 -3.57 8.68
C HIS C 263 -20.75 -4.51 7.59
N ILE C 264 -20.11 -3.92 6.57
CA ILE C 264 -19.30 -4.69 5.60
C ILE C 264 -17.82 -4.55 5.96
N ASP C 265 -17.14 -5.68 6.18
CA ASP C 265 -15.70 -5.68 6.53
C ASP C 265 -14.80 -5.79 5.30
N VAL C 266 -15.27 -6.54 4.29
CA VAL C 266 -14.49 -6.83 3.08
C VAL C 266 -15.37 -6.65 1.85
N ILE C 267 -14.82 -6.02 0.83
CA ILE C 267 -15.47 -5.95 -0.48
C ILE C 267 -14.45 -6.43 -1.48
N SER C 268 -14.80 -7.47 -2.23
CA SER C 268 -13.91 -8.01 -3.26
C SER C 268 -14.46 -7.72 -4.64
N MET C 269 -13.55 -7.42 -5.57
CA MET C 269 -13.93 -7.02 -6.92
C MET C 269 -13.09 -7.78 -7.94
N GLY C 270 -13.75 -8.57 -8.78
CA GLY C 270 -13.07 -9.29 -9.85
C GLY C 270 -12.40 -8.40 -10.89
N MET C 271 -12.99 -7.23 -11.12
CA MET C 271 -12.50 -6.27 -12.08
C MET C 271 -11.07 -5.82 -11.86
N LEU C 272 -10.64 -5.78 -10.60
CA LEU C 272 -9.30 -5.29 -10.26
C LEU C 272 -8.17 -6.07 -10.90
N THR C 273 -8.41 -7.33 -11.19
CA THR C 273 -7.50 -8.17 -11.97
C THR C 273 -7.98 -8.43 -13.42
N GLN C 274 -9.30 -8.66 -13.60
CA GLN C 274 -9.90 -9.05 -14.88
C GLN C 274 -10.13 -7.93 -15.87
N ALA C 275 -9.91 -6.68 -15.47
CA ALA C 275 -10.34 -5.52 -16.30
C ALA C 275 -9.63 -4.22 -15.91
N ALA C 276 -8.31 -4.29 -15.80
CA ALA C 276 -7.53 -3.17 -15.30
C ALA C 276 -6.55 -2.92 -16.38
N PRO C 277 -6.76 -1.87 -17.19
CA PRO C 277 -5.88 -1.81 -18.32
C PRO C 277 -4.44 -1.61 -17.88
N ALA C 278 -3.51 -2.25 -18.60
CA ALA C 278 -2.08 -2.16 -18.31
C ALA C 278 -1.61 -0.75 -18.58
N LEU C 279 -0.66 -0.27 -17.78
CA LEU C 279 -0.10 1.07 -18.00
C LEU C 279 0.84 1.03 -19.17
N ASP C 280 1.03 2.19 -19.81
CA ASP C 280 1.96 2.41 -20.92
C ASP C 280 3.30 2.78 -20.32
N PHE C 281 4.32 1.98 -20.63
CA PHE C 281 5.71 2.28 -20.29
C PHE C 281 6.53 2.08 -21.55
N SER C 282 7.78 2.54 -21.51
CA SER C 282 8.71 2.25 -22.59
C SER C 282 10.11 2.47 -22.12
N LEU C 283 11.05 1.90 -22.87
CA LEU C 283 12.46 1.86 -22.50
C LEU C 283 13.30 2.21 -23.74
N LYS C 284 13.92 3.40 -23.72
CA LYS C 284 14.68 3.92 -24.88
C LYS C 284 16.14 4.18 -24.55
N LEU C 285 17.04 3.56 -25.34
CA LEU C 285 18.48 3.76 -25.20
C LEU C 285 18.84 5.19 -25.46
N PHE C 286 19.67 5.77 -24.59
CA PHE C 286 20.26 7.09 -24.83
C PHE C 286 21.77 6.96 -25.01
N ALA C 287 22.39 8.04 -25.50
CA ALA C 287 23.85 8.21 -25.57
C ALA C 287 24.34 8.90 -24.26
N LYS C 288 25.57 8.60 -23.85
CA LYS C 288 26.19 9.04 -22.56
C LYS C 288 27.39 9.96 -22.85
N GLU C 289 27.62 10.92 -21.95
CA GLU C 289 28.87 11.72 -21.88
C GLU C 289 30.14 11.06 -22.50
N MET D 1 -11.33 -17.89 -42.61
CA MET D 1 -10.73 -19.04 -41.86
C MET D 1 -11.76 -19.74 -40.97
N ASP D 2 -11.52 -21.02 -40.71
CA ASP D 2 -12.30 -21.79 -39.76
C ASP D 2 -11.67 -21.60 -38.39
N ALA D 3 -12.47 -21.12 -37.42
CA ALA D 3 -12.01 -20.91 -36.05
C ALA D 3 -11.84 -22.22 -35.28
N GLU D 4 -12.60 -23.25 -35.66
CA GLU D 4 -12.55 -24.57 -34.99
C GLU D 4 -11.24 -25.35 -35.15
N GLY D 5 -10.60 -25.20 -36.31
CA GLY D 5 -9.34 -25.88 -36.63
C GLY D 5 -8.08 -25.23 -36.12
N LEU D 6 -8.19 -24.05 -35.51
CA LEU D 6 -7.06 -23.38 -34.84
C LEU D 6 -6.45 -24.19 -33.71
N ALA D 7 -7.24 -24.97 -33.00
CA ALA D 7 -6.73 -25.89 -32.00
C ALA D 7 -5.57 -26.81 -32.46
N LEU D 8 -5.52 -27.12 -33.76
CA LEU D 8 -4.43 -27.95 -34.29
C LEU D 8 -3.03 -27.35 -34.11
N LEU D 9 -2.97 -26.02 -34.13
CA LEU D 9 -1.76 -25.24 -33.83
C LEU D 9 -1.14 -25.53 -32.45
N LEU D 10 -1.92 -25.99 -31.47
CA LEU D 10 -1.45 -26.19 -30.10
C LEU D 10 -0.74 -27.55 -29.87
N PRO D 11 0.62 -27.55 -29.77
CA PRO D 11 1.31 -28.83 -29.58
C PRO D 11 1.02 -29.45 -28.22
N PRO D 12 0.54 -30.71 -28.18
CA PRO D 12 -0.10 -31.21 -26.94
C PRO D 12 0.80 -31.37 -25.70
N VAL D 13 2.13 -31.23 -25.89
CA VAL D 13 3.12 -31.33 -24.82
C VAL D 13 3.27 -30.02 -24.06
N THR D 14 3.47 -28.92 -24.79
CA THR D 14 3.56 -27.58 -24.18
C THR D 14 2.22 -27.18 -23.56
N LEU D 15 1.12 -27.67 -24.13
CA LEU D 15 -0.24 -27.45 -23.59
C LEU D 15 -0.44 -28.09 -22.22
N ALA D 16 -0.12 -29.38 -22.14
CA ALA D 16 -0.23 -30.16 -20.91
C ALA D 16 0.64 -29.62 -19.76
N ALA D 17 1.91 -29.32 -20.04
CA ALA D 17 2.84 -28.65 -19.08
C ALA D 17 2.32 -27.36 -18.51
N LEU D 18 1.61 -26.62 -19.36
CA LEU D 18 1.17 -25.27 -19.08
C LEU D 18 0.05 -25.34 -18.10
N VAL D 19 -0.84 -26.27 -18.41
CA VAL D 19 -1.95 -26.64 -17.58
C VAL D 19 -1.50 -27.07 -16.19
N ASP D 20 -0.47 -27.92 -16.12
CA ASP D 20 0.01 -28.38 -14.82
C ASP D 20 0.54 -27.21 -13.96
N SER D 21 1.29 -26.29 -14.56
CA SER D 21 1.79 -25.12 -13.82
C SER D 21 0.66 -24.24 -13.32
N TRP D 22 -0.44 -24.20 -14.06
CA TRP D 22 -1.59 -23.38 -13.66
C TRP D 22 -2.29 -24.01 -12.47
N LEU D 23 -2.53 -25.32 -12.59
CA LEU D 23 -3.11 -26.12 -11.52
C LEU D 23 -2.30 -26.07 -10.24
N ARG D 24 -0.99 -26.19 -10.41
CA ARG D 24 -0.06 -26.22 -9.30
C ARG D 24 0.02 -24.84 -8.63
N GLU D 25 -0.14 -23.78 -9.42
CA GLU D 25 -0.19 -22.41 -8.90
C GLU D 25 -1.37 -22.27 -7.95
N ASP D 26 -2.51 -22.83 -8.29
CA ASP D 26 -3.69 -22.70 -7.49
C ASP D 26 -3.82 -23.68 -6.30
N CYS D 27 -2.99 -24.70 -6.21
CA CYS D 27 -3.12 -25.67 -5.15
C CYS D 27 -1.81 -26.46 -5.03
N PRO D 28 -0.79 -25.80 -4.43
CA PRO D 28 0.55 -26.38 -4.28
C PRO D 28 0.59 -27.50 -3.26
N GLY D 29 -0.25 -27.41 -2.23
CA GLY D 29 -0.28 -28.39 -1.16
C GLY D 29 -1.57 -29.21 -1.15
N LEU D 30 -2.25 -29.15 -0.02
CA LEU D 30 -3.40 -29.97 0.25
C LEU D 30 -4.65 -29.20 -0.07
N ASN D 31 -5.61 -29.88 -0.73
CA ASN D 31 -6.90 -29.30 -1.13
C ASN D 31 -7.97 -29.54 -0.08
N TYR D 32 -8.05 -28.67 0.92
CA TYR D 32 -8.92 -28.93 2.06
C TYR D 32 -10.41 -28.99 1.64
N ALA D 33 -10.76 -28.22 0.61
CA ALA D 33 -12.17 -28.13 0.14
C ALA D 33 -12.67 -29.38 -0.54
N ALA D 34 -11.80 -30.30 -0.90
CA ALA D 34 -12.23 -31.58 -1.42
C ALA D 34 -13.23 -32.22 -0.46
N LEU D 35 -12.94 -32.16 0.84
CA LEU D 35 -13.75 -32.83 1.86
C LEU D 35 -15.17 -32.29 1.97
N VAL D 36 -15.39 -31.06 1.55
CA VAL D 36 -16.71 -30.45 1.63
C VAL D 36 -17.66 -30.98 0.54
N SER D 37 -17.19 -31.00 -0.70
CA SER D 37 -17.87 -31.61 -1.84
C SER D 37 -17.83 -33.15 -1.84
N GLY D 38 -16.68 -33.73 -1.54
CA GLY D 38 -16.48 -35.17 -1.71
C GLY D 38 -16.39 -35.46 -3.18
N ALA D 39 -16.50 -36.73 -3.57
CA ALA D 39 -16.16 -37.18 -4.94
C ALA D 39 -17.34 -37.68 -5.75
N GLY D 40 -18.53 -37.16 -5.44
CA GLY D 40 -19.74 -37.55 -6.14
C GLY D 40 -19.70 -37.25 -7.64
N PRO D 41 -20.01 -38.25 -8.50
CA PRO D 41 -20.23 -38.00 -9.93
C PRO D 41 -21.15 -36.83 -10.08
N SER D 42 -20.77 -35.82 -10.85
CA SER D 42 -21.43 -34.52 -10.84
C SER D 42 -21.40 -33.88 -12.21
N GLN D 43 -22.16 -32.80 -12.38
CA GLN D 43 -22.30 -32.15 -13.69
C GLN D 43 -22.46 -30.65 -13.44
N ALA D 44 -21.76 -29.85 -14.23
CA ALA D 44 -21.86 -28.40 -14.13
C ALA D 44 -22.14 -27.78 -15.48
N ALA D 45 -22.93 -26.72 -15.44
CA ALA D 45 -23.24 -25.93 -16.64
C ALA D 45 -22.29 -24.75 -16.74
N LEU D 46 -21.71 -24.53 -17.92
CA LEU D 46 -20.95 -23.32 -18.21
C LEU D 46 -21.81 -22.22 -18.79
N TRP D 47 -21.99 -21.16 -18.04
CA TRP D 47 -22.89 -20.10 -18.41
C TRP D 47 -22.06 -18.97 -18.92
N ALA D 48 -22.37 -18.50 -20.12
CA ALA D 48 -21.69 -17.33 -20.68
C ALA D 48 -22.50 -16.10 -20.31
N LYS D 49 -21.95 -15.19 -19.52
CA LYS D 49 -22.69 -14.04 -18.98
C LYS D 49 -22.33 -12.71 -19.62
N SER D 50 -21.33 -12.68 -20.50
CA SER D 50 -20.91 -11.45 -21.18
C SER D 50 -21.01 -11.65 -22.69
N PRO D 51 -21.21 -10.53 -23.44
CA PRO D 51 -21.21 -10.59 -24.89
C PRO D 51 -19.79 -10.58 -25.47
N GLY D 52 -19.62 -11.37 -26.54
CA GLY D 52 -18.41 -11.33 -27.33
C GLY D 52 -18.23 -12.55 -28.20
N VAL D 53 -16.97 -13.00 -28.29
CA VAL D 53 -16.58 -14.24 -28.98
C VAL D 53 -16.10 -15.28 -27.96
N LEU D 54 -16.54 -16.51 -28.15
CA LEU D 54 -16.04 -17.63 -27.38
C LEU D 54 -14.66 -18.03 -27.91
N ALA D 55 -13.69 -18.12 -27.00
CA ALA D 55 -12.35 -18.61 -27.31
C ALA D 55 -11.71 -19.24 -26.11
N GLY D 56 -10.83 -20.21 -26.35
CA GLY D 56 -10.15 -20.96 -25.30
C GLY D 56 -10.56 -22.42 -25.04
N GLN D 57 -11.60 -22.92 -25.70
CA GLN D 57 -12.01 -24.33 -25.57
C GLN D 57 -10.87 -25.35 -25.33
N PRO D 58 -9.84 -25.39 -26.20
CA PRO D 58 -8.79 -26.42 -26.04
C PRO D 58 -8.02 -26.39 -24.72
N PHE D 59 -7.92 -25.20 -24.12
CA PHE D 59 -7.31 -25.04 -22.79
C PHE D 59 -8.27 -25.47 -21.68
N PHE D 60 -9.50 -24.98 -21.76
CA PHE D 60 -10.54 -25.37 -20.82
C PHE D 60 -10.58 -26.90 -20.76
N ASP D 61 -10.65 -27.53 -21.93
CA ASP D 61 -10.70 -28.98 -22.02
C ASP D 61 -9.53 -29.60 -21.33
N ALA D 62 -8.33 -29.19 -21.75
CA ALA D 62 -7.06 -29.72 -21.25
C ALA D 62 -6.97 -29.74 -19.75
N ILE D 63 -7.33 -28.62 -19.14
CA ILE D 63 -7.39 -28.49 -17.70
C ILE D 63 -8.23 -29.59 -17.09
N PHE D 64 -9.50 -29.69 -17.48
CA PHE D 64 -10.38 -30.72 -16.89
C PHE D 64 -9.97 -32.15 -17.22
N THR D 65 -9.47 -32.40 -18.42
CA THR D 65 -8.91 -33.72 -18.74
C THR D 65 -7.92 -34.13 -17.65
N GLN D 66 -7.01 -33.22 -17.33
CA GLN D 66 -5.99 -33.45 -16.29
C GLN D 66 -6.58 -33.81 -14.89
N LEU D 67 -7.87 -33.54 -14.67
CA LEU D 67 -8.58 -33.84 -13.40
C LEU D 67 -9.68 -34.89 -13.57
N ASN D 68 -9.62 -35.65 -14.66
CA ASN D 68 -10.59 -36.69 -14.98
C ASN D 68 -12.03 -36.22 -15.09
N CYS D 69 -12.19 -35.10 -15.79
CA CYS D 69 -13.49 -34.52 -16.11
C CYS D 69 -13.69 -34.31 -17.63
N GLN D 70 -14.91 -34.57 -18.11
CA GLN D 70 -15.28 -34.51 -19.54
C GLN D 70 -16.06 -33.21 -19.80
N VAL D 71 -15.72 -32.53 -20.88
CA VAL D 71 -16.45 -31.31 -21.29
C VAL D 71 -17.32 -31.65 -22.50
N SER D 72 -18.50 -31.05 -22.59
CA SER D 72 -19.32 -31.18 -23.81
C SER D 72 -19.77 -29.81 -24.23
N TRP D 73 -19.42 -29.41 -25.46
CA TRP D 73 -19.64 -28.04 -25.91
C TRP D 73 -20.86 -27.91 -26.79
N PHE D 74 -21.63 -26.85 -26.57
CA PHE D 74 -22.87 -26.56 -27.29
C PHE D 74 -22.68 -25.46 -28.34
N LEU D 75 -21.64 -24.66 -28.18
CA LEU D 75 -21.23 -23.73 -29.20
C LEU D 75 -19.87 -24.12 -29.66
N PRO D 76 -19.59 -23.93 -30.96
CA PRO D 76 -18.26 -24.22 -31.45
C PRO D 76 -17.32 -23.05 -31.16
N GLU D 77 -16.02 -23.34 -31.09
CA GLU D 77 -15.02 -22.35 -30.76
C GLU D 77 -15.07 -21.20 -31.75
N GLY D 78 -15.21 -19.98 -31.25
CA GLY D 78 -15.25 -18.82 -32.12
C GLY D 78 -16.63 -18.23 -32.29
N SER D 79 -17.68 -18.96 -31.92
CA SER D 79 -19.06 -18.45 -32.06
C SER D 79 -19.34 -17.21 -31.21
N LYS D 80 -20.33 -16.42 -31.63
CA LYS D 80 -20.73 -15.20 -30.91
C LYS D 80 -21.44 -15.65 -29.68
N LEU D 81 -21.17 -14.96 -28.58
CA LEU D 81 -21.78 -15.27 -27.30
C LEU D 81 -22.84 -14.27 -27.04
N VAL D 82 -24.09 -14.75 -26.97
CA VAL D 82 -25.22 -13.87 -26.58
C VAL D 82 -25.62 -14.20 -25.11
N PRO D 83 -25.46 -13.22 -24.20
CA PRO D 83 -25.54 -13.34 -22.74
C PRO D 83 -26.72 -14.06 -22.12
N VAL D 84 -26.43 -14.54 -20.91
CA VAL D 84 -26.95 -15.76 -20.30
C VAL D 84 -27.25 -16.97 -21.19
N ALA D 85 -26.28 -17.35 -22.03
CA ALA D 85 -26.28 -18.65 -22.73
C ALA D 85 -25.51 -19.79 -22.07
N ARG D 86 -26.03 -21.00 -22.25
CA ARG D 86 -25.45 -22.23 -21.71
C ARG D 86 -24.51 -22.80 -22.78
N VAL D 87 -23.19 -22.68 -22.60
CA VAL D 87 -22.25 -23.07 -23.66
C VAL D 87 -21.70 -24.46 -23.49
N ALA D 88 -21.74 -25.00 -22.27
CA ALA D 88 -21.20 -26.32 -22.07
C ALA D 88 -21.63 -26.98 -20.77
N GLU D 89 -21.33 -28.27 -20.70
CA GLU D 89 -21.63 -29.08 -19.58
C GLU D 89 -20.38 -29.89 -19.27
N VAL D 90 -19.88 -29.72 -18.05
CA VAL D 90 -18.63 -30.36 -17.62
C VAL D 90 -19.05 -31.41 -16.60
N ARG D 91 -18.49 -32.61 -16.69
CA ARG D 91 -18.83 -33.72 -15.81
C ARG D 91 -17.59 -34.35 -15.25
N GLY D 92 -17.66 -34.84 -14.01
CA GLY D 92 -16.66 -35.74 -13.42
C GLY D 92 -16.92 -35.76 -11.92
N PRO D 93 -15.95 -36.22 -11.09
CA PRO D 93 -16.08 -36.16 -9.63
C PRO D 93 -16.21 -34.73 -9.13
N ALA D 94 -16.93 -34.55 -8.03
CA ALA D 94 -17.28 -33.20 -7.57
C ALA D 94 -16.05 -32.39 -7.16
N HIS D 95 -15.22 -32.96 -6.28
CA HIS D 95 -13.95 -32.30 -5.86
C HIS D 95 -13.03 -31.86 -7.00
N CYS D 96 -12.92 -32.71 -8.04
CA CYS D 96 -12.18 -32.38 -9.25
C CYS D 96 -12.81 -31.24 -10.05
N LEU D 97 -14.12 -31.31 -10.29
CA LEU D 97 -14.82 -30.22 -10.99
C LEU D 97 -14.59 -28.88 -10.32
N LEU D 98 -14.50 -28.88 -9.01
CA LEU D 98 -14.37 -27.65 -8.24
C LEU D 98 -12.93 -27.19 -8.11
N LEU D 99 -12.00 -28.15 -8.20
CA LEU D 99 -10.56 -27.87 -8.20
C LEU D 99 -10.13 -27.12 -9.47
N GLY D 100 -10.51 -27.69 -10.62
CA GLY D 100 -10.34 -27.04 -11.93
C GLY D 100 -11.22 -25.82 -12.26
N GLU D 101 -12.35 -25.66 -11.58
CA GLU D 101 -13.29 -24.55 -11.85
C GLU D 101 -12.60 -23.21 -12.11
N ARG D 102 -11.95 -22.66 -11.09
CA ARG D 102 -11.49 -21.26 -11.15
C ARG D 102 -10.37 -21.07 -12.18
N VAL D 103 -9.51 -22.06 -12.34
CA VAL D 103 -8.42 -21.98 -13.33
C VAL D 103 -8.99 -22.02 -14.75
N ALA D 104 -9.78 -23.06 -15.06
CA ALA D 104 -10.48 -23.19 -16.36
C ALA D 104 -11.31 -21.94 -16.74
N LEU D 105 -12.03 -21.40 -15.76
CA LEU D 105 -12.81 -20.18 -15.99
C LEU D 105 -11.92 -18.99 -16.26
N ASN D 106 -10.86 -18.85 -15.49
CA ASN D 106 -9.94 -17.75 -15.68
C ASN D 106 -9.26 -17.79 -17.03
N THR D 107 -8.87 -18.99 -17.47
CA THR D 107 -8.32 -19.20 -18.79
C THR D 107 -9.31 -18.81 -19.88
N LEU D 108 -10.50 -19.43 -19.90
CA LEU D 108 -11.55 -19.09 -20.91
C LEU D 108 -11.95 -17.61 -20.89
N ALA D 109 -12.02 -17.03 -19.70
CA ALA D 109 -12.41 -15.63 -19.57
C ALA D 109 -11.51 -14.68 -20.36
N ARG D 110 -10.20 -14.93 -20.28
CA ARG D 110 -9.19 -14.00 -20.81
C ARG D 110 -8.92 -14.23 -22.31
N CYS D 111 -8.97 -15.51 -22.70
CA CYS D 111 -8.84 -15.87 -24.09
C CYS D 111 -10.05 -15.33 -24.86
N SER D 112 -11.23 -15.43 -24.25
CA SER D 112 -12.44 -14.94 -24.90
C SER D 112 -12.47 -13.45 -24.92
N GLY D 113 -11.95 -12.85 -23.87
CA GLY D 113 -11.89 -11.40 -23.76
C GLY D 113 -11.09 -10.80 -24.89
N ILE D 114 -10.03 -11.50 -25.27
CA ILE D 114 -9.11 -11.05 -26.31
C ILE D 114 -9.74 -11.28 -27.68
N ALA D 115 -10.22 -12.51 -27.89
CA ALA D 115 -10.92 -12.88 -29.11
C ALA D 115 -11.96 -11.80 -29.47
N SER D 116 -12.77 -11.44 -28.48
CA SER D 116 -13.78 -10.39 -28.61
C SER D 116 -13.23 -9.04 -29.11
N ALA D 117 -12.17 -8.59 -28.46
CA ALA D 117 -11.53 -7.34 -28.79
C ALA D 117 -10.92 -7.37 -30.19
N ALA D 118 -10.39 -8.54 -30.59
CA ALA D 118 -9.85 -8.70 -31.96
C ALA D 118 -10.97 -8.61 -32.99
N ALA D 119 -11.89 -9.57 -32.91
CA ALA D 119 -13.14 -9.54 -33.69
C ALA D 119 -13.77 -8.13 -33.81
N ALA D 120 -13.82 -7.41 -32.69
CA ALA D 120 -14.31 -6.04 -32.67
C ALA D 120 -13.50 -5.14 -33.59
N ALA D 121 -12.17 -5.20 -33.44
CA ALA D 121 -11.25 -4.39 -34.27
C ALA D 121 -11.26 -4.83 -35.74
N VAL D 122 -11.31 -6.15 -35.96
CA VAL D 122 -11.43 -6.68 -37.31
C VAL D 122 -12.69 -6.16 -37.97
N GLU D 123 -13.77 -6.06 -37.19
CA GLU D 123 -15.07 -5.57 -37.68
C GLU D 123 -15.03 -4.08 -38.08
N ALA D 124 -14.50 -3.23 -37.21
CA ALA D 124 -14.40 -1.80 -37.49
C ALA D 124 -13.54 -1.52 -38.70
N ALA D 125 -12.49 -2.30 -38.88
CA ALA D 125 -11.65 -2.20 -40.08
C ALA D 125 -12.39 -2.67 -41.31
N ARG D 126 -13.03 -3.82 -41.23
CA ARG D 126 -13.90 -4.24 -42.35
C ARG D 126 -14.92 -3.10 -42.68
N GLY D 127 -15.59 -2.62 -41.65
CA GLY D 127 -16.49 -1.47 -41.76
C GLY D 127 -15.95 -0.23 -42.46
N ALA D 128 -14.64 0.00 -42.40
CA ALA D 128 -13.97 1.09 -43.15
C ALA D 128 -13.56 0.69 -44.58
N GLY D 129 -14.05 -0.47 -45.03
CA GLY D 129 -13.65 -1.03 -46.29
C GLY D 129 -12.18 -1.37 -46.45
N TRP D 130 -11.44 -1.52 -45.34
CA TRP D 130 -10.03 -1.91 -45.36
C TRP D 130 -9.91 -3.41 -45.52
N THR D 131 -8.96 -3.87 -46.31
CA THR D 131 -8.76 -5.32 -46.53
C THR D 131 -7.46 -5.87 -45.93
N GLY D 132 -6.78 -5.08 -45.12
CA GLY D 132 -5.53 -5.49 -44.51
C GLY D 132 -5.70 -6.44 -43.33
N HIS D 133 -4.69 -6.48 -42.47
CA HIS D 133 -4.68 -7.38 -41.34
C HIS D 133 -4.52 -6.63 -40.04
N VAL D 134 -5.48 -6.83 -39.16
CA VAL D 134 -5.38 -6.36 -37.79
C VAL D 134 -4.47 -7.39 -37.08
N ALA D 135 -3.61 -6.92 -36.18
CA ALA D 135 -2.58 -7.78 -35.61
C ALA D 135 -2.34 -7.52 -34.17
N GLY D 136 -1.81 -8.54 -33.50
CA GLY D 136 -1.39 -8.44 -32.09
C GLY D 136 0.03 -7.97 -32.02
N THR D 137 0.59 -8.02 -30.84
CA THR D 137 1.95 -7.60 -30.60
C THR D 137 2.63 -8.67 -29.74
N ARG D 138 3.83 -8.37 -29.26
CA ARG D 138 4.45 -9.19 -28.23
C ARG D 138 4.10 -8.64 -26.85
N LYS D 139 3.07 -7.78 -26.73
CA LYS D 139 2.62 -7.24 -25.45
C LYS D 139 1.62 -8.18 -24.81
N THR D 140 2.13 -9.32 -24.38
CA THR D 140 1.35 -10.38 -23.79
C THR D 140 1.70 -10.55 -22.31
N THR D 141 0.81 -11.15 -21.56
CA THR D 141 1.08 -11.46 -20.19
C THR D 141 2.24 -12.45 -20.22
N PRO D 142 3.23 -12.24 -19.36
CA PRO D 142 4.31 -13.22 -19.23
C PRO D 142 3.82 -14.57 -18.86
N GLY D 143 4.23 -15.58 -19.61
CA GLY D 143 3.82 -16.98 -19.37
C GLY D 143 2.50 -17.41 -19.95
N PHE D 144 1.68 -16.46 -20.39
CA PHE D 144 0.33 -16.74 -20.89
C PHE D 144 0.26 -16.54 -22.43
N ARG D 145 1.40 -16.38 -23.09
CA ARG D 145 1.39 -15.95 -24.50
C ARG D 145 0.66 -16.92 -25.44
N LEU D 146 0.77 -18.21 -25.22
CA LEU D 146 0.18 -19.19 -26.12
C LEU D 146 -1.34 -18.99 -26.17
N VAL D 147 -1.93 -18.69 -25.01
CA VAL D 147 -3.35 -18.47 -24.89
C VAL D 147 -3.72 -17.17 -25.55
N GLU D 148 -2.95 -16.12 -25.28
CA GLU D 148 -3.31 -14.78 -25.79
C GLU D 148 -3.13 -14.67 -27.30
N LYS D 149 -2.02 -15.15 -27.84
CA LYS D 149 -1.87 -15.19 -29.29
C LYS D 149 -2.99 -16.02 -29.94
N TYR D 150 -3.32 -17.17 -29.33
CA TYR D 150 -4.37 -18.01 -29.91
C TYR D 150 -5.75 -17.27 -29.90
N GLY D 151 -6.05 -16.58 -28.82
CA GLY D 151 -7.25 -15.78 -28.71
C GLY D 151 -7.39 -14.77 -29.84
N LEU D 152 -6.26 -14.16 -30.22
CA LEU D 152 -6.26 -13.22 -31.34
C LEU D 152 -6.71 -13.90 -32.63
N LEU D 153 -6.19 -15.10 -32.87
CA LEU D 153 -6.50 -15.83 -34.10
C LEU D 153 -7.95 -16.27 -34.19
N VAL D 154 -8.53 -16.63 -33.04
CA VAL D 154 -9.95 -17.00 -32.93
C VAL D 154 -10.84 -15.81 -33.22
N GLY D 155 -10.50 -14.63 -32.69
CA GLY D 155 -11.20 -13.40 -33.06
C GLY D 155 -10.92 -12.89 -34.47
N GLY D 156 -9.93 -13.49 -35.11
CA GLY D 156 -9.65 -13.29 -36.52
C GLY D 156 -8.66 -12.18 -36.78
N ALA D 157 -7.93 -11.74 -35.75
CA ALA D 157 -6.73 -10.95 -35.94
C ALA D 157 -5.61 -11.88 -36.31
N ALA D 158 -4.51 -11.28 -36.72
CA ALA D 158 -3.25 -11.98 -36.96
C ALA D 158 -2.41 -11.85 -35.71
N SER D 159 -1.89 -12.96 -35.17
CA SER D 159 -0.79 -12.88 -34.18
C SER D 159 0.32 -12.31 -34.96
N HIS D 160 1.09 -11.40 -34.39
CA HIS D 160 2.27 -10.95 -35.14
C HIS D 160 3.19 -12.19 -34.99
N ARG D 161 4.47 -12.07 -35.28
CA ARG D 161 5.44 -13.03 -34.75
C ARG D 161 5.02 -13.44 -33.32
N TYR D 162 5.10 -14.72 -33.04
CA TYR D 162 4.87 -15.28 -31.70
C TYR D 162 6.04 -14.98 -30.74
N ASP D 163 7.20 -14.99 -31.33
CA ASP D 163 8.30 -15.67 -30.74
C ASP D 163 9.42 -14.77 -30.41
N LEU D 164 10.06 -14.14 -31.41
CA LEU D 164 11.44 -13.55 -31.33
C LEU D 164 12.51 -14.41 -32.04
N GLY D 165 12.27 -15.71 -32.20
CA GLY D 165 13.08 -16.56 -33.11
C GLY D 165 12.43 -16.56 -34.49
N GLY D 166 11.16 -16.16 -34.44
CA GLY D 166 10.38 -15.49 -35.45
C GLY D 166 11.03 -14.58 -36.44
N LEU D 167 10.19 -13.72 -37.02
CA LEU D 167 10.65 -12.54 -37.77
C LEU D 167 11.69 -11.68 -37.03
N VAL D 168 12.63 -11.08 -37.77
CA VAL D 168 13.61 -10.18 -37.13
C VAL D 168 13.10 -8.74 -37.14
N MET D 169 12.89 -8.18 -35.96
CA MET D 169 12.31 -6.85 -35.81
C MET D 169 13.35 -5.88 -35.22
N VAL D 170 13.78 -4.97 -36.08
CA VAL D 170 14.71 -3.88 -35.79
C VAL D 170 13.89 -2.68 -35.36
N LYS D 171 14.01 -2.33 -34.09
CA LYS D 171 13.23 -1.25 -33.47
C LYS D 171 14.09 -0.02 -33.18
N ASP D 172 13.41 1.08 -32.83
CA ASP D 172 14.08 2.37 -32.56
C ASP D 172 15.40 2.15 -31.81
N ASN D 173 15.39 1.32 -30.76
CA ASN D 173 16.58 0.98 -29.96
C ASN D 173 17.67 0.20 -30.68
N HIS D 174 17.25 -0.74 -31.51
CA HIS D 174 18.19 -1.50 -32.32
C HIS D 174 18.91 -0.48 -33.21
N VAL D 175 18.13 0.43 -33.80
CA VAL D 175 18.69 1.45 -34.72
C VAL D 175 19.67 2.37 -33.99
N VAL D 176 19.29 2.81 -32.78
CA VAL D 176 20.18 3.60 -31.92
C VAL D 176 21.47 2.81 -31.63
N ALA D 177 21.35 1.58 -31.12
CA ALA D 177 22.54 0.79 -30.79
C ALA D 177 23.42 0.55 -31.99
N ALA D 178 22.85 0.26 -33.15
CA ALA D 178 23.70 0.00 -34.36
C ALA D 178 24.46 1.24 -34.77
N GLY D 179 23.78 2.39 -34.64
CA GLY D 179 24.31 3.69 -35.04
C GLY D 179 23.70 4.22 -36.33
N GLY D 180 22.79 3.50 -36.95
CA GLY D 180 22.22 3.95 -38.21
C GLY D 180 21.32 2.90 -38.79
N VAL D 181 20.23 3.31 -39.41
CA VAL D 181 19.27 2.34 -39.97
C VAL D 181 19.93 1.39 -40.97
N GLU D 182 20.65 1.92 -41.97
CA GLU D 182 21.22 1.04 -43.02
C GLU D 182 22.15 -0.01 -42.42
N LYS D 183 22.98 0.37 -41.46
CA LYS D 183 23.81 -0.60 -40.75
C LYS D 183 23.02 -1.70 -40.08
N ALA D 184 21.95 -1.28 -39.40
CA ALA D 184 21.07 -2.15 -38.62
C ALA D 184 20.40 -3.19 -39.51
N VAL D 185 19.80 -2.70 -40.58
CA VAL D 185 19.13 -3.58 -41.54
C VAL D 185 20.10 -4.57 -42.19
N ARG D 186 21.34 -4.15 -42.50
CA ARG D 186 22.33 -5.06 -43.04
C ARG D 186 22.55 -6.20 -42.09
N ALA D 187 22.78 -5.87 -40.83
CA ALA D 187 23.03 -6.86 -39.79
C ALA D 187 21.84 -7.79 -39.55
N ALA D 188 20.64 -7.21 -39.63
CA ALA D 188 19.44 -7.97 -39.43
C ALA D 188 19.23 -8.95 -40.57
N ARG D 189 19.38 -8.48 -41.82
CA ARG D 189 19.30 -9.37 -43.01
C ARG D 189 20.34 -10.50 -43.02
N GLN D 190 21.49 -10.25 -42.43
CA GLN D 190 22.49 -11.27 -42.32
C GLN D 190 22.01 -12.35 -41.38
N ALA D 191 21.46 -11.95 -40.25
CA ALA D 191 20.96 -12.90 -39.28
C ALA D 191 19.74 -13.70 -39.77
N ALA D 192 18.96 -13.11 -40.68
CA ALA D 192 17.75 -13.71 -41.25
C ALA D 192 18.05 -14.31 -42.61
N ASP D 193 19.06 -15.14 -42.66
CA ASP D 193 19.74 -15.43 -43.91
C ASP D 193 18.87 -15.49 -45.17
N PHE D 194 17.91 -16.42 -45.24
CA PHE D 194 16.84 -16.51 -46.27
C PHE D 194 15.52 -16.98 -45.67
N ALA D 195 15.48 -17.21 -44.37
CA ALA D 195 14.37 -17.90 -43.73
C ALA D 195 13.39 -16.93 -43.06
N LEU D 196 13.92 -15.79 -42.62
CA LEU D 196 13.11 -14.83 -41.86
C LEU D 196 12.92 -13.53 -42.61
N LYS D 197 11.84 -12.82 -42.31
CA LYS D 197 11.67 -11.50 -42.85
C LYS D 197 12.30 -10.53 -41.88
N VAL D 198 12.68 -9.38 -42.41
CA VAL D 198 13.20 -8.28 -41.60
C VAL D 198 12.14 -7.17 -41.60
N GLU D 199 11.78 -6.69 -40.42
CA GLU D 199 10.90 -5.53 -40.30
C GLU D 199 11.68 -4.45 -39.60
N VAL D 200 11.38 -3.18 -39.93
CA VAL D 200 12.04 -2.03 -39.31
C VAL D 200 11.04 -0.99 -38.83
N GLU D 201 11.09 -0.66 -37.54
CA GLU D 201 10.35 0.46 -36.96
C GLU D 201 11.04 1.78 -37.32
N CYS D 202 10.22 2.69 -37.83
CA CYS D 202 10.69 3.93 -38.41
C CYS D 202 9.78 5.04 -37.95
N SER D 203 10.37 6.11 -37.44
CA SER D 203 9.64 7.28 -36.93
C SER D 203 9.42 8.47 -37.93
N SER D 204 9.99 8.37 -39.14
CA SER D 204 9.80 9.38 -40.20
C SER D 204 9.70 8.75 -41.59
N LEU D 205 9.30 9.54 -42.59
CA LEU D 205 9.43 9.12 -43.99
C LEU D 205 10.88 8.86 -44.39
N GLN D 206 11.81 9.66 -43.87
CA GLN D 206 13.21 9.58 -44.31
C GLN D 206 13.77 8.20 -43.91
N GLU D 207 13.72 7.91 -42.62
CA GLU D 207 14.09 6.60 -42.04
C GLU D 207 13.42 5.36 -42.71
N ALA D 208 12.17 5.50 -43.12
CA ALA D 208 11.41 4.43 -43.76
C ALA D 208 11.93 4.10 -45.16
N VAL D 209 12.35 5.15 -45.85
CA VAL D 209 12.94 5.02 -47.18
C VAL D 209 14.34 4.40 -47.07
N GLN D 210 15.13 4.88 -46.11
CA GLN D 210 16.46 4.31 -45.84
C GLN D 210 16.39 2.80 -45.69
N ALA D 211 15.37 2.37 -44.94
CA ALA D 211 15.19 1.00 -44.52
C ALA D 211 14.68 0.10 -45.62
N ALA D 212 13.69 0.62 -46.35
CA ALA D 212 13.19 0.01 -47.57
C ALA D 212 14.30 -0.18 -48.59
N GLU D 213 15.05 0.90 -48.90
CA GLU D 213 16.26 0.90 -49.77
C GLU D 213 17.19 -0.23 -49.39
N ALA D 214 17.53 -0.30 -48.10
CA ALA D 214 18.41 -1.34 -47.56
C ALA D 214 17.83 -2.77 -47.54
N GLY D 215 16.57 -2.94 -47.91
CA GLY D 215 16.02 -4.24 -48.24
C GLY D 215 15.06 -4.87 -47.25
N ALA D 216 14.39 -4.05 -46.45
CA ALA D 216 13.49 -4.54 -45.42
C ALA D 216 12.23 -5.09 -46.03
N ASP D 217 11.78 -6.23 -45.53
CA ASP D 217 10.58 -6.86 -46.01
C ASP D 217 9.38 -6.04 -45.58
N LEU D 218 9.44 -5.43 -44.40
CA LEU D 218 8.40 -4.51 -43.91
C LEU D 218 8.96 -3.33 -43.14
N VAL D 219 8.23 -2.22 -43.29
CA VAL D 219 8.47 -0.97 -42.59
C VAL D 219 7.25 -0.69 -41.72
N LEU D 220 7.49 -0.57 -40.41
CA LEU D 220 6.48 -0.22 -39.43
C LEU D 220 6.60 1.27 -39.13
N LEU D 221 5.49 2.00 -39.26
CA LEU D 221 5.45 3.46 -39.05
C LEU D 221 4.96 3.72 -37.62
N ASP D 222 5.88 4.18 -36.77
CA ASP D 222 5.85 3.89 -35.34
C ASP D 222 4.92 4.73 -34.52
N ASN D 223 4.75 6.00 -34.82
CA ASN D 223 3.82 6.79 -34.01
C ASN D 223 3.11 7.83 -34.78
N PHE D 224 2.83 7.53 -36.02
CA PHE D 224 2.38 8.59 -36.91
C PHE D 224 0.97 8.96 -36.53
N LYS D 225 0.68 10.25 -36.62
CA LYS D 225 -0.69 10.74 -36.65
C LYS D 225 -1.27 10.29 -38.00
N PRO D 226 -2.58 10.06 -38.07
CA PRO D 226 -3.11 9.58 -39.38
C PRO D 226 -2.97 10.53 -40.59
N GLU D 227 -3.15 11.83 -40.38
CA GLU D 227 -2.86 12.85 -41.40
C GLU D 227 -1.45 12.76 -42.03
N GLU D 228 -0.45 12.36 -41.22
CA GLU D 228 0.94 12.15 -41.67
C GLU D 228 1.19 10.72 -42.20
N LEU D 229 0.54 9.72 -41.59
CA LEU D 229 0.80 8.31 -41.89
C LEU D 229 0.52 7.93 -43.36
N HIS D 230 -0.66 8.26 -43.85
CA HIS D 230 -1.10 7.91 -45.20
C HIS D 230 -0.30 8.56 -46.36
N PRO D 231 0.04 9.86 -46.27
CA PRO D 231 1.03 10.34 -47.25
C PRO D 231 2.38 9.59 -47.20
N THR D 232 2.90 9.32 -46.00
CA THR D 232 4.17 8.63 -45.85
C THR D 232 4.10 7.24 -46.45
N ALA D 233 3.02 6.51 -46.15
CA ALA D 233 2.78 5.21 -46.79
C ALA D 233 2.72 5.30 -48.32
N THR D 234 2.01 6.31 -48.84
CA THR D 234 1.78 6.41 -50.30
C THR D 234 3.09 6.57 -51.04
N VAL D 235 3.93 7.42 -50.48
CA VAL D 235 5.27 7.68 -51.01
C VAL D 235 6.07 6.38 -50.94
N LEU D 236 6.12 5.72 -49.78
CA LEU D 236 6.76 4.39 -49.64
C LEU D 236 6.32 3.38 -50.71
N LYS D 237 5.03 3.31 -50.92
CA LYS D 237 4.43 2.31 -51.79
C LYS D 237 4.74 2.54 -53.29
N ALA D 238 4.73 3.81 -53.69
CA ALA D 238 5.08 4.19 -55.04
C ALA D 238 6.55 3.91 -55.32
N GLN D 239 7.41 4.39 -54.45
CA GLN D 239 8.85 4.13 -54.55
C GLN D 239 9.28 2.64 -54.39
N PHE D 240 8.68 1.89 -53.46
CA PHE D 240 9.04 0.47 -53.22
C PHE D 240 7.75 -0.35 -53.17
N PRO D 241 7.26 -0.79 -54.33
CA PRO D 241 5.91 -1.37 -54.32
C PRO D 241 5.81 -2.70 -53.60
N SER D 242 6.90 -3.45 -53.54
CA SER D 242 6.85 -4.77 -52.90
C SER D 242 7.21 -4.81 -51.38
N VAL D 243 7.40 -3.64 -50.75
CA VAL D 243 7.58 -3.55 -49.30
C VAL D 243 6.23 -3.40 -48.60
N ALA D 244 6.10 -4.04 -47.45
CA ALA D 244 4.83 -4.08 -46.74
C ALA D 244 4.87 -3.04 -45.63
N VAL D 245 3.74 -2.37 -45.38
CA VAL D 245 3.71 -1.25 -44.44
C VAL D 245 2.84 -1.59 -43.27
N GLU D 246 3.40 -1.53 -42.07
CA GLU D 246 2.65 -1.70 -40.83
C GLU D 246 2.47 -0.37 -40.13
N ALA D 247 1.26 -0.12 -39.64
CA ALA D 247 0.98 1.02 -38.77
C ALA D 247 0.78 0.54 -37.34
N SER D 248 1.56 1.11 -36.41
CA SER D 248 1.50 0.73 -34.99
C SER D 248 1.61 1.98 -34.09
N GLY D 249 1.08 1.87 -32.88
CA GLY D 249 1.19 2.95 -31.89
C GLY D 249 -0.07 3.79 -31.79
N GLY D 250 -0.67 3.78 -30.60
CA GLY D 250 -1.79 4.63 -30.27
C GLY D 250 -3.12 4.20 -30.83
N ILE D 251 -3.17 3.02 -31.45
CA ILE D 251 -4.33 2.62 -32.24
C ILE D 251 -5.38 1.96 -31.32
N THR D 252 -6.49 2.70 -31.11
CA THR D 252 -7.64 2.27 -30.31
C THR D 252 -8.78 1.80 -31.22
N LEU D 253 -9.71 1.02 -30.67
CA LEU D 253 -10.87 0.49 -31.42
C LEU D 253 -11.67 1.66 -31.95
N ASP D 254 -11.75 2.74 -31.16
CA ASP D 254 -12.46 3.94 -31.56
C ASP D 254 -11.83 4.66 -32.77
N ASN D 255 -10.51 4.89 -32.74
CA ASN D 255 -9.81 5.56 -33.85
C ASN D 255 -9.31 4.65 -34.99
N LEU D 256 -9.55 3.34 -34.90
CA LEU D 256 -8.98 2.41 -35.86
C LEU D 256 -9.34 2.75 -37.31
N PRO D 257 -10.60 3.18 -37.56
CA PRO D 257 -10.92 3.48 -38.97
C PRO D 257 -10.02 4.54 -39.64
N GLN D 258 -9.49 5.49 -38.86
CA GLN D 258 -8.56 6.49 -39.37
C GLN D 258 -7.17 5.97 -39.72
N PHE D 259 -6.74 4.88 -39.10
CA PHE D 259 -5.47 4.26 -39.47
C PHE D 259 -5.60 3.33 -40.67
N CYS D 260 -6.82 2.89 -40.98
CA CYS D 260 -7.06 2.13 -42.19
C CYS D 260 -6.94 3.01 -43.44
N GLY D 261 -6.25 2.53 -44.45
CA GLY D 261 -6.14 3.26 -45.71
C GLY D 261 -5.48 2.38 -46.74
N PRO D 262 -5.65 2.71 -48.02
CA PRO D 262 -5.30 1.79 -49.11
C PRO D 262 -3.85 1.30 -49.10
N HIS D 263 -2.95 2.07 -48.47
CA HIS D 263 -1.50 1.76 -48.42
C HIS D 263 -0.94 1.26 -47.08
N ILE D 264 -1.83 0.84 -46.17
CA ILE D 264 -1.44 0.12 -44.97
C ILE D 264 -1.82 -1.35 -45.16
N ASP D 265 -0.86 -2.22 -44.85
CA ASP D 265 -1.04 -3.69 -44.97
C ASP D 265 -1.37 -4.43 -43.68
N VAL D 266 -0.82 -3.92 -42.57
CA VAL D 266 -0.94 -4.54 -41.25
C VAL D 266 -1.18 -3.46 -40.20
N ILE D 267 -2.12 -3.66 -39.28
CA ILE D 267 -2.32 -2.71 -38.18
C ILE D 267 -2.26 -3.48 -36.89
N SER D 268 -1.19 -3.27 -36.14
CA SER D 268 -0.96 -3.92 -34.86
C SER D 268 -1.43 -3.03 -33.71
N MET D 269 -2.16 -3.64 -32.76
CA MET D 269 -2.80 -2.94 -31.65
C MET D 269 -2.47 -3.58 -30.31
N GLY D 270 -1.76 -2.83 -29.47
CA GLY D 270 -1.41 -3.29 -28.14
C GLY D 270 -2.61 -3.51 -27.24
N MET D 271 -3.65 -2.70 -27.44
CA MET D 271 -4.88 -2.75 -26.65
C MET D 271 -5.51 -4.16 -26.63
N LEU D 272 -5.39 -4.90 -27.75
CA LEU D 272 -6.02 -6.21 -27.89
C LEU D 272 -5.64 -7.20 -26.83
N THR D 273 -4.40 -7.15 -26.37
CA THR D 273 -3.89 -8.00 -25.26
C THR D 273 -3.70 -7.29 -23.89
N GLN D 274 -3.37 -5.99 -23.92
CA GLN D 274 -3.16 -5.19 -22.72
C GLN D 274 -4.34 -4.48 -22.10
N ALA D 275 -5.45 -4.39 -22.83
CA ALA D 275 -6.62 -3.66 -22.36
C ALA D 275 -7.93 -4.23 -22.87
N ALA D 276 -8.04 -5.56 -22.92
CA ALA D 276 -9.26 -6.26 -23.30
C ALA D 276 -9.82 -6.82 -22.04
N PRO D 277 -10.96 -6.30 -21.56
CA PRO D 277 -11.58 -6.95 -20.41
C PRO D 277 -11.87 -8.42 -20.65
N ALA D 278 -11.68 -9.22 -19.60
CA ALA D 278 -12.00 -10.64 -19.61
C ALA D 278 -13.52 -10.79 -19.58
N LEU D 279 -14.04 -11.86 -20.18
CA LEU D 279 -15.49 -12.09 -20.17
C LEU D 279 -15.92 -12.67 -18.84
N ASP D 280 -17.20 -12.47 -18.52
CA ASP D 280 -17.89 -13.11 -17.38
C ASP D 280 -18.45 -14.50 -17.81
N PHE D 281 -17.97 -15.54 -17.14
CA PHE D 281 -18.51 -16.88 -17.20
C PHE D 281 -18.68 -17.41 -15.76
N SER D 282 -19.46 -18.47 -15.61
CA SER D 282 -19.55 -19.19 -14.34
C SER D 282 -19.85 -20.63 -14.61
N LEU D 283 -19.52 -21.48 -13.63
CA LEU D 283 -19.63 -22.92 -13.77
C LEU D 283 -20.43 -23.43 -12.59
N LYS D 284 -21.73 -23.70 -12.80
CA LYS D 284 -22.65 -24.09 -11.72
C LYS D 284 -23.16 -25.52 -11.84
N LEU D 285 -22.99 -26.28 -10.74
CA LEU D 285 -23.43 -27.67 -10.66
C LEU D 285 -24.93 -27.73 -10.68
N PHE D 286 -25.46 -28.64 -11.49
CA PHE D 286 -26.90 -28.94 -11.54
C PHE D 286 -27.10 -30.41 -11.23
N ALA D 287 -28.24 -30.75 -10.63
CA ALA D 287 -28.63 -32.15 -10.43
C ALA D 287 -29.44 -32.55 -11.67
N LYS D 288 -29.45 -33.83 -12.01
CA LYS D 288 -30.14 -34.33 -13.23
C LYS D 288 -31.59 -34.82 -12.90
N GLU D 289 -32.41 -35.05 -13.92
CA GLU D 289 -33.86 -35.31 -13.71
C GLU D 289 -34.24 -36.78 -13.54
N MET E 1 -38.33 66.85 59.59
CA MET E 1 -38.24 66.16 58.26
C MET E 1 -37.99 64.65 58.38
N ASP E 2 -38.40 63.92 57.35
CA ASP E 2 -38.18 62.48 57.21
C ASP E 2 -37.75 62.17 55.76
N ALA E 3 -36.49 61.79 55.59
CA ALA E 3 -35.86 61.55 54.27
C ALA E 3 -36.35 60.28 53.53
N GLU E 4 -37.05 59.39 54.25
CA GLU E 4 -37.76 58.26 53.63
C GLU E 4 -39.05 58.72 52.89
N GLY E 5 -39.75 59.73 53.43
CA GLY E 5 -40.92 60.35 52.79
C GLY E 5 -40.65 61.08 51.48
N LEU E 6 -39.38 61.38 51.23
CA LEU E 6 -38.95 62.16 50.06
C LEU E 6 -39.04 61.45 48.71
N ALA E 7 -38.92 60.13 48.69
CA ALA E 7 -39.03 59.38 47.43
C ALA E 7 -40.33 59.72 46.69
N LEU E 8 -41.38 60.03 47.45
CA LEU E 8 -42.71 60.42 46.91
C LEU E 8 -42.73 61.64 45.96
N LEU E 9 -41.69 62.50 46.07
CA LEU E 9 -41.53 63.64 45.15
C LEU E 9 -41.26 63.22 43.71
N LEU E 10 -40.73 62.04 43.47
CA LEU E 10 -40.29 61.67 42.13
C LEU E 10 -41.42 61.08 41.26
N PRO E 11 -41.90 61.83 40.25
CA PRO E 11 -42.95 61.23 39.42
C PRO E 11 -42.40 60.04 38.64
N PRO E 12 -43.19 58.98 38.50
CA PRO E 12 -42.58 57.73 37.99
C PRO E 12 -42.20 57.77 36.50
N VAL E 13 -42.82 58.66 35.72
CA VAL E 13 -42.64 58.73 34.27
C VAL E 13 -41.33 59.40 33.89
N THR E 14 -41.05 60.55 34.49
CA THR E 14 -39.78 61.25 34.24
C THR E 14 -38.62 60.49 34.87
N LEU E 15 -38.88 59.78 35.96
CA LEU E 15 -37.87 58.91 36.55
C LEU E 15 -37.50 57.78 35.57
N ALA E 16 -38.49 57.01 35.16
CA ALA E 16 -38.29 55.85 34.28
C ALA E 16 -37.65 56.23 32.94
N ALA E 17 -38.12 57.32 32.38
CA ALA E 17 -37.55 57.93 31.18
C ALA E 17 -36.07 58.27 31.34
N LEU E 18 -35.72 58.84 32.48
CA LEU E 18 -34.37 59.33 32.76
C LEU E 18 -33.42 58.14 32.88
N VAL E 19 -33.83 57.17 33.68
CA VAL E 19 -33.14 55.90 33.79
C VAL E 19 -32.87 55.24 32.43
N ASP E 20 -33.89 55.23 31.56
CA ASP E 20 -33.75 54.68 30.20
C ASP E 20 -32.60 55.33 29.40
N SER E 21 -32.42 56.63 29.53
CA SER E 21 -31.37 57.33 28.79
C SER E 21 -30.02 56.99 29.35
N TRP E 22 -29.92 57.01 30.67
CA TRP E 22 -28.69 56.66 31.35
C TRP E 22 -28.15 55.30 30.93
N LEU E 23 -29.06 54.33 30.85
CA LEU E 23 -28.74 52.99 30.36
C LEU E 23 -28.41 52.92 28.89
N ARG E 24 -29.19 53.62 28.08
CA ARG E 24 -28.93 53.71 26.65
C ARG E 24 -27.58 54.38 26.35
N GLU E 25 -27.21 55.38 27.15
CA GLU E 25 -25.90 56.07 27.03
C GLU E 25 -24.78 55.07 27.18
N ASP E 26 -24.92 54.21 28.17
CA ASP E 26 -23.90 53.27 28.59
C ASP E 26 -23.83 52.05 27.71
N CYS E 27 -24.93 51.62 27.08
CA CYS E 27 -24.90 50.53 26.10
C CYS E 27 -25.84 50.78 24.90
N PRO E 28 -25.36 51.57 23.93
CA PRO E 28 -26.24 51.87 22.81
C PRO E 28 -26.53 50.62 21.97
N GLY E 29 -25.50 49.85 21.63
CA GLY E 29 -25.65 48.69 20.76
C GLY E 29 -25.71 47.38 21.51
N LEU E 30 -24.78 46.49 21.16
CA LEU E 30 -24.71 45.14 21.74
C LEU E 30 -23.93 45.23 23.03
N ASN E 31 -24.29 44.36 23.97
CA ASN E 31 -23.60 44.19 25.25
C ASN E 31 -22.71 42.94 25.20
N TYR E 32 -21.55 43.06 24.54
CA TYR E 32 -20.62 41.92 24.33
C TYR E 32 -20.26 41.18 25.63
N ALA E 33 -20.17 41.95 26.72
CA ALA E 33 -19.86 41.41 28.04
C ALA E 33 -20.97 40.58 28.68
N ALA E 34 -22.12 40.43 28.04
CA ALA E 34 -23.17 39.60 28.62
C ALA E 34 -22.87 38.12 28.47
N LEU E 35 -22.09 37.80 27.43
CA LEU E 35 -21.73 36.43 27.12
C LEU E 35 -20.67 35.87 28.07
N VAL E 36 -19.93 36.77 28.72
CA VAL E 36 -18.94 36.37 29.72
C VAL E 36 -19.67 35.92 31.01
N SER E 37 -20.53 36.78 31.54
CA SER E 37 -21.28 36.48 32.76
C SER E 37 -22.37 35.47 32.56
N GLY E 38 -22.98 35.46 31.38
CA GLY E 38 -24.18 34.65 31.13
C GLY E 38 -25.27 35.11 32.06
N ALA E 39 -26.40 34.42 32.07
CA ALA E 39 -27.60 34.93 32.73
C ALA E 39 -28.05 34.19 34.01
N GLY E 40 -27.14 33.52 34.71
CA GLY E 40 -27.54 32.68 35.84
C GLY E 40 -28.09 33.54 36.98
N PRO E 41 -29.07 33.04 37.77
CA PRO E 41 -29.57 33.83 38.91
C PRO E 41 -28.46 34.20 39.89
N SER E 42 -28.22 35.49 40.11
CA SER E 42 -27.10 35.96 40.95
C SER E 42 -27.51 36.98 42.02
N GLN E 43 -26.60 37.25 42.96
CA GLN E 43 -26.82 38.21 44.05
C GLN E 43 -25.59 39.09 44.12
N ALA E 44 -25.75 40.34 44.52
CA ALA E 44 -24.62 41.25 44.70
C ALA E 44 -24.79 42.10 45.96
N ALA E 45 -23.65 42.40 46.59
CA ALA E 45 -23.61 43.17 47.83
C ALA E 45 -23.13 44.55 47.49
N LEU E 46 -23.97 45.56 47.79
CA LEU E 46 -23.57 46.96 47.72
C LEU E 46 -22.79 47.37 48.98
N TRP E 47 -21.52 47.70 48.77
CA TRP E 47 -20.62 48.14 49.82
C TRP E 47 -20.48 49.67 49.79
N ALA E 48 -20.63 50.31 50.96
CA ALA E 48 -20.33 51.75 51.11
C ALA E 48 -18.95 51.91 51.65
N LYS E 49 -18.07 52.46 50.85
CA LYS E 49 -16.67 52.62 51.26
C LYS E 49 -16.32 54.02 51.77
N SER E 50 -17.13 55.05 51.49
CA SER E 50 -16.96 56.42 52.06
C SER E 50 -17.96 56.80 53.16
N PRO E 51 -17.54 57.66 54.12
CA PRO E 51 -18.49 58.17 55.11
C PRO E 51 -19.33 59.24 54.45
N GLY E 52 -20.53 59.46 54.96
CA GLY E 52 -21.39 60.52 54.45
C GLY E 52 -22.85 60.28 54.74
N VAL E 53 -23.71 60.61 53.79
CA VAL E 53 -25.13 60.29 53.90
C VAL E 53 -25.53 59.50 52.67
N LEU E 54 -26.32 58.44 52.88
CA LEU E 54 -26.78 57.58 51.79
C LEU E 54 -27.99 58.25 51.19
N ALA E 55 -27.85 58.60 49.91
CA ALA E 55 -28.91 59.21 49.14
C ALA E 55 -28.95 58.63 47.73
N GLY E 56 -30.18 58.50 47.22
CA GLY E 56 -30.41 58.02 45.84
C GLY E 56 -31.03 56.64 45.68
N GLN E 57 -31.50 56.03 46.77
CA GLN E 57 -32.24 54.77 46.67
C GLN E 57 -33.28 54.68 45.51
N PRO E 58 -34.16 55.69 45.35
CA PRO E 58 -35.15 55.58 44.28
C PRO E 58 -34.60 55.50 42.86
N PHE E 59 -33.48 56.16 42.60
CA PHE E 59 -32.84 56.14 41.27
C PHE E 59 -32.14 54.81 41.03
N PHE E 60 -31.61 54.25 42.10
CA PHE E 60 -30.96 52.93 42.11
C PHE E 60 -32.02 51.85 41.81
N ASP E 61 -33.11 51.85 42.57
CA ASP E 61 -34.23 50.89 42.38
C ASP E 61 -34.75 50.89 40.94
N ALA E 62 -34.92 52.08 40.38
CA ALA E 62 -35.40 52.25 39.02
C ALA E 62 -34.48 51.69 37.98
N ILE E 63 -33.17 51.89 38.19
CA ILE E 63 -32.15 51.39 37.25
C ILE E 63 -32.21 49.88 37.17
N PHE E 64 -32.16 49.24 38.34
CA PHE E 64 -32.24 47.78 38.40
C PHE E 64 -33.62 47.25 38.07
N THR E 65 -34.70 47.90 38.52
CA THR E 65 -36.05 47.46 38.12
C THR E 65 -36.17 47.36 36.60
N GLN E 66 -35.63 48.35 35.90
CA GLN E 66 -35.62 48.33 34.43
C GLN E 66 -34.85 47.14 33.81
N LEU E 67 -34.00 46.45 34.57
CA LEU E 67 -33.23 45.29 34.07
C LEU E 67 -33.66 43.91 34.71
N ASN E 68 -34.85 43.90 35.32
CA ASN E 68 -35.43 42.75 36.04
C ASN E 68 -34.60 42.24 37.19
N CYS E 69 -34.18 43.20 38.01
CA CYS E 69 -33.45 42.96 39.24
C CYS E 69 -34.11 43.73 40.39
N GLN E 70 -34.09 43.11 41.57
CA GLN E 70 -34.66 43.68 42.81
C GLN E 70 -33.53 44.02 43.82
N VAL E 71 -33.83 44.99 44.68
CA VAL E 71 -32.87 45.56 45.60
C VAL E 71 -33.45 45.44 47.00
N SER E 72 -32.64 45.04 47.97
CA SER E 72 -33.05 45.05 49.39
C SER E 72 -32.09 45.90 50.22
N TRP E 73 -32.64 46.93 50.87
CA TRP E 73 -31.83 47.92 51.56
C TRP E 73 -31.83 47.58 53.02
N PHE E 74 -30.67 47.64 53.67
CA PHE E 74 -30.56 47.38 55.10
C PHE E 74 -30.47 48.64 55.93
N LEU E 75 -29.98 49.70 55.29
CA LEU E 75 -30.11 51.06 55.78
C LEU E 75 -31.19 51.84 55.03
N PRO E 76 -31.98 52.64 55.77
CA PRO E 76 -32.98 53.44 55.09
C PRO E 76 -32.33 54.63 54.35
N GLU E 77 -33.14 55.29 53.53
CA GLU E 77 -32.70 56.46 52.82
C GLU E 77 -32.25 57.51 53.85
N GLY E 78 -31.14 58.18 53.53
CA GLY E 78 -30.68 59.33 54.29
C GLY E 78 -29.94 58.97 55.55
N SER E 79 -29.53 57.72 55.71
CA SER E 79 -28.82 57.30 56.94
C SER E 79 -27.31 57.62 56.87
N LYS E 80 -26.62 57.69 58.01
CA LYS E 80 -25.16 57.98 58.05
C LYS E 80 -24.40 56.73 57.62
N LEU E 81 -23.39 56.91 56.78
CA LEU E 81 -22.59 55.79 56.33
C LEU E 81 -21.35 55.76 57.18
N VAL E 82 -21.15 54.62 57.86
CA VAL E 82 -19.88 54.36 58.56
C VAL E 82 -19.11 53.31 57.73
N PRO E 83 -17.93 53.68 57.16
CA PRO E 83 -17.29 52.94 56.05
C PRO E 83 -17.00 51.46 56.22
N VAL E 84 -16.90 50.81 55.07
CA VAL E 84 -17.05 49.38 54.86
C VAL E 84 -18.32 48.91 55.58
N ALA E 85 -19.46 49.46 55.17
CA ALA E 85 -20.79 48.95 55.54
C ALA E 85 -21.43 48.27 54.34
N ARG E 86 -22.19 47.21 54.61
CA ARG E 86 -23.00 46.51 53.59
C ARG E 86 -24.40 47.15 53.62
N VAL E 87 -24.74 47.95 52.62
CA VAL E 87 -25.99 48.74 52.68
C VAL E 87 -27.16 48.14 51.95
N ALA E 88 -26.91 47.27 50.98
CA ALA E 88 -27.99 46.65 50.24
C ALA E 88 -27.56 45.42 49.46
N GLU E 89 -28.57 44.68 48.99
CA GLU E 89 -28.37 43.47 48.18
C GLU E 89 -29.24 43.56 46.93
N VAL E 90 -28.67 43.21 45.78
CA VAL E 90 -29.34 43.30 44.48
C VAL E 90 -29.36 41.90 43.91
N ARG E 91 -30.50 41.49 43.35
CA ARG E 91 -30.70 40.13 42.86
C ARG E 91 -31.26 40.17 41.45
N GLY E 92 -30.76 39.30 40.58
CA GLY E 92 -31.26 39.18 39.21
C GLY E 92 -30.31 38.41 38.34
N PRO E 93 -30.63 38.28 37.03
CA PRO E 93 -29.76 37.62 36.03
C PRO E 93 -28.39 38.25 36.00
N ALA E 94 -27.34 37.44 35.98
CA ALA E 94 -25.97 37.96 36.20
C ALA E 94 -25.56 39.05 35.19
N HIS E 95 -25.83 38.83 33.90
CA HIS E 95 -25.60 39.84 32.83
C HIS E 95 -26.32 41.20 33.05
N CYS E 96 -27.51 41.11 33.67
CA CYS E 96 -28.37 42.25 33.91
C CYS E 96 -27.81 43.08 35.07
N LEU E 97 -27.49 42.41 36.19
CA LEU E 97 -26.74 43.03 37.33
C LEU E 97 -25.51 43.80 36.91
N LEU E 98 -24.74 43.22 35.99
CA LEU E 98 -23.50 43.85 35.53
C LEU E 98 -23.70 45.02 34.56
N LEU E 99 -24.82 44.99 33.83
CA LEU E 99 -25.21 46.06 32.91
C LEU E 99 -25.58 47.31 33.68
N GLY E 100 -26.33 47.10 34.75
CA GLY E 100 -26.69 48.17 35.65
C GLY E 100 -25.55 48.70 36.51
N GLU E 101 -24.68 47.79 36.93
CA GLU E 101 -23.63 48.04 37.94
C GLU E 101 -23.07 49.48 37.98
N ARG E 102 -22.39 49.89 36.93
CA ARG E 102 -21.69 51.18 36.89
C ARG E 102 -22.64 52.39 36.95
N VAL E 103 -23.72 52.29 36.20
CA VAL E 103 -24.68 53.37 36.04
C VAL E 103 -25.40 53.65 37.36
N ALA E 104 -25.70 52.60 38.13
CA ALA E 104 -26.32 52.73 39.47
C ALA E 104 -25.38 53.29 40.49
N LEU E 105 -24.16 52.79 40.47
CA LEU E 105 -23.12 53.28 41.37
C LEU E 105 -22.80 54.74 41.11
N ASN E 106 -22.65 55.09 39.84
CA ASN E 106 -22.46 56.47 39.49
C ASN E 106 -23.57 57.36 40.02
N THR E 107 -24.81 56.95 39.79
CA THR E 107 -25.98 57.70 40.27
C THR E 107 -25.97 57.81 41.78
N LEU E 108 -25.90 56.68 42.47
CA LEU E 108 -25.87 56.65 43.94
C LEU E 108 -24.67 57.42 44.54
N ALA E 109 -23.52 57.37 43.86
CA ALA E 109 -22.31 58.01 44.34
C ALA E 109 -22.47 59.51 44.47
N ARG E 110 -23.13 60.14 43.48
CA ARG E 110 -23.24 61.61 43.38
C ARG E 110 -24.43 62.15 44.12
N CYS E 111 -25.54 61.43 44.06
CA CYS E 111 -26.66 61.76 44.88
C CYS E 111 -26.20 61.75 46.35
N SER E 112 -25.43 60.73 46.73
CA SER E 112 -24.93 60.59 48.09
C SER E 112 -23.86 61.60 48.45
N GLY E 113 -23.06 62.03 47.48
CA GLY E 113 -22.04 63.07 47.71
C GLY E 113 -22.66 64.39 48.12
N ILE E 114 -23.79 64.69 47.45
CA ILE E 114 -24.49 65.96 47.63
C ILE E 114 -25.19 65.94 48.97
N ALA E 115 -26.02 64.92 49.19
CA ALA E 115 -26.58 64.68 50.52
C ALA E 115 -25.55 64.90 51.65
N SER E 116 -24.36 64.30 51.49
CA SER E 116 -23.25 64.42 52.46
C SER E 116 -22.79 65.84 52.65
N ALA E 117 -22.42 66.49 51.56
CA ALA E 117 -22.02 67.91 51.63
C ALA E 117 -23.14 68.78 52.24
N ALA E 118 -24.39 68.49 51.86
CA ALA E 118 -25.50 69.26 52.38
C ALA E 118 -25.74 69.01 53.86
N ALA E 119 -25.68 67.75 54.27
CA ALA E 119 -25.80 67.39 55.68
C ALA E 119 -24.69 67.99 56.55
N ALA E 120 -23.47 68.02 56.00
CA ALA E 120 -22.35 68.73 56.59
C ALA E 120 -22.64 70.21 56.86
N ALA E 121 -23.17 70.87 55.84
CA ALA E 121 -23.50 72.29 55.93
C ALA E 121 -24.66 72.58 56.88
N VAL E 122 -25.76 71.81 56.77
CA VAL E 122 -26.89 71.97 57.71
C VAL E 122 -26.37 71.82 59.13
N GLU E 123 -25.48 70.82 59.34
CA GLU E 123 -24.97 70.51 60.67
C GLU E 123 -24.24 71.69 61.26
N ALA E 124 -23.34 72.29 60.47
CA ALA E 124 -22.61 73.47 60.90
C ALA E 124 -23.62 74.57 61.28
N ALA E 125 -24.65 74.76 60.47
CA ALA E 125 -25.62 75.83 60.68
C ALA E 125 -26.51 75.64 61.92
N ARG E 126 -26.99 74.43 62.17
CA ARG E 126 -27.62 74.10 63.47
C ARG E 126 -26.60 74.38 64.59
N GLY E 127 -25.35 73.96 64.34
CA GLY E 127 -24.22 74.18 65.25
C GLY E 127 -23.85 75.62 65.52
N ALA E 128 -24.13 76.53 64.58
CA ALA E 128 -24.07 77.98 64.85
C ALA E 128 -25.43 78.53 65.33
N GLY E 129 -26.28 77.64 65.88
CA GLY E 129 -27.60 77.99 66.42
C GLY E 129 -28.63 78.62 65.49
N TRP E 130 -28.64 78.21 64.22
CA TRP E 130 -29.42 78.87 63.16
C TRP E 130 -30.63 78.06 62.71
N THR E 131 -31.79 78.73 62.69
CA THR E 131 -33.09 78.16 62.31
C THR E 131 -33.49 78.42 60.84
N GLY E 132 -32.62 79.06 60.07
CA GLY E 132 -32.86 79.33 58.65
C GLY E 132 -32.69 78.10 57.79
N HIS E 133 -32.70 78.33 56.47
CA HIS E 133 -32.63 77.27 55.43
C HIS E 133 -31.33 77.34 54.62
N VAL E 134 -30.53 76.28 54.70
CA VAL E 134 -29.37 76.14 53.84
C VAL E 134 -29.94 75.61 52.53
N ALA E 135 -29.46 76.12 51.41
CA ALA E 135 -30.09 75.82 50.14
C ALA E 135 -29.19 75.73 48.93
N GLY E 136 -29.69 75.00 47.94
CA GLY E 136 -28.98 74.74 46.72
C GLY E 136 -29.07 75.89 45.79
N THR E 137 -28.54 75.66 44.59
CA THR E 137 -28.56 76.64 43.52
C THR E 137 -29.03 75.95 42.25
N ARG E 138 -29.00 76.71 41.16
CA ARG E 138 -29.17 76.11 39.84
C ARG E 138 -27.84 75.68 39.25
N LYS E 139 -26.73 75.74 39.99
CA LYS E 139 -25.44 75.21 39.50
C LYS E 139 -25.35 73.67 39.64
N THR E 140 -26.08 73.00 38.74
CA THR E 140 -26.19 71.55 38.70
C THR E 140 -25.70 71.00 37.34
N THR E 141 -25.24 69.74 37.34
CA THR E 141 -24.87 69.06 36.12
C THR E 141 -26.09 69.05 35.18
N PRO E 142 -25.88 69.51 33.93
CA PRO E 142 -26.98 69.45 32.98
C PRO E 142 -27.56 68.04 32.79
N GLY E 143 -28.89 68.00 32.73
CA GLY E 143 -29.64 66.79 32.54
C GLY E 143 -29.72 65.94 33.78
N PHE E 144 -29.05 66.33 34.86
CA PHE E 144 -28.96 65.52 36.09
C PHE E 144 -29.55 66.24 37.30
N ARG E 145 -30.32 67.28 37.05
CA ARG E 145 -30.82 68.13 38.09
C ARG E 145 -31.77 67.42 39.03
N LEU E 146 -32.51 66.43 38.56
CA LEU E 146 -33.50 65.77 39.43
C LEU E 146 -32.82 65.02 40.58
N VAL E 147 -31.76 64.31 40.21
CA VAL E 147 -30.91 63.58 41.15
C VAL E 147 -30.25 64.52 42.15
N GLU E 148 -29.63 65.58 41.65
CA GLU E 148 -28.82 66.50 42.47
C GLU E 148 -29.67 67.37 43.40
N LYS E 149 -30.86 67.77 42.97
CA LYS E 149 -31.75 68.54 43.83
C LYS E 149 -32.34 67.63 44.89
N TYR E 150 -32.68 66.41 44.50
CA TYR E 150 -33.19 65.41 45.45
C TYR E 150 -32.14 65.11 46.49
N GLY E 151 -30.88 65.08 46.05
CA GLY E 151 -29.76 64.91 46.94
C GLY E 151 -29.68 65.96 48.04
N LEU E 152 -29.88 67.21 47.67
CA LEU E 152 -29.86 68.29 48.66
C LEU E 152 -30.89 68.05 49.76
N LEU E 153 -32.07 67.59 49.33
CA LEU E 153 -33.17 67.32 50.23
C LEU E 153 -32.83 66.21 51.21
N VAL E 154 -32.28 65.10 50.72
CA VAL E 154 -31.95 63.99 51.61
C VAL E 154 -30.96 64.43 52.72
N GLY E 155 -30.01 65.29 52.37
CA GLY E 155 -29.10 65.89 53.35
C GLY E 155 -29.70 66.95 54.26
N GLY E 156 -30.94 67.36 53.98
CA GLY E 156 -31.64 68.36 54.80
C GLY E 156 -31.46 69.81 54.41
N ALA E 157 -30.72 70.04 53.35
CA ALA E 157 -30.74 71.34 52.69
C ALA E 157 -32.04 71.45 51.91
N ALA E 158 -32.29 72.68 51.46
CA ALA E 158 -33.42 72.96 50.61
C ALA E 158 -32.93 72.98 49.15
N SER E 159 -33.69 72.39 48.23
CA SER E 159 -33.54 72.77 46.83
C SER E 159 -34.03 74.19 46.84
N HIS E 160 -33.39 75.06 46.08
CA HIS E 160 -33.99 76.37 45.84
C HIS E 160 -35.07 76.07 44.75
N ARG E 161 -35.58 77.10 44.10
CA ARG E 161 -36.42 76.86 42.94
C ARG E 161 -35.71 75.79 42.10
N TYR E 162 -36.53 74.97 41.46
CA TYR E 162 -36.02 73.88 40.67
C TYR E 162 -35.58 74.37 39.28
N ASP E 163 -36.48 75.10 38.59
CA ASP E 163 -36.29 75.61 37.21
C ASP E 163 -36.53 77.13 37.16
N LEU E 164 -36.43 77.76 35.99
CA LEU E 164 -36.85 79.17 35.86
C LEU E 164 -38.40 79.34 35.79
N GLY E 165 -39.15 78.26 35.89
CA GLY E 165 -40.59 78.36 36.01
C GLY E 165 -41.16 78.53 37.41
N GLY E 166 -40.33 78.48 38.45
CA GLY E 166 -40.81 78.35 39.83
C GLY E 166 -40.44 79.43 40.84
N LEU E 167 -40.23 80.66 40.35
CA LEU E 167 -39.81 81.82 41.17
C LEU E 167 -39.06 82.73 40.21
N VAL E 168 -39.51 83.98 40.10
CA VAL E 168 -38.84 84.94 39.21
C VAL E 168 -37.64 85.52 39.92
N MET E 169 -36.44 85.23 39.42
CA MET E 169 -35.22 85.77 39.99
C MET E 169 -34.64 86.88 39.12
N VAL E 170 -34.67 88.10 39.66
CA VAL E 170 -33.95 89.23 39.10
C VAL E 170 -32.50 89.16 39.56
N LYS E 171 -31.59 88.98 38.61
CA LYS E 171 -30.14 88.99 38.86
C LYS E 171 -29.51 90.29 38.33
N ASP E 172 -28.27 90.57 38.75
CA ASP E 172 -27.50 91.73 38.25
C ASP E 172 -27.69 92.03 36.75
N ASN E 173 -27.79 90.97 35.93
CA ASN E 173 -27.99 91.08 34.47
C ASN E 173 -29.40 91.55 34.05
N HIS E 174 -30.41 91.08 34.76
CA HIS E 174 -31.81 91.46 34.52
C HIS E 174 -31.96 92.96 34.85
N VAL E 175 -31.25 93.42 35.91
CA VAL E 175 -31.17 94.85 36.31
C VAL E 175 -30.48 95.72 35.27
N VAL E 176 -29.34 95.29 34.76
CA VAL E 176 -28.74 95.96 33.61
C VAL E 176 -29.67 96.00 32.42
N ALA E 177 -30.14 94.83 31.98
CA ALA E 177 -30.95 94.68 30.73
C ALA E 177 -32.22 95.55 30.69
N ALA E 178 -32.87 95.70 31.85
CA ALA E 178 -34.05 96.57 32.01
C ALA E 178 -33.65 98.03 32.12
N GLY E 179 -32.42 98.29 32.56
CA GLY E 179 -31.94 99.65 32.83
C GLY E 179 -32.51 100.22 34.12
N GLY E 180 -32.29 99.51 35.22
CA GLY E 180 -32.66 99.98 36.57
C GLY E 180 -33.29 98.93 37.46
N VAL E 181 -32.87 98.91 38.72
CA VAL E 181 -33.49 98.03 39.73
C VAL E 181 -35.02 98.27 39.88
N GLU E 182 -35.46 99.54 39.88
CA GLU E 182 -36.90 99.90 40.01
C GLU E 182 -37.76 99.29 38.89
N LYS E 183 -37.27 99.53 37.66
CA LYS E 183 -37.82 98.98 36.42
C LYS E 183 -37.89 97.45 36.43
N ALA E 184 -36.74 96.81 36.68
CA ALA E 184 -36.60 95.36 36.66
C ALA E 184 -37.57 94.70 37.64
N VAL E 185 -37.55 95.14 38.89
CA VAL E 185 -38.44 94.57 39.91
C VAL E 185 -39.90 94.68 39.53
N ARG E 186 -40.27 95.82 38.94
CA ARG E 186 -41.65 96.10 38.55
C ARG E 186 -42.11 95.09 37.50
N ALA E 187 -41.32 94.87 36.45
CA ALA E 187 -41.69 93.89 35.41
C ALA E 187 -41.78 92.48 35.98
N ALA E 188 -40.82 92.15 36.85
CA ALA E 188 -40.81 90.87 37.52
C ALA E 188 -42.11 90.68 38.33
N ARG E 189 -42.48 91.69 39.14
CA ARG E 189 -43.77 91.71 39.88
C ARG E 189 -44.97 91.39 38.99
N GLN E 190 -45.05 92.06 37.84
CA GLN E 190 -46.13 91.90 36.86
C GLN E 190 -46.17 90.47 36.31
N ALA E 191 -44.99 89.98 35.93
CA ALA E 191 -44.85 88.62 35.38
C ALA E 191 -45.15 87.49 36.38
N ALA E 192 -44.79 87.68 37.66
CA ALA E 192 -45.03 86.68 38.71
C ALA E 192 -46.33 87.04 39.36
N ASP E 193 -47.42 86.56 38.82
CA ASP E 193 -48.68 87.28 39.01
C ASP E 193 -49.18 87.42 40.46
N PHE E 194 -49.58 86.30 41.07
CA PHE E 194 -49.75 86.23 42.52
C PHE E 194 -49.01 84.96 42.90
N ALA E 195 -48.78 84.05 41.95
CA ALA E 195 -48.42 82.66 42.21
C ALA E 195 -46.92 82.42 42.44
N LEU E 196 -46.11 83.29 41.85
CA LEU E 196 -44.67 83.19 42.04
C LEU E 196 -44.16 84.32 42.95
N LYS E 197 -43.09 84.01 43.66
CA LYS E 197 -42.35 85.02 44.42
C LYS E 197 -41.41 85.74 43.45
N VAL E 198 -41.03 86.96 43.82
CA VAL E 198 -39.95 87.66 43.16
C VAL E 198 -38.82 87.78 44.17
N GLU E 199 -37.59 87.60 43.68
CA GLU E 199 -36.39 87.73 44.47
C GLU E 199 -35.41 88.58 43.66
N VAL E 200 -34.69 89.47 44.31
CA VAL E 200 -33.72 90.36 43.63
C VAL E 200 -32.28 90.23 44.20
N GLU E 201 -31.31 89.95 43.33
CA GLU E 201 -29.90 90.09 43.70
C GLU E 201 -29.55 91.54 43.94
N CYS E 202 -28.90 91.80 45.08
CA CYS E 202 -28.49 93.17 45.47
C CYS E 202 -27.02 93.19 45.95
N SER E 203 -26.29 94.25 45.60
CA SER E 203 -24.88 94.40 45.98
C SER E 203 -24.63 95.60 46.93
N SER E 204 -25.70 96.16 47.48
CA SER E 204 -25.57 97.22 48.48
C SER E 204 -26.87 97.39 49.28
N LEU E 205 -26.81 98.02 50.45
CA LEU E 205 -28.03 98.27 51.23
C LEU E 205 -29.06 99.12 50.45
N GLN E 206 -28.57 100.10 49.71
CA GLN E 206 -29.43 100.99 48.93
C GLN E 206 -30.32 100.20 47.94
N GLU E 207 -29.69 99.28 47.21
CA GLU E 207 -30.31 98.48 46.12
C GLU E 207 -31.37 97.52 46.66
N ALA E 208 -31.04 96.90 47.79
CA ALA E 208 -31.96 96.10 48.59
C ALA E 208 -33.25 96.83 48.99
N VAL E 209 -33.09 98.09 49.40
CA VAL E 209 -34.22 98.91 49.84
C VAL E 209 -35.12 99.20 48.64
N GLN E 210 -34.51 99.50 47.49
CA GLN E 210 -35.27 99.80 46.28
C GLN E 210 -36.13 98.63 45.84
N ALA E 211 -35.53 97.44 45.91
CA ALA E 211 -36.18 96.17 45.61
C ALA E 211 -37.33 95.86 46.55
N ALA E 212 -37.13 96.06 47.83
CA ALA E 212 -38.17 95.79 48.83
C ALA E 212 -39.41 96.67 48.63
N GLU E 213 -39.17 97.97 48.41
CA GLU E 213 -40.22 98.97 48.05
C GLU E 213 -40.98 98.58 46.80
N ALA E 214 -40.24 98.17 45.77
CA ALA E 214 -40.81 97.75 44.51
C ALA E 214 -41.56 96.40 44.55
N GLY E 215 -41.59 95.75 45.72
CA GLY E 215 -42.46 94.58 45.97
C GLY E 215 -41.81 93.19 46.04
N ALA E 216 -40.47 93.12 45.96
CA ALA E 216 -39.69 91.90 46.14
C ALA E 216 -40.08 91.08 47.38
N ASP E 217 -40.40 89.82 47.16
CA ASP E 217 -40.68 88.91 48.25
C ASP E 217 -39.40 88.54 48.99
N LEU E 218 -38.27 88.48 48.26
CA LEU E 218 -36.96 88.13 48.84
C LEU E 218 -35.84 89.00 48.26
N VAL E 219 -34.87 89.33 49.11
CA VAL E 219 -33.68 90.10 48.69
C VAL E 219 -32.48 89.22 48.89
N LEU E 220 -31.78 88.91 47.80
CA LEU E 220 -30.57 88.12 47.87
C LEU E 220 -29.38 89.09 47.91
N LEU E 221 -28.72 89.14 49.06
CA LEU E 221 -27.52 89.96 49.21
C LEU E 221 -26.32 89.19 48.64
N ASP E 222 -25.92 89.58 47.44
CA ASP E 222 -24.89 88.89 46.69
C ASP E 222 -23.50 89.36 47.12
N ASN E 223 -22.75 88.43 47.70
CA ASN E 223 -21.30 88.58 47.93
C ASN E 223 -20.89 89.55 48.99
N PHE E 224 -21.69 89.65 50.03
CA PHE E 224 -21.36 90.52 51.13
C PHE E 224 -20.30 89.85 51.98
N LYS E 225 -19.43 90.67 52.59
CA LYS E 225 -18.64 90.25 53.76
C LYS E 225 -19.62 90.15 54.94
N PRO E 226 -19.36 89.25 55.92
CA PRO E 226 -20.36 89.15 56.99
C PRO E 226 -20.54 90.41 57.79
N GLU E 227 -19.43 91.10 58.04
CA GLU E 227 -19.50 92.42 58.72
C GLU E 227 -20.38 93.50 58.06
N GLU E 228 -20.56 93.38 56.76
CA GLU E 228 -21.47 94.27 55.99
C GLU E 228 -22.84 93.59 55.94
N LEU E 229 -22.86 92.29 55.63
CA LEU E 229 -24.12 91.53 55.48
C LEU E 229 -25.07 91.78 56.63
N HIS E 230 -24.67 91.37 57.83
CA HIS E 230 -25.58 91.36 58.97
C HIS E 230 -26.24 92.74 59.31
N PRO E 231 -25.46 93.86 59.40
CA PRO E 231 -26.13 95.17 59.69
C PRO E 231 -27.15 95.56 58.64
N THR E 232 -26.78 95.34 57.37
CA THR E 232 -27.66 95.50 56.21
C THR E 232 -28.99 94.78 56.40
N ALA E 233 -28.93 93.49 56.70
CA ALA E 233 -30.13 92.68 56.91
C ALA E 233 -31.00 93.20 58.07
N THR E 234 -30.37 93.52 59.19
CA THR E 234 -31.08 94.10 60.34
C THR E 234 -31.84 95.37 59.95
N VAL E 235 -31.27 96.16 59.04
CA VAL E 235 -31.93 97.38 58.53
C VAL E 235 -33.19 97.06 57.70
N LEU E 236 -33.11 96.07 56.79
CA LEU E 236 -34.26 95.65 55.94
C LEU E 236 -35.39 95.15 56.82
N LYS E 237 -35.08 94.16 57.63
CA LYS E 237 -36.06 93.56 58.51
C LYS E 237 -36.76 94.58 59.41
N ALA E 238 -36.09 95.70 59.72
CA ALA E 238 -36.67 96.81 60.51
C ALA E 238 -37.67 97.59 59.71
N GLN E 239 -37.26 97.99 58.50
CA GLN E 239 -38.07 98.79 57.57
C GLN E 239 -39.15 97.97 56.83
N PHE E 240 -38.79 96.74 56.42
CA PHE E 240 -39.59 95.84 55.59
C PHE E 240 -39.67 94.49 56.26
N PRO E 241 -40.49 94.40 57.31
CA PRO E 241 -40.36 93.22 58.14
C PRO E 241 -40.75 91.92 57.50
N SER E 242 -41.58 91.94 56.46
CA SER E 242 -42.05 90.68 55.89
C SER E 242 -41.31 90.27 54.61
N VAL E 243 -40.25 90.99 54.25
CA VAL E 243 -39.37 90.53 53.16
C VAL E 243 -38.27 89.58 53.71
N ALA E 244 -37.99 88.50 52.97
CA ALA E 244 -36.98 87.52 53.37
C ALA E 244 -35.58 87.87 52.83
N VAL E 245 -34.54 87.50 53.58
CA VAL E 245 -33.17 87.84 53.22
C VAL E 245 -32.40 86.56 53.00
N GLU E 246 -31.82 86.46 51.80
CA GLU E 246 -30.95 85.36 51.42
C GLU E 246 -29.54 85.90 51.33
N ALA E 247 -28.60 85.08 51.77
CA ALA E 247 -27.18 85.38 51.61
C ALA E 247 -26.57 84.35 50.67
N SER E 248 -25.74 84.80 49.74
CA SER E 248 -25.11 83.91 48.78
C SER E 248 -23.82 84.55 48.27
N GLY E 249 -22.82 83.72 47.98
CA GLY E 249 -21.58 84.13 47.32
C GLY E 249 -20.35 83.71 48.09
N GLY E 250 -19.62 82.71 47.57
CA GLY E 250 -18.40 82.20 48.20
C GLY E 250 -18.55 81.79 49.65
N ILE E 251 -19.67 81.18 49.99
CA ILE E 251 -19.94 80.69 51.32
C ILE E 251 -19.48 79.25 51.33
N THR E 252 -18.38 79.02 52.03
CA THR E 252 -17.84 77.70 52.23
C THR E 252 -18.49 77.11 53.45
N LEU E 253 -18.37 75.79 53.58
CA LEU E 253 -18.70 75.08 54.84
C LEU E 253 -17.91 75.62 56.01
N ASP E 254 -16.68 76.04 55.69
CA ASP E 254 -15.76 76.59 56.65
C ASP E 254 -16.24 77.92 57.27
N ASN E 255 -16.56 78.89 56.42
CA ASN E 255 -17.08 80.20 56.87
C ASN E 255 -18.61 80.28 57.08
N LEU E 256 -19.33 79.22 56.77
CA LEU E 256 -20.77 79.29 56.83
C LEU E 256 -21.28 79.90 58.15
N PRO E 257 -20.63 79.59 59.30
CA PRO E 257 -21.17 80.12 60.55
C PRO E 257 -21.09 81.62 60.67
N GLN E 258 -20.16 82.25 59.95
CA GLN E 258 -20.14 83.71 59.90
C GLN E 258 -21.43 84.29 59.33
N PHE E 259 -22.01 83.58 58.36
CA PHE E 259 -23.20 84.02 57.67
C PHE E 259 -24.51 83.67 58.38
N CYS E 260 -24.43 82.90 59.48
CA CYS E 260 -25.61 82.50 60.30
C CYS E 260 -25.93 83.49 61.40
N GLY E 261 -26.82 84.43 61.08
CA GLY E 261 -27.36 85.38 62.03
C GLY E 261 -28.89 85.41 62.00
N PRO E 262 -29.51 86.16 62.94
CA PRO E 262 -30.96 86.13 63.12
C PRO E 262 -31.78 86.83 62.05
N HIS E 263 -31.13 87.62 61.20
CA HIS E 263 -31.82 88.38 60.15
C HIS E 263 -31.51 87.89 58.73
N ILE E 264 -30.95 86.68 58.65
CA ILE E 264 -30.73 85.93 57.42
C ILE E 264 -31.70 84.72 57.44
N ASP E 265 -32.47 84.56 56.36
CA ASP E 265 -33.45 83.49 56.28
C ASP E 265 -32.96 82.36 55.41
N VAL E 266 -32.16 82.67 54.39
CA VAL E 266 -31.64 81.64 53.48
C VAL E 266 -30.14 81.82 53.18
N ILE E 267 -29.40 80.71 53.18
CA ILE E 267 -28.01 80.69 52.72
C ILE E 267 -27.89 79.65 51.60
N SER E 268 -27.54 80.10 50.40
CA SER E 268 -27.27 79.20 49.28
C SER E 268 -25.78 79.05 49.03
N MET E 269 -25.39 77.91 48.48
CA MET E 269 -23.99 77.53 48.34
C MET E 269 -23.77 76.80 47.04
N GLY E 270 -22.98 77.38 46.15
CA GLY E 270 -22.66 76.69 44.90
C GLY E 270 -22.05 75.32 45.14
N MET E 271 -21.12 75.26 46.10
CA MET E 271 -20.30 74.09 46.39
C MET E 271 -21.04 72.83 46.74
N LEU E 272 -22.28 72.97 47.24
CA LEU E 272 -23.12 71.78 47.54
C LEU E 272 -23.36 70.86 46.37
N THR E 273 -23.32 71.42 45.16
CA THR E 273 -23.42 70.68 43.92
C THR E 273 -22.12 70.71 43.06
N GLN E 274 -21.37 71.82 43.09
CA GLN E 274 -20.22 72.00 42.19
C GLN E 274 -18.88 71.44 42.67
N ALA E 275 -18.78 71.16 43.95
CA ALA E 275 -17.52 70.74 44.53
C ALA E 275 -17.78 69.80 45.71
N ALA E 276 -18.63 68.80 45.47
CA ALA E 276 -18.98 67.84 46.48
C ALA E 276 -18.49 66.52 45.93
N PRO E 277 -17.37 65.98 46.44
CA PRO E 277 -16.96 64.66 45.96
C PRO E 277 -18.05 63.62 46.15
N ALA E 278 -18.08 62.69 45.22
CA ALA E 278 -19.00 61.57 45.27
C ALA E 278 -18.42 60.56 46.23
N LEU E 279 -19.27 59.68 46.76
CA LEU E 279 -18.83 58.63 47.67
C LEU E 279 -18.44 57.37 46.91
N ASP E 280 -17.65 56.52 47.58
CA ASP E 280 -17.11 55.28 47.03
C ASP E 280 -18.06 54.16 47.35
N PHE E 281 -18.58 53.55 46.29
CA PHE E 281 -19.53 52.46 46.39
C PHE E 281 -19.09 51.40 45.41
N SER E 282 -19.26 50.14 45.80
CA SER E 282 -18.99 49.06 44.88
C SER E 282 -20.06 48.00 45.06
N LEU E 283 -20.20 47.19 44.03
CA LEU E 283 -21.20 46.17 44.00
C LEU E 283 -20.46 44.88 43.69
N LYS E 284 -20.45 43.96 44.64
CA LYS E 284 -19.71 42.69 44.54
C LYS E 284 -20.65 41.49 44.54
N LEU E 285 -20.64 40.73 43.44
CA LEU E 285 -21.27 39.39 43.35
C LEU E 285 -20.76 38.43 44.42
N PHE E 286 -21.67 37.82 45.17
CA PHE E 286 -21.32 36.72 46.08
C PHE E 286 -22.11 35.44 45.75
N ALA E 287 -21.49 34.28 45.99
CA ALA E 287 -22.16 32.97 45.82
C ALA E 287 -23.05 32.67 47.04
N LYS E 288 -24.29 32.19 46.83
CA LYS E 288 -25.29 32.06 47.91
C LYS E 288 -25.23 30.73 48.66
N GLU E 289 -25.64 30.77 49.93
CA GLU E 289 -25.81 29.59 50.80
C GLU E 289 -27.30 29.49 51.21
N MET F 1 -1.77 65.85 21.38
CA MET F 1 -2.71 66.11 20.24
C MET F 1 -2.85 67.63 19.99
N ASP F 2 -3.87 68.03 19.24
CA ASP F 2 -4.29 69.41 19.19
C ASP F 2 -5.65 69.52 19.88
N ALA F 3 -5.73 70.35 20.92
CA ALA F 3 -6.98 70.55 21.69
C ALA F 3 -8.19 71.02 20.84
N GLU F 4 -7.94 71.85 19.83
CA GLU F 4 -9.00 72.49 19.04
C GLU F 4 -9.57 71.61 17.94
N GLY F 5 -8.81 70.60 17.52
CA GLY F 5 -9.28 69.61 16.56
C GLY F 5 -10.09 68.47 17.17
N LEU F 6 -10.26 68.50 18.50
CA LEU F 6 -11.12 67.53 19.23
C LEU F 6 -12.60 67.74 19.04
N ALA F 7 -13.02 69.00 18.95
CA ALA F 7 -14.39 69.36 18.59
C ALA F 7 -14.96 68.47 17.47
N LEU F 8 -14.15 68.19 16.46
CA LEU F 8 -14.58 67.34 15.33
C LEU F 8 -15.09 65.94 15.72
N LEU F 9 -14.70 65.46 16.89
CA LEU F 9 -15.20 64.16 17.45
C LEU F 9 -16.71 64.13 17.73
N LEU F 10 -17.29 65.30 17.98
CA LEU F 10 -18.67 65.41 18.45
C LEU F 10 -19.68 65.35 17.28
N PRO F 11 -20.46 64.24 17.19
CA PRO F 11 -21.43 64.12 16.09
C PRO F 11 -22.66 65.06 16.27
N PRO F 12 -22.91 65.98 15.29
CA PRO F 12 -23.79 67.12 15.62
C PRO F 12 -25.29 66.75 15.81
N VAL F 13 -25.70 65.50 15.52
CA VAL F 13 -27.03 65.00 15.86
C VAL F 13 -27.16 64.88 17.37
N THR F 14 -26.39 63.96 17.96
CA THR F 14 -26.44 63.74 19.41
C THR F 14 -26.02 64.96 20.22
N LEU F 15 -25.23 65.85 19.64
CA LEU F 15 -24.88 67.11 20.30
C LEU F 15 -26.14 67.97 20.47
N ALA F 16 -26.73 68.40 19.36
CA ALA F 16 -27.88 69.32 19.40
C ALA F 16 -29.08 68.73 20.16
N ALA F 17 -29.24 67.41 20.10
CA ALA F 17 -30.27 66.71 20.88
C ALA F 17 -30.02 66.80 22.39
N LEU F 18 -28.75 66.70 22.78
CA LEU F 18 -28.35 66.79 24.19
C LEU F 18 -28.67 68.17 24.77
N VAL F 19 -28.28 69.21 24.02
CA VAL F 19 -28.54 70.63 24.33
C VAL F 19 -30.04 70.96 24.49
N ASP F 20 -30.87 70.44 23.61
CA ASP F 20 -32.32 70.54 23.76
C ASP F 20 -32.83 70.02 25.12
N SER F 21 -32.33 68.90 25.62
CA SER F 21 -32.75 68.41 26.97
C SER F 21 -32.27 69.30 28.09
N TRP F 22 -31.05 69.81 27.97
CA TRP F 22 -30.52 70.72 28.99
C TRP F 22 -31.33 72.00 29.14
N LEU F 23 -31.69 72.59 28.00
CA LEU F 23 -32.55 73.77 27.97
C LEU F 23 -33.97 73.49 28.49
N ARG F 24 -34.53 72.36 28.05
CA ARG F 24 -35.82 71.83 28.52
C ARG F 24 -35.87 71.57 30.03
N GLU F 25 -34.81 70.97 30.58
CA GLU F 25 -34.65 70.80 32.03
C GLU F 25 -34.77 72.12 32.75
N ASP F 26 -34.10 73.15 32.24
CA ASP F 26 -34.06 74.45 32.90
C ASP F 26 -35.34 75.28 32.77
N CYS F 27 -36.07 75.15 31.67
CA CYS F 27 -37.31 75.90 31.44
C CYS F 27 -38.40 75.08 30.72
N PRO F 28 -39.00 74.13 31.45
CA PRO F 28 -39.98 73.23 30.85
C PRO F 28 -41.25 73.94 30.32
N GLY F 29 -41.67 75.01 31.00
CA GLY F 29 -42.83 75.79 30.60
C GLY F 29 -42.46 77.18 30.12
N LEU F 30 -43.01 78.21 30.79
CA LEU F 30 -42.85 79.62 30.41
C LEU F 30 -41.61 80.25 31.05
N ASN F 31 -41.01 81.23 30.37
CA ASN F 31 -39.82 81.94 30.87
C ASN F 31 -40.31 83.28 31.39
N TYR F 32 -40.86 83.27 32.59
CA TYR F 32 -41.40 84.49 33.19
C TYR F 32 -40.36 85.63 33.31
N ALA F 33 -39.09 85.28 33.47
CA ALA F 33 -37.98 86.27 33.51
C ALA F 33 -37.55 86.89 32.16
N ALA F 34 -38.12 86.41 31.06
CA ALA F 34 -37.88 87.03 29.76
C ALA F 34 -38.48 88.42 29.71
N LEU F 35 -39.61 88.59 30.40
CA LEU F 35 -40.25 89.88 30.51
C LEU F 35 -39.43 90.91 31.25
N VAL F 36 -38.56 90.48 32.14
CA VAL F 36 -37.79 91.43 32.94
C VAL F 36 -36.63 91.99 32.08
N SER F 37 -35.96 91.13 31.34
CA SER F 37 -34.84 91.52 30.46
C SER F 37 -35.32 92.27 29.28
N GLY F 38 -36.50 91.93 28.76
CA GLY F 38 -36.91 92.32 27.40
C GLY F 38 -36.04 91.61 26.37
N ALA F 39 -36.21 91.94 25.10
CA ALA F 39 -35.55 91.23 23.98
C ALA F 39 -34.54 92.06 23.20
N GLY F 40 -34.09 93.19 23.76
CA GLY F 40 -33.19 94.10 23.03
C GLY F 40 -31.79 93.53 22.83
N PRO F 41 -31.18 93.71 21.64
CA PRO F 41 -29.79 93.29 21.36
C PRO F 41 -28.83 93.58 22.51
N SER F 42 -27.98 92.59 22.82
CA SER F 42 -27.12 92.65 24.02
C SER F 42 -25.81 91.94 23.79
N GLN F 43 -24.88 92.21 24.70
CA GLN F 43 -23.57 91.55 24.69
C GLN F 43 -23.20 91.24 26.15
N ALA F 44 -22.87 89.98 26.40
CA ALA F 44 -22.24 89.57 27.64
C ALA F 44 -20.81 89.12 27.41
N ALA F 45 -20.00 89.31 28.46
CA ALA F 45 -18.62 88.84 28.51
C ALA F 45 -18.58 87.59 29.37
N LEU F 46 -17.84 86.57 28.92
CA LEU F 46 -17.50 85.40 29.73
C LEU F 46 -16.17 85.58 30.51
N TRP F 47 -16.28 85.63 31.82
CA TRP F 47 -15.16 85.81 32.72
C TRP F 47 -14.74 84.46 33.31
N ALA F 48 -13.44 84.19 33.33
CA ALA F 48 -12.91 82.95 33.90
C ALA F 48 -12.23 83.29 35.21
N LYS F 49 -12.90 83.02 36.34
CA LYS F 49 -12.39 83.37 37.69
C LYS F 49 -11.64 82.27 38.46
N SER F 50 -11.45 81.09 37.85
CA SER F 50 -10.62 80.00 38.43
C SER F 50 -9.45 79.61 37.52
N PRO F 51 -8.31 79.20 38.14
CA PRO F 51 -7.18 78.67 37.39
C PRO F 51 -7.44 77.26 36.89
N GLY F 52 -6.96 76.97 35.68
CA GLY F 52 -7.20 75.68 35.07
C GLY F 52 -7.04 75.68 33.56
N VAL F 53 -7.70 74.69 32.95
CA VAL F 53 -7.72 74.52 31.49
C VAL F 53 -9.15 74.76 31.03
N LEU F 54 -9.28 75.61 30.01
CA LEU F 54 -10.55 75.87 29.37
C LEU F 54 -10.94 74.70 28.51
N ALA F 55 -12.10 74.11 28.78
CA ALA F 55 -12.71 73.09 27.90
C ALA F 55 -14.23 73.18 27.91
N GLY F 56 -14.82 72.90 26.75
CA GLY F 56 -16.27 72.94 26.55
C GLY F 56 -16.82 73.94 25.54
N GLN F 57 -15.97 74.68 24.83
CA GLN F 57 -16.44 75.62 23.78
C GLN F 57 -17.54 75.02 22.87
N PRO F 58 -17.32 73.84 22.28
CA PRO F 58 -18.36 73.22 21.44
C PRO F 58 -19.78 73.10 22.01
N PHE F 59 -19.90 72.95 23.32
CA PHE F 59 -21.21 72.79 23.97
C PHE F 59 -21.81 74.16 24.27
N PHE F 60 -20.94 75.05 24.74
CA PHE F 60 -21.27 76.46 24.99
C PHE F 60 -21.81 77.12 23.73
N ASP F 61 -21.05 76.95 22.64
CA ASP F 61 -21.47 77.40 21.31
C ASP F 61 -22.84 76.86 20.93
N ALA F 62 -22.99 75.53 20.98
CA ALA F 62 -24.25 74.86 20.61
C ALA F 62 -25.45 75.32 21.45
N ILE F 63 -25.25 75.46 22.75
CA ILE F 63 -26.30 75.98 23.65
C ILE F 63 -26.78 77.34 23.20
N PHE F 64 -25.86 78.26 23.01
CA PHE F 64 -26.26 79.62 22.61
C PHE F 64 -26.76 79.76 21.17
N THR F 65 -26.31 78.87 20.29
CA THR F 65 -26.77 78.82 18.91
C THR F 65 -28.27 78.48 18.88
N GLN F 66 -28.68 77.40 19.56
CA GLN F 66 -30.09 76.99 19.60
C GLN F 66 -31.02 78.11 20.12
N LEU F 67 -30.44 79.15 20.73
CA LEU F 67 -31.14 80.33 21.24
C LEU F 67 -30.84 81.64 20.45
N ASN F 68 -30.37 81.50 19.22
CA ASN F 68 -30.03 82.65 18.35
C ASN F 68 -29.06 83.60 18.95
N CYS F 69 -27.97 83.08 19.47
CA CYS F 69 -26.84 83.90 19.96
C CYS F 69 -25.48 83.45 19.38
N GLN F 70 -24.54 84.38 19.27
CA GLN F 70 -23.22 84.10 18.69
C GLN F 70 -22.15 84.34 19.72
N VAL F 71 -21.09 83.54 19.61
CA VAL F 71 -20.02 83.51 20.58
C VAL F 71 -18.70 83.84 19.87
N SER F 72 -17.97 84.78 20.48
CA SER F 72 -16.60 85.11 20.09
C SER F 72 -15.63 84.68 21.19
N TRP F 73 -14.64 83.88 20.80
CA TRP F 73 -13.65 83.34 21.72
C TRP F 73 -12.37 84.18 21.64
N PHE F 74 -11.84 84.59 22.80
CA PHE F 74 -10.53 85.28 22.85
C PHE F 74 -9.38 84.33 23.18
N LEU F 75 -9.68 83.22 23.84
CA LEU F 75 -8.71 82.15 24.05
C LEU F 75 -9.12 80.96 23.22
N PRO F 76 -8.16 80.09 22.89
CA PRO F 76 -8.50 78.86 22.15
C PRO F 76 -8.95 77.72 23.09
N GLU F 77 -9.52 76.67 22.48
CA GLU F 77 -9.98 75.50 23.21
C GLU F 77 -8.74 74.77 23.72
N GLY F 78 -8.64 74.69 25.04
CA GLY F 78 -7.53 74.03 25.70
C GLY F 78 -6.56 74.94 26.42
N SER F 79 -6.64 76.26 26.27
CA SER F 79 -5.59 77.13 26.83
C SER F 79 -5.67 77.25 28.34
N LYS F 80 -4.58 77.73 28.93
CA LYS F 80 -4.50 77.97 30.36
C LYS F 80 -5.38 79.18 30.65
N LEU F 81 -5.99 79.15 31.83
CA LEU F 81 -6.88 80.20 32.29
C LEU F 81 -6.22 80.83 33.50
N VAL F 82 -5.85 82.11 33.38
CA VAL F 82 -5.26 82.89 34.49
C VAL F 82 -6.35 83.79 35.09
N PRO F 83 -6.70 83.61 36.38
CA PRO F 83 -7.88 84.26 36.95
C PRO F 83 -8.06 85.75 36.69
N VAL F 84 -9.34 86.13 36.87
CA VAL F 84 -10.01 87.33 36.35
C VAL F 84 -9.68 87.63 34.86
N ALA F 85 -9.87 86.62 34.00
CA ALA F 85 -9.62 86.68 32.53
C ALA F 85 -10.90 86.63 31.69
N ARG F 86 -11.03 87.57 30.74
CA ARG F 86 -12.21 87.67 29.85
C ARG F 86 -12.00 86.71 28.67
N VAL F 87 -12.69 85.58 28.67
CA VAL F 87 -12.40 84.49 27.69
C VAL F 87 -13.28 84.51 26.43
N ALA F 88 -14.43 85.18 26.50
CA ALA F 88 -15.32 85.28 25.35
C ALA F 88 -16.35 86.38 25.51
N GLU F 89 -17.02 86.65 24.40
CA GLU F 89 -18.13 87.58 24.33
C GLU F 89 -19.27 86.82 23.65
N VAL F 90 -20.47 86.93 24.22
CA VAL F 90 -21.71 86.33 23.65
C VAL F 90 -22.68 87.44 23.27
N ARG F 91 -23.22 87.34 22.04
CA ARG F 91 -24.15 88.36 21.48
C ARG F 91 -25.50 87.76 21.06
N GLY F 92 -26.58 88.40 21.48
CA GLY F 92 -27.96 88.06 21.06
C GLY F 92 -29.02 88.85 21.82
N PRO F 93 -30.31 88.55 21.57
CA PRO F 93 -31.40 89.19 22.34
C PRO F 93 -31.29 88.91 23.85
N ALA F 94 -31.43 89.94 24.68
CA ALA F 94 -31.21 89.82 26.14
C ALA F 94 -31.79 88.57 26.81
N HIS F 95 -33.09 88.37 26.62
CA HIS F 95 -33.80 87.23 27.18
C HIS F 95 -33.32 85.88 26.70
N CYS F 96 -32.77 85.85 25.47
CA CYS F 96 -32.14 84.65 24.95
C CYS F 96 -30.78 84.35 25.64
N LEU F 97 -29.97 85.37 25.93
CA LEU F 97 -28.71 85.19 26.66
C LEU F 97 -28.95 84.66 28.04
N LEU F 98 -29.88 85.30 28.74
CA LEU F 98 -30.11 85.01 30.13
C LEU F 98 -30.89 83.70 30.34
N LEU F 99 -31.51 83.21 29.26
CA LEU F 99 -32.07 81.86 29.22
C LEU F 99 -31.01 80.78 29.06
N GLY F 100 -30.00 81.03 28.25
CA GLY F 100 -28.88 80.09 28.14
C GLY F 100 -27.82 80.19 29.23
N GLU F 101 -27.76 81.34 29.91
CA GLU F 101 -26.64 81.71 30.78
C GLU F 101 -26.20 80.56 31.66
N ARG F 102 -27.04 80.21 32.62
CA ARG F 102 -26.73 79.21 33.63
C ARG F 102 -26.28 77.88 33.03
N VAL F 103 -27.08 77.40 32.07
CA VAL F 103 -26.85 76.08 31.51
C VAL F 103 -25.50 76.02 30.84
N ALA F 104 -25.20 77.02 30.03
CA ALA F 104 -23.92 77.11 29.33
C ALA F 104 -22.74 77.20 30.29
N LEU F 105 -22.91 77.98 31.36
CA LEU F 105 -21.87 78.09 32.40
C LEU F 105 -21.67 76.75 33.11
N ASN F 106 -22.77 76.11 33.48
CA ASN F 106 -22.68 74.80 34.11
C ASN F 106 -21.90 73.80 33.24
N THR F 107 -22.23 73.72 31.96
CA THR F 107 -21.51 72.86 31.03
C THR F 107 -20.03 73.22 30.92
N LEU F 108 -19.71 74.49 30.76
CA LEU F 108 -18.32 74.90 30.63
C LEU F 108 -17.58 74.64 31.93
N ALA F 109 -18.24 74.83 33.08
CA ALA F 109 -17.61 74.63 34.39
C ALA F 109 -17.13 73.18 34.66
N ARG F 110 -18.03 72.20 34.54
CA ARG F 110 -17.67 70.78 34.75
C ARG F 110 -16.70 70.26 33.69
N CYS F 111 -16.91 70.63 32.43
CA CYS F 111 -16.01 70.23 31.34
C CYS F 111 -14.64 70.80 31.61
N SER F 112 -14.57 72.09 31.93
CA SER F 112 -13.30 72.78 32.21
C SER F 112 -12.60 72.26 33.47
N GLY F 113 -13.37 71.96 34.51
CA GLY F 113 -12.83 71.43 35.77
C GLY F 113 -12.21 70.05 35.62
N ILE F 114 -12.84 69.22 34.79
CA ILE F 114 -12.31 67.90 34.44
C ILE F 114 -11.02 68.03 33.62
N ALA F 115 -11.01 68.90 32.62
CA ALA F 115 -9.81 69.10 31.84
C ALA F 115 -8.68 69.61 32.73
N SER F 116 -9.01 70.49 33.69
CA SER F 116 -8.02 70.99 34.66
C SER F 116 -7.32 69.85 35.39
N ALA F 117 -8.12 68.97 35.97
CA ALA F 117 -7.63 67.81 36.71
C ALA F 117 -6.87 66.82 35.85
N ALA F 118 -7.27 66.68 34.58
CA ALA F 118 -6.60 65.78 33.63
C ALA F 118 -5.23 66.34 33.27
N ALA F 119 -5.18 67.65 33.03
CA ALA F 119 -3.91 68.33 32.80
C ALA F 119 -2.96 68.15 34.02
N ALA F 120 -3.49 68.36 35.22
CA ALA F 120 -2.73 68.23 36.48
C ALA F 120 -2.09 66.88 36.64
N ALA F 121 -2.85 65.84 36.35
CA ALA F 121 -2.34 64.47 36.33
C ALA F 121 -1.31 64.27 35.21
N VAL F 122 -1.62 64.73 33.98
CA VAL F 122 -0.69 64.59 32.83
C VAL F 122 0.60 65.40 33.09
N GLU F 123 0.46 66.48 33.85
CA GLU F 123 1.57 67.29 34.34
C GLU F 123 2.47 66.45 35.24
N ALA F 124 1.89 65.88 36.30
CA ALA F 124 2.66 65.10 37.28
C ALA F 124 3.26 63.82 36.69
N ALA F 125 2.54 63.17 35.80
CA ALA F 125 3.04 61.97 35.11
C ALA F 125 4.30 62.20 34.24
N ARG F 126 4.32 63.29 33.47
CA ARG F 126 5.50 63.72 32.68
C ARG F 126 6.68 64.12 33.63
N GLY F 127 6.34 64.82 34.72
CA GLY F 127 7.29 65.21 35.77
C GLY F 127 8.06 64.11 36.47
N ALA F 128 7.51 62.91 36.54
CA ALA F 128 8.25 61.71 37.01
C ALA F 128 8.76 60.84 35.84
N GLY F 129 8.78 61.38 34.62
CA GLY F 129 9.39 60.72 33.47
C GLY F 129 8.57 59.69 32.74
N TRP F 130 7.32 59.50 33.16
CA TRP F 130 6.47 58.48 32.58
C TRP F 130 6.04 58.86 31.15
N THR F 131 6.09 57.90 30.24
CA THR F 131 5.67 58.15 28.85
C THR F 131 4.36 57.41 28.48
N GLY F 132 3.46 57.25 29.46
CA GLY F 132 2.22 56.48 29.28
C GLY F 132 1.04 57.39 29.11
N HIS F 133 -0.17 56.84 29.27
CA HIS F 133 -1.43 57.57 29.07
C HIS F 133 -2.24 57.65 30.36
N VAL F 134 -2.34 58.84 30.94
CA VAL F 134 -3.30 59.04 32.03
C VAL F 134 -4.70 58.88 31.41
N ALA F 135 -5.54 58.09 32.03
CA ALA F 135 -6.85 57.80 31.46
C ALA F 135 -7.97 58.11 32.42
N GLY F 136 -9.19 58.01 31.93
CA GLY F 136 -10.37 58.11 32.77
C GLY F 136 -11.06 56.78 32.81
N THR F 137 -12.32 56.81 33.22
CA THR F 137 -13.10 55.60 33.49
C THR F 137 -14.53 55.73 32.96
N ARG F 138 -15.39 54.78 33.29
CA ARG F 138 -16.84 54.99 33.18
C ARG F 138 -17.48 55.57 34.47
N LYS F 139 -16.70 56.23 35.33
CA LYS F 139 -17.25 56.93 36.51
C LYS F 139 -17.56 58.39 36.12
N THR F 140 -18.55 58.51 35.24
CA THR F 140 -19.07 59.75 34.71
C THR F 140 -20.46 60.02 35.24
N THR F 141 -20.88 61.28 35.24
CA THR F 141 -22.25 61.61 35.55
C THR F 141 -23.17 60.92 34.51
N PRO F 142 -24.29 60.36 34.98
CA PRO F 142 -25.23 59.82 34.01
C PRO F 142 -25.81 60.90 33.07
N GLY F 143 -25.82 60.62 31.77
CA GLY F 143 -26.31 61.55 30.76
C GLY F 143 -25.35 62.62 30.32
N PHE F 144 -24.23 62.77 31.03
CA PHE F 144 -23.23 63.80 30.74
C PHE F 144 -21.89 63.24 30.21
N ARG F 145 -21.82 61.93 29.91
CA ARG F 145 -20.57 61.29 29.48
C ARG F 145 -19.88 62.05 28.36
N LEU F 146 -20.61 62.38 27.32
CA LEU F 146 -20.04 63.07 26.16
C LEU F 146 -19.21 64.27 26.60
N VAL F 147 -19.78 65.10 27.46
CA VAL F 147 -19.09 66.30 27.88
C VAL F 147 -17.87 65.95 28.75
N GLU F 148 -17.97 64.91 29.55
CA GLU F 148 -16.95 64.60 30.56
C GLU F 148 -15.77 63.89 29.92
N LYS F 149 -16.06 62.96 29.01
CA LYS F 149 -15.04 62.31 28.19
C LYS F 149 -14.30 63.29 27.26
N TYR F 150 -15.05 64.19 26.60
CA TYR F 150 -14.45 65.32 25.86
C TYR F 150 -13.53 66.21 26.74
N GLY F 151 -13.98 66.50 27.97
CA GLY F 151 -13.14 67.20 28.95
C GLY F 151 -11.78 66.53 29.19
N LEU F 152 -11.81 65.21 29.39
CA LEU F 152 -10.59 64.43 29.59
C LEU F 152 -9.65 64.67 28.43
N LEU F 153 -10.15 64.47 27.22
CA LEU F 153 -9.33 64.63 26.01
C LEU F 153 -8.67 66.01 25.90
N VAL F 154 -9.40 67.06 26.26
CA VAL F 154 -8.87 68.43 26.22
C VAL F 154 -7.81 68.65 27.29
N GLY F 155 -7.99 68.10 28.49
CA GLY F 155 -6.94 68.13 29.52
C GLY F 155 -5.65 67.39 29.13
N GLY F 156 -5.75 66.49 28.15
CA GLY F 156 -4.61 65.74 27.64
C GLY F 156 -4.67 64.26 28.02
N ALA F 157 -5.66 63.88 28.82
CA ALA F 157 -5.87 62.48 29.21
C ALA F 157 -6.38 61.71 28.03
N ALA F 158 -6.55 60.41 28.24
CA ALA F 158 -7.23 59.56 27.26
C ALA F 158 -8.62 59.32 27.78
N SER F 159 -9.57 59.09 26.89
CA SER F 159 -10.93 58.84 27.33
C SER F 159 -11.06 57.47 28.01
N HIS F 160 -10.24 56.52 27.60
CA HIS F 160 -10.49 55.10 27.83
C HIS F 160 -11.72 54.76 27.02
N ARG F 161 -12.02 53.48 26.92
CA ARG F 161 -13.36 52.96 26.64
C ARG F 161 -14.45 53.91 27.14
N TYR F 162 -15.12 54.51 26.16
CA TYR F 162 -16.22 55.42 26.29
C TYR F 162 -17.50 54.63 26.52
N ASP F 163 -17.61 53.58 25.74
CA ASP F 163 -18.88 53.15 25.21
C ASP F 163 -19.48 52.08 26.09
N LEU F 164 -18.69 51.11 26.53
CA LEU F 164 -19.19 49.74 26.93
C LEU F 164 -19.53 48.82 25.74
N GLY F 165 -19.66 49.35 24.52
CA GLY F 165 -19.56 48.57 23.29
C GLY F 165 -18.25 48.75 22.54
N GLY F 166 -17.26 49.38 23.19
CA GLY F 166 -15.99 49.77 22.56
C GLY F 166 -14.72 49.03 22.97
N LEU F 167 -14.91 47.97 23.75
CA LEU F 167 -13.82 47.19 24.33
C LEU F 167 -14.54 46.34 25.31
N VAL F 168 -14.16 45.07 25.37
CA VAL F 168 -14.76 44.09 26.26
C VAL F 168 -13.93 44.05 27.55
N MET F 169 -14.54 44.41 28.67
CA MET F 169 -13.80 44.47 29.93
C MET F 169 -14.29 43.43 30.94
N VAL F 170 -13.53 42.35 31.08
CA VAL F 170 -13.72 41.36 32.15
C VAL F 170 -13.25 41.94 33.51
N LYS F 171 -14.19 42.03 34.44
CA LYS F 171 -13.95 42.64 35.74
C LYS F 171 -14.05 41.58 36.88
N ASP F 172 -13.79 42.00 38.11
CA ASP F 172 -13.93 41.08 39.26
C ASP F 172 -15.23 40.25 39.20
N ASN F 173 -16.36 40.91 38.92
CA ASN F 173 -17.66 40.23 38.87
C ASN F 173 -17.85 39.29 37.67
N HIS F 174 -17.33 39.64 36.51
CA HIS F 174 -17.47 38.80 35.30
C HIS F 174 -16.78 37.45 35.58
N VAL F 175 -15.58 37.50 36.15
CA VAL F 175 -14.84 36.32 36.58
C VAL F 175 -15.57 35.43 37.59
N VAL F 176 -16.09 36.00 38.68
CA VAL F 176 -16.91 35.22 39.64
C VAL F 176 -18.09 34.51 38.94
N ALA F 177 -18.90 35.27 38.22
CA ALA F 177 -20.06 34.72 37.48
C ALA F 177 -19.68 33.72 36.37
N ALA F 178 -18.57 33.95 35.70
CA ALA F 178 -18.09 33.04 34.66
C ALA F 178 -17.60 31.70 35.21
N GLY F 179 -17.21 31.66 36.49
CA GLY F 179 -16.72 30.46 37.16
C GLY F 179 -15.23 30.44 37.43
N GLY F 180 -14.48 31.25 36.70
CA GLY F 180 -13.03 31.40 36.91
C GLY F 180 -12.47 32.30 35.84
N VAL F 181 -11.30 32.86 36.08
CA VAL F 181 -10.64 33.77 35.09
C VAL F 181 -10.36 33.09 33.74
N GLU F 182 -10.04 31.80 33.76
CA GLU F 182 -9.78 31.05 32.52
C GLU F 182 -11.05 31.08 31.65
N LYS F 183 -12.12 30.51 32.19
CA LYS F 183 -13.44 30.47 31.54
C LYS F 183 -13.83 31.83 30.97
N ALA F 184 -13.68 32.86 31.80
CA ALA F 184 -14.10 34.25 31.50
C ALA F 184 -13.38 34.87 30.31
N VAL F 185 -12.06 34.78 30.30
CA VAL F 185 -11.28 35.37 29.23
C VAL F 185 -11.50 34.57 27.95
N ARG F 186 -11.93 33.29 28.01
CA ARG F 186 -12.29 32.56 26.78
C ARG F 186 -13.58 33.11 26.20
N ALA F 187 -14.64 33.07 27.00
CA ALA F 187 -15.95 33.61 26.63
C ALA F 187 -15.82 35.06 26.11
N ALA F 188 -14.92 35.84 26.71
CA ALA F 188 -14.71 37.23 26.34
C ALA F 188 -14.01 37.41 25.01
N ARG F 189 -12.99 36.59 24.74
CA ARG F 189 -12.23 36.60 23.45
C ARG F 189 -13.13 36.27 22.27
N GLN F 190 -13.89 35.20 22.46
CA GLN F 190 -14.84 34.73 21.47
C GLN F 190 -15.86 35.83 21.11
N ALA F 191 -16.39 36.51 22.14
CA ALA F 191 -17.28 37.67 21.95
C ALA F 191 -16.59 38.93 21.37
N ALA F 192 -15.31 39.15 21.59
CA ALA F 192 -14.64 40.29 20.95
C ALA F 192 -14.05 39.93 19.61
N ASP F 193 -14.81 39.23 18.79
CA ASP F 193 -14.30 38.38 17.69
C ASP F 193 -12.91 38.81 17.17
N PHE F 194 -12.80 40.01 16.63
CA PHE F 194 -11.50 40.55 16.17
C PHE F 194 -11.50 42.08 16.02
N ALA F 195 -12.54 42.74 16.53
CA ALA F 195 -12.72 44.19 16.39
C ALA F 195 -12.32 44.95 17.69
N LEU F 196 -12.46 44.20 18.78
CA LEU F 196 -12.44 44.73 20.12
C LEU F 196 -11.34 44.03 20.90
N LYS F 197 -10.51 44.83 21.56
CA LYS F 197 -9.54 44.30 22.51
C LYS F 197 -10.27 43.79 23.77
N VAL F 198 -9.71 42.80 24.44
CA VAL F 198 -10.26 42.33 25.72
C VAL F 198 -9.27 42.67 26.82
N GLU F 199 -9.72 43.51 27.76
CA GLU F 199 -9.00 43.89 28.98
C GLU F 199 -9.62 43.17 30.20
N VAL F 200 -8.76 42.79 31.16
CA VAL F 200 -9.17 42.02 32.36
C VAL F 200 -8.72 42.73 33.63
N GLU F 201 -9.62 42.82 34.61
CA GLU F 201 -9.27 43.32 35.95
C GLU F 201 -8.64 42.23 36.78
N CYS F 202 -7.38 42.44 37.15
CA CYS F 202 -6.61 41.47 37.92
C CYS F 202 -6.17 42.08 39.24
N SER F 203 -6.30 41.29 40.32
CA SER F 203 -5.93 41.72 41.70
C SER F 203 -4.70 41.00 42.28
N SER F 204 -4.14 40.06 41.51
CA SER F 204 -2.90 39.36 41.85
C SER F 204 -2.12 39.13 40.57
N LEU F 205 -0.80 38.97 40.70
CA LEU F 205 0.05 38.50 39.59
C LEU F 205 -0.51 37.23 38.95
N GLN F 206 -0.97 36.29 39.78
CA GLN F 206 -1.54 35.05 39.26
C GLN F 206 -2.67 35.33 38.30
N GLU F 207 -3.62 36.13 38.75
CA GLU F 207 -4.78 36.52 37.93
C GLU F 207 -4.33 37.22 36.61
N ALA F 208 -3.32 38.07 36.70
CA ALA F 208 -2.70 38.73 35.53
C ALA F 208 -2.15 37.74 34.47
N VAL F 209 -1.26 36.86 34.93
CA VAL F 209 -0.69 35.79 34.10
C VAL F 209 -1.75 34.84 33.53
N GLN F 210 -2.74 34.47 34.33
CA GLN F 210 -3.74 33.51 33.86
C GLN F 210 -4.47 34.11 32.69
N ALA F 211 -4.78 35.41 32.83
CA ALA F 211 -5.48 36.19 31.83
C ALA F 211 -4.64 36.32 30.57
N ALA F 212 -3.47 36.97 30.70
CA ALA F 212 -2.52 37.11 29.58
C ALA F 212 -2.31 35.80 28.78
N GLU F 213 -2.22 34.67 29.48
CA GLU F 213 -2.14 33.35 28.86
C GLU F 213 -3.40 33.04 28.08
N ALA F 214 -4.56 33.14 28.73
CA ALA F 214 -5.84 32.86 28.05
C ALA F 214 -6.12 33.76 26.83
N GLY F 215 -5.41 34.89 26.71
CA GLY F 215 -5.44 35.70 25.49
C GLY F 215 -5.81 37.17 25.65
N ALA F 216 -5.67 37.72 26.85
CA ALA F 216 -5.90 39.13 27.09
C ALA F 216 -5.02 40.01 26.20
N ASP F 217 -5.61 41.08 25.68
CA ASP F 217 -4.90 42.14 24.99
C ASP F 217 -4.38 43.14 26.05
N LEU F 218 -5.10 43.30 27.16
CA LEU F 218 -4.67 44.18 28.29
C LEU F 218 -4.92 43.56 29.66
N VAL F 219 -4.08 43.91 30.62
CA VAL F 219 -4.22 43.41 31.98
C VAL F 219 -4.24 44.60 32.88
N LEU F 220 -5.36 44.81 33.58
CA LEU F 220 -5.52 45.90 34.53
C LEU F 220 -5.13 45.46 35.96
N LEU F 221 -4.33 46.29 36.66
CA LEU F 221 -3.78 45.94 37.96
C LEU F 221 -4.49 46.74 39.04
N ASP F 222 -5.63 46.16 39.45
CA ASP F 222 -6.64 46.78 40.32
C ASP F 222 -6.21 46.79 41.77
N ASN F 223 -6.20 47.99 42.34
CA ASN F 223 -5.81 48.28 43.74
C ASN F 223 -4.53 47.60 44.19
N PHE F 224 -3.44 47.96 43.55
CA PHE F 224 -2.15 47.46 43.97
C PHE F 224 -1.49 48.59 44.75
N LYS F 225 -0.66 48.20 45.74
CA LYS F 225 0.32 49.07 46.39
C LYS F 225 1.41 49.31 45.33
N PRO F 226 2.03 50.49 45.32
CA PRO F 226 3.00 50.68 44.25
C PRO F 226 4.18 49.68 44.25
N GLU F 227 4.72 49.43 45.45
CA GLU F 227 5.78 48.43 45.69
C GLU F 227 5.40 47.03 45.25
N GLU F 228 4.12 46.65 45.37
CA GLU F 228 3.55 45.45 44.70
C GLU F 228 3.30 45.58 43.19
N LEU F 229 2.99 46.79 42.72
CA LEU F 229 2.59 47.00 41.32
C LEU F 229 3.72 46.74 40.33
N HIS F 230 4.86 47.37 40.56
CA HIS F 230 5.91 47.38 39.56
C HIS F 230 6.67 46.06 39.35
N PRO F 231 7.02 45.33 40.43
CA PRO F 231 7.51 43.97 40.25
C PRO F 231 6.56 43.05 39.50
N THR F 232 5.27 43.13 39.83
CA THR F 232 4.23 42.39 39.10
C THR F 232 4.22 42.73 37.61
N ALA F 233 4.20 44.02 37.32
CA ALA F 233 4.22 44.51 35.94
C ALA F 233 5.50 44.09 35.18
N THR F 234 6.62 44.04 35.89
CA THR F 234 7.89 43.58 35.30
C THR F 234 7.78 42.11 34.83
N VAL F 235 7.20 41.26 35.64
CA VAL F 235 6.94 39.89 35.21
C VAL F 235 6.09 39.85 33.96
N LEU F 236 5.03 40.65 33.89
CA LEU F 236 4.09 40.61 32.76
C LEU F 236 4.77 40.98 31.46
N LYS F 237 5.50 42.10 31.49
CA LYS F 237 6.27 42.57 30.33
C LYS F 237 7.42 41.61 29.92
N ALA F 238 8.05 40.96 30.89
CA ALA F 238 9.02 39.91 30.62
C ALA F 238 8.37 38.74 29.86
N GLN F 239 7.29 38.18 30.44
CA GLN F 239 6.64 36.97 29.90
C GLN F 239 5.64 37.21 28.73
N PHE F 240 5.05 38.41 28.62
CA PHE F 240 4.06 38.73 27.55
C PHE F 240 4.32 40.17 27.12
N PRO F 241 5.34 40.39 26.28
CA PRO F 241 5.74 41.81 26.09
C PRO F 241 4.73 42.62 25.26
N SER F 242 3.94 41.89 24.46
CA SER F 242 2.90 42.45 23.59
C SER F 242 1.59 42.82 24.29
N VAL F 243 1.36 42.32 25.51
CA VAL F 243 0.15 42.65 26.28
C VAL F 243 0.38 44.00 26.98
N ALA F 244 -0.63 44.88 26.97
CA ALA F 244 -0.50 46.19 27.63
C ALA F 244 -0.95 46.12 29.10
N VAL F 245 -0.39 47.01 29.94
CA VAL F 245 -0.58 47.00 31.41
C VAL F 245 -1.18 48.32 31.94
N GLU F 246 -2.36 48.20 32.58
CA GLU F 246 -3.04 49.34 33.20
C GLU F 246 -3.00 49.23 34.72
N ALA F 247 -2.75 50.34 35.38
CA ALA F 247 -2.83 50.41 36.83
C ALA F 247 -4.05 51.23 37.23
N SER F 248 -4.79 50.78 38.21
CA SER F 248 -6.01 51.49 38.63
C SER F 248 -6.31 51.10 40.04
N GLY F 249 -6.98 52.00 40.73
CA GLY F 249 -7.43 51.78 42.09
C GLY F 249 -6.68 52.68 43.04
N GLY F 250 -7.41 53.64 43.58
CA GLY F 250 -6.94 54.43 44.69
C GLY F 250 -6.01 55.54 44.32
N ILE F 251 -5.82 55.75 43.00
CA ILE F 251 -4.77 56.58 42.48
C ILE F 251 -5.21 58.04 42.43
N THR F 252 -4.50 58.91 43.12
CA THR F 252 -4.83 60.33 43.25
C THR F 252 -3.73 61.19 42.63
N LEU F 253 -4.02 62.48 42.48
CA LEU F 253 -3.03 63.46 42.01
C LEU F 253 -1.74 63.36 42.80
N ASP F 254 -1.90 63.27 44.13
CA ASP F 254 -0.81 63.18 45.11
C ASP F 254 0.09 61.97 44.87
N ASN F 255 -0.51 60.79 44.78
CA ASN F 255 0.31 59.56 44.63
C ASN F 255 0.52 59.05 43.20
N LEU F 256 0.02 59.78 42.20
CA LEU F 256 0.19 59.42 40.78
C LEU F 256 1.64 59.07 40.36
N PRO F 257 2.65 59.86 40.83
CA PRO F 257 4.00 59.54 40.34
C PRO F 257 4.48 58.15 40.80
N GLN F 258 4.09 57.74 42.00
CA GLN F 258 4.42 56.42 42.55
C GLN F 258 3.83 55.24 41.77
N PHE F 259 2.75 55.46 41.02
CA PHE F 259 2.20 54.41 40.14
C PHE F 259 2.82 54.48 38.75
N CYS F 260 3.54 55.56 38.46
CA CYS F 260 4.26 55.70 37.18
C CYS F 260 5.51 54.85 37.29
N GLY F 261 5.75 54.03 36.27
CA GLY F 261 6.95 53.23 36.21
C GLY F 261 7.08 52.67 34.82
N PRO F 262 8.26 52.18 34.48
CA PRO F 262 8.54 51.89 33.08
C PRO F 262 7.79 50.70 32.49
N HIS F 263 6.99 49.99 33.27
CA HIS F 263 6.22 48.83 32.76
C HIS F 263 4.70 48.97 32.81
N ILE F 264 4.23 50.14 33.22
CA ILE F 264 2.82 50.49 33.25
C ILE F 264 2.58 51.31 31.99
N ASP F 265 1.63 50.87 31.15
CA ASP F 265 1.29 51.63 29.93
C ASP F 265 0.21 52.70 30.14
N VAL F 266 -0.78 52.39 30.98
CA VAL F 266 -1.95 53.25 31.24
C VAL F 266 -2.20 53.39 32.73
N ILE F 267 -2.59 54.57 33.18
CA ILE F 267 -3.11 54.77 34.54
C ILE F 267 -4.45 55.44 34.48
N SER F 268 -5.50 54.76 34.93
CA SER F 268 -6.84 55.34 34.98
C SER F 268 -7.15 55.86 36.38
N MET F 269 -7.74 57.05 36.43
CA MET F 269 -8.11 57.70 37.69
C MET F 269 -9.58 58.09 37.71
N GLY F 270 -10.32 57.49 38.64
CA GLY F 270 -11.73 57.78 38.82
C GLY F 270 -11.96 59.21 39.29
N MET F 271 -11.02 59.69 40.11
CA MET F 271 -11.12 61.04 40.68
C MET F 271 -11.20 62.17 39.66
N LEU F 272 -10.80 61.93 38.41
CA LEU F 272 -10.82 62.96 37.36
C LEU F 272 -12.22 63.37 36.99
N THR F 273 -13.14 62.43 37.05
CA THR F 273 -14.54 62.72 36.84
C THR F 273 -15.32 62.85 38.15
N GLN F 274 -14.94 62.11 39.20
CA GLN F 274 -15.73 62.07 40.45
C GLN F 274 -15.36 63.11 41.51
N ALA F 275 -14.21 63.75 41.39
CA ALA F 275 -13.83 64.76 42.36
C ALA F 275 -13.07 65.90 41.71
N ALA F 276 -13.45 66.28 40.50
CA ALA F 276 -12.82 67.40 39.83
C ALA F 276 -13.74 68.58 40.07
N PRO F 277 -13.32 69.54 40.91
CA PRO F 277 -14.29 70.54 41.28
C PRO F 277 -14.50 71.47 40.09
N ALA F 278 -15.75 71.91 39.91
CA ALA F 278 -16.17 72.70 38.76
C ALA F 278 -15.44 74.03 38.79
N LEU F 279 -15.24 74.64 37.62
CA LEU F 279 -14.61 75.96 37.56
C LEU F 279 -15.64 77.10 37.65
N ASP F 280 -15.16 78.22 38.18
CA ASP F 280 -15.95 79.43 38.41
C ASP F 280 -15.93 80.29 37.16
N PHE F 281 -17.07 80.33 36.49
CA PHE F 281 -17.30 81.28 35.42
C PHE F 281 -18.48 82.18 35.79
N SER F 282 -18.54 83.34 35.13
CA SER F 282 -19.71 84.22 35.18
C SER F 282 -19.88 84.83 33.80
N LEU F 283 -21.12 85.16 33.48
CA LEU F 283 -21.48 85.83 32.23
C LEU F 283 -22.18 87.13 32.63
N LYS F 284 -21.49 88.26 32.49
CA LYS F 284 -22.02 89.57 32.89
C LYS F 284 -22.21 90.40 31.62
N LEU F 285 -23.39 91.01 31.46
CA LEU F 285 -23.68 91.75 30.22
C LEU F 285 -23.43 93.24 30.41
N PHE F 286 -22.64 93.79 29.48
CA PHE F 286 -22.10 95.16 29.55
C PHE F 286 -22.85 96.05 28.54
N ALA F 287 -22.91 97.37 28.80
CA ALA F 287 -23.38 98.36 27.80
C ALA F 287 -22.40 98.46 26.59
N LYS F 288 -22.95 98.51 25.37
CA LYS F 288 -22.16 98.37 24.11
C LYS F 288 -21.13 99.49 23.89
N GLU F 289 -20.13 99.22 23.04
CA GLU F 289 -19.19 100.23 22.40
C GLU F 289 -17.77 100.40 23.01
N MET G 1 31.33 -13.19 -42.21
CA MET G 1 31.01 -12.28 -41.06
C MET G 1 32.09 -12.42 -39.98
N ASP G 2 31.70 -12.39 -38.70
CA ASP G 2 32.58 -12.56 -37.57
C ASP G 2 32.03 -13.64 -36.62
N ALA G 3 32.72 -14.78 -36.64
CA ALA G 3 32.41 -15.90 -35.79
C ALA G 3 32.42 -15.58 -34.29
N GLU G 4 33.24 -14.61 -33.87
CA GLU G 4 33.28 -14.20 -32.47
C GLU G 4 31.98 -13.57 -31.96
N GLY G 5 31.31 -12.75 -32.77
CA GLY G 5 30.01 -12.12 -32.40
C GLY G 5 28.76 -13.01 -32.42
N LEU G 6 28.92 -14.23 -32.92
CA LEU G 6 27.87 -15.26 -32.87
C LEU G 6 27.42 -15.68 -31.47
N ALA G 7 28.36 -15.72 -30.52
CA ALA G 7 28.00 -16.08 -29.13
C ALA G 7 26.86 -15.23 -28.53
N LEU G 8 26.67 -14.01 -29.02
CA LEU G 8 25.58 -13.17 -28.57
C LEU G 8 24.20 -13.73 -28.88
N LEU G 9 24.13 -14.72 -29.79
CA LEU G 9 22.87 -15.37 -30.15
C LEU G 9 22.30 -16.26 -29.04
N LEU G 10 23.16 -16.71 -28.12
CA LEU G 10 22.77 -17.72 -27.15
C LEU G 10 22.25 -17.03 -25.89
N PRO G 11 20.90 -17.10 -25.64
CA PRO G 11 20.36 -16.42 -24.44
C PRO G 11 20.73 -17.16 -23.14
N PRO G 12 21.20 -16.43 -22.11
CA PRO G 12 21.93 -17.06 -20.97
C PRO G 12 21.09 -18.02 -20.09
N VAL G 13 19.76 -17.87 -20.15
CA VAL G 13 18.80 -18.74 -19.45
C VAL G 13 18.89 -20.16 -20.02
N THR G 14 18.54 -20.28 -21.30
CA THR G 14 18.46 -21.60 -21.96
C THR G 14 19.82 -22.26 -22.11
N LEU G 15 20.90 -21.47 -22.10
CA LEU G 15 22.25 -22.01 -21.95
C LEU G 15 22.43 -22.75 -20.65
N ALA G 16 22.31 -22.01 -19.56
CA ALA G 16 22.59 -22.53 -18.24
C ALA G 16 21.71 -23.76 -17.91
N ALA G 17 20.45 -23.73 -18.34
CA ALA G 17 19.52 -24.88 -18.30
C ALA G 17 20.02 -26.10 -19.07
N LEU G 18 20.57 -25.83 -20.26
CA LEU G 18 21.15 -26.88 -21.14
C LEU G 18 22.38 -27.49 -20.49
N VAL G 19 23.25 -26.63 -20.00
CA VAL G 19 24.47 -27.03 -19.34
C VAL G 19 24.18 -27.84 -18.08
N ASP G 20 23.12 -27.47 -17.39
CA ASP G 20 22.72 -28.16 -16.18
C ASP G 20 22.26 -29.57 -16.49
N SER G 21 21.46 -29.78 -17.54
CA SER G 21 21.02 -31.15 -17.90
C SER G 21 22.18 -32.07 -18.22
N TRP G 22 23.17 -31.50 -18.91
CA TRP G 22 24.32 -32.26 -19.38
C TRP G 22 25.19 -32.80 -18.25
N LEU G 23 25.39 -31.95 -17.25
CA LEU G 23 26.14 -32.30 -16.05
C LEU G 23 25.44 -33.36 -15.19
N ARG G 24 24.14 -33.15 -15.03
CA ARG G 24 23.23 -34.05 -14.32
C ARG G 24 23.19 -35.45 -14.95
N GLU G 25 23.07 -35.48 -16.28
CA GLU G 25 23.19 -36.70 -17.06
C GLU G 25 24.45 -37.49 -16.73
N ASP G 26 25.58 -36.80 -16.69
CA ASP G 26 26.87 -37.40 -16.47
C ASP G 26 27.11 -37.79 -15.04
N CYS G 27 26.60 -37.04 -14.07
CA CYS G 27 26.80 -37.37 -12.64
C CYS G 27 25.56 -37.06 -11.83
N PRO G 28 24.59 -37.97 -11.91
CA PRO G 28 23.29 -37.75 -11.26
C PRO G 28 23.33 -38.00 -9.76
N GLY G 29 24.33 -38.76 -9.28
CA GLY G 29 24.45 -39.14 -7.89
C GLY G 29 25.63 -38.45 -7.21
N LEU G 30 26.37 -39.24 -6.44
CA LEU G 30 27.59 -38.82 -5.75
C LEU G 30 28.78 -39.04 -6.68
N ASN G 31 29.73 -38.09 -6.69
CA ASN G 31 30.90 -38.14 -7.57
C ASN G 31 32.08 -38.76 -6.85
N TYR G 32 32.12 -40.08 -6.79
CA TYR G 32 33.14 -40.80 -6.02
C TYR G 32 34.57 -40.47 -6.49
N ALA G 33 34.70 -40.26 -7.80
CA ALA G 33 35.97 -39.88 -8.42
C ALA G 33 36.62 -38.61 -7.85
N ALA G 34 35.80 -37.71 -7.32
CA ALA G 34 36.26 -36.45 -6.72
C ALA G 34 37.18 -36.66 -5.56
N LEU G 35 36.98 -37.76 -4.83
CA LEU G 35 37.88 -38.13 -3.77
C LEU G 35 39.27 -38.59 -4.23
N VAL G 36 39.45 -38.94 -5.49
CA VAL G 36 40.74 -39.39 -5.95
C VAL G 36 41.61 -38.18 -6.25
N SER G 37 41.02 -37.09 -6.73
CA SER G 37 41.77 -35.90 -7.09
C SER G 37 41.84 -34.92 -5.97
N GLY G 38 40.84 -34.86 -5.09
CA GLY G 38 40.76 -33.77 -4.11
C GLY G 38 40.59 -32.38 -4.73
N ALA G 39 40.53 -31.33 -3.92
CA ALA G 39 40.20 -29.96 -4.40
C ALA G 39 41.37 -28.99 -4.65
N GLY G 40 42.58 -29.51 -4.86
CA GLY G 40 43.76 -28.67 -5.05
C GLY G 40 43.62 -27.72 -6.25
N PRO G 41 43.94 -26.42 -6.06
CA PRO G 41 43.86 -25.51 -7.23
C PRO G 41 44.72 -26.01 -8.37
N SER G 42 44.12 -26.21 -9.54
CA SER G 42 44.76 -26.84 -10.67
C SER G 42 44.54 -26.08 -11.95
N GLN G 43 45.32 -26.49 -12.95
CA GLN G 43 45.27 -25.91 -14.29
C GLN G 43 45.36 -27.07 -15.25
N ALA G 44 44.79 -26.89 -16.45
CA ALA G 44 44.85 -27.88 -17.51
C ALA G 44 44.80 -27.23 -18.88
N ALA G 45 45.47 -27.89 -19.83
CA ALA G 45 45.62 -27.40 -21.19
C ALA G 45 44.67 -28.14 -22.10
N LEU G 46 43.83 -27.40 -22.84
CA LEU G 46 43.04 -27.94 -23.96
C LEU G 46 43.87 -28.09 -25.24
N TRP G 47 43.98 -29.33 -25.74
CA TRP G 47 44.80 -29.66 -26.88
C TRP G 47 43.90 -30.01 -28.05
N ALA G 48 43.98 -29.27 -29.14
CA ALA G 48 43.30 -29.66 -30.38
C ALA G 48 44.20 -30.63 -31.14
N LYS G 49 43.78 -31.88 -31.22
CA LYS G 49 44.54 -32.91 -31.90
C LYS G 49 44.00 -33.25 -33.29
N SER G 50 42.87 -32.68 -33.71
CA SER G 50 42.36 -32.85 -35.11
C SER G 50 42.47 -31.56 -35.92
N PRO G 51 42.54 -31.69 -37.27
CA PRO G 51 42.38 -30.50 -38.10
C PRO G 51 40.90 -30.15 -38.26
N GLY G 52 40.62 -28.86 -38.33
CA GLY G 52 39.27 -28.35 -38.51
C GLY G 52 39.09 -26.88 -38.16
N VAL G 53 37.86 -26.54 -37.77
CA VAL G 53 37.50 -25.24 -37.24
C VAL G 53 37.07 -25.44 -35.79
N LEU G 54 37.59 -24.59 -34.91
CA LEU G 54 37.15 -24.55 -33.51
C LEU G 54 35.81 -23.86 -33.45
N ALA G 55 34.81 -24.54 -32.87
CA ALA G 55 33.56 -23.88 -32.44
C ALA G 55 33.04 -24.50 -31.17
N GLY G 56 32.28 -23.70 -30.42
CA GLY G 56 31.68 -24.10 -29.13
C GLY G 56 32.21 -23.47 -27.86
N GLN G 57 33.03 -22.41 -27.97
CA GLN G 57 33.57 -21.73 -26.80
C GLN G 57 32.48 -21.35 -25.77
N PRO G 58 31.37 -20.73 -26.23
CA PRO G 58 30.33 -20.33 -25.27
C PRO G 58 29.80 -21.47 -24.39
N PHE G 59 29.71 -22.67 -24.95
CA PHE G 59 29.23 -23.86 -24.23
C PHE G 59 30.30 -24.39 -23.26
N PHE G 60 31.48 -24.64 -23.81
CA PHE G 60 32.66 -25.04 -23.03
C PHE G 60 32.80 -24.15 -21.80
N ASP G 61 32.73 -22.83 -22.02
CA ASP G 61 32.86 -21.84 -20.93
C ASP G 61 31.78 -21.99 -19.87
N ALA G 62 30.52 -21.90 -20.30
CA ALA G 62 29.34 -22.09 -19.44
C ALA G 62 29.45 -23.31 -18.53
N ILE G 63 29.73 -24.47 -19.15
CA ILE G 63 29.98 -25.69 -18.39
C ILE G 63 30.98 -25.46 -17.28
N PHE G 64 32.18 -24.99 -17.59
CA PHE G 64 33.19 -24.80 -16.54
C PHE G 64 32.85 -23.69 -15.54
N THR G 65 32.30 -22.58 -16.01
CA THR G 65 31.76 -21.53 -15.15
C THR G 65 30.82 -22.12 -14.07
N GLN G 66 29.86 -22.96 -14.48
CA GLN G 66 28.96 -23.67 -13.54
C GLN G 66 29.68 -24.49 -12.46
N LEU G 67 30.88 -24.99 -12.77
CA LEU G 67 31.74 -25.75 -11.84
C LEU G 67 32.82 -24.92 -11.14
N ASN G 68 32.60 -23.61 -11.05
CA ASN G 68 33.59 -22.62 -10.61
C ASN G 68 34.97 -22.82 -11.13
N CYS G 69 35.08 -22.85 -12.45
CA CYS G 69 36.36 -22.88 -13.16
C CYS G 69 36.36 -21.77 -14.22
N GLN G 70 37.54 -21.37 -14.68
CA GLN G 70 37.69 -20.25 -15.62
C GLN G 70 38.57 -20.70 -16.77
N VAL G 71 38.31 -20.14 -17.95
CA VAL G 71 38.92 -20.63 -19.17
C VAL G 71 39.60 -19.48 -19.90
N SER G 72 40.88 -19.63 -20.23
CA SER G 72 41.56 -18.63 -21.04
C SER G 72 41.76 -19.22 -22.42
N TRP G 73 41.26 -18.51 -23.44
CA TRP G 73 41.36 -18.99 -24.83
C TRP G 73 42.55 -18.38 -25.55
N PHE G 74 43.36 -19.25 -26.12
CA PHE G 74 44.51 -18.80 -26.93
C PHE G 74 44.18 -18.61 -28.40
N LEU G 75 43.11 -19.24 -28.88
CA LEU G 75 42.60 -19.00 -30.24
C LEU G 75 41.18 -18.45 -30.12
N PRO G 76 40.72 -17.69 -31.12
CA PRO G 76 39.38 -17.11 -31.05
C PRO G 76 38.35 -18.09 -31.62
N GLU G 77 37.09 -17.86 -31.29
CA GLU G 77 36.01 -18.74 -31.73
C GLU G 77 35.95 -18.64 -33.25
N GLY G 78 36.02 -19.79 -33.91
CA GLY G 78 35.96 -19.86 -35.36
C GLY G 78 37.28 -20.07 -36.08
N SER G 79 38.40 -20.05 -35.37
CA SER G 79 39.71 -20.12 -36.03
C SER G 79 40.10 -21.52 -36.49
N LYS G 80 41.11 -21.56 -37.36
CA LYS G 80 41.61 -22.78 -37.98
C LYS G 80 42.45 -23.56 -36.97
N LEU G 81 42.28 -24.86 -36.97
CA LEU G 81 42.94 -25.69 -36.01
C LEU G 81 44.01 -26.47 -36.71
N VAL G 82 45.26 -26.22 -36.34
CA VAL G 82 46.38 -26.99 -36.91
C VAL G 82 46.92 -27.91 -35.81
N PRO G 83 46.72 -29.23 -35.97
CA PRO G 83 46.81 -30.16 -34.84
C PRO G 83 48.12 -30.24 -34.02
N VAL G 84 47.94 -30.88 -32.87
CA VAL G 84 48.57 -30.60 -31.55
C VAL G 84 48.72 -29.19 -31.01
N ALA G 85 47.77 -28.35 -31.40
CA ALA G 85 47.64 -27.02 -30.90
C ALA G 85 47.11 -26.91 -29.49
N ARG G 86 47.76 -26.09 -28.67
CA ARG G 86 47.34 -25.81 -27.30
C ARG G 86 46.35 -24.64 -27.42
N VAL G 87 45.05 -24.91 -27.34
CA VAL G 87 44.03 -23.87 -27.72
C VAL G 87 43.47 -23.02 -26.57
N ALA G 88 43.47 -23.58 -25.37
CA ALA G 88 42.98 -22.89 -24.19
C ALA G 88 43.65 -23.47 -22.98
N GLU G 89 43.25 -22.93 -21.83
CA GLU G 89 43.74 -23.36 -20.54
C GLU G 89 42.64 -23.13 -19.52
N VAL G 90 42.40 -24.15 -18.70
CA VAL G 90 41.26 -24.13 -17.78
C VAL G 90 41.77 -24.27 -16.37
N ARG G 91 41.33 -23.38 -15.51
CA ARG G 91 41.76 -23.31 -14.11
C ARG G 91 40.59 -23.38 -13.12
N GLY G 92 40.79 -24.13 -12.03
CA GLY G 92 39.83 -24.26 -10.92
C GLY G 92 40.16 -25.52 -10.12
N PRO G 93 39.41 -25.79 -9.03
CA PRO G 93 39.61 -26.97 -8.14
C PRO G 93 39.65 -28.31 -8.87
N ALA G 94 40.64 -29.14 -8.59
CA ALA G 94 40.90 -30.30 -9.45
C ALA G 94 39.66 -31.16 -9.73
N HIS G 95 38.96 -31.58 -8.68
CA HIS G 95 37.72 -32.39 -8.84
C HIS G 95 36.64 -31.75 -9.74
N CYS G 96 36.60 -30.41 -9.73
CA CYS G 96 35.73 -29.63 -10.62
C CYS G 96 36.20 -29.66 -12.07
N LEU G 97 37.49 -29.46 -12.31
CA LEU G 97 38.03 -29.63 -13.66
C LEU G 97 37.73 -30.99 -14.20
N LEU G 98 37.93 -32.02 -13.38
CA LEU G 98 37.77 -33.41 -13.85
C LEU G 98 36.31 -33.83 -14.09
N LEU G 99 35.39 -33.27 -13.31
CA LEU G 99 33.95 -33.45 -13.49
C LEU G 99 33.43 -32.80 -14.79
N GLY G 100 33.96 -31.62 -15.09
CA GLY G 100 33.63 -30.92 -16.34
C GLY G 100 34.32 -31.44 -17.60
N GLU G 101 35.41 -32.19 -17.45
CA GLU G 101 36.26 -32.64 -18.58
C GLU G 101 35.45 -33.19 -19.76
N ARG G 102 34.87 -34.37 -19.56
CA ARG G 102 34.29 -35.18 -20.63
C ARG G 102 33.12 -34.50 -21.28
N VAL G 103 32.29 -33.84 -20.47
CA VAL G 103 31.06 -33.21 -20.94
C VAL G 103 31.42 -32.01 -21.81
N ALA G 104 32.45 -31.29 -21.40
CA ALA G 104 32.91 -30.11 -22.12
C ALA G 104 33.64 -30.51 -23.39
N LEU G 105 34.45 -31.56 -23.29
CA LEU G 105 35.12 -32.10 -24.47
C LEU G 105 34.13 -32.63 -25.50
N ASN G 106 33.15 -33.39 -25.06
CA ASN G 106 32.14 -33.92 -25.96
C ASN G 106 31.38 -32.82 -26.68
N THR G 107 31.04 -31.77 -25.95
CA THR G 107 30.35 -30.60 -26.52
C THR G 107 31.17 -29.90 -27.59
N LEU G 108 32.44 -29.64 -27.27
CA LEU G 108 33.33 -28.86 -28.14
C LEU G 108 33.72 -29.70 -29.34
N ALA G 109 33.91 -31.00 -29.12
CA ALA G 109 34.20 -31.95 -30.17
C ALA G 109 33.14 -31.95 -31.27
N ARG G 110 31.87 -31.96 -30.86
CA ARG G 110 30.76 -32.02 -31.83
C ARG G 110 30.49 -30.66 -32.50
N CYS G 111 30.57 -29.58 -31.73
CA CYS G 111 30.37 -28.25 -32.28
C CYS G 111 31.48 -27.99 -33.31
N SER G 112 32.72 -28.29 -32.91
CA SER G 112 33.88 -28.12 -33.77
C SER G 112 33.82 -28.99 -35.02
N GLY G 113 33.42 -30.23 -34.88
CA GLY G 113 33.26 -31.14 -36.03
C GLY G 113 32.24 -30.68 -37.07
N ILE G 114 31.18 -30.00 -36.62
CA ILE G 114 30.14 -29.51 -37.52
C ILE G 114 30.61 -28.25 -38.23
N ALA G 115 31.18 -27.33 -37.46
CA ALA G 115 31.77 -26.11 -38.04
C ALA G 115 32.85 -26.46 -39.08
N SER G 116 33.62 -27.53 -38.82
CA SER G 116 34.62 -28.01 -39.77
C SER G 116 34.00 -28.45 -41.09
N ALA G 117 33.02 -29.31 -40.96
CA ALA G 117 32.28 -29.79 -42.11
C ALA G 117 31.58 -28.67 -42.89
N ALA G 118 31.06 -27.67 -42.19
CA ALA G 118 30.36 -26.58 -42.84
C ALA G 118 31.35 -25.70 -43.64
N ALA G 119 32.44 -25.33 -42.98
CA ALA G 119 33.59 -24.66 -43.61
C ALA G 119 34.07 -25.35 -44.88
N ALA G 120 34.37 -26.65 -44.78
CA ALA G 120 34.73 -27.50 -45.93
C ALA G 120 33.77 -27.34 -47.09
N ALA G 121 32.48 -27.42 -46.75
CA ALA G 121 31.42 -27.24 -47.70
C ALA G 121 31.41 -25.79 -48.22
N VAL G 122 31.51 -24.78 -47.34
CA VAL G 122 31.50 -23.35 -47.77
C VAL G 122 32.67 -23.03 -48.69
N GLU G 123 33.82 -23.66 -48.40
CA GLU G 123 35.03 -23.56 -49.21
C GLU G 123 34.73 -24.07 -50.60
N ALA G 124 34.35 -25.35 -50.72
CA ALA G 124 34.08 -25.98 -52.02
C ALA G 124 33.04 -25.19 -52.83
N ALA G 125 32.01 -24.73 -52.15
CA ALA G 125 31.01 -23.87 -52.77
C ALA G 125 31.66 -22.59 -53.36
N ARG G 126 32.40 -21.85 -52.53
CA ARG G 126 33.16 -20.65 -52.97
C ARG G 126 34.14 -20.95 -54.12
N GLY G 127 34.94 -22.00 -53.94
CA GLY G 127 35.87 -22.50 -54.96
C GLY G 127 35.23 -22.72 -56.31
N ALA G 128 33.98 -23.19 -56.30
CA ALA G 128 33.17 -23.34 -57.52
C ALA G 128 32.41 -22.07 -57.94
N GLY G 129 32.86 -20.91 -57.48
CA GLY G 129 32.31 -19.65 -57.92
C GLY G 129 30.93 -19.26 -57.47
N TRP G 130 30.35 -20.00 -56.55
CA TRP G 130 28.94 -19.87 -56.23
C TRP G 130 28.80 -18.92 -55.06
N THR G 131 27.84 -18.00 -55.17
CA THR G 131 27.63 -16.97 -54.13
C THR G 131 26.43 -17.25 -53.18
N GLY G 132 25.91 -18.48 -53.16
CA GLY G 132 24.74 -18.82 -52.35
C GLY G 132 25.02 -18.98 -50.86
N HIS G 133 24.12 -19.65 -50.17
CA HIS G 133 24.31 -19.98 -48.76
C HIS G 133 24.16 -21.47 -48.61
N VAL G 134 25.20 -22.10 -48.13
CA VAL G 134 25.18 -23.48 -47.73
C VAL G 134 24.40 -23.46 -46.45
N ALA G 135 23.53 -24.45 -46.27
CA ALA G 135 22.64 -24.55 -45.09
C ALA G 135 22.60 -25.94 -44.49
N GLY G 136 22.10 -26.00 -43.27
CA GLY G 136 21.81 -27.29 -42.64
C GLY G 136 20.32 -27.59 -42.70
N THR G 137 19.88 -28.44 -41.80
CA THR G 137 18.55 -29.01 -41.85
C THR G 137 17.96 -29.01 -40.45
N ARG G 138 16.80 -29.65 -40.30
CA ARG G 138 16.37 -30.06 -38.97
C ARG G 138 16.86 -31.49 -38.64
N LYS G 139 17.87 -32.00 -39.36
CA LYS G 139 18.47 -33.30 -39.02
C LYS G 139 19.58 -33.14 -37.96
N THR G 140 19.16 -32.68 -36.79
CA THR G 140 20.00 -32.44 -35.63
C THR G 140 19.73 -33.51 -34.54
N THR G 141 20.67 -33.69 -33.61
CA THR G 141 20.49 -34.61 -32.49
C THR G 141 19.39 -34.08 -31.57
N PRO G 142 18.47 -34.94 -31.15
CA PRO G 142 17.41 -34.45 -30.26
C PRO G 142 17.91 -33.83 -28.93
N GLY G 143 17.50 -32.59 -28.71
CA GLY G 143 17.94 -31.77 -27.56
C GLY G 143 19.34 -31.19 -27.61
N PHE G 144 19.97 -31.27 -28.77
CA PHE G 144 21.29 -30.69 -29.00
C PHE G 144 21.27 -29.68 -30.16
N ARG G 145 20.09 -29.27 -30.59
CA ARG G 145 19.98 -28.32 -31.71
C ARG G 145 20.74 -27.00 -31.50
N LEU G 146 20.63 -26.43 -30.31
CA LEU G 146 21.26 -25.15 -30.08
C LEU G 146 22.74 -25.25 -30.42
N VAL G 147 23.41 -26.28 -29.92
CA VAL G 147 24.82 -26.45 -30.18
C VAL G 147 25.09 -26.72 -31.65
N GLU G 148 24.23 -27.49 -32.29
CA GLU G 148 24.53 -27.95 -33.65
C GLU G 148 24.32 -26.83 -34.64
N LYS G 149 23.16 -26.20 -34.60
CA LYS G 149 22.90 -24.97 -35.39
C LYS G 149 23.98 -23.84 -35.19
N TYR G 150 24.39 -23.64 -33.93
CA TYR G 150 25.46 -22.69 -33.61
C TYR G 150 26.73 -23.09 -34.33
N GLY G 151 27.15 -24.35 -34.20
CA GLY G 151 28.28 -24.89 -34.98
C GLY G 151 28.22 -24.56 -36.49
N LEU G 152 27.05 -24.72 -37.08
CA LEU G 152 26.87 -24.46 -38.50
C LEU G 152 27.24 -23.03 -38.79
N LEU G 153 26.77 -22.14 -37.92
CA LEU G 153 26.95 -20.72 -38.11
C LEU G 153 28.42 -20.35 -38.03
N VAL G 154 29.14 -20.93 -37.07
CA VAL G 154 30.56 -20.66 -36.88
C VAL G 154 31.32 -21.15 -38.11
N GLY G 155 30.98 -22.36 -38.57
CA GLY G 155 31.52 -22.89 -39.84
C GLY G 155 31.26 -22.02 -41.09
N GLY G 156 30.33 -21.06 -40.98
CA GLY G 156 30.00 -20.15 -42.06
C GLY G 156 28.82 -20.55 -42.93
N ALA G 157 28.15 -21.64 -42.56
CA ALA G 157 26.91 -22.08 -43.18
C ALA G 157 25.78 -21.31 -42.54
N ALA G 158 24.57 -21.51 -43.03
CA ALA G 158 23.38 -20.90 -42.43
C ALA G 158 22.65 -21.90 -41.54
N SER G 159 22.02 -21.41 -40.48
CA SER G 159 21.20 -22.29 -39.59
C SER G 159 19.82 -22.51 -40.15
N HIS G 160 19.68 -23.33 -41.18
CA HIS G 160 18.50 -23.19 -42.07
C HIS G 160 17.09 -22.71 -41.68
N ARG G 161 16.62 -23.07 -40.47
CA ARG G 161 15.42 -22.51 -39.87
C ARG G 161 15.64 -23.31 -38.61
N TYR G 162 15.44 -22.69 -37.46
CA TYR G 162 15.83 -23.31 -36.21
C TYR G 162 14.80 -24.36 -35.83
N ASP G 163 13.54 -23.94 -35.70
CA ASP G 163 12.62 -24.64 -34.83
C ASP G 163 11.34 -25.11 -35.40
N LEU G 164 11.02 -24.97 -36.68
CA LEU G 164 9.58 -25.21 -37.10
C LEU G 164 8.63 -24.06 -36.71
N GLY G 165 9.14 -22.94 -36.18
CA GLY G 165 8.30 -21.81 -35.71
C GLY G 165 8.39 -20.55 -36.56
N GLY G 166 9.28 -20.58 -37.55
CA GLY G 166 9.50 -19.44 -38.40
C GLY G 166 10.20 -19.70 -39.73
N LEU G 167 9.76 -20.73 -40.39
CA LEU G 167 9.18 -20.53 -41.71
C LEU G 167 8.21 -21.66 -41.73
N VAL G 168 7.32 -21.65 -42.72
CA VAL G 168 6.28 -22.64 -42.83
C VAL G 168 6.64 -23.52 -44.03
N MET G 169 7.11 -24.73 -43.74
CA MET G 169 7.64 -25.60 -44.76
C MET G 169 6.71 -26.73 -45.15
N VAL G 170 6.11 -26.56 -46.32
CA VAL G 170 5.26 -27.58 -46.95
C VAL G 170 6.10 -28.67 -47.61
N LYS G 171 5.95 -29.91 -47.16
CA LYS G 171 6.72 -31.08 -47.65
C LYS G 171 5.89 -32.08 -48.46
N ASP G 172 6.54 -33.08 -49.04
CA ASP G 172 5.83 -34.15 -49.76
C ASP G 172 4.59 -34.63 -48.93
N ASN G 173 4.75 -34.87 -47.63
CA ASN G 173 3.63 -35.30 -46.77
C ASN G 173 2.50 -34.27 -46.64
N HIS G 174 2.85 -33.02 -46.41
CA HIS G 174 1.87 -31.93 -46.26
C HIS G 174 1.01 -31.84 -47.50
N VAL G 175 1.65 -31.96 -48.66
CA VAL G 175 0.93 -31.92 -49.92
C VAL G 175 -0.05 -33.08 -50.04
N VAL G 176 0.41 -34.28 -49.73
CA VAL G 176 -0.48 -35.46 -49.77
C VAL G 176 -1.69 -35.26 -48.84
N ALA G 177 -1.44 -34.97 -47.58
CA ALA G 177 -2.48 -34.65 -46.61
C ALA G 177 -3.51 -33.63 -47.11
N ALA G 178 -3.01 -32.52 -47.61
CA ALA G 178 -3.83 -31.45 -48.19
C ALA G 178 -4.59 -31.83 -49.48
N GLY G 179 -4.13 -32.85 -50.20
CA GLY G 179 -4.76 -33.28 -51.46
C GLY G 179 -4.38 -32.38 -52.62
N GLY G 180 -3.10 -32.11 -52.77
CA GLY G 180 -2.61 -31.34 -53.91
C GLY G 180 -1.74 -30.18 -53.50
N VAL G 181 -0.84 -29.81 -54.39
CA VAL G 181 0.09 -28.70 -54.13
C VAL G 181 -0.58 -27.32 -54.06
N GLU G 182 -1.54 -27.02 -54.94
CA GLU G 182 -2.28 -25.71 -54.88
C GLU G 182 -2.87 -25.46 -53.49
N LYS G 183 -3.60 -26.47 -53.03
CA LYS G 183 -4.30 -26.44 -51.76
C LYS G 183 -3.31 -26.20 -50.61
N ALA G 184 -2.21 -26.94 -50.64
CA ALA G 184 -1.24 -26.93 -49.56
C ALA G 184 -0.65 -25.56 -49.42
N VAL G 185 -0.23 -25.00 -50.54
CA VAL G 185 0.45 -23.71 -50.51
C VAL G 185 -0.52 -22.63 -50.11
N ARG G 186 -1.70 -22.59 -50.76
CA ARG G 186 -2.80 -21.72 -50.36
C ARG G 186 -3.02 -21.68 -48.83
N ALA G 187 -3.06 -22.87 -48.21
CA ALA G 187 -3.27 -23.05 -46.77
C ALA G 187 -2.14 -22.50 -45.96
N ALA G 188 -0.92 -22.98 -46.28
CA ALA G 188 0.35 -22.46 -45.72
C ALA G 188 0.42 -20.93 -45.74
N ARG G 189 0.07 -20.34 -46.88
CA ARG G 189 0.14 -18.89 -47.04
C ARG G 189 -0.80 -18.14 -46.11
N GLN G 190 -1.99 -18.70 -45.93
CA GLN G 190 -2.92 -18.17 -44.95
C GLN G 190 -2.49 -18.38 -43.48
N ALA G 191 -1.81 -19.49 -43.20
CA ALA G 191 -1.21 -19.71 -41.87
C ALA G 191 -0.07 -18.77 -41.51
N ALA G 192 0.73 -18.41 -42.51
CA ALA G 192 1.94 -17.66 -42.33
C ALA G 192 1.64 -16.20 -42.52
N ASP G 193 0.60 -15.73 -41.84
CA ASP G 193 -0.15 -14.52 -42.24
C ASP G 193 0.40 -13.24 -42.97
N PHE G 194 1.47 -12.62 -42.47
CA PHE G 194 2.45 -11.75 -43.13
C PHE G 194 3.85 -11.93 -42.51
N ALA G 195 3.97 -12.66 -41.40
CA ALA G 195 5.22 -12.68 -40.62
C ALA G 195 6.21 -13.75 -41.08
N LEU G 196 5.65 -14.78 -41.74
CA LEU G 196 6.38 -15.99 -42.03
C LEU G 196 6.48 -16.26 -43.52
N LYS G 197 7.65 -16.74 -43.94
CA LYS G 197 7.85 -17.20 -45.29
C LYS G 197 7.31 -18.62 -45.46
N VAL G 198 6.99 -18.97 -46.69
CA VAL G 198 6.59 -20.32 -47.03
C VAL G 198 7.64 -20.95 -47.93
N GLU G 199 8.14 -22.12 -47.56
CA GLU G 199 8.98 -22.90 -48.49
C GLU G 199 8.20 -24.15 -48.91
N VAL G 200 8.30 -24.56 -50.17
CA VAL G 200 7.66 -25.79 -50.66
C VAL G 200 8.66 -26.81 -51.21
N GLU G 201 8.70 -28.01 -50.61
CA GLU G 201 9.37 -29.16 -51.25
C GLU G 201 8.70 -29.51 -52.58
N CYS G 202 9.48 -29.53 -53.65
CA CYS G 202 9.02 -29.87 -54.99
C CYS G 202 10.00 -30.83 -55.61
N SER G 203 9.48 -31.89 -56.25
CA SER G 203 10.31 -32.93 -56.86
C SER G 203 10.34 -32.86 -58.39
N SER G 204 9.74 -31.82 -58.96
CA SER G 204 9.61 -31.66 -60.42
C SER G 204 9.42 -30.20 -60.76
N LEU G 205 9.80 -29.84 -61.99
CA LEU G 205 9.65 -28.48 -62.50
C LEU G 205 8.22 -28.08 -62.36
N GLN G 206 7.29 -28.98 -62.68
CA GLN G 206 5.87 -28.65 -62.53
C GLN G 206 5.51 -28.21 -61.12
N GLU G 207 5.73 -29.12 -60.19
CA GLU G 207 5.36 -28.93 -58.78
C GLU G 207 5.95 -27.62 -58.24
N ALA G 208 7.20 -27.33 -58.64
CA ALA G 208 7.84 -26.05 -58.34
C ALA G 208 7.06 -24.81 -58.88
N VAL G 209 6.76 -24.82 -60.17
CA VAL G 209 5.97 -23.76 -60.83
C VAL G 209 4.63 -23.57 -60.11
N GLN G 210 3.99 -24.67 -59.74
CA GLN G 210 2.68 -24.64 -59.12
C GLN G 210 2.74 -23.95 -57.80
N ALA G 211 3.76 -24.33 -57.02
CA ALA G 211 4.05 -23.71 -55.73
C ALA G 211 4.32 -22.22 -55.88
N ALA G 212 5.19 -21.86 -56.84
CA ALA G 212 5.53 -20.46 -57.14
C ALA G 212 4.29 -19.60 -57.42
N GLU G 213 3.44 -20.07 -58.33
CA GLU G 213 2.14 -19.45 -58.64
C GLU G 213 1.27 -19.28 -57.39
N ALA G 214 1.20 -20.30 -56.55
CA ALA G 214 0.40 -20.22 -55.35
C ALA G 214 0.91 -19.27 -54.25
N GLY G 215 2.13 -18.75 -54.44
CA GLY G 215 2.73 -17.75 -53.54
C GLY G 215 3.91 -18.16 -52.67
N ALA G 216 4.46 -19.34 -52.91
CA ALA G 216 5.71 -19.77 -52.27
C ALA G 216 6.83 -18.71 -52.35
N ASP G 217 7.34 -18.34 -51.17
CA ASP G 217 8.51 -17.49 -51.05
C ASP G 217 9.78 -18.24 -51.51
N LEU G 218 9.94 -19.50 -51.12
CA LEU G 218 11.03 -20.37 -51.63
C LEU G 218 10.50 -21.65 -52.24
N VAL G 219 11.22 -22.14 -53.24
CA VAL G 219 10.93 -23.42 -53.85
C VAL G 219 12.16 -24.32 -53.65
N LEU G 220 12.00 -25.38 -52.86
CA LEU G 220 13.09 -26.33 -52.59
C LEU G 220 13.03 -27.46 -53.62
N LEU G 221 14.10 -27.63 -54.41
CA LEU G 221 14.14 -28.65 -55.44
C LEU G 221 14.77 -29.93 -54.89
N ASP G 222 13.91 -30.92 -54.62
CA ASP G 222 14.29 -32.06 -53.81
C ASP G 222 14.74 -33.24 -54.63
N ASN G 223 15.87 -33.82 -54.25
CA ASN G 223 16.40 -35.04 -54.87
C ASN G 223 16.49 -35.02 -56.40
N PHE G 224 16.97 -33.90 -56.93
CA PHE G 224 17.26 -33.73 -58.37
C PHE G 224 18.70 -34.16 -58.67
N LYS G 225 18.89 -34.74 -59.87
CA LYS G 225 20.23 -34.89 -60.46
C LYS G 225 20.66 -33.47 -60.85
N PRO G 226 21.96 -33.17 -60.84
CA PRO G 226 22.35 -31.79 -61.15
C PRO G 226 21.97 -31.34 -62.54
N GLU G 227 22.13 -32.24 -63.52
CA GLU G 227 21.75 -31.98 -64.93
C GLU G 227 20.26 -31.67 -65.12
N GLU G 228 19.41 -32.15 -64.20
CA GLU G 228 17.99 -31.75 -64.12
C GLU G 228 17.79 -30.46 -63.36
N LEU G 229 18.52 -30.32 -62.25
CA LEU G 229 18.37 -29.17 -61.35
C LEU G 229 18.52 -27.82 -62.04
N HIS G 230 19.57 -27.63 -62.81
CA HIS G 230 19.89 -26.31 -63.33
C HIS G 230 18.96 -25.78 -64.42
N PRO G 231 18.53 -26.64 -65.40
CA PRO G 231 17.46 -26.22 -66.33
C PRO G 231 16.16 -25.87 -65.62
N THR G 232 15.78 -26.76 -64.69
CA THR G 232 14.60 -26.55 -63.85
C THR G 232 14.65 -25.21 -63.14
N ALA G 233 15.80 -24.90 -62.52
CA ALA G 233 15.97 -23.65 -61.79
C ALA G 233 16.06 -22.45 -62.70
N THR G 234 16.48 -22.62 -63.96
CA THR G 234 16.51 -21.49 -64.92
C THR G 234 15.09 -21.09 -65.34
N VAL G 235 14.24 -22.06 -65.64
CA VAL G 235 12.83 -21.76 -65.91
C VAL G 235 12.24 -21.00 -64.74
N LEU G 236 12.48 -21.53 -63.54
CA LEU G 236 11.95 -20.94 -62.32
C LEU G 236 12.23 -19.47 -62.21
N LYS G 237 13.52 -19.12 -62.21
CA LYS G 237 14.00 -17.73 -62.10
C LYS G 237 13.47 -16.85 -63.25
N ALA G 238 13.45 -17.40 -64.47
CA ALA G 238 12.82 -16.72 -65.65
C ALA G 238 11.41 -16.22 -65.38
N GLN G 239 10.54 -17.13 -64.95
CA GLN G 239 9.14 -16.81 -64.63
C GLN G 239 8.93 -16.13 -63.27
N PHE G 240 9.69 -16.53 -62.25
CA PHE G 240 9.49 -16.10 -60.86
C PHE G 240 10.79 -15.53 -60.30
N PRO G 241 11.18 -14.32 -60.79
CA PRO G 241 12.50 -13.76 -60.43
C PRO G 241 12.72 -13.54 -58.97
N SER G 242 11.64 -13.37 -58.22
CA SER G 242 11.71 -13.07 -56.79
C SER G 242 11.51 -14.29 -55.87
N VAL G 243 11.55 -15.49 -56.44
CA VAL G 243 11.34 -16.72 -55.67
C VAL G 243 12.70 -17.36 -55.48
N ALA G 244 13.12 -17.52 -54.22
CA ALA G 244 14.40 -18.15 -53.88
C ALA G 244 14.34 -19.63 -54.23
N VAL G 245 15.47 -20.22 -54.59
CA VAL G 245 15.53 -21.62 -55.06
C VAL G 245 16.59 -22.42 -54.33
N GLU G 246 16.13 -23.30 -53.43
CA GLU G 246 16.98 -24.17 -52.65
C GLU G 246 17.10 -25.56 -53.31
N ALA G 247 18.26 -26.16 -53.19
CA ALA G 247 18.48 -27.50 -53.70
C ALA G 247 18.83 -28.35 -52.48
N SER G 248 18.36 -29.60 -52.47
CA SER G 248 18.58 -30.52 -51.33
C SER G 248 18.47 -31.94 -51.80
N GLY G 249 19.10 -32.82 -51.05
CA GLY G 249 18.89 -34.25 -51.23
C GLY G 249 20.15 -34.90 -51.72
N GLY G 250 20.88 -35.51 -50.80
CA GLY G 250 22.03 -36.30 -51.15
C GLY G 250 23.19 -35.46 -51.65
N ILE G 251 23.23 -34.20 -51.25
CA ILE G 251 24.31 -33.35 -51.64
C ILE G 251 25.46 -33.59 -50.65
N THR G 252 26.56 -34.16 -51.14
CA THR G 252 27.74 -34.44 -50.34
C THR G 252 28.84 -33.41 -50.58
N LEU G 253 29.82 -33.40 -49.68
CA LEU G 253 30.95 -32.47 -49.82
C LEU G 253 31.66 -32.66 -51.17
N ASP G 254 31.66 -33.89 -51.67
CA ASP G 254 32.28 -34.22 -52.94
C ASP G 254 31.62 -33.61 -54.19
N ASN G 255 30.32 -33.81 -54.35
CA ASN G 255 29.57 -33.31 -55.51
C ASN G 255 28.99 -31.90 -55.38
N LEU G 256 29.09 -31.30 -54.19
CA LEU G 256 28.50 -29.98 -53.93
C LEU G 256 28.70 -28.97 -55.08
N PRO G 257 29.89 -28.96 -55.74
CA PRO G 257 30.03 -27.98 -56.82
C PRO G 257 29.11 -28.27 -58.00
N GLN G 258 28.77 -29.53 -58.21
CA GLN G 258 27.84 -29.87 -59.28
C GLN G 258 26.42 -29.30 -59.05
N PHE G 259 26.03 -29.14 -57.79
CA PHE G 259 24.75 -28.51 -57.44
C PHE G 259 24.79 -26.99 -57.38
N CYS G 260 26.00 -26.42 -57.42
CA CYS G 260 26.14 -24.97 -57.46
C CYS G 260 25.85 -24.47 -58.88
N GLY G 261 25.24 -23.30 -58.95
CA GLY G 261 24.91 -22.69 -60.24
C GLY G 261 24.27 -21.33 -60.03
N PRO G 262 24.21 -20.52 -61.10
CA PRO G 262 23.69 -19.16 -60.89
C PRO G 262 22.24 -19.08 -60.48
N HIS G 263 21.48 -20.18 -60.59
CA HIS G 263 20.05 -20.12 -60.26
C HIS G 263 19.63 -20.79 -58.96
N ILE G 264 20.61 -21.30 -58.23
CA ILE G 264 20.40 -21.88 -56.91
C ILE G 264 20.84 -20.87 -55.82
N ASP G 265 19.93 -20.50 -54.94
CA ASP G 265 20.21 -19.57 -53.82
C ASP G 265 20.66 -20.17 -52.53
N VAL G 266 20.27 -21.43 -52.28
CA VAL G 266 20.53 -22.11 -51.02
C VAL G 266 20.77 -23.58 -51.28
N ILE G 267 21.70 -24.16 -50.54
CA ILE G 267 21.97 -25.59 -50.65
C ILE G 267 22.06 -26.16 -49.25
N SER G 268 21.06 -26.97 -48.90
CA SER G 268 21.00 -27.66 -47.62
C SER G 268 21.62 -29.03 -47.74
N MET G 269 22.21 -29.48 -46.62
CA MET G 269 23.03 -30.69 -46.56
C MET G 269 22.82 -31.43 -45.24
N GLY G 270 22.20 -32.60 -45.36
CA GLY G 270 21.95 -33.44 -44.19
C GLY G 270 23.25 -33.75 -43.48
N MET G 271 24.27 -34.02 -44.29
CA MET G 271 25.56 -34.53 -43.85
C MET G 271 26.33 -33.65 -42.87
N LEU G 272 26.06 -32.34 -42.87
CA LEU G 272 26.73 -31.42 -41.96
C LEU G 272 26.43 -31.73 -40.51
N THR G 273 25.23 -32.21 -40.23
CA THR G 273 24.85 -32.63 -38.89
C THR G 273 24.89 -34.16 -38.74
N GLN G 274 24.46 -34.89 -39.75
CA GLN G 274 24.31 -36.36 -39.62
C GLN G 274 25.57 -37.18 -39.81
N ALA G 275 26.61 -36.61 -40.40
CA ALA G 275 27.82 -37.37 -40.67
C ALA G 275 29.03 -36.48 -40.62
N ALA G 276 29.22 -35.78 -39.50
CA ALA G 276 30.33 -34.85 -39.39
C ALA G 276 31.13 -35.35 -38.23
N PRO G 277 32.27 -35.99 -38.47
CA PRO G 277 32.79 -36.66 -37.28
C PRO G 277 33.32 -35.62 -36.29
N ALA G 278 33.25 -35.96 -35.01
CA ALA G 278 33.73 -35.11 -33.91
C ALA G 278 35.24 -34.91 -33.98
N LEU G 279 35.75 -33.74 -33.58
CA LEU G 279 37.19 -33.57 -33.47
C LEU G 279 37.75 -34.22 -32.21
N ASP G 280 39.05 -34.48 -32.22
CA ASP G 280 39.78 -35.04 -31.08
C ASP G 280 40.43 -33.92 -30.27
N PHE G 281 39.87 -33.63 -29.11
CA PHE G 281 40.45 -32.72 -28.13
C PHE G 281 40.76 -33.53 -26.87
N SER G 282 41.67 -33.02 -26.05
CA SER G 282 41.93 -33.57 -24.71
C SER G 282 42.27 -32.43 -23.76
N LEU G 283 42.04 -32.67 -22.47
CA LEU G 283 42.28 -31.72 -21.38
C LEU G 283 43.24 -32.40 -20.38
N LYS G 284 44.47 -31.89 -20.27
CA LYS G 284 45.55 -32.51 -19.48
C LYS G 284 45.95 -31.61 -18.32
N LEU G 285 45.83 -32.10 -17.10
CA LEU G 285 46.32 -31.35 -15.96
C LEU G 285 47.83 -31.25 -16.02
N PHE G 286 48.35 -30.06 -15.73
CA PHE G 286 49.79 -29.87 -15.52
C PHE G 286 50.07 -29.15 -14.21
N ALA G 287 51.28 -29.34 -13.68
CA ALA G 287 51.79 -28.61 -12.49
C ALA G 287 52.43 -27.27 -12.92
N LYS G 288 52.29 -26.25 -12.08
CA LYS G 288 52.64 -24.87 -12.48
C LYS G 288 54.16 -24.56 -12.42
N GLU G 289 54.72 -24.10 -13.54
CA GLU G 289 56.12 -23.58 -13.65
C GLU G 289 56.43 -23.16 -15.10
N MET H 1 -11.91 -37.62 11.54
CA MET H 1 -12.37 -37.63 10.11
C MET H 1 -12.65 -39.11 9.74
N ASP H 2 -12.73 -39.40 8.45
CA ASP H 2 -12.64 -40.78 7.98
C ASP H 2 -11.39 -40.88 7.09
N ALA H 3 -10.51 -41.81 7.43
CA ALA H 3 -9.25 -41.96 6.74
C ALA H 3 -9.32 -42.28 5.24
N GLU H 4 -10.43 -42.84 4.79
CA GLU H 4 -10.55 -43.27 3.40
C GLU H 4 -10.76 -42.04 2.50
N GLY H 5 -11.51 -41.07 3.01
CA GLY H 5 -11.77 -39.82 2.28
C GLY H 5 -10.65 -38.80 2.28
N LEU H 6 -9.65 -38.98 3.15
CA LEU H 6 -8.41 -38.13 3.18
C LEU H 6 -7.66 -38.01 1.83
N ALA H 7 -7.50 -39.13 1.13
CA ALA H 7 -6.90 -39.16 -0.23
C ALA H 7 -7.40 -38.05 -1.13
N LEU H 8 -8.66 -37.65 -0.98
CA LEU H 8 -9.21 -36.57 -1.80
C LEU H 8 -8.48 -35.22 -1.63
N LEU H 9 -7.72 -35.06 -0.54
CA LEU H 9 -6.92 -33.86 -0.31
C LEU H 9 -5.78 -33.68 -1.34
N LEU H 10 -5.26 -34.80 -1.85
CA LEU H 10 -4.03 -34.78 -2.64
C LEU H 10 -4.29 -34.34 -4.09
N PRO H 11 -3.74 -33.17 -4.51
CA PRO H 11 -4.03 -32.70 -5.87
C PRO H 11 -3.23 -33.46 -6.92
N PRO H 12 -3.90 -34.07 -7.95
CA PRO H 12 -3.21 -35.15 -8.70
C PRO H 12 -2.04 -34.69 -9.62
N VAL H 13 -1.90 -33.38 -9.85
CA VAL H 13 -0.75 -32.82 -10.58
C VAL H 13 0.52 -32.97 -9.74
N THR H 14 0.52 -32.33 -8.56
CA THR H 14 1.72 -32.31 -7.66
C THR H 14 2.07 -33.71 -7.16
N LEU H 15 1.03 -34.57 -7.07
CA LEU H 15 1.18 -36.00 -6.76
C LEU H 15 2.03 -36.74 -7.79
N ALA H 16 1.63 -36.75 -9.06
CA ALA H 16 2.41 -37.45 -10.09
C ALA H 16 3.83 -36.88 -10.28
N ALA H 17 4.01 -35.59 -10.03
CA ALA H 17 5.34 -34.96 -10.12
C ALA H 17 6.27 -35.48 -9.03
N LEU H 18 5.73 -35.55 -7.82
CA LEU H 18 6.41 -36.24 -6.72
C LEU H 18 6.84 -37.64 -7.12
N VAL H 19 5.89 -38.42 -7.59
CA VAL H 19 6.13 -39.82 -7.95
C VAL H 19 7.22 -39.94 -9.01
N ASP H 20 7.15 -39.10 -10.04
CA ASP H 20 8.15 -39.09 -11.10
C ASP H 20 9.55 -38.87 -10.54
N SER H 21 9.68 -37.90 -9.65
CA SER H 21 10.99 -37.60 -9.07
C SER H 21 11.53 -38.76 -8.23
N TRP H 22 10.66 -39.36 -7.45
CA TRP H 22 11.06 -40.50 -6.63
C TRP H 22 11.62 -41.69 -7.43
N LEU H 23 10.99 -41.93 -8.57
CA LEU H 23 11.45 -42.97 -9.52
C LEU H 23 12.77 -42.61 -10.19
N ARG H 24 12.87 -41.37 -10.66
CA ARG H 24 14.10 -40.87 -11.26
C ARG H 24 15.33 -40.89 -10.30
N GLU H 25 15.07 -40.55 -9.03
CA GLU H 25 16.07 -40.58 -7.96
C GLU H 25 16.64 -41.96 -7.80
N ASP H 26 15.79 -42.96 -8.00
CA ASP H 26 16.14 -44.35 -7.82
C ASP H 26 16.68 -45.03 -9.10
N CYS H 27 16.31 -44.56 -10.28
CA CYS H 27 16.77 -45.20 -11.51
C CYS H 27 17.02 -44.16 -12.62
N PRO H 28 18.13 -43.41 -12.46
CA PRO H 28 18.36 -42.26 -13.34
C PRO H 28 18.67 -42.64 -14.76
N GLY H 29 19.41 -43.74 -14.94
CA GLY H 29 19.76 -44.27 -16.25
C GLY H 29 19.00 -45.55 -16.59
N LEU H 30 19.77 -46.60 -16.92
CA LEU H 30 19.25 -47.87 -17.36
C LEU H 30 18.99 -48.78 -16.17
N ASN H 31 17.89 -49.53 -16.23
CA ASN H 31 17.55 -50.49 -15.18
C ASN H 31 18.07 -51.88 -15.57
N TYR H 32 19.31 -52.15 -15.17
CA TYR H 32 19.97 -53.39 -15.54
C TYR H 32 19.33 -54.63 -14.92
N ALA H 33 18.84 -54.53 -13.69
CA ALA H 33 18.12 -55.66 -13.03
C ALA H 33 16.80 -56.09 -13.75
N ALA H 34 16.28 -55.25 -14.63
CA ALA H 34 15.15 -55.61 -15.50
C ALA H 34 15.37 -56.88 -16.25
N LEU H 35 16.58 -57.05 -16.78
CA LEU H 35 16.92 -58.21 -17.58
C LEU H 35 16.89 -59.49 -16.80
N VAL H 36 17.09 -59.42 -15.50
CA VAL H 36 17.10 -60.62 -14.68
C VAL H 36 15.67 -61.21 -14.61
N SER H 37 14.72 -60.41 -14.18
CA SER H 37 13.33 -60.81 -14.03
C SER H 37 12.62 -61.01 -15.32
N GLY H 38 13.03 -60.31 -16.37
CA GLY H 38 12.15 -60.18 -17.54
C GLY H 38 10.86 -59.42 -17.24
N ALA H 39 9.89 -59.53 -18.14
CA ALA H 39 8.65 -58.74 -18.06
C ALA H 39 7.39 -59.59 -17.96
N GLY H 40 7.54 -60.85 -17.53
CA GLY H 40 6.41 -61.77 -17.53
C GLY H 40 5.34 -61.27 -16.59
N PRO H 41 4.06 -61.59 -16.86
CA PRO H 41 3.04 -61.13 -15.87
C PRO H 41 3.32 -61.65 -14.46
N SER H 42 3.12 -60.83 -13.42
CA SER H 42 3.48 -61.22 -12.06
C SER H 42 2.55 -60.69 -10.98
N GLN H 43 2.66 -61.30 -9.79
CA GLN H 43 1.87 -60.92 -8.62
C GLN H 43 2.80 -60.95 -7.42
N ALA H 44 2.68 -59.97 -6.54
CA ALA H 44 3.44 -59.94 -5.31
C ALA H 44 2.53 -59.58 -4.16
N ALA H 45 2.83 -60.11 -2.98
CA ALA H 45 2.06 -59.80 -1.77
C ALA H 45 2.73 -58.71 -0.97
N LEU H 46 1.95 -57.78 -0.44
CA LEU H 46 2.45 -56.75 0.46
C LEU H 46 2.28 -57.23 1.90
N TRP H 47 3.41 -57.50 2.56
CA TRP H 47 3.46 -57.92 3.97
C TRP H 47 3.74 -56.77 4.95
N ALA H 48 2.83 -56.58 5.89
CA ALA H 48 3.01 -55.70 7.04
C ALA H 48 3.57 -56.48 8.24
N LYS H 49 4.82 -56.23 8.58
CA LYS H 49 5.48 -56.90 9.69
C LYS H 49 5.63 -56.05 10.96
N SER H 50 4.98 -54.89 11.03
CA SER H 50 5.06 -53.98 12.20
C SER H 50 3.68 -53.55 12.68
N PRO H 51 3.49 -53.42 14.01
CA PRO H 51 2.22 -52.93 14.46
C PRO H 51 2.16 -51.42 14.28
N GLY H 52 0.97 -50.92 14.03
CA GLY H 52 0.74 -49.49 13.93
C GLY H 52 -0.54 -49.22 13.17
N VAL H 53 -0.47 -48.19 12.32
CA VAL H 53 -1.57 -47.79 11.47
C VAL H 53 -1.07 -47.78 10.04
N LEU H 54 -1.87 -48.31 9.12
CA LEU H 54 -1.56 -48.25 7.71
C LEU H 54 -1.87 -46.85 7.20
N ALA H 55 -0.88 -46.18 6.62
CA ALA H 55 -1.16 -45.00 5.80
C ALA H 55 -0.25 -44.93 4.59
N GLY H 56 -0.71 -44.22 3.59
CA GLY H 56 0.05 -43.99 2.39
C GLY H 56 -0.41 -44.71 1.14
N GLN H 57 -1.59 -45.34 1.16
CA GLN H 57 -2.07 -46.08 -0.02
C GLN H 57 -2.15 -45.22 -1.29
N PRO H 58 -2.56 -43.94 -1.17
CA PRO H 58 -2.62 -43.13 -2.37
C PRO H 58 -1.27 -42.96 -3.03
N PHE H 59 -0.22 -42.89 -2.23
CA PHE H 59 1.11 -42.76 -2.79
C PHE H 59 1.57 -44.10 -3.34
N PHE H 60 1.34 -45.15 -2.57
CA PHE H 60 1.69 -46.49 -3.00
C PHE H 60 1.02 -46.83 -4.33
N ASP H 61 -0.23 -46.41 -4.50
CA ASP H 61 -1.01 -46.75 -5.71
C ASP H 61 -0.45 -46.03 -6.94
N ALA H 62 -0.36 -44.71 -6.80
CA ALA H 62 0.19 -43.78 -7.81
C ALA H 62 1.51 -44.23 -8.39
N ILE H 63 2.40 -44.72 -7.53
CA ILE H 63 3.73 -45.12 -7.96
C ILE H 63 3.59 -46.29 -8.89
N PHE H 64 2.86 -47.31 -8.45
CA PHE H 64 2.69 -48.50 -9.30
C PHE H 64 1.85 -48.26 -10.55
N THR H 65 0.81 -47.42 -10.45
CA THR H 65 0.00 -47.01 -11.61
C THR H 65 0.90 -46.44 -12.75
N GLN H 66 1.80 -45.52 -12.41
CA GLN H 66 2.86 -44.99 -13.33
C GLN H 66 3.68 -46.09 -14.00
N LEU H 67 3.81 -47.25 -13.35
CA LEU H 67 4.56 -48.38 -13.88
C LEU H 67 3.68 -49.53 -14.44
N ASN H 68 2.42 -49.21 -14.78
CA ASN H 68 1.41 -50.17 -15.27
C ASN H 68 1.21 -51.38 -14.38
N CYS H 69 1.23 -51.16 -13.06
CA CYS H 69 0.84 -52.21 -12.11
C CYS H 69 -0.42 -51.80 -11.32
N GLN H 70 -1.13 -52.81 -10.82
CA GLN H 70 -2.41 -52.61 -10.16
C GLN H 70 -2.33 -53.16 -8.76
N VAL H 71 -2.98 -52.48 -7.82
CA VAL H 71 -2.89 -52.81 -6.40
C VAL H 71 -4.29 -53.14 -5.91
N SER H 72 -4.41 -54.29 -5.24
CA SER H 72 -5.60 -54.70 -4.46
C SER H 72 -5.34 -54.65 -2.97
N TRP H 73 -6.03 -53.76 -2.25
CA TRP H 73 -5.85 -53.63 -0.78
C TRP H 73 -6.80 -54.56 -0.05
N PHE H 74 -6.31 -55.17 1.01
CA PHE H 74 -7.15 -56.04 1.82
C PHE H 74 -7.53 -55.40 3.14
N LEU H 75 -7.04 -54.19 3.35
CA LEU H 75 -7.45 -53.34 4.44
C LEU H 75 -7.70 -51.94 3.89
N PRO H 76 -8.48 -51.13 4.63
CA PRO H 76 -8.60 -49.73 4.24
C PRO H 76 -7.42 -48.84 4.71
N GLU H 77 -7.27 -47.72 4.03
CA GLU H 77 -6.39 -46.68 4.50
C GLU H 77 -6.77 -46.36 5.93
N GLY H 78 -5.78 -46.27 6.80
CA GLY H 78 -6.06 -45.99 8.21
C GLY H 78 -6.24 -47.17 9.15
N SER H 79 -6.43 -48.38 8.65
CA SER H 79 -6.75 -49.48 9.57
C SER H 79 -5.55 -49.97 10.36
N LYS H 80 -5.81 -50.65 11.47
CA LYS H 80 -4.75 -51.11 12.34
C LYS H 80 -4.10 -52.33 11.75
N LEU H 81 -2.76 -52.31 11.85
CA LEU H 81 -1.91 -53.35 11.34
C LEU H 81 -1.57 -54.28 12.47
N VAL H 82 -1.91 -55.57 12.30
CA VAL H 82 -1.57 -56.61 13.28
C VAL H 82 -0.55 -57.56 12.64
N PRO H 83 0.73 -57.48 13.02
CA PRO H 83 1.87 -58.10 12.33
C PRO H 83 1.82 -59.55 11.91
N VAL H 84 2.71 -59.76 10.94
CA VAL H 84 2.58 -60.61 9.76
C VAL H 84 1.23 -60.71 9.04
N ALA H 85 0.67 -59.55 8.68
CA ALA H 85 -0.52 -59.43 7.86
C ALA H 85 -0.27 -59.28 6.36
N ARG H 86 -1.05 -59.99 5.54
CA ARG H 86 -1.00 -59.77 4.07
C ARG H 86 -1.97 -58.67 3.70
N VAL H 87 -1.45 -57.45 3.57
CA VAL H 87 -2.31 -56.26 3.49
C VAL H 87 -2.73 -55.87 2.07
N ALA H 88 -2.03 -56.38 1.06
CA ALA H 88 -2.31 -56.07 -0.35
C ALA H 88 -1.60 -56.99 -1.35
N GLU H 89 -1.95 -56.82 -2.61
CA GLU H 89 -1.34 -57.60 -3.67
C GLU H 89 -1.10 -56.69 -4.82
N VAL H 90 -0.05 -56.98 -5.58
CA VAL H 90 0.33 -56.09 -6.67
C VAL H 90 0.53 -56.94 -7.91
N ARG H 91 -0.04 -56.51 -9.03
CA ARG H 91 -0.01 -57.30 -10.22
C ARG H 91 0.49 -56.42 -11.33
N GLY H 92 1.45 -56.93 -12.11
CA GLY H 92 2.03 -56.25 -13.27
C GLY H 92 3.20 -57.02 -13.86
N PRO H 93 3.83 -56.47 -14.89
CA PRO H 93 5.04 -57.06 -15.45
C PRO H 93 6.18 -57.11 -14.45
N ALA H 94 6.86 -58.24 -14.32
CA ALA H 94 7.86 -58.46 -13.24
C ALA H 94 8.80 -57.29 -13.02
N HIS H 95 9.51 -56.91 -14.08
CA HIS H 95 10.46 -55.80 -14.05
C HIS H 95 9.86 -54.48 -13.54
N CYS H 96 8.59 -54.23 -13.89
CA CYS H 96 7.91 -53.02 -13.42
C CYS H 96 7.61 -53.06 -11.90
N LEU H 97 7.19 -54.22 -11.37
CA LEU H 97 6.99 -54.40 -9.92
C LEU H 97 8.26 -54.20 -9.17
N LEU H 98 9.33 -54.81 -9.66
CA LEU H 98 10.60 -54.78 -8.96
C LEU H 98 11.31 -53.42 -9.05
N LEU H 99 11.02 -52.63 -10.07
CA LEU H 99 11.50 -51.24 -10.14
C LEU H 99 10.73 -50.29 -9.20
N GLY H 100 9.41 -50.49 -9.10
CA GLY H 100 8.59 -49.75 -8.14
C GLY H 100 8.78 -50.18 -6.70
N GLU H 101 9.17 -51.45 -6.49
CA GLU H 101 9.19 -52.13 -5.17
C GLU H 101 9.67 -51.26 -4.01
N ARG H 102 10.94 -50.90 -4.04
CA ARG H 102 11.62 -50.24 -2.92
C ARG H 102 11.03 -48.86 -2.63
N VAL H 103 10.66 -48.16 -3.68
CA VAL H 103 10.20 -46.80 -3.52
C VAL H 103 8.85 -46.80 -2.88
N ALA H 104 7.90 -47.54 -3.47
CA ALA H 104 6.58 -47.73 -2.88
C ALA H 104 6.69 -48.13 -1.42
N LEU H 105 7.56 -49.09 -1.15
CA LEU H 105 7.77 -49.58 0.21
C LEU H 105 8.27 -48.49 1.13
N ASN H 106 9.22 -47.68 0.67
CA ASN H 106 9.76 -46.63 1.53
C ASN H 106 8.73 -45.59 1.84
N THR H 107 7.99 -45.20 0.82
CA THR H 107 6.89 -44.25 0.96
C THR H 107 5.82 -44.72 1.95
N LEU H 108 5.48 -46.01 1.87
CA LEU H 108 4.46 -46.57 2.72
C LEU H 108 4.95 -46.75 4.13
N ALA H 109 6.23 -47.14 4.26
CA ALA H 109 6.84 -47.35 5.59
C ALA H 109 6.86 -46.05 6.42
N ARG H 110 7.32 -44.96 5.79
CA ARG H 110 7.47 -43.66 6.42
C ARG H 110 6.06 -43.06 6.76
N CYS H 111 5.21 -42.95 5.75
CA CYS H 111 3.83 -42.51 5.96
C CYS H 111 3.15 -43.28 7.05
N SER H 112 3.22 -44.60 7.01
CA SER H 112 2.61 -45.42 8.06
C SER H 112 3.19 -45.14 9.46
N GLY H 113 4.51 -45.07 9.57
CA GLY H 113 5.20 -44.82 10.87
C GLY H 113 4.80 -43.51 11.52
N ILE H 114 4.52 -42.51 10.69
CA ILE H 114 4.06 -41.22 11.16
C ILE H 114 2.63 -41.31 11.64
N ALA H 115 1.74 -41.79 10.79
CA ALA H 115 0.36 -42.11 11.21
C ALA H 115 0.34 -42.90 12.52
N SER H 116 1.26 -43.88 12.67
CA SER H 116 1.31 -44.77 13.86
C SER H 116 1.56 -43.98 15.14
N ALA H 117 2.60 -43.16 15.13
CA ALA H 117 2.89 -42.30 16.27
C ALA H 117 1.74 -41.35 16.59
N ALA H 118 1.14 -40.80 15.52
CA ALA H 118 0.05 -39.84 15.65
C ALA H 118 -1.15 -40.50 16.35
N ALA H 119 -1.48 -41.71 15.91
CA ALA H 119 -2.56 -42.48 16.53
C ALA H 119 -2.25 -42.86 18.00
N ALA H 120 -1.00 -43.25 18.24
CA ALA H 120 -0.54 -43.55 19.61
C ALA H 120 -0.72 -42.35 20.51
N ALA H 121 -0.26 -41.20 20.02
CA ALA H 121 -0.35 -39.95 20.73
C ALA H 121 -1.79 -39.48 20.90
N VAL H 122 -2.62 -39.63 19.86
CA VAL H 122 -4.02 -39.25 19.98
C VAL H 122 -4.70 -40.08 21.04
N GLU H 123 -4.43 -41.39 21.03
CA GLU H 123 -5.02 -42.31 22.01
C GLU H 123 -4.67 -41.85 23.42
N ALA H 124 -3.37 -41.77 23.70
CA ALA H 124 -2.87 -41.34 24.99
C ALA H 124 -3.58 -40.09 25.51
N ALA H 125 -3.86 -39.15 24.61
CA ALA H 125 -4.59 -37.92 24.96
C ALA H 125 -6.05 -38.21 25.30
N ARG H 126 -6.77 -38.85 24.38
CA ARG H 126 -8.13 -39.36 24.65
C ARG H 126 -8.17 -40.07 26.01
N GLY H 127 -7.20 -40.96 26.22
CA GLY H 127 -7.06 -41.67 27.50
C GLY H 127 -6.99 -40.81 28.74
N ALA H 128 -6.36 -39.63 28.62
CA ALA H 128 -6.27 -38.67 29.72
C ALA H 128 -7.49 -37.71 29.77
N GLY H 129 -8.56 -38.08 29.06
CA GLY H 129 -9.77 -37.27 28.99
C GLY H 129 -9.65 -35.96 28.26
N TRP H 130 -8.57 -35.77 27.51
CA TRP H 130 -8.38 -34.55 26.75
C TRP H 130 -9.26 -34.54 25.49
N THR H 131 -9.88 -33.40 25.22
CA THR H 131 -10.75 -33.26 24.04
C THR H 131 -10.12 -32.49 22.88
N GLY H 132 -8.85 -32.09 22.99
CA GLY H 132 -8.21 -31.19 22.01
C GLY H 132 -7.58 -31.90 20.84
N HIS H 133 -6.81 -31.17 20.04
CA HIS H 133 -6.15 -31.71 18.85
C HIS H 133 -4.66 -31.82 19.01
N VAL H 134 -4.17 -33.05 19.03
CA VAL H 134 -2.77 -33.33 18.91
C VAL H 134 -2.36 -32.97 17.48
N ALA H 135 -1.27 -32.21 17.33
CA ALA H 135 -0.83 -31.68 16.02
C ALA H 135 0.62 -31.97 15.69
N GLY H 136 0.97 -31.73 14.44
CA GLY H 136 2.34 -31.79 14.01
C GLY H 136 2.89 -30.40 13.86
N THR H 137 4.05 -30.34 13.20
CA THR H 137 4.86 -29.14 13.09
C THR H 137 5.28 -29.02 11.63
N ARG H 138 6.11 -28.01 11.34
CA ARG H 138 6.86 -27.99 10.10
C ARG H 138 8.19 -28.75 10.18
N LYS H 139 8.42 -29.57 11.23
CA LYS H 139 9.62 -30.44 11.27
C LYS H 139 9.48 -31.75 10.45
N THR H 140 9.21 -31.55 9.16
CA THR H 140 9.06 -32.57 8.16
C THR H 140 10.36 -32.77 7.39
N THR H 141 10.54 -33.96 6.80
CA THR H 141 11.60 -34.15 5.81
C THR H 141 11.44 -33.14 4.65
N PRO H 142 12.56 -32.62 4.15
CA PRO H 142 12.43 -31.78 2.98
C PRO H 142 11.98 -32.53 1.73
N GLY H 143 11.08 -31.90 0.99
CA GLY H 143 10.48 -32.52 -0.20
C GLY H 143 9.52 -33.67 0.06
N PHE H 144 9.26 -33.98 1.32
CA PHE H 144 8.37 -35.06 1.68
C PHE H 144 7.15 -34.58 2.45
N ARG H 145 6.91 -33.28 2.45
CA ARG H 145 5.90 -32.77 3.31
C ARG H 145 4.55 -33.44 3.03
N LEU H 146 4.14 -33.44 1.77
CA LEU H 146 2.82 -33.89 1.42
C LEU H 146 2.54 -35.27 2.03
N VAL H 147 3.53 -36.16 1.95
CA VAL H 147 3.38 -37.54 2.46
C VAL H 147 3.33 -37.58 3.99
N GLU H 148 4.03 -36.68 4.65
CA GLU H 148 4.15 -36.71 6.11
C GLU H 148 2.94 -36.09 6.79
N LYS H 149 2.51 -34.95 6.28
CA LYS H 149 1.33 -34.24 6.81
C LYS H 149 0.06 -35.05 6.58
N TYR H 150 -0.01 -35.70 5.41
CA TYR H 150 -1.10 -36.58 5.09
C TYR H 150 -1.03 -37.71 6.08
N GLY H 151 0.15 -38.29 6.30
CA GLY H 151 0.32 -39.32 7.31
C GLY H 151 -0.27 -38.94 8.68
N LEU H 152 0.01 -37.72 9.16
CA LEU H 152 -0.48 -37.25 10.46
C LEU H 152 -2.00 -37.24 10.49
N LEU H 153 -2.62 -36.89 9.36
CA LEU H 153 -4.08 -36.86 9.27
C LEU H 153 -4.66 -38.25 9.33
N VAL H 154 -4.07 -39.19 8.62
CA VAL H 154 -4.53 -40.56 8.67
C VAL H 154 -4.45 -41.09 10.11
N GLY H 155 -3.46 -40.67 10.88
CA GLY H 155 -3.31 -41.13 12.26
C GLY H 155 -4.29 -40.49 13.24
N GLY H 156 -4.97 -39.44 12.79
CA GLY H 156 -5.93 -38.69 13.59
C GLY H 156 -5.38 -37.44 14.23
N ALA H 157 -4.14 -37.09 13.94
CA ALA H 157 -3.63 -35.79 14.35
C ALA H 157 -4.11 -34.75 13.36
N ALA H 158 -4.10 -33.50 13.78
CA ALA H 158 -4.24 -32.36 12.88
C ALA H 158 -2.90 -32.15 12.21
N SER H 159 -2.93 -31.62 10.99
CA SER H 159 -1.71 -31.41 10.24
C SER H 159 -0.90 -30.23 10.80
N HIS H 160 -1.57 -29.28 11.46
CA HIS H 160 -1.07 -27.91 11.68
C HIS H 160 -0.96 -27.31 10.28
N ARG H 161 -0.58 -26.04 10.20
CA ARG H 161 -0.34 -25.37 8.94
C ARG H 161 0.65 -26.13 8.08
N TYR H 162 0.37 -26.18 6.79
CA TYR H 162 1.12 -26.96 5.81
C TYR H 162 2.39 -26.20 5.31
N ASP H 163 2.15 -24.93 4.94
CA ASP H 163 3.03 -24.01 4.24
C ASP H 163 3.51 -23.02 5.26
N LEU H 164 4.30 -22.09 4.78
CA LEU H 164 4.61 -20.85 5.48
C LEU H 164 3.65 -19.74 5.09
N GLY H 165 2.47 -20.08 4.60
CA GLY H 165 1.61 -19.13 3.88
C GLY H 165 0.22 -19.71 3.92
N GLY H 166 -0.44 -19.47 5.03
CA GLY H 166 -1.30 -20.50 5.63
C GLY H 166 -1.66 -20.27 7.09
N LEU H 167 -0.87 -19.42 7.73
CA LEU H 167 -1.15 -18.90 9.05
C LEU H 167 0.13 -18.26 9.38
N VAL H 168 0.04 -17.12 10.02
CA VAL H 168 1.18 -16.27 10.29
C VAL H 168 1.61 -16.62 11.69
N MET H 169 2.78 -17.23 11.82
CA MET H 169 3.27 -17.69 13.09
C MET H 169 4.43 -16.80 13.53
N VAL H 170 4.16 -15.87 14.43
CA VAL H 170 5.21 -15.10 15.13
C VAL H 170 5.98 -16.01 16.11
N LYS H 171 7.29 -16.11 15.96
CA LYS H 171 8.14 -16.97 16.79
C LYS H 171 9.15 -16.13 17.55
N ASP H 172 9.95 -16.73 18.44
CA ASP H 172 10.95 -15.94 19.22
C ASP H 172 11.75 -15.00 18.29
N ASN H 173 12.31 -15.55 17.22
CA ASN H 173 13.09 -14.76 16.30
C ASN H 173 12.37 -13.55 15.68
N HIS H 174 11.08 -13.70 15.33
CA HIS H 174 10.30 -12.58 14.75
C HIS H 174 10.18 -11.44 15.77
N VAL H 175 9.96 -11.81 17.03
CA VAL H 175 9.84 -10.84 18.09
C VAL H 175 11.17 -10.10 18.34
N VAL H 176 12.26 -10.85 18.44
CA VAL H 176 13.61 -10.23 18.59
C VAL H 176 13.86 -9.24 17.45
N ALA H 177 13.52 -9.64 16.22
CA ALA H 177 13.77 -8.83 15.03
C ALA H 177 12.90 -7.61 15.04
N ALA H 178 11.63 -7.78 15.35
CA ALA H 178 10.69 -6.66 15.36
C ALA H 178 10.82 -5.75 16.59
N GLY H 179 11.64 -6.15 17.57
CA GLY H 179 11.91 -5.35 18.76
C GLY H 179 10.89 -5.45 19.88
N GLY H 180 10.16 -6.55 19.98
CA GLY H 180 9.24 -6.75 21.06
C GLY H 180 7.96 -7.32 20.53
N VAL H 181 7.20 -7.92 21.43
CA VAL H 181 6.02 -8.68 21.05
C VAL H 181 4.90 -7.80 20.48
N GLU H 182 4.58 -6.68 21.15
CA GLU H 182 3.52 -5.76 20.68
C GLU H 182 3.76 -5.32 19.21
N LYS H 183 4.97 -4.80 18.95
CA LYS H 183 5.42 -4.44 17.61
C LYS H 183 5.23 -5.62 16.62
N ALA H 184 5.70 -6.80 17.00
CA ALA H 184 5.64 -8.00 16.14
C ALA H 184 4.23 -8.41 15.79
N VAL H 185 3.38 -8.48 16.81
CA VAL H 185 1.99 -8.94 16.63
C VAL H 185 1.22 -7.90 15.83
N ARG H 186 1.50 -6.62 16.07
CA ARG H 186 0.84 -5.56 15.28
C ARG H 186 1.11 -5.74 13.78
N ALA H 187 2.36 -6.05 13.42
CA ALA H 187 2.76 -6.26 12.01
C ALA H 187 2.16 -7.52 11.46
N ALA H 188 2.25 -8.57 12.28
CA ALA H 188 1.75 -9.88 11.90
C ALA H 188 0.25 -9.77 11.63
N ARG H 189 -0.46 -9.05 12.47
CA ARG H 189 -1.87 -8.90 12.28
C ARG H 189 -2.25 -8.13 11.04
N GLN H 190 -1.47 -7.14 10.69
CA GLN H 190 -1.68 -6.36 9.49
C GLN H 190 -1.47 -7.18 8.18
N ALA H 191 -0.42 -7.99 8.15
CA ALA H 191 -0.12 -8.87 7.04
C ALA H 191 -1.15 -9.98 6.79
N ALA H 192 -1.89 -10.38 7.81
CA ALA H 192 -2.90 -11.42 7.67
C ALA H 192 -4.28 -10.80 7.55
N ASP H 193 -4.51 -10.12 6.45
CA ASP H 193 -5.50 -9.02 6.39
C ASP H 193 -6.83 -9.39 7.12
N PHE H 194 -7.54 -10.36 6.59
CA PHE H 194 -8.73 -10.91 7.21
C PHE H 194 -8.78 -12.41 6.93
N ALA H 195 -7.83 -12.94 6.17
CA ALA H 195 -7.91 -14.31 5.63
C ALA H 195 -7.14 -15.35 6.47
N LEU H 196 -6.15 -14.86 7.21
CA LEU H 196 -5.16 -15.68 7.89
C LEU H 196 -5.14 -15.43 9.39
N LYS H 197 -5.06 -16.48 10.19
CA LYS H 197 -4.95 -16.28 11.63
C LYS H 197 -3.52 -15.92 12.01
N VAL H 198 -3.37 -15.32 13.19
CA VAL H 198 -2.04 -15.11 13.77
C VAL H 198 -1.82 -15.99 15.04
N GLU H 199 -0.68 -16.66 15.06
CA GLU H 199 -0.23 -17.39 16.22
C GLU H 199 1.10 -16.76 16.72
N VAL H 200 1.35 -16.82 18.02
CA VAL H 200 2.50 -16.17 18.66
C VAL H 200 3.16 -17.10 19.69
N GLU H 201 4.43 -17.48 19.46
CA GLU H 201 5.16 -18.28 20.42
C GLU H 201 5.46 -17.37 21.59
N CYS H 202 5.13 -17.82 22.79
CA CYS H 202 5.26 -17.05 24.01
C CYS H 202 5.90 -17.97 25.01
N SER H 203 6.88 -17.46 25.73
CA SER H 203 7.67 -18.29 26.67
C SER H 203 7.34 -18.00 28.15
N SER H 204 6.32 -17.16 28.37
CA SER H 204 5.94 -16.67 29.67
C SER H 204 4.50 -16.22 29.63
N LEU H 205 3.85 -16.13 30.80
CA LEU H 205 2.50 -15.56 30.92
C LEU H 205 2.49 -14.15 30.33
N GLN H 206 3.49 -13.35 30.70
CA GLN H 206 3.50 -11.98 30.22
C GLN H 206 3.42 -11.93 28.69
N GLU H 207 4.36 -12.63 28.05
CA GLU H 207 4.50 -12.62 26.58
C GLU H 207 3.14 -12.96 25.96
N ALA H 208 2.48 -13.96 26.54
CA ALA H 208 1.16 -14.43 26.13
C ALA H 208 0.08 -13.36 26.25
N VAL H 209 -0.01 -12.73 27.41
CA VAL H 209 -1.00 -11.66 27.61
C VAL H 209 -0.77 -10.51 26.64
N GLN H 210 0.49 -10.13 26.46
CA GLN H 210 0.84 -9.07 25.51
C GLN H 210 0.35 -9.45 24.13
N ALA H 211 0.61 -10.72 23.77
CA ALA H 211 0.21 -11.29 22.48
C ALA H 211 -1.30 -11.30 22.32
N ALA H 212 -1.97 -11.80 23.34
CA ALA H 212 -3.42 -11.90 23.35
C ALA H 212 -4.10 -10.55 23.28
N GLU H 213 -3.57 -9.55 24.01
CA GLU H 213 -4.08 -8.15 23.99
C GLU H 213 -3.94 -7.53 22.61
N ALA H 214 -2.80 -7.81 21.98
CA ALA H 214 -2.50 -7.33 20.65
C ALA H 214 -3.34 -7.97 19.53
N GLY H 215 -4.13 -9.01 19.85
CA GLY H 215 -5.11 -9.61 18.93
C GLY H 215 -4.75 -10.94 18.28
N ALA H 216 -3.67 -11.56 18.74
CA ALA H 216 -3.36 -12.97 18.45
C ALA H 216 -4.60 -13.81 18.54
N ASP H 217 -4.77 -14.70 17.57
CA ASP H 217 -5.85 -15.67 17.57
C ASP H 217 -5.43 -16.92 18.35
N LEU H 218 -4.15 -17.25 18.25
CA LEU H 218 -3.54 -18.30 19.03
C LEU H 218 -2.27 -17.86 19.75
N VAL H 219 -2.05 -18.45 20.91
CA VAL H 219 -0.88 -18.21 21.70
C VAL H 219 -0.29 -19.59 21.90
N LEU H 220 0.96 -19.75 21.48
CA LEU H 220 1.66 -21.02 21.67
C LEU H 220 2.52 -20.95 22.94
N LEU H 221 2.30 -21.83 23.90
CA LEU H 221 3.08 -21.80 25.13
C LEU H 221 4.26 -22.73 25.01
N ASP H 222 5.43 -22.15 24.77
CA ASP H 222 6.59 -22.89 24.28
C ASP H 222 7.50 -23.24 25.43
N ASN H 223 7.79 -24.52 25.58
CA ASN H 223 8.68 -25.08 26.64
C ASN H 223 8.32 -24.74 28.08
N PHE H 224 7.04 -24.83 28.43
CA PHE H 224 6.61 -24.73 29.82
C PHE H 224 6.68 -26.13 30.45
N LYS H 225 6.99 -26.18 31.75
CA LYS H 225 6.75 -27.38 32.55
C LYS H 225 5.22 -27.50 32.71
N PRO H 226 4.73 -28.72 32.81
CA PRO H 226 3.28 -28.84 32.96
C PRO H 226 2.68 -28.05 34.15
N GLU H 227 3.38 -28.05 35.29
CA GLU H 227 2.92 -27.36 36.50
C GLU H 227 2.88 -25.85 36.33
N GLU H 228 3.66 -25.32 35.39
CA GLU H 228 3.58 -23.91 34.93
C GLU H 228 2.53 -23.73 33.84
N LEU H 229 2.44 -24.70 32.95
CA LEU H 229 1.58 -24.58 31.76
C LEU H 229 0.11 -24.30 32.09
N HIS H 230 -0.46 -25.03 33.03
CA HIS H 230 -1.92 -25.01 33.20
C HIS H 230 -2.45 -23.79 33.94
N PRO H 231 -1.75 -23.36 35.01
CA PRO H 231 -2.12 -22.10 35.63
C PRO H 231 -1.99 -20.91 34.68
N THR H 232 -0.91 -20.91 33.90
CA THR H 232 -0.73 -19.91 32.84
C THR H 232 -1.88 -19.89 31.82
N ALA H 233 -2.24 -21.07 31.32
CA ALA H 233 -3.40 -21.23 30.41
C ALA H 233 -4.72 -20.79 31.06
N THR H 234 -4.85 -21.04 32.36
CA THR H 234 -6.05 -20.65 33.14
C THR H 234 -6.22 -19.12 33.14
N VAL H 235 -5.13 -18.41 33.41
CA VAL H 235 -5.16 -16.97 33.41
C VAL H 235 -5.59 -16.47 32.03
N LEU H 236 -5.06 -17.11 30.99
CA LEU H 236 -5.30 -16.70 29.62
C LEU H 236 -6.75 -16.88 29.22
N LYS H 237 -7.25 -18.11 29.31
CA LYS H 237 -8.67 -18.42 29.04
C LYS H 237 -9.64 -17.54 29.86
N ALA H 238 -9.29 -17.27 31.12
CA ALA H 238 -10.09 -16.40 31.96
C ALA H 238 -10.20 -15.02 31.34
N GLN H 239 -9.08 -14.41 31.01
CA GLN H 239 -9.05 -13.04 30.48
C GLN H 239 -9.46 -12.88 29.02
N PHE H 240 -9.15 -13.86 28.17
CA PHE H 240 -9.37 -13.82 26.71
C PHE H 240 -9.94 -15.18 26.33
N PRO H 241 -11.27 -15.34 26.46
CA PRO H 241 -11.81 -16.70 26.30
C PRO H 241 -11.93 -17.15 24.84
N SER H 242 -11.94 -16.20 23.93
CA SER H 242 -11.97 -16.45 22.49
C SER H 242 -10.59 -16.77 21.89
N VAL H 243 -9.51 -16.70 22.67
CA VAL H 243 -8.17 -16.97 22.16
C VAL H 243 -7.80 -18.45 22.43
N ALA H 244 -7.31 -19.12 21.39
CA ALA H 244 -6.98 -20.52 21.46
C ALA H 244 -5.59 -20.64 22.03
N VAL H 245 -5.31 -21.78 22.66
CA VAL H 245 -4.04 -21.99 23.39
C VAL H 245 -3.40 -23.29 22.94
N GLU H 246 -2.18 -23.20 22.43
CA GLU H 246 -1.42 -24.36 22.00
C GLU H 246 -0.22 -24.49 22.95
N ALA H 247 0.09 -25.73 23.35
CA ALA H 247 1.27 -26.06 24.13
C ALA H 247 2.17 -26.83 23.18
N SER H 248 3.45 -26.53 23.19
CA SER H 248 4.42 -27.19 22.34
C SER H 248 5.71 -27.10 23.07
N GLY H 249 6.64 -27.99 22.74
CA GLY H 249 7.98 -27.91 23.31
C GLY H 249 8.26 -29.04 24.28
N GLY H 250 9.12 -29.95 23.83
CA GLY H 250 9.57 -31.06 24.61
C GLY H 250 8.59 -32.17 24.83
N ILE H 251 7.43 -32.12 24.16
CA ILE H 251 6.29 -32.99 24.51
C ILE H 251 6.46 -34.34 23.83
N THR H 252 6.33 -35.41 24.59
CA THR H 252 6.52 -36.77 24.10
C THR H 252 5.31 -37.62 24.33
N LEU H 253 5.36 -38.83 23.80
CA LEU H 253 4.31 -39.83 24.02
C LEU H 253 4.11 -40.15 25.49
N ASP H 254 5.23 -40.39 26.18
CA ASP H 254 5.18 -40.74 27.61
C ASP H 254 4.53 -39.62 28.45
N ASN H 255 4.96 -38.38 28.23
CA ASN H 255 4.56 -37.25 29.08
C ASN H 255 3.30 -36.48 28.64
N LEU H 256 2.81 -36.79 27.44
CA LEU H 256 1.66 -36.08 26.81
C LEU H 256 0.47 -35.83 27.76
N PRO H 257 0.09 -36.85 28.54
CA PRO H 257 -1.02 -36.67 29.50
C PRO H 257 -0.85 -35.48 30.45
N GLN H 258 0.37 -35.26 30.91
CA GLN H 258 0.71 -34.12 31.80
C GLN H 258 0.45 -32.77 31.13
N PHE H 259 0.66 -32.71 29.82
CA PHE H 259 0.37 -31.50 29.05
C PHE H 259 -1.12 -31.31 28.69
N CYS H 260 -1.92 -32.37 28.81
CA CYS H 260 -3.36 -32.24 28.60
C CYS H 260 -4.02 -31.59 29.81
N GLY H 261 -4.98 -30.72 29.55
CA GLY H 261 -5.76 -30.06 30.59
C GLY H 261 -6.90 -29.28 29.97
N PRO H 262 -7.81 -28.77 30.79
CA PRO H 262 -8.99 -28.16 30.23
C PRO H 262 -8.77 -26.89 29.43
N HIS H 263 -7.62 -26.24 29.55
CA HIS H 263 -7.41 -24.92 28.89
C HIS H 263 -6.41 -24.91 27.76
N ILE H 264 -5.90 -26.08 27.40
CA ILE H 264 -5.00 -26.29 26.26
C ILE H 264 -5.84 -26.82 25.09
N ASP H 265 -5.95 -26.07 24.00
CA ASP H 265 -6.65 -26.50 22.78
C ASP H 265 -5.85 -27.41 21.84
N VAL H 266 -4.55 -27.16 21.71
CA VAL H 266 -3.68 -27.83 20.73
C VAL H 266 -2.39 -28.27 21.40
N ILE H 267 -1.92 -29.48 21.08
CA ILE H 267 -0.62 -29.92 21.52
C ILE H 267 0.15 -30.33 20.26
N SER H 268 1.31 -29.75 20.04
CA SER H 268 2.11 -30.06 18.86
C SER H 268 3.36 -30.78 19.27
N MET H 269 3.80 -31.66 18.39
CA MET H 269 4.88 -32.61 18.67
C MET H 269 5.84 -32.78 17.47
N GLY H 270 7.09 -32.33 17.67
CA GLY H 270 8.17 -32.55 16.72
C GLY H 270 8.27 -34.04 16.44
N MET H 271 8.27 -34.83 17.52
CA MET H 271 8.52 -36.28 17.49
C MET H 271 7.68 -37.11 16.51
N LEU H 272 6.46 -36.68 16.22
CA LEU H 272 5.57 -37.42 15.32
C LEU H 272 6.18 -37.57 13.93
N THR H 273 6.92 -36.55 13.48
CA THR H 273 7.65 -36.60 12.21
C THR H 273 9.16 -36.92 12.33
N GLN H 274 9.81 -36.33 13.34
CA GLN H 274 11.25 -36.44 13.52
C GLN H 274 11.77 -37.70 14.19
N ALA H 275 10.91 -38.43 14.89
CA ALA H 275 11.37 -39.58 15.68
C ALA H 275 10.29 -40.63 15.73
N ALA H 276 9.84 -41.01 14.56
CA ALA H 276 8.78 -41.96 14.42
C ALA H 276 9.36 -42.95 13.47
N PRO H 277 9.70 -44.14 13.98
CA PRO H 277 10.39 -45.06 13.06
C PRO H 277 9.46 -45.57 11.94
N ALA H 278 10.08 -45.97 10.85
CA ALA H 278 9.36 -46.45 9.68
C ALA H 278 8.85 -47.88 9.86
N LEU H 279 7.64 -48.18 9.44
CA LEU H 279 7.14 -49.54 9.63
C LEU H 279 7.82 -50.48 8.66
N ASP H 280 7.91 -51.74 9.07
CA ASP H 280 8.55 -52.79 8.28
C ASP H 280 7.56 -53.42 7.30
N PHE H 281 7.78 -53.21 6.01
CA PHE H 281 6.98 -53.85 4.97
C PHE H 281 7.88 -54.59 4.00
N SER H 282 7.40 -55.66 3.42
CA SER H 282 8.13 -56.28 2.31
C SER H 282 7.11 -56.60 1.26
N LEU H 283 7.60 -56.77 0.04
CA LEU H 283 6.76 -57.05 -1.12
C LEU H 283 7.35 -58.26 -1.82
N LYS H 284 6.70 -59.43 -1.64
CA LYS H 284 7.24 -60.68 -2.18
C LYS H 284 6.44 -61.29 -3.34
N LEU H 285 7.15 -61.65 -4.42
CA LEU H 285 6.56 -62.30 -5.58
C LEU H 285 6.21 -63.72 -5.23
N PHE H 286 4.98 -64.13 -5.54
CA PHE H 286 4.54 -65.54 -5.39
C PHE H 286 4.13 -66.06 -6.75
N ALA H 287 4.43 -67.34 -7.01
CA ALA H 287 4.16 -67.98 -8.31
C ALA H 287 2.68 -68.47 -8.47
N LYS H 288 2.19 -68.44 -9.73
CA LYS H 288 0.82 -68.86 -10.12
C LYS H 288 0.87 -70.23 -10.80
N GLU H 289 -0.20 -71.00 -10.65
CA GLU H 289 -0.32 -72.34 -11.25
C GLU H 289 -1.68 -72.42 -11.96
N MET I 1 40.45 -41.31 7.68
CA MET I 1 39.56 -40.93 6.53
C MET I 1 38.81 -39.62 6.81
N ASP I 2 39.14 -38.57 6.06
CA ASP I 2 38.71 -37.20 6.37
C ASP I 2 37.26 -36.96 5.96
N ALA I 3 36.42 -36.60 6.95
CA ALA I 3 34.99 -36.30 6.73
C ALA I 3 34.70 -34.93 6.10
N GLU I 4 35.70 -34.04 6.11
CA GLU I 4 35.59 -32.72 5.46
C GLU I 4 35.85 -32.82 3.94
N GLY I 5 36.57 -33.86 3.52
CA GLY I 5 36.75 -34.15 2.09
C GLY I 5 35.49 -34.71 1.43
N LEU I 6 34.47 -35.06 2.22
CA LEU I 6 33.26 -35.69 1.72
C LEU I 6 32.32 -34.75 0.96
N ALA I 7 32.34 -33.46 1.26
CA ALA I 7 31.51 -32.50 0.52
C ALA I 7 31.81 -32.43 -0.98
N LEU I 8 32.97 -32.93 -1.41
CA LEU I 8 33.37 -32.95 -2.80
C LEU I 8 32.61 -33.95 -3.64
N LEU I 9 31.97 -34.90 -2.98
CA LEU I 9 31.13 -35.86 -3.69
C LEU I 9 29.85 -35.21 -4.24
N LEU I 10 29.45 -34.06 -3.70
CA LEU I 10 28.19 -33.49 -4.04
C LEU I 10 28.24 -32.66 -5.33
N PRO I 11 27.63 -33.17 -6.42
CA PRO I 11 27.67 -32.38 -7.65
C PRO I 11 26.84 -31.09 -7.51
N PRO I 12 27.42 -29.92 -7.86
CA PRO I 12 26.79 -28.64 -7.45
C PRO I 12 25.40 -28.37 -8.05
N VAL I 13 25.12 -29.01 -9.20
CA VAL I 13 23.86 -28.85 -9.95
C VAL I 13 22.73 -29.54 -9.24
N THR I 14 22.88 -30.83 -9.01
CA THR I 14 21.82 -31.58 -8.29
C THR I 14 21.61 -31.05 -6.88
N LEU I 15 22.64 -30.46 -6.29
CA LEU I 15 22.56 -29.84 -4.99
C LEU I 15 21.72 -28.57 -5.01
N ALA I 16 21.96 -27.67 -5.95
CA ALA I 16 21.25 -26.37 -5.96
C ALA I 16 19.79 -26.50 -6.36
N ALA I 17 19.52 -27.47 -7.23
CA ALA I 17 18.17 -27.88 -7.61
C ALA I 17 17.34 -28.37 -6.43
N LEU I 18 17.94 -29.28 -5.67
CA LEU I 18 17.33 -29.92 -4.51
C LEU I 18 16.88 -28.82 -3.55
N VAL I 19 17.82 -27.94 -3.24
CA VAL I 19 17.64 -26.79 -2.34
C VAL I 19 16.50 -25.86 -2.77
N ASP I 20 16.37 -25.64 -4.07
CA ASP I 20 15.30 -24.80 -4.61
C ASP I 20 13.95 -25.41 -4.28
N SER I 21 13.82 -26.70 -4.55
CA SER I 21 12.58 -27.44 -4.36
C SER I 21 12.19 -27.55 -2.90
N TRP I 22 13.18 -27.61 -2.02
CA TRP I 22 12.92 -27.57 -0.56
C TRP I 22 12.33 -26.24 -0.12
N LEU I 23 12.91 -25.16 -0.60
CA LEU I 23 12.38 -23.84 -0.31
C LEU I 23 11.05 -23.57 -0.95
N ARG I 24 10.81 -24.13 -2.11
CA ARG I 24 9.53 -23.97 -2.80
C ARG I 24 8.40 -24.77 -2.10
N GLU I 25 8.74 -25.95 -1.56
CA GLU I 25 7.81 -26.73 -0.73
C GLU I 25 7.31 -25.91 0.45
N ASP I 26 8.20 -25.15 1.08
CA ASP I 26 7.92 -24.53 2.37
C ASP I 26 7.24 -23.20 2.21
N CYS I 27 7.43 -22.53 1.07
CA CYS I 27 6.86 -21.21 0.82
C CYS I 27 6.68 -21.00 -0.70
N PRO I 28 5.62 -21.58 -1.25
CA PRO I 28 5.39 -21.43 -2.68
C PRO I 28 4.93 -20.04 -3.06
N GLY I 29 4.16 -19.37 -2.21
CA GLY I 29 3.54 -18.10 -2.56
C GLY I 29 4.25 -16.93 -1.94
N LEU I 30 3.54 -16.26 -1.04
CA LEU I 30 3.98 -15.02 -0.41
C LEU I 30 4.41 -15.35 1.00
N ASN I 31 5.56 -14.85 1.39
CA ASN I 31 6.03 -14.94 2.76
C ASN I 31 5.55 -13.75 3.57
N TYR I 32 4.36 -13.85 4.15
CA TYR I 32 3.78 -12.78 4.99
C TYR I 32 4.64 -12.48 6.23
N ALA I 33 5.27 -13.51 6.76
CA ALA I 33 6.19 -13.41 7.90
C ALA I 33 7.46 -12.56 7.67
N ALA I 34 7.71 -12.17 6.44
CA ALA I 34 8.84 -11.30 6.13
C ALA I 34 8.55 -9.91 6.66
N LEU I 35 7.26 -9.55 6.67
CA LEU I 35 6.82 -8.24 7.14
C LEU I 35 6.97 -8.05 8.65
N VAL I 36 6.91 -9.13 9.42
CA VAL I 36 7.01 -9.02 10.86
C VAL I 36 8.45 -8.73 11.27
N SER I 37 9.41 -9.40 10.65
CA SER I 37 10.84 -9.21 10.93
C SER I 37 11.53 -8.07 10.18
N GLY I 38 10.93 -7.61 9.08
CA GLY I 38 11.64 -6.74 8.14
C GLY I 38 12.92 -7.39 7.64
N ALA I 39 13.87 -6.59 7.19
CA ALA I 39 15.05 -7.10 6.48
C ALA I 39 16.44 -6.62 6.98
N GLY I 40 16.49 -6.20 8.25
CA GLY I 40 17.69 -5.60 8.81
C GLY I 40 18.78 -6.64 8.79
N PRO I 41 20.04 -6.21 8.59
CA PRO I 41 21.15 -7.17 8.71
C PRO I 41 21.13 -7.78 10.10
N SER I 42 21.18 -9.12 10.20
CA SER I 42 21.13 -9.83 11.50
C SER I 42 22.06 -11.01 11.56
N GLN I 43 22.19 -11.55 12.77
CA GLN I 43 23.06 -12.69 13.01
C GLN I 43 22.20 -13.63 13.82
N ALA I 44 22.45 -14.93 13.64
CA ALA I 44 21.80 -15.98 14.38
C ALA I 44 22.82 -17.03 14.73
N ALA I 45 22.62 -17.68 15.87
CA ALA I 45 23.52 -18.72 16.36
C ALA I 45 22.86 -20.06 16.23
N LEU I 46 23.56 -21.05 15.65
CA LEU I 46 23.08 -22.44 15.54
C LEU I 46 23.48 -23.24 16.77
N TRP I 47 22.49 -23.74 17.50
CA TRP I 47 22.71 -24.44 18.75
C TRP I 47 22.38 -25.92 18.57
N ALA I 48 23.32 -26.79 18.95
CA ALA I 48 23.09 -28.23 18.92
C ALA I 48 22.66 -28.63 20.29
N LYS I 49 21.46 -29.17 20.40
CA LYS I 49 20.90 -29.62 21.68
C LYS I 49 20.86 -31.13 21.87
N SER I 50 21.55 -31.90 21.03
CA SER I 50 21.55 -33.38 21.09
C SER I 50 22.95 -33.93 20.89
N PRO I 51 23.27 -35.07 21.54
CA PRO I 51 24.58 -35.71 21.29
C PRO I 51 24.50 -36.52 20.02
N GLY I 52 25.62 -36.66 19.34
CA GLY I 52 25.67 -37.37 18.07
C GLY I 52 26.89 -37.02 17.25
N VAL I 53 26.69 -36.90 15.94
CA VAL I 53 27.70 -36.41 15.02
C VAL I 53 27.02 -35.32 14.18
N LEU I 54 27.76 -34.24 13.91
CA LEU I 54 27.30 -33.14 13.09
C LEU I 54 27.52 -33.52 11.65
N ALA I 55 26.43 -33.50 10.86
CA ALA I 55 26.50 -33.77 9.41
C ALA I 55 25.48 -32.95 8.68
N GLY I 56 25.86 -32.60 7.44
CA GLY I 56 25.03 -31.81 6.52
C GLY I 56 25.38 -30.34 6.26
N GLN I 57 26.56 -29.90 6.66
CA GLN I 57 27.02 -28.54 6.35
C GLN I 57 26.86 -28.11 4.87
N PRO I 58 27.21 -28.98 3.92
CA PRO I 58 27.08 -28.56 2.53
C PRO I 58 25.68 -28.15 2.16
N PHE I 59 24.70 -28.85 2.70
CA PHE I 59 23.28 -28.58 2.40
C PHE I 59 22.81 -27.34 3.12
N PHE I 60 23.15 -27.25 4.41
CA PHE I 60 22.91 -26.05 5.20
C PHE I 60 23.41 -24.78 4.49
N ASP I 61 24.66 -24.86 4.03
CA ASP I 61 25.32 -23.75 3.35
C ASP I 61 24.57 -23.34 2.07
N ALA I 62 24.24 -24.34 1.25
CA ALA I 62 23.45 -24.14 0.03
C ALA I 62 22.10 -23.48 0.24
N ILE I 63 21.39 -23.93 1.27
CA ILE I 63 20.09 -23.35 1.58
C ILE I 63 20.25 -21.85 1.77
N PHE I 64 21.22 -21.48 2.61
CA PHE I 64 21.38 -20.09 3.00
C PHE I 64 22.06 -19.20 1.97
N THR I 65 23.08 -19.72 1.26
CA THR I 65 23.62 -19.12 0.02
C THR I 65 22.46 -18.71 -0.90
N GLN I 66 21.53 -19.61 -1.13
CA GLN I 66 20.40 -19.28 -1.98
C GLN I 66 19.61 -18.06 -1.49
N LEU I 67 19.61 -17.81 -0.19
CA LEU I 67 18.87 -16.69 0.41
C LEU I 67 19.75 -15.47 0.80
N ASN I 68 20.97 -15.46 0.28
CA ASN I 68 21.97 -14.41 0.52
C ASN I 68 22.32 -14.25 1.95
N CYS I 69 22.68 -15.39 2.54
CA CYS I 69 23.15 -15.50 3.90
C CYS I 69 24.42 -16.35 3.94
N GLN I 70 25.27 -16.09 4.93
CA GLN I 70 26.56 -16.77 5.06
C GLN I 70 26.66 -17.51 6.38
N VAL I 71 27.53 -18.51 6.39
CA VAL I 71 27.60 -19.38 7.50
C VAL I 71 29.04 -19.54 7.96
N SER I 72 29.27 -19.34 9.26
CA SER I 72 30.57 -19.62 9.87
C SER I 72 30.52 -20.83 10.77
N TRP I 73 31.34 -21.82 10.45
CA TRP I 73 31.29 -23.11 11.13
C TRP I 73 32.34 -23.09 12.19
N PHE I 74 31.95 -23.49 13.38
CA PHE I 74 32.86 -23.60 14.52
C PHE I 74 33.30 -25.02 14.82
N LEU I 75 32.70 -26.00 14.15
CA LEU I 75 33.13 -27.38 14.27
C LEU I 75 33.15 -27.95 12.89
N PRO I 76 34.12 -28.84 12.61
CA PRO I 76 34.18 -29.39 11.27
C PRO I 76 33.05 -30.42 11.04
N GLU I 77 32.72 -30.58 9.77
CA GLU I 77 31.80 -31.61 9.35
C GLU I 77 32.26 -32.93 9.96
N GLY I 78 31.37 -33.57 10.71
CA GLY I 78 31.63 -34.90 11.27
C GLY I 78 32.09 -34.91 12.71
N SER I 79 32.26 -33.75 13.34
CA SER I 79 32.65 -33.72 14.75
C SER I 79 31.52 -34.14 15.71
N LYS I 80 31.91 -34.57 16.91
CA LYS I 80 30.97 -34.97 17.96
C LYS I 80 30.30 -33.73 18.45
N LEU I 81 29.00 -33.85 18.66
CA LEU I 81 28.23 -32.78 19.24
C LEU I 81 28.12 -33.08 20.71
N VAL I 82 28.70 -32.21 21.54
CA VAL I 82 28.53 -32.31 23.00
C VAL I 82 27.56 -31.20 23.42
N PRO I 83 26.37 -31.57 23.96
CA PRO I 83 25.23 -30.69 23.85
C PRO I 83 25.12 -29.44 24.69
N VAL I 84 24.16 -28.64 24.21
CA VAL I 84 24.06 -27.20 24.31
C VAL I 84 25.34 -26.46 23.78
N ALA I 85 25.88 -26.96 22.66
CA ALA I 85 27.00 -26.37 21.88
C ALA I 85 26.58 -25.29 20.87
N ARG I 86 27.38 -24.23 20.79
CA ARG I 86 27.27 -23.23 19.72
C ARG I 86 28.13 -23.73 18.52
N VAL I 87 27.51 -24.37 17.52
CA VAL I 87 28.27 -24.96 16.40
C VAL I 87 28.53 -24.00 15.25
N ALA I 88 27.70 -22.96 15.08
CA ALA I 88 27.90 -22.01 13.99
C ALA I 88 27.06 -20.76 14.09
N GLU I 89 27.41 -19.81 13.24
CA GLU I 89 26.76 -18.51 13.17
C GLU I 89 26.29 -18.23 11.73
N VAL I 90 25.06 -17.75 11.60
CA VAL I 90 24.46 -17.44 10.27
C VAL I 90 24.16 -15.95 10.20
N ARG I 91 24.55 -15.31 9.10
CA ARG I 91 24.42 -13.88 8.93
C ARG I 91 23.61 -13.56 7.68
N GLY I 92 22.70 -12.60 7.78
CA GLY I 92 21.99 -12.10 6.60
C GLY I 92 20.78 -11.27 6.99
N PRO I 93 20.05 -10.77 5.99
CA PRO I 93 18.80 -10.01 6.23
C PRO I 93 17.83 -10.81 7.08
N ALA I 94 17.19 -10.18 8.07
CA ALA I 94 16.36 -10.94 9.04
C ALA I 94 15.32 -11.87 8.38
N HIS I 95 14.50 -11.32 7.49
CA HIS I 95 13.48 -12.09 6.77
C HIS I 95 14.07 -13.28 5.98
N CYS I 96 15.28 -13.12 5.45
CA CYS I 96 15.94 -14.20 4.71
C CYS I 96 16.40 -15.33 5.66
N LEU I 97 17.01 -14.98 6.80
CA LEU I 97 17.37 -15.96 7.82
C LEU I 97 16.18 -16.79 8.25
N LEU I 98 15.08 -16.12 8.56
CA LEU I 98 13.87 -16.77 9.09
C LEU I 98 13.10 -17.59 8.05
N LEU I 99 13.26 -17.25 6.77
CA LEU I 99 12.68 -18.02 5.67
C LEU I 99 13.30 -19.39 5.50
N GLY I 100 14.62 -19.43 5.64
CA GLY I 100 15.39 -20.67 5.56
C GLY I 100 15.60 -21.43 6.88
N GLU I 101 15.27 -20.83 8.02
CA GLU I 101 15.47 -21.42 9.36
C GLU I 101 15.07 -22.89 9.46
N ARG I 102 13.80 -23.17 9.16
CA ARG I 102 13.20 -24.48 9.39
C ARG I 102 13.74 -25.51 8.45
N VAL I 103 13.80 -25.15 7.19
CA VAL I 103 14.22 -26.07 6.13
C VAL I 103 15.66 -26.48 6.35
N ALA I 104 16.49 -25.54 6.81
CA ALA I 104 17.89 -25.79 7.11
C ALA I 104 18.06 -26.70 8.31
N LEU I 105 17.35 -26.35 9.38
CA LEU I 105 17.35 -27.14 10.61
C LEU I 105 16.88 -28.56 10.32
N ASN I 106 15.77 -28.68 9.61
CA ASN I 106 15.25 -29.97 9.25
C ASN I 106 16.32 -30.78 8.54
N THR I 107 16.87 -30.21 7.49
CA THR I 107 17.94 -30.85 6.75
C THR I 107 19.09 -31.25 7.63
N LEU I 108 19.62 -30.30 8.40
CA LEU I 108 20.75 -30.60 9.30
C LEU I 108 20.44 -31.68 10.36
N ALA I 109 19.27 -31.59 10.98
CA ALA I 109 18.78 -32.56 11.98
C ALA I 109 18.73 -34.01 11.48
N ARG I 110 18.15 -34.11 10.30
CA ARG I 110 17.95 -35.35 9.59
C ARG I 110 19.30 -35.98 9.19
N CYS I 111 20.20 -35.18 8.64
CA CYS I 111 21.45 -35.68 8.13
C CYS I 111 22.29 -36.09 9.31
N SER I 112 22.43 -35.19 10.29
CA SER I 112 23.14 -35.44 11.55
C SER I 112 22.63 -36.67 12.32
N GLY I 113 21.31 -36.75 12.42
CA GLY I 113 20.64 -37.92 13.01
C GLY I 113 21.10 -39.27 12.46
N ILE I 114 21.30 -39.32 11.14
CA ILE I 114 21.80 -40.52 10.45
C ILE I 114 23.29 -40.76 10.71
N ALA I 115 24.10 -39.74 10.47
CA ALA I 115 25.52 -39.81 10.74
C ALA I 115 25.76 -40.45 12.10
N SER I 116 25.03 -39.96 13.11
CA SER I 116 25.10 -40.41 14.50
C SER I 116 24.86 -41.90 14.65
N ALA I 117 23.77 -42.38 14.07
CA ALA I 117 23.48 -43.82 14.02
C ALA I 117 24.59 -44.63 13.34
N ALA I 118 25.05 -44.15 12.19
CA ALA I 118 26.15 -44.81 11.48
C ALA I 118 27.41 -44.87 12.35
N ALA I 119 27.80 -43.73 12.92
CA ALA I 119 28.90 -43.64 13.88
C ALA I 119 28.77 -44.61 15.10
N ALA I 120 27.59 -44.61 15.72
CA ALA I 120 27.28 -45.57 16.78
C ALA I 120 27.55 -47.01 16.36
N ALA I 121 27.06 -47.34 15.18
CA ALA I 121 27.16 -48.68 14.64
C ALA I 121 28.57 -49.01 14.21
N VAL I 122 29.27 -48.04 13.63
CA VAL I 122 30.68 -48.23 13.25
C VAL I 122 31.52 -48.47 14.50
N GLU I 123 31.25 -47.69 15.54
CA GLU I 123 31.93 -47.85 16.83
C GLU I 123 31.67 -49.23 17.44
N ALA I 124 30.42 -49.65 17.41
CA ALA I 124 30.07 -50.98 17.91
C ALA I 124 30.92 -52.03 17.22
N ALA I 125 30.97 -51.96 15.90
CA ALA I 125 31.73 -52.89 15.07
C ALA I 125 33.20 -52.91 15.42
N ARG I 126 33.80 -51.71 15.47
CA ARG I 126 35.20 -51.55 15.86
C ARG I 126 35.41 -52.20 17.24
N GLY I 127 34.53 -51.88 18.17
CA GLY I 127 34.53 -52.46 19.51
C GLY I 127 34.40 -53.95 19.60
N ALA I 128 33.83 -54.59 18.59
CA ALA I 128 33.79 -56.06 18.53
C ALA I 128 34.88 -56.61 17.59
N GLY I 129 35.99 -55.89 17.48
CA GLY I 129 37.15 -56.37 16.73
C GLY I 129 37.07 -56.40 15.20
N TRP I 130 35.95 -55.94 14.63
CA TRP I 130 35.60 -56.20 13.22
C TRP I 130 36.03 -55.12 12.26
N THR I 131 36.83 -55.48 11.26
CA THR I 131 37.34 -54.49 10.27
C THR I 131 36.59 -54.48 8.93
N GLY I 132 35.33 -54.90 8.93
CA GLY I 132 34.50 -54.89 7.74
C GLY I 132 33.86 -53.53 7.52
N HIS I 133 32.88 -53.47 6.62
CA HIS I 133 32.18 -52.24 6.27
C HIS I 133 30.73 -52.28 6.75
N VAL I 134 30.36 -51.33 7.58
CA VAL I 134 29.00 -51.21 8.02
C VAL I 134 28.36 -50.40 6.92
N ALA I 135 27.13 -50.72 6.55
CA ALA I 135 26.54 -50.11 5.35
C ALA I 135 25.09 -49.76 5.43
N GLY I 136 24.72 -48.84 4.53
CA GLY I 136 23.37 -48.43 4.33
C GLY I 136 22.63 -49.36 3.39
N THR I 137 21.42 -48.94 3.11
CA THR I 137 20.53 -49.64 2.20
C THR I 137 19.92 -48.63 1.27
N ARG I 138 19.03 -49.09 0.42
CA ARG I 138 18.20 -48.17 -0.34
C ARG I 138 16.94 -47.76 0.44
N LYS I 139 16.90 -47.91 1.77
CA LYS I 139 15.70 -47.57 2.53
C LYS I 139 15.79 -46.13 3.04
N THR I 140 15.76 -45.23 2.07
CA THR I 140 15.96 -43.85 2.26
C THR I 140 14.63 -43.14 2.01
N THR I 141 14.47 -41.94 2.54
CA THR I 141 13.29 -41.17 2.28
C THR I 141 13.25 -40.73 0.81
N PRO I 142 12.08 -40.83 0.17
CA PRO I 142 12.05 -40.33 -1.22
C PRO I 142 12.33 -38.81 -1.47
N GLY I 143 13.08 -38.56 -2.54
CA GLY I 143 13.57 -37.23 -2.86
C GLY I 143 14.68 -36.74 -1.97
N PHE I 144 15.12 -37.60 -1.04
CA PHE I 144 16.06 -37.19 0.00
C PHE I 144 17.27 -38.09 0.10
N ARG I 145 17.55 -38.81 -0.95
CA ARG I 145 18.58 -39.83 -0.86
C ARG I 145 19.94 -39.23 -0.68
N LEU I 146 20.21 -38.14 -1.37
CA LEU I 146 21.56 -37.55 -1.37
C LEU I 146 21.98 -37.16 0.04
N VAL I 147 21.07 -36.52 0.74
CA VAL I 147 21.28 -36.12 2.09
C VAL I 147 21.54 -37.36 3.00
N GLU I 148 20.72 -38.39 2.86
CA GLU I 148 20.80 -39.55 3.76
C GLU I 148 22.05 -40.39 3.47
N LYS I 149 22.34 -40.67 2.20
CA LYS I 149 23.56 -41.42 1.86
C LYS I 149 24.82 -40.64 2.26
N TYR I 150 24.79 -39.32 2.07
CA TYR I 150 25.91 -38.46 2.47
C TYR I 150 26.07 -38.55 3.97
N GLY I 151 24.96 -38.41 4.69
CA GLY I 151 24.96 -38.62 6.13
C GLY I 151 25.65 -39.93 6.55
N LEU I 152 25.29 -41.02 5.90
CA LEU I 152 25.90 -42.32 6.23
C LEU I 152 27.43 -42.28 6.15
N LEU I 153 27.95 -41.59 5.14
CA LEU I 153 29.38 -41.46 4.92
C LEU I 153 30.03 -40.69 6.03
N VAL I 154 29.51 -39.50 6.29
CA VAL I 154 30.01 -38.65 7.34
C VAL I 154 30.09 -39.36 8.68
N GLY I 155 29.12 -40.22 8.96
CA GLY I 155 29.15 -41.05 10.19
C GLY I 155 30.12 -42.22 10.09
N GLY I 156 30.54 -42.53 8.86
CA GLY I 156 31.64 -43.46 8.60
C GLY I 156 31.23 -44.88 8.27
N ALA I 157 29.99 -45.05 7.87
CA ALA I 157 29.56 -46.27 7.28
C ALA I 157 29.70 -46.03 5.79
N ALA I 158 29.51 -47.11 5.05
CA ALA I 158 29.54 -47.07 3.62
C ALA I 158 28.15 -46.69 3.16
N SER I 159 28.06 -46.00 2.03
CA SER I 159 26.76 -45.72 1.44
C SER I 159 26.05 -47.00 0.93
N HIS I 160 26.83 -47.98 0.47
CA HIS I 160 26.33 -49.04 -0.44
C HIS I 160 26.04 -48.35 -1.76
N ARG I 161 25.79 -49.13 -2.81
CA ARG I 161 25.20 -48.62 -4.07
C ARG I 161 24.14 -47.59 -3.79
N TYR I 162 24.20 -46.52 -4.57
CA TYR I 162 23.43 -45.34 -4.37
C TYR I 162 22.04 -45.55 -4.96
N ASP I 163 21.97 -46.14 -6.16
CA ASP I 163 20.81 -45.93 -7.01
C ASP I 163 20.61 -46.97 -8.05
N LEU I 164 20.70 -48.26 -7.75
CA LEU I 164 20.13 -49.23 -8.73
C LEU I 164 20.74 -49.12 -10.14
N GLY I 165 21.95 -48.61 -10.23
CA GLY I 165 22.51 -48.11 -11.50
C GLY I 165 24.01 -48.27 -11.45
N GLY I 166 24.56 -48.12 -10.24
CA GLY I 166 25.77 -48.83 -9.81
C GLY I 166 25.50 -50.32 -9.82
N LEU I 167 26.08 -51.00 -8.85
CA LEU I 167 25.87 -52.47 -8.64
C LEU I 167 24.50 -53.11 -8.99
N VAL I 168 24.52 -54.27 -9.65
CA VAL I 168 23.32 -55.08 -9.97
C VAL I 168 23.02 -56.05 -8.84
N MET I 169 21.81 -56.01 -8.33
CA MET I 169 21.48 -56.74 -7.10
C MET I 169 20.30 -57.66 -7.30
N VAL I 170 20.59 -58.96 -7.32
CA VAL I 170 19.60 -60.05 -7.42
C VAL I 170 18.99 -60.42 -6.06
N LYS I 171 17.68 -60.40 -5.96
CA LYS I 171 16.94 -60.52 -4.70
C LYS I 171 15.98 -61.71 -4.75
N ASP I 172 15.48 -62.13 -3.59
CA ASP I 172 14.45 -63.15 -3.53
C ASP I 172 13.55 -63.01 -4.79
N ASN I 173 12.99 -61.83 -5.03
CA ASN I 173 12.07 -61.61 -6.13
C ASN I 173 12.62 -61.85 -7.53
N HIS I 174 13.86 -61.43 -7.78
CA HIS I 174 14.48 -61.65 -9.09
C HIS I 174 14.68 -63.12 -9.31
N VAL I 175 14.98 -63.85 -8.24
CA VAL I 175 15.18 -65.30 -8.30
C VAL I 175 13.86 -65.98 -8.64
N VAL I 176 12.78 -65.62 -7.97
CA VAL I 176 11.48 -66.21 -8.31
C VAL I 176 11.11 -65.98 -9.77
N ALA I 177 11.18 -64.73 -10.24
CA ALA I 177 10.80 -64.37 -11.62
C ALA I 177 11.65 -65.07 -12.69
N ALA I 178 12.93 -65.27 -12.38
CA ALA I 178 13.87 -65.88 -13.32
C ALA I 178 13.76 -67.42 -13.37
N GLY I 179 12.92 -68.01 -12.50
CA GLY I 179 12.72 -69.47 -12.42
C GLY I 179 13.91 -70.26 -11.91
N GLY I 180 14.65 -69.65 -10.98
CA GLY I 180 15.89 -70.26 -10.47
C GLY I 180 16.98 -69.25 -10.16
N VAL I 181 17.76 -69.54 -9.13
CA VAL I 181 18.99 -68.79 -8.84
C VAL I 181 20.07 -68.92 -9.96
N GLU I 182 20.22 -70.10 -10.57
CA GLU I 182 21.23 -70.31 -11.64
C GLU I 182 20.92 -69.40 -12.83
N LYS I 183 19.66 -69.42 -13.22
CA LYS I 183 19.15 -68.59 -14.32
C LYS I 183 19.29 -67.08 -14.00
N ALA I 184 18.89 -66.69 -12.78
CA ALA I 184 18.88 -65.27 -12.38
C ALA I 184 20.26 -64.66 -12.43
N VAL I 185 21.24 -65.35 -11.88
CA VAL I 185 22.61 -64.84 -11.83
C VAL I 185 23.27 -64.79 -13.20
N ARG I 186 22.99 -65.80 -14.04
CA ARG I 186 23.58 -65.85 -15.37
C ARG I 186 23.09 -64.61 -16.14
N ALA I 187 21.80 -64.30 -16.02
CA ALA I 187 21.21 -63.12 -16.65
C ALA I 187 21.79 -61.83 -16.11
N ALA I 188 21.93 -61.78 -14.78
CA ALA I 188 22.49 -60.63 -14.08
C ALA I 188 23.95 -60.39 -14.46
N ARG I 189 24.70 -61.48 -14.54
CA ARG I 189 26.11 -61.41 -14.87
C ARG I 189 26.32 -61.04 -16.34
N GLN I 190 25.42 -61.46 -17.24
CA GLN I 190 25.41 -60.98 -18.63
C GLN I 190 25.11 -59.49 -18.71
N ALA I 191 24.17 -59.01 -17.91
CA ALA I 191 23.78 -57.61 -17.94
C ALA I 191 24.88 -56.70 -17.45
N ALA I 192 25.46 -57.02 -16.30
CA ALA I 192 26.60 -56.29 -15.76
C ALA I 192 27.77 -56.82 -16.53
N ASP I 193 28.35 -56.01 -17.39
CA ASP I 193 29.24 -56.55 -18.42
C ASP I 193 30.55 -56.91 -17.70
N PHE I 194 31.44 -55.94 -17.64
CA PHE I 194 32.63 -55.95 -16.82
C PHE I 194 32.51 -54.84 -15.77
N ALA I 195 31.82 -53.75 -16.12
CA ALA I 195 31.73 -52.52 -15.31
C ALA I 195 31.04 -52.65 -13.96
N LEU I 196 30.04 -53.52 -13.90
CA LEU I 196 29.21 -53.62 -12.74
C LEU I 196 29.38 -54.96 -12.03
N LYS I 197 29.24 -54.96 -10.72
CA LYS I 197 29.35 -56.19 -9.95
C LYS I 197 27.97 -56.79 -9.76
N VAL I 198 27.93 -58.07 -9.43
CA VAL I 198 26.66 -58.78 -9.17
C VAL I 198 26.63 -59.27 -7.72
N GLU I 199 25.60 -58.90 -6.99
CA GLU I 199 25.38 -59.39 -5.64
C GLU I 199 24.09 -60.21 -5.63
N VAL I 200 24.03 -61.26 -4.79
CA VAL I 200 22.84 -62.12 -4.71
C VAL I 200 22.34 -62.37 -3.26
N GLU I 201 21.07 -62.08 -3.00
CA GLU I 201 20.42 -62.45 -1.74
C GLU I 201 20.21 -63.95 -1.70
N CYS I 202 20.57 -64.57 -0.59
CA CYS I 202 20.47 -66.02 -0.46
C CYS I 202 19.96 -66.29 0.94
N SER I 203 19.15 -67.33 1.08
CA SER I 203 18.53 -67.61 2.39
C SER I 203 18.91 -68.98 2.92
N SER I 204 19.93 -69.57 2.29
CA SER I 204 20.45 -70.88 2.65
C SER I 204 21.92 -71.01 2.22
N LEU I 205 22.62 -71.96 2.81
CA LEU I 205 23.99 -72.28 2.37
C LEU I 205 23.98 -72.66 0.90
N GLN I 206 23.06 -73.57 0.56
CA GLN I 206 22.94 -74.10 -0.79
C GLN I 206 22.89 -72.95 -1.79
N GLU I 207 21.92 -72.07 -1.60
CA GLU I 207 21.58 -70.98 -2.54
C GLU I 207 22.77 -70.03 -2.76
N ALA I 208 23.52 -69.76 -1.68
CA ALA I 208 24.84 -69.08 -1.71
C ALA I 208 25.87 -69.74 -2.62
N VAL I 209 26.05 -71.05 -2.46
CA VAL I 209 27.05 -71.81 -3.27
C VAL I 209 26.74 -71.74 -4.77
N GLN I 210 25.45 -71.93 -5.09
CA GLN I 210 24.92 -71.85 -6.46
C GLN I 210 25.23 -70.49 -7.06
N ALA I 211 25.05 -69.45 -6.24
CA ALA I 211 25.29 -68.06 -6.62
C ALA I 211 26.75 -67.82 -6.95
N ALA I 212 27.61 -68.23 -6.04
CA ALA I 212 29.06 -68.04 -6.20
C ALA I 212 29.61 -68.82 -7.39
N GLU I 213 29.13 -70.07 -7.58
CA GLU I 213 29.47 -70.85 -8.79
C GLU I 213 29.05 -70.07 -10.04
N ALA I 214 27.81 -69.54 -10.01
CA ALA I 214 27.23 -68.80 -11.12
C ALA I 214 27.98 -67.53 -11.50
N GLY I 215 28.87 -67.07 -10.61
CA GLY I 215 29.73 -65.87 -10.82
C GLY I 215 29.41 -64.61 -10.01
N ALA I 216 28.88 -64.78 -8.81
CA ALA I 216 28.47 -63.66 -7.97
C ALA I 216 29.71 -63.02 -7.40
N ASP I 217 29.88 -61.72 -7.56
CA ASP I 217 30.95 -61.00 -6.87
C ASP I 217 30.69 -60.89 -5.36
N LEU I 218 29.40 -60.88 -4.97
CA LEU I 218 28.94 -60.73 -3.57
C LEU I 218 27.74 -61.62 -3.26
N VAL I 219 27.66 -62.09 -2.02
CA VAL I 219 26.61 -63.01 -1.62
C VAL I 219 26.03 -62.47 -0.36
N LEU I 220 24.81 -61.94 -0.45
CA LEU I 220 24.14 -61.36 0.69
C LEU I 220 23.38 -62.49 1.36
N LEU I 221 23.67 -62.69 2.64
CA LEU I 221 22.99 -63.70 3.44
C LEU I 221 21.87 -63.00 4.19
N ASP I 222 20.66 -63.19 3.65
CA ASP I 222 19.50 -62.46 4.11
C ASP I 222 18.84 -63.14 5.29
N ASN I 223 18.80 -62.43 6.40
CA ASN I 223 17.98 -62.76 7.56
C ASN I 223 18.33 -64.02 8.32
N PHE I 224 19.63 -64.30 8.45
CA PHE I 224 20.12 -65.43 9.24
C PHE I 224 20.19 -65.09 10.73
N LYS I 225 19.98 -66.10 11.59
CA LYS I 225 20.40 -66.08 12.99
C LYS I 225 21.93 -66.11 12.93
N PRO I 226 22.63 -65.46 13.88
CA PRO I 226 24.11 -65.51 13.76
C PRO I 226 24.72 -66.91 13.88
N GLU I 227 24.15 -67.74 14.76
CA GLU I 227 24.48 -69.19 14.81
C GLU I 227 24.47 -69.96 13.45
N GLU I 228 23.52 -69.65 12.57
CA GLU I 228 23.59 -70.16 11.21
C GLU I 228 24.58 -69.34 10.38
N LEU I 229 24.58 -68.02 10.55
CA LEU I 229 25.29 -67.10 9.63
C LEU I 229 26.78 -67.45 9.45
N HIS I 230 27.49 -67.47 10.56
CA HIS I 230 28.94 -67.64 10.55
C HIS I 230 29.43 -68.98 10.01
N PRO I 231 28.81 -70.14 10.40
CA PRO I 231 29.21 -71.42 9.75
C PRO I 231 29.07 -71.34 8.24
N THR I 232 27.93 -70.80 7.79
CA THR I 232 27.64 -70.58 6.37
C THR I 232 28.78 -69.78 5.72
N ALA I 233 29.06 -68.62 6.27
CA ALA I 233 30.09 -67.76 5.72
C ALA I 233 31.46 -68.43 5.72
N THR I 234 31.74 -69.24 6.75
CA THR I 234 33.01 -69.97 6.86
C THR I 234 33.26 -70.93 5.68
N VAL I 235 32.22 -71.70 5.31
CA VAL I 235 32.21 -72.58 4.11
C VAL I 235 32.38 -71.80 2.80
N LEU I 236 31.59 -70.75 2.64
CA LEU I 236 31.66 -69.93 1.44
C LEU I 236 33.06 -69.47 1.20
N LYS I 237 33.66 -68.88 2.24
CA LYS I 237 35.01 -68.32 2.13
C LYS I 237 36.06 -69.41 1.93
N ALA I 238 35.79 -70.60 2.45
CA ALA I 238 36.64 -71.77 2.22
C ALA I 238 36.69 -72.07 0.72
N GLN I 239 35.50 -72.26 0.14
CA GLN I 239 35.26 -72.79 -1.22
C GLN I 239 35.35 -71.74 -2.37
N PHE I 240 35.13 -70.48 -2.05
CA PHE I 240 35.19 -69.38 -3.02
C PHE I 240 35.86 -68.22 -2.33
N PRO I 241 37.18 -68.31 -2.18
CA PRO I 241 37.86 -67.35 -1.31
C PRO I 241 37.79 -65.89 -1.73
N SER I 242 37.55 -65.62 -3.01
CA SER I 242 37.45 -64.25 -3.51
C SER I 242 36.01 -63.71 -3.68
N VAL I 243 35.01 -64.42 -3.17
CA VAL I 243 33.63 -63.92 -3.16
C VAL I 243 33.33 -63.22 -1.81
N ALA I 244 32.89 -61.96 -1.87
CA ALA I 244 32.57 -61.18 -0.67
C ALA I 244 31.24 -61.61 -0.05
N VAL I 245 31.13 -61.51 1.27
CA VAL I 245 29.93 -61.88 2.00
C VAL I 245 29.34 -60.68 2.74
N GLU I 246 28.08 -60.38 2.45
CA GLU I 246 27.31 -59.33 3.16
C GLU I 246 26.28 -60.02 3.98
N ALA I 247 25.94 -59.42 5.12
CA ALA I 247 24.92 -59.95 6.02
C ALA I 247 23.93 -58.85 6.19
N SER I 248 22.64 -59.21 6.20
CA SER I 248 21.57 -58.21 6.31
C SER I 248 20.31 -58.84 6.81
N GLY I 249 19.59 -58.12 7.65
CA GLY I 249 18.25 -58.52 8.03
C GLY I 249 18.19 -58.62 9.53
N GLY I 250 17.49 -57.66 10.14
CA GLY I 250 17.20 -57.68 11.56
C GLY I 250 18.33 -57.22 12.44
N ILE I 251 19.36 -56.64 11.83
CA ILE I 251 20.58 -56.24 12.52
C ILE I 251 20.31 -54.88 13.15
N THR I 252 20.29 -54.87 14.48
CA THR I 252 20.11 -53.67 15.28
C THR I 252 21.45 -53.26 15.85
N LEU I 253 21.55 -52.04 16.39
CA LEU I 253 22.76 -51.61 17.11
C LEU I 253 23.02 -52.55 18.28
N ASP I 254 21.94 -52.98 18.92
CA ASP I 254 21.98 -53.90 20.03
C ASP I 254 22.69 -55.21 19.68
N ASN I 255 22.27 -55.89 18.61
CA ASN I 255 22.82 -57.22 18.25
C ASN I 255 23.94 -57.26 17.22
N LEU I 256 24.32 -56.09 16.69
CA LEU I 256 25.34 -55.95 15.63
C LEU I 256 26.64 -56.76 15.84
N PRO I 257 27.22 -56.74 17.08
CA PRO I 257 28.39 -57.58 17.41
C PRO I 257 28.23 -59.06 17.13
N GLN I 258 27.01 -59.59 17.24
CA GLN I 258 26.72 -60.98 16.92
C GLN I 258 26.89 -61.31 15.45
N PHE I 259 26.76 -60.31 14.58
CA PHE I 259 26.94 -60.48 13.16
C PHE I 259 28.31 -60.05 12.70
N CYS I 260 29.22 -59.75 13.66
CA CYS I 260 30.60 -59.31 13.40
C CYS I 260 31.62 -60.44 13.60
N GLY I 261 31.86 -61.19 12.52
CA GLY I 261 32.77 -62.33 12.53
C GLY I 261 33.82 -62.17 11.45
N PRO I 262 34.74 -63.13 11.35
CA PRO I 262 35.89 -62.99 10.44
C PRO I 262 35.60 -63.26 8.99
N HIS I 263 34.41 -63.74 8.66
CA HIS I 263 34.07 -64.05 7.27
C HIS I 263 32.87 -63.30 6.75
N ILE I 264 32.60 -62.14 7.36
CA ILE I 264 31.53 -61.23 6.97
C ILE I 264 32.25 -59.96 6.58
N ASP I 265 32.08 -59.54 5.33
CA ASP I 265 32.76 -58.35 4.82
C ASP I 265 31.90 -57.09 4.92
N VAL I 266 30.58 -57.25 4.74
CA VAL I 266 29.65 -56.10 4.74
C VAL I 266 28.48 -56.39 5.66
N ILE I 267 28.09 -55.40 6.45
CA ILE I 267 26.87 -55.49 7.22
C ILE I 267 26.01 -54.28 6.88
N SER I 268 24.90 -54.52 6.19
CA SER I 268 23.89 -53.50 5.92
C SER I 268 22.80 -53.46 6.99
N MET I 269 22.35 -52.27 7.34
CA MET I 269 21.35 -52.06 8.38
C MET I 269 20.26 -51.10 7.90
N GLY I 270 19.00 -51.56 7.92
CA GLY I 270 17.89 -50.69 7.55
C GLY I 270 17.76 -49.49 8.51
N MET I 271 18.03 -49.77 9.80
CA MET I 271 17.76 -48.82 10.87
C MET I 271 18.54 -47.51 10.82
N LEU I 272 19.70 -47.51 10.15
CA LEU I 272 20.53 -46.32 10.05
C LEU I 272 19.84 -45.19 9.34
N THR I 273 18.92 -45.53 8.45
CA THR I 273 18.10 -44.57 7.74
C THR I 273 16.65 -44.61 8.22
N GLN I 274 16.08 -45.80 8.41
CA GLN I 274 14.65 -45.89 8.70
C GLN I 274 14.27 -45.43 10.09
N ALA I 275 15.15 -45.61 11.05
CA ALA I 275 14.76 -45.45 12.45
C ALA I 275 15.86 -44.74 13.21
N ALA I 276 16.37 -43.65 12.66
CA ALA I 276 17.37 -42.83 13.29
C ALA I 276 16.70 -41.50 13.60
N PRO I 277 16.57 -41.15 14.89
CA PRO I 277 15.83 -39.93 15.13
C PRO I 277 16.71 -38.73 14.84
N ALA I 278 16.07 -37.62 14.48
CA ALA I 278 16.75 -36.39 14.12
C ALA I 278 17.37 -35.77 15.36
N LEU I 279 18.43 -34.98 15.20
CA LEU I 279 19.01 -34.23 16.33
C LEU I 279 18.27 -32.91 16.53
N ASP I 280 18.33 -32.38 17.75
CA ASP I 280 17.67 -31.13 18.08
C ASP I 280 18.63 -29.96 17.91
N PHE I 281 18.34 -29.13 16.91
CA PHE I 281 19.08 -27.92 16.60
C PHE I 281 18.10 -26.76 16.65
N SER I 282 18.61 -25.57 16.89
CA SER I 282 17.82 -24.36 16.83
C SER I 282 18.70 -23.26 16.33
N LEU I 283 18.07 -22.19 15.87
CA LEU I 283 18.78 -21.09 15.27
C LEU I 283 18.17 -19.83 15.85
N LYS I 284 18.92 -19.17 16.74
CA LYS I 284 18.42 -18.05 17.56
C LYS I 284 19.09 -16.76 17.14
N LEU I 285 18.29 -15.75 16.77
CA LEU I 285 18.82 -14.41 16.53
C LEU I 285 19.46 -13.79 17.79
N PHE I 286 20.63 -13.17 17.64
CA PHE I 286 21.21 -12.31 18.70
C PHE I 286 21.49 -10.92 18.11
N ALA I 287 21.58 -9.91 18.98
CA ALA I 287 21.68 -8.50 18.56
C ALA I 287 23.04 -7.83 18.87
N LYS I 288 24.15 -8.53 18.58
CA LYS I 288 25.51 -7.92 18.47
C LYS I 288 25.51 -7.24 17.06
N GLU I 289 26.65 -6.70 16.60
CA GLU I 289 26.86 -6.38 15.16
C GLU I 289 28.26 -6.59 14.57
N1 NTM J . 36.91 -44.34 -22.63
C2 NTM J . 36.30 -43.59 -21.70
C3 NTM J . 35.65 -44.29 -20.58
C4 NTM J . 35.69 -45.69 -20.53
C5 NTM J . 36.31 -46.40 -21.53
C6 NTM J . 36.92 -45.70 -22.56
C7 NTM J . 36.31 -42.12 -21.83
O1 NTM J . 37.34 -41.48 -21.53
O2 NTM J . 35.26 -41.57 -22.22
C8 NTM J . 34.97 -43.56 -19.47
O3 NTM J . 35.47 -42.50 -19.05
O4 NTM J . 33.96 -44.05 -18.95
N1 NTM K . -17.25 47.14 4.68
C2 NTM K . -17.53 48.06 5.65
C3 NTM K . -16.98 47.93 7.02
C4 NTM K . -16.16 46.83 7.24
C5 NTM K . -15.89 45.91 6.22
C6 NTM K . -16.45 46.09 4.95
C7 NTM K . -18.41 49.20 5.35
O1 NTM K . -19.62 48.95 5.50
O2 NTM K . -17.92 50.31 5.01
C8 NTM K . -17.24 48.97 8.11
O3 NTM K . -17.43 48.64 9.30
O4 NTM K . -17.15 50.19 7.82
N1 NTM L . -14.24 -14.25 -5.39
C2 NTM L . -13.35 -15.28 -5.32
C3 NTM L . -12.54 -15.46 -4.09
C4 NTM L . -12.74 -14.55 -3.05
C5 NTM L . -13.67 -13.53 -3.17
C6 NTM L . -14.42 -13.40 -4.34
C7 NTM L . -13.20 -16.14 -6.51
O1 NTM L . -14.19 -16.48 -7.14
O2 NTM L . -12.06 -16.45 -6.87
C8 NTM L . -11.56 -16.57 -3.92
O3 NTM L . -11.90 -17.71 -4.27
O4 NTM L . -10.46 -16.38 -3.36
N1 NTM M . 4.52 -3.79 -31.53
C2 NTM M . 5.31 -4.82 -31.13
C3 NTM M . 5.40 -6.04 -31.99
C4 NTM M . 4.70 -6.09 -33.16
C5 NTM M . 3.90 -5.00 -33.50
C6 NTM M . 3.83 -3.88 -32.67
C7 NTM M . 6.04 -4.70 -29.85
O1 NTM M . 6.00 -5.67 -29.04
O2 NTM M . 6.64 -3.64 -29.62
C8 NTM M . 6.29 -7.16 -31.65
O3 NTM M . 6.05 -8.34 -31.91
O4 NTM M . 7.38 -6.84 -31.17
N1 NTM N . -27.96 80.88 43.19
C2 NTM N . -28.63 80.72 42.04
C3 NTM N . -30.11 80.47 42.11
C4 NTM N . -30.71 80.43 43.35
C5 NTM N . -29.95 80.61 44.49
C6 NTM N . -28.58 80.84 44.38
C7 NTM N . -27.82 80.79 40.78
O1 NTM N . -27.58 79.75 40.16
O2 NTM N . -27.41 81.91 40.37
C8 NTM N . -30.97 80.28 40.91
O3 NTM N . -32.20 80.03 41.06
O4 NTM N . -30.49 80.42 39.77
N1 NTM O . -12.27 51.59 35.69
C2 NTM O . -13.39 51.48 34.91
C3 NTM O . -13.24 51.48 33.40
C4 NTM O . -11.95 51.61 32.91
C5 NTM O . -10.87 51.73 33.77
C6 NTM O . -11.04 51.72 35.16
C7 NTM O . -14.71 51.37 35.60
O1 NTM O . -14.77 50.87 36.75
O2 NTM O . -15.75 51.78 35.05
C8 NTM O . -14.36 51.34 32.39
O3 NTM O . -15.22 50.47 32.62
O4 NTM O . -14.40 52.04 31.34
N1 NTM P . 15.82 -30.54 -44.86
C2 NTM P . 14.96 -30.23 -43.89
C3 NTM P . 14.69 -28.80 -43.56
C4 NTM P . 15.34 -27.83 -44.34
C5 NTM P . 16.22 -28.22 -45.34
C6 NTM P . 16.42 -29.57 -45.58
C7 NTM P . 14.33 -31.34 -43.15
O1 NTM P . 13.24 -31.79 -43.53
O2 NTM P . 14.92 -31.75 -42.14
C8 NTM P . 13.71 -28.41 -42.47
O3 NTM P . 13.06 -29.30 -41.89
O4 NTM P . 13.51 -27.19 -42.18
N1 NTM Q . 6.33 -25.98 15.82
C2 NTM Q . 6.41 -25.45 14.60
C3 NTM Q . 5.18 -25.08 13.86
C4 NTM Q . 3.95 -25.26 14.47
C5 NTM Q . 3.94 -25.79 15.74
C6 NTM Q . 5.13 -26.14 16.38
C7 NTM Q . 7.77 -25.33 14.04
O1 NTM Q . 7.93 -25.84 12.93
O2 NTM Q . 8.64 -24.76 14.71
C8 NTM Q . 5.15 -24.47 12.51
O3 NTM Q . 4.22 -24.67 11.73
O4 NTM Q . 6.03 -23.65 12.27
N1 NTM R . 19.28 -53.72 1.52
C2 NTM R . 18.96 -53.17 0.33
C3 NTM R . 20.08 -52.81 -0.62
C4 NTM R . 21.40 -53.06 -0.21
C5 NTM R . 21.64 -53.61 1.04
C6 NTM R . 20.56 -53.93 1.87
C7 NTM R . 17.49 -53.00 0.10
O1 NTM R . 16.71 -53.93 0.35
O2 NTM R . 17.08 -51.91 -0.31
C8 NTM R . 19.89 -52.21 -2.00
O3 NTM R . 18.84 -52.43 -2.66
O4 NTM R . 20.82 -51.52 -2.50
#